data_6YY0
#
_entry.id   6YY0
#
_cell.length_a   1.00
_cell.length_b   1.00
_cell.length_c   1.00
_cell.angle_alpha   90.00
_cell.angle_beta   90.00
_cell.angle_gamma   90.00
#
_symmetry.space_group_name_H-M   'P 1'
#
loop_
_entity.id
_entity.type
_entity.pdbx_description
1 polymer 'ATP synthase subunit alpha, mitochondrial'
2 polymer 'ATP synthase subunit beta, mitochondrial'
3 polymer 'ATP synthase subunit gamma, mitochondrial'
4 polymer 'ATP synthase subunit delta, mitochondrial'
5 polymer 'ATP synthase subunit epsilon, mitochondrial'
6 polymer 'ATPase inhibitor, mitochondrial'
7 polymer 'ATP synthase subunit O, mitochondrial'
8 polymer 'ATP synthase F(0) complex subunit B1, mitochondrial'
9 polymer 'ATP synthase subunit d, mitochondrial'
10 polymer 'ATP synthase-coupling factor 6, mitochondrial'
11 non-polymer "ADENOSINE-5'-TRIPHOSPHATE"
12 non-polymer 'MAGNESIUM ION'
13 non-polymer "ADENOSINE-5'-DIPHOSPHATE"
14 water water
#
loop_
_entity_poly.entity_id
_entity_poly.type
_entity_poly.pdbx_seq_one_letter_code
_entity_poly.pdbx_strand_id
1 'polypeptide(L)'
;EKTGTAEVSSILEERILGADTSVDLEETGRVLSIGDGIARVHGLRNVQAEEMVEFSSGLKGMSLNLEPDNVGVVVFGNDK
LIKEGDIVKRTGAIVDVPVGEELLGRVVDALGNAIDGKGPIGSKARRRVGLKAPGIIPRISVREPMQTGIKAVDSLVPIG
RGQRELIIGDRQTGKTSIAIDTIINQKRFNDGTDEKKKLYCIYVAIGQKRSTVAQLVKRLTDADAMKYTIVVSATASDAA
PLQYLAPYSGCSMGEYFRDNGKHALIIYDDLSKQAVAYRQMSLLLRRPPGREAYPGDVFYLHSRLLERAAKMNDAFGGGS
LTALPVIETQAGDVSAYIPTNVISITDGQIFLETELFYKGIRPAINVGLSVSRVGSAAQTRAMKQVAGTMKLELAQYREV
AAFAQFGSDLDAATQQLLSRGVRLTELLKQGQYSPMAIEEQVAVIYAGVRGYLDKLEPSKITKFENAFLSHVISQHQALL
GKIRTDGKISEESDAKLKEIVTNFLAGFEA
;
A,B,C
2 'polypeptide(L)'
;AAQASPSPKAGATTGRIVAVIGAVVDVQFDEGLPPILNALEVQGRETRLVLEVAQHLGESTVRTIAMDGTEGLVRGQKVL
DSGAPIRIPVGPETLGRIMNVIGEPIDERGPIKTKQFAAIHAEAPEFVEMSVEQEILVTGIKVVDLLAPYAKGGKIGLFG
GAGVGKTVLIMELINNVAKAHGGYSVFAGVGERTREGNDLYHEMIESGVINLKDATSKVALVYGQMNEPPGARARVALTG
LTVAEYFRDQEGQDVLLFIDNIFRFTQAGSEVSALLGRIPSAVGYQPTLATDMGTMQERITTTKKGSITSVQAIYVPADD
LTDPAPATTFAHLDATTVLSRAIAELGIYPAVDPLDSTSRIMDPNIVGSEHYDVARGVQKILQDYKSLQDIIAILGMDEL
SEEDKLTVSRARKIQRFLSQPFQVAEVFTGHLGKLVPLKETIKGFQQILAGEYDHLPEQAFYMVGPIEEAVAKADKLAEE
HS
;
D,E,F
3 'polypeptide(L)'
;ATLKDITRRLKSIKNIQKITKSMKMVAAAKYARAERELKPARVYGVGSLALYEKADIKTPEDKKKHLIIGVSSDRGLCGA
IHSSVAKQMKSEAANLAAAGKEVKIIGVGDKIRSILHRTHSDQFLVTFKEVGRRPPTFGDASVIALELLNSGYEFDEGSI
IFNRFRSVISYKTEEKPIFSLDTISSAESMSIYDDIDADVLRNYQEYSLANIIYYSLKESTTSEQSARMTAMDNASKNAS
EMIDKLTLTFNRTRQAVITKELIEIISGAAALD
;
G
4 'polypeptide(L)'
;AEAAAAQAPAAGPGQMSFTFASPTQVFFNSANVRQVDVPTQTGAFGILAAHVPTLQVLRPGLVVVHAEDGTTSKYFVSSG
SVTVNADSSVQLLAEEAVTLDMLDLGAAKANLEKAQSELLGAADEATRAEIQIRIEANEALVKALE
;
H
5 'polypeptide(L)' VAYWRQAGLSYIRYSQICAKAVRDALKTEFKANAMKTSGSTIKIVKVKKE I
6 'polypeptide(L)' GSESGDNVRSSAGAVRDAGGAFGKREQAEEERYFRARAKEQLAALKKHHENEISHHAKEIHHHHHH J
7 'polypeptide(L)'
;FAKLVRPPVQIYGIEGRYATALYSAASKQNKLEQVEKELLRVGQILKEPKMAASLLNPYVKRSVKVKSLSDMTAKEKFSP
LTSNLINLLAENGRLTNTPAVISAFSTMMSVHRGEVPCTVTTASALDEATLTELKTVLKSFLSKGQVLKLEVKIDPSIMG
GMIVRIGEKYVDMSAKTKIQKLSRAMREIL
;
S
8 'polypeptide(L)'
;PVPPLPEHGGKVRFGLIPEEFFQFLYPKTGVTGPYVLGTGLILYLLSKEIYVITPETFSAISTIGFLVYIVKKYGASVGE
FADKLNEQKIAQLEEVKQASIKQIQDAIDMEKSQQALVQKRHYLFDVQRNNIAMALEVTYRERLHRVYREVKNRLDYHIS
VQNMMRQKEQEHMINWVEKRVVQSISAQQEKETIAKCIADLKLLSKKAQAQPVM
;
b
9 'polypeptide(L)'
;AGRKLALKTIDWVAFGEIIPRNQKAVANSLKSWNETLTSRLATLPEKPPAIDWAYYKANVAKAGLVDDFEKKFNALKVPI
PEDKYTAQVDAEEKEDVKSCAEFLTQSKTRIQEYEKELEKMRNIIPFDQMTIEDLNEVFPETKLDKKKYPYWPHRPIETL
;
d
10 'polypeptide(L)' NKELDPVQKLFVDKIREYRTKRQTSGGPVDAGPEYQQDLDRELFKLKQMYGKADMNTFPNFTFEDPKFEVVEKPQS h
#
loop_
_chem_comp.id
_chem_comp.type
_chem_comp.name
_chem_comp.formula
ADP non-polymer ADENOSINE-5'-DIPHOSPHATE 'C10 H15 N5 O10 P2'
ATP non-polymer ADENOSINE-5'-TRIPHOSPHATE 'C10 H16 N5 O13 P3'
MG non-polymer 'MAGNESIUM ION' 'Mg 2'
#
# COMPACT_ATOMS: atom_id res chain seq x y z
N LYS A 2 -10.05 -26.18 -32.05
CA LYS A 2 -10.34 -24.82 -32.51
C LYS A 2 -11.79 -24.73 -32.97
N THR A 3 -12.21 -23.51 -33.33
CA THR A 3 -13.59 -23.28 -33.71
C THR A 3 -13.68 -21.94 -34.45
N GLY A 4 -14.74 -21.81 -35.25
CA GLY A 4 -15.05 -20.56 -35.89
C GLY A 4 -16.46 -20.13 -35.56
N THR A 5 -16.72 -18.83 -35.73
CA THR A 5 -18.04 -18.29 -35.44
C THR A 5 -19.02 -18.48 -36.59
N ALA A 6 -18.54 -18.81 -37.78
CA ALA A 6 -19.40 -19.09 -38.92
C ALA A 6 -19.67 -20.58 -39.08
N GLU A 7 -19.12 -21.42 -38.21
CA GLU A 7 -19.38 -22.85 -38.23
C GLU A 7 -20.68 -23.23 -37.55
N VAL A 8 -21.53 -22.24 -37.23
CA VAL A 8 -22.82 -22.57 -36.66
C VAL A 8 -23.57 -23.49 -37.62
N SER A 9 -24.46 -24.30 -37.07
CA SER A 9 -25.11 -25.33 -37.87
C SER A 9 -26.02 -24.75 -38.94
N SER A 10 -26.41 -23.48 -38.84
CA SER A 10 -27.26 -22.90 -39.88
C SER A 10 -26.49 -22.72 -41.18
N ILE A 11 -25.27 -22.17 -41.09
CA ILE A 11 -24.46 -21.98 -42.30
C ILE A 11 -24.10 -23.32 -42.91
N LEU A 12 -23.68 -24.28 -42.08
CA LEU A 12 -23.34 -25.60 -42.61
C LEU A 12 -24.56 -26.27 -43.23
N GLU A 13 -25.73 -26.12 -42.61
CA GLU A 13 -26.95 -26.66 -43.19
C GLU A 13 -27.18 -26.04 -44.57
N GLU A 14 -27.10 -24.72 -44.67
CA GLU A 14 -27.26 -24.05 -45.95
C GLU A 14 -26.32 -24.63 -46.99
N ARG A 15 -25.05 -24.77 -46.64
CA ARG A 15 -24.04 -25.18 -47.60
C ARG A 15 -24.12 -26.66 -47.96
N ILE A 16 -24.67 -27.51 -47.09
CA ILE A 16 -24.71 -28.93 -47.39
C ILE A 16 -25.69 -29.23 -48.52
N LEU A 17 -26.89 -28.62 -48.47
CA LEU A 17 -27.91 -28.88 -49.48
C LEU A 17 -27.90 -27.85 -50.60
N GLY A 18 -26.73 -27.25 -50.86
CA GLY A 18 -26.57 -26.39 -52.03
C GLY A 18 -27.48 -25.18 -52.05
N ALA A 19 -27.75 -24.59 -50.89
CA ALA A 19 -28.56 -23.39 -50.80
C ALA A 19 -27.72 -22.12 -50.65
N ASP A 20 -26.40 -22.24 -50.79
CA ASP A 20 -25.51 -21.10 -50.66
C ASP A 20 -25.25 -20.38 -51.98
N THR A 21 -25.90 -20.81 -53.06
CA THR A 21 -25.72 -20.19 -54.36
C THR A 21 -26.80 -19.17 -54.70
N SER A 22 -27.94 -19.21 -54.00
CA SER A 22 -28.99 -18.23 -54.19
C SER A 22 -28.81 -16.99 -53.33
N VAL A 23 -27.77 -16.95 -52.50
CA VAL A 23 -27.49 -15.82 -51.62
C VAL A 23 -26.25 -15.11 -52.13
N ASP A 24 -26.34 -13.79 -52.26
CA ASP A 24 -25.24 -12.98 -52.79
C ASP A 24 -24.31 -12.63 -51.62
N LEU A 25 -23.31 -13.49 -51.39
CA LEU A 25 -22.38 -13.28 -50.29
C LEU A 25 -21.22 -12.40 -50.71
N GLU A 26 -21.49 -11.39 -51.54
CA GLU A 26 -20.46 -10.44 -51.95
C GLU A 26 -20.79 -9.01 -51.53
N GLU A 27 -22.05 -8.62 -51.64
CA GLU A 27 -22.49 -7.28 -51.26
C GLU A 27 -23.55 -7.32 -50.18
N THR A 28 -23.88 -8.49 -49.66
CA THR A 28 -24.87 -8.63 -48.60
C THR A 28 -24.40 -9.69 -47.62
N GLY A 29 -24.90 -9.61 -46.40
CA GLY A 29 -24.52 -10.55 -45.38
C GLY A 29 -25.67 -10.76 -44.41
N ARG A 30 -25.58 -11.85 -43.65
CA ARG A 30 -26.60 -12.19 -42.67
C ARG A 30 -25.96 -12.18 -41.29
N VAL A 31 -26.57 -11.43 -40.36
CA VAL A 31 -26.00 -11.27 -39.03
C VAL A 31 -25.95 -12.62 -38.33
N LEU A 32 -24.75 -13.03 -37.93
CA LEU A 32 -24.60 -14.25 -37.14
C LEU A 32 -24.88 -13.98 -35.67
N SER A 33 -24.30 -12.90 -35.14
CA SER A 33 -24.46 -12.57 -33.74
C SER A 33 -24.71 -11.08 -33.60
N ILE A 34 -25.35 -10.69 -32.51
CA ILE A 34 -25.52 -9.28 -32.17
C ILE A 34 -25.52 -9.17 -30.65
N GLY A 35 -24.73 -8.24 -30.12
CA GLY A 35 -24.69 -8.07 -28.69
C GLY A 35 -23.79 -6.93 -28.25
N ASP A 36 -24.26 -6.15 -27.28
CA ASP A 36 -23.48 -5.04 -26.73
C ASP A 36 -22.96 -4.14 -27.83
N GLY A 37 -23.77 -3.94 -28.87
CA GLY A 37 -23.44 -3.02 -29.93
C GLY A 37 -22.50 -3.57 -30.98
N ILE A 38 -22.09 -4.83 -30.91
CA ILE A 38 -21.24 -5.44 -31.91
C ILE A 38 -22.05 -6.52 -32.62
N ALA A 39 -22.09 -6.45 -33.94
CA ALA A 39 -22.70 -7.48 -34.76
C ALA A 39 -21.60 -8.24 -35.48
N ARG A 40 -21.78 -9.55 -35.60
CA ARG A 40 -20.90 -10.39 -36.38
C ARG A 40 -21.69 -10.93 -37.55
N VAL A 41 -21.28 -10.54 -38.75
CA VAL A 41 -22.04 -10.71 -39.99
C VAL A 41 -21.34 -11.75 -40.84
N HIS A 42 -22.14 -12.59 -41.52
CA HIS A 42 -21.62 -13.60 -42.43
C HIS A 42 -21.83 -13.13 -43.85
N GLY A 43 -20.75 -13.08 -44.62
CA GLY A 43 -20.83 -12.63 -45.99
C GLY A 43 -20.08 -11.33 -46.20
N LEU A 44 -20.61 -10.45 -47.04
CA LEU A 44 -19.97 -9.17 -47.31
C LEU A 44 -18.52 -9.38 -47.74
N ARG A 45 -18.29 -10.36 -48.61
CA ARG A 45 -16.94 -10.71 -48.98
C ARG A 45 -16.21 -9.57 -49.69
N ASN A 46 -16.93 -8.61 -50.24
CA ASN A 46 -16.33 -7.50 -50.96
C ASN A 46 -16.40 -6.20 -50.16
N VAL A 47 -16.29 -6.30 -48.84
CA VAL A 47 -16.44 -5.15 -47.96
C VAL A 47 -15.05 -4.71 -47.50
N GLN A 48 -14.80 -3.41 -47.55
CA GLN A 48 -13.51 -2.85 -47.20
C GLN A 48 -13.43 -2.53 -45.71
N ALA A 49 -12.22 -2.54 -45.18
CA ALA A 49 -12.03 -2.20 -43.78
C ALA A 49 -12.47 -0.78 -43.52
N GLU A 50 -13.24 -0.59 -42.44
CA GLU A 50 -13.80 0.70 -42.04
C GLU A 50 -14.86 1.20 -43.00
N GLU A 51 -15.33 0.37 -43.92
CA GLU A 51 -16.45 0.74 -44.76
C GLU A 51 -17.73 0.73 -43.93
N MET A 52 -18.72 1.51 -44.37
CA MET A 52 -20.00 1.57 -43.70
C MET A 52 -20.99 0.63 -44.38
N VAL A 53 -21.54 -0.29 -43.59
CA VAL A 53 -22.63 -1.14 -44.05
C VAL A 53 -23.92 -0.62 -43.44
N GLU A 54 -25.05 -1.06 -43.98
CA GLU A 54 -26.36 -0.58 -43.59
C GLU A 54 -27.24 -1.79 -43.32
N PHE A 55 -27.79 -1.86 -42.11
CA PHE A 55 -28.61 -3.00 -41.74
C PHE A 55 -30.02 -2.87 -42.30
N SER A 56 -30.74 -3.98 -42.31
CA SER A 56 -32.08 -3.99 -42.89
C SER A 56 -33.03 -3.06 -42.14
N SER A 57 -32.81 -2.87 -40.84
CA SER A 57 -33.72 -2.11 -39.99
C SER A 57 -33.42 -0.62 -40.00
N GLY A 58 -32.70 -0.13 -41.01
CA GLY A 58 -32.44 1.29 -41.15
C GLY A 58 -31.24 1.81 -40.40
N LEU A 59 -30.57 0.97 -39.62
CA LEU A 59 -29.39 1.38 -38.91
C LEU A 59 -28.16 1.34 -39.81
N LYS A 60 -27.08 1.97 -39.35
CA LYS A 60 -25.80 1.94 -40.02
C LYS A 60 -24.78 1.26 -39.11
N GLY A 61 -23.62 0.94 -39.69
CA GLY A 61 -22.55 0.36 -38.91
C GLY A 61 -21.26 0.44 -39.67
N MET A 62 -20.16 0.36 -38.93
CA MET A 62 -18.82 0.41 -39.52
C MET A 62 -18.16 -0.95 -39.36
N SER A 63 -17.69 -1.51 -40.47
CA SER A 63 -17.11 -2.85 -40.47
C SER A 63 -15.63 -2.71 -40.13
N LEU A 64 -15.26 -3.08 -38.90
CA LEU A 64 -13.91 -2.87 -38.41
C LEU A 64 -13.06 -4.14 -38.51
N ASN A 65 -13.57 -5.27 -38.05
CA ASN A 65 -12.80 -6.51 -38.00
C ASN A 65 -13.23 -7.39 -39.15
N LEU A 66 -12.34 -7.55 -40.14
CA LEU A 66 -12.58 -8.46 -41.25
C LEU A 66 -11.76 -9.72 -40.98
N GLU A 67 -12.43 -10.77 -40.54
CA GLU A 67 -11.81 -12.06 -40.27
C GLU A 67 -12.17 -13.04 -41.36
N PRO A 68 -11.49 -14.18 -41.43
CA PRO A 68 -11.79 -15.13 -42.52
C PRO A 68 -13.23 -15.58 -42.55
N ASP A 69 -13.85 -15.73 -41.38
CA ASP A 69 -15.19 -16.30 -41.28
C ASP A 69 -16.28 -15.26 -41.40
N ASN A 70 -16.05 -14.06 -40.88
CA ASN A 70 -17.12 -13.12 -40.61
C ASN A 70 -16.56 -11.71 -40.59
N VAL A 71 -17.46 -10.75 -40.47
CA VAL A 71 -17.11 -9.33 -40.41
C VAL A 71 -17.65 -8.78 -39.10
N GLY A 72 -16.79 -8.09 -38.35
CA GLY A 72 -17.22 -7.46 -37.12
C GLY A 72 -17.65 -6.04 -37.33
N VAL A 73 -18.94 -5.78 -37.30
CA VAL A 73 -19.50 -4.47 -37.53
C VAL A 73 -19.86 -3.86 -36.19
N VAL A 74 -19.58 -2.57 -36.03
CA VAL A 74 -19.98 -1.81 -34.86
C VAL A 74 -21.17 -0.95 -35.25
N VAL A 75 -22.24 -1.07 -34.49
CA VAL A 75 -23.53 -0.49 -34.85
C VAL A 75 -23.59 0.96 -34.38
N PHE A 76 -24.18 1.81 -35.20
CA PHE A 76 -24.31 3.23 -34.91
C PHE A 76 -25.66 3.53 -34.26
N GLY A 77 -25.86 2.95 -33.09
CA GLY A 77 -27.10 3.10 -32.37
C GLY A 77 -27.35 1.89 -31.49
N ASN A 78 -28.57 1.80 -31.00
CA ASN A 78 -28.93 0.68 -30.14
C ASN A 78 -29.10 -0.59 -30.96
N ASP A 79 -28.52 -1.67 -30.48
CA ASP A 79 -28.69 -2.98 -31.10
C ASP A 79 -30.01 -3.64 -30.72
N LYS A 80 -30.99 -2.84 -30.28
CA LYS A 80 -32.34 -3.36 -30.06
C LYS A 80 -32.98 -3.79 -31.36
N LEU A 81 -32.76 -3.03 -32.43
CA LEU A 81 -33.45 -3.26 -33.70
C LEU A 81 -32.82 -4.36 -34.54
N ILE A 82 -31.61 -4.79 -34.23
CA ILE A 82 -30.89 -5.78 -35.01
C ILE A 82 -31.10 -7.15 -34.38
N LYS A 83 -31.45 -8.13 -35.22
CA LYS A 83 -31.66 -9.50 -34.77
C LYS A 83 -30.81 -10.44 -35.60
N GLU A 84 -30.41 -11.56 -35.00
CA GLU A 84 -29.66 -12.57 -35.74
C GLU A 84 -30.47 -12.99 -36.95
N GLY A 85 -29.80 -13.07 -38.10
CA GLY A 85 -30.45 -13.38 -39.34
C GLY A 85 -30.78 -12.18 -40.21
N ASP A 86 -30.60 -10.96 -39.68
CA ASP A 86 -30.90 -9.76 -40.45
C ASP A 86 -30.11 -9.74 -41.74
N ILE A 87 -30.32 -8.72 -42.57
CA ILE A 87 -29.62 -8.56 -43.84
C ILE A 87 -28.88 -7.24 -43.81
N VAL A 88 -27.59 -7.28 -44.12
CA VAL A 88 -26.70 -6.14 -44.06
C VAL A 88 -26.17 -5.90 -45.47
N LYS A 89 -26.32 -4.67 -45.97
CA LYS A 89 -25.95 -4.32 -47.32
C LYS A 89 -24.77 -3.36 -47.31
N ARG A 90 -23.87 -3.52 -48.26
CA ARG A 90 -22.78 -2.56 -48.39
C ARG A 90 -23.33 -1.18 -48.75
N THR A 91 -22.66 -0.15 -48.26
CA THR A 91 -22.86 1.20 -48.78
C THR A 91 -21.86 1.53 -49.86
N GLY A 92 -20.67 0.94 -49.81
CA GLY A 92 -19.68 1.07 -50.84
C GLY A 92 -18.61 2.08 -50.55
N ALA A 93 -18.84 3.00 -49.61
CA ALA A 93 -17.93 4.11 -49.38
C ALA A 93 -17.54 4.18 -47.90
N ILE A 94 -16.26 4.46 -47.65
CA ILE A 94 -15.83 4.72 -46.30
C ILE A 94 -16.64 5.89 -45.75
N VAL A 95 -16.67 5.99 -44.42
CA VAL A 95 -17.49 7.02 -43.77
C VAL A 95 -16.91 8.39 -44.08
N ASP A 96 -17.79 9.31 -44.46
CA ASP A 96 -17.41 10.69 -44.72
C ASP A 96 -18.50 11.61 -44.20
N VAL A 97 -18.18 12.89 -44.08
CA VAL A 97 -19.08 13.87 -43.49
C VAL A 97 -19.19 15.08 -44.39
N PRO A 98 -20.29 15.83 -44.33
CA PRO A 98 -20.37 17.09 -45.08
C PRO A 98 -19.45 18.15 -44.49
N VAL A 99 -19.05 19.09 -45.34
CA VAL A 99 -18.17 20.18 -44.95
C VAL A 99 -18.58 21.43 -45.71
N GLY A 100 -18.11 22.58 -45.22
CA GLY A 100 -18.37 23.84 -45.86
C GLY A 100 -18.76 24.92 -44.87
N GLU A 101 -19.00 26.13 -45.37
CA GLU A 101 -19.49 27.20 -44.51
C GLU A 101 -20.97 27.02 -44.18
N GLU A 102 -21.62 26.02 -44.74
CA GLU A 102 -23.02 25.77 -44.45
C GLU A 102 -23.23 25.16 -43.08
N LEU A 103 -22.15 24.74 -42.41
CA LEU A 103 -22.24 24.18 -41.08
C LEU A 103 -22.08 25.23 -39.98
N LEU A 104 -21.50 26.38 -40.29
CA LEU A 104 -21.24 27.38 -39.27
C LEU A 104 -22.52 27.79 -38.57
N GLY A 105 -22.48 27.83 -37.25
CA GLY A 105 -23.67 28.15 -36.48
C GLY A 105 -24.65 27.01 -36.33
N ARG A 106 -24.29 25.82 -36.79
CA ARG A 106 -25.15 24.65 -36.71
C ARG A 106 -24.56 23.65 -35.73
N VAL A 107 -25.42 23.08 -34.90
CA VAL A 107 -25.04 21.93 -34.07
C VAL A 107 -25.31 20.68 -34.87
N VAL A 108 -24.30 19.82 -34.99
CA VAL A 108 -24.40 18.59 -35.75
C VAL A 108 -23.92 17.45 -34.86
N ASP A 109 -24.27 16.24 -35.23
CA ASP A 109 -23.79 15.07 -34.53
C ASP A 109 -22.56 14.53 -35.25
N ALA A 110 -22.07 13.38 -34.81
CA ALA A 110 -20.80 12.87 -35.30
C ALA A 110 -20.79 12.64 -36.81
N LEU A 111 -21.96 12.53 -37.44
CA LEU A 111 -22.04 12.19 -38.85
C LEU A 111 -22.56 13.33 -39.70
N GLY A 112 -22.59 14.55 -39.17
CA GLY A 112 -23.02 15.70 -39.95
C GLY A 112 -24.51 15.90 -40.06
N ASN A 113 -25.31 15.19 -39.27
CA ASN A 113 -26.75 15.40 -39.26
C ASN A 113 -27.09 16.50 -38.26
N ALA A 114 -27.82 17.50 -38.72
CA ALA A 114 -28.25 18.56 -37.81
C ALA A 114 -29.12 17.98 -36.71
N ILE A 115 -28.91 18.45 -35.48
CA ILE A 115 -29.69 17.99 -34.34
C ILE A 115 -30.29 19.17 -33.61
N ASP A 116 -30.15 20.37 -34.16
CA ASP A 116 -30.72 21.56 -33.54
C ASP A 116 -32.10 21.91 -34.10
N GLY A 117 -32.60 21.13 -35.05
CA GLY A 117 -33.92 21.40 -35.59
C GLY A 117 -34.05 22.76 -36.25
N LYS A 118 -33.00 23.22 -36.92
CA LYS A 118 -33.03 24.44 -37.69
C LYS A 118 -33.19 24.19 -39.18
N GLY A 119 -33.46 22.95 -39.57
CA GLY A 119 -33.63 22.60 -40.96
C GLY A 119 -32.49 21.76 -41.47
N PRO A 120 -32.55 21.38 -42.74
CA PRO A 120 -31.48 20.56 -43.31
C PRO A 120 -30.15 21.29 -43.28
N ILE A 121 -29.09 20.53 -43.50
CA ILE A 121 -27.73 21.06 -43.52
C ILE A 121 -27.35 21.31 -44.96
N GLY A 122 -26.91 22.53 -45.26
CA GLY A 122 -26.60 22.93 -46.62
C GLY A 122 -25.78 21.90 -47.37
N SER A 123 -24.48 21.83 -47.07
CA SER A 123 -23.64 20.74 -47.53
C SER A 123 -23.49 20.69 -49.05
N LYS A 124 -22.43 21.30 -49.58
CA LYS A 124 -22.09 21.15 -50.98
C LYS A 124 -21.00 20.11 -51.20
N ALA A 125 -20.10 19.93 -50.24
CA ALA A 125 -18.95 19.07 -50.38
C ALA A 125 -18.91 18.06 -49.24
N ARG A 126 -18.34 16.90 -49.52
CA ARG A 126 -18.15 15.85 -48.54
C ARG A 126 -16.66 15.56 -48.40
N ARG A 127 -16.29 14.95 -47.27
CA ARG A 127 -14.89 14.72 -46.98
C ARG A 127 -14.77 13.48 -46.10
N ARG A 128 -13.81 12.62 -46.42
CA ARG A 128 -13.61 11.40 -45.65
C ARG A 128 -12.93 11.72 -44.32
N VAL A 129 -13.44 11.12 -43.24
CA VAL A 129 -12.92 11.43 -41.91
C VAL A 129 -11.56 10.78 -41.68
N GLY A 130 -11.19 9.78 -42.48
CA GLY A 130 -9.92 9.14 -42.32
C GLY A 130 -8.96 9.45 -43.45
N LEU A 131 -8.46 10.67 -43.49
CA LEU A 131 -7.53 11.12 -44.52
C LEU A 131 -6.19 11.41 -43.89
N LYS A 132 -5.12 10.95 -44.54
CA LYS A 132 -3.78 11.16 -44.02
C LYS A 132 -3.49 12.64 -43.88
N ALA A 133 -2.84 13.00 -42.79
CA ALA A 133 -2.47 14.38 -42.51
C ALA A 133 -1.48 14.88 -43.56
N PRO A 134 -1.05 16.14 -43.49
CA PRO A 134 -0.03 16.61 -44.44
C PRO A 134 1.31 15.96 -44.21
N GLY A 135 2.36 16.48 -44.82
CA GLY A 135 3.68 15.88 -44.74
C GLY A 135 4.71 16.81 -44.14
N ILE A 136 5.98 16.46 -44.30
CA ILE A 136 7.06 17.31 -43.82
C ILE A 136 7.13 18.62 -44.59
N ILE A 137 6.57 18.68 -45.80
CA ILE A 137 6.89 19.74 -46.74
C ILE A 137 5.79 20.79 -46.80
N PRO A 138 4.51 20.43 -46.90
CA PRO A 138 3.47 21.47 -46.97
C PRO A 138 3.53 22.45 -45.82
N ARG A 139 3.89 21.99 -44.62
CA ARG A 139 3.88 22.86 -43.46
C ARG A 139 4.96 23.91 -43.53
N ILE A 140 4.83 24.94 -42.69
CA ILE A 140 5.91 25.86 -42.40
C ILE A 140 5.78 26.29 -40.94
N SER A 141 6.90 26.78 -40.39
CA SER A 141 6.97 27.00 -38.96
C SER A 141 5.81 27.84 -38.48
N VAL A 142 5.43 27.63 -37.22
CA VAL A 142 4.35 28.38 -36.60
C VAL A 142 4.84 29.78 -36.28
N ARG A 143 4.07 30.79 -36.70
CA ARG A 143 4.51 32.17 -36.55
C ARG A 143 3.38 33.06 -36.05
N GLU A 144 2.21 32.95 -36.67
CA GLU A 144 1.09 33.79 -36.31
C GLU A 144 0.57 33.41 -34.93
N PRO A 145 0.03 34.36 -34.17
CA PRO A 145 -0.56 34.02 -32.88
C PRO A 145 -2.05 33.72 -32.98
N MET A 146 -2.51 32.87 -32.07
CA MET A 146 -3.91 32.51 -31.94
C MET A 146 -4.38 33.13 -30.63
N GLN A 147 -4.98 34.32 -30.72
CA GLN A 147 -5.27 35.11 -29.54
C GLN A 147 -6.33 34.41 -28.69
N THR A 148 -5.91 33.88 -27.55
CA THR A 148 -6.82 33.22 -26.64
C THR A 148 -7.69 34.20 -25.88
N GLY A 149 -7.22 35.44 -25.72
CA GLY A 149 -7.96 36.40 -24.93
C GLY A 149 -7.80 36.24 -23.44
N ILE A 150 -6.94 35.32 -23.00
CA ILE A 150 -6.69 35.07 -21.59
C ILE A 150 -5.27 35.54 -21.27
N LYS A 151 -5.14 36.32 -20.21
CA LYS A 151 -3.85 36.96 -19.93
C LYS A 151 -2.76 35.93 -19.71
N ALA A 152 -3.05 34.88 -18.94
CA ALA A 152 -2.03 33.87 -18.66
C ALA A 152 -1.64 33.12 -19.93
N VAL A 153 -2.62 32.66 -20.69
CA VAL A 153 -2.32 31.84 -21.87
C VAL A 153 -1.60 32.66 -22.92
N ASP A 154 -2.01 33.92 -23.11
CA ASP A 154 -1.39 34.75 -24.13
C ASP A 154 -0.04 35.31 -23.69
N SER A 155 0.22 35.40 -22.39
CA SER A 155 1.45 35.99 -21.90
C SER A 155 2.53 34.94 -21.67
N LEU A 156 2.20 33.84 -21.00
CA LEU A 156 3.19 32.88 -20.56
C LEU A 156 3.10 31.53 -21.25
N VAL A 157 2.00 31.23 -21.94
CA VAL A 157 1.84 29.98 -22.66
C VAL A 157 1.32 30.30 -24.06
N PRO A 158 2.08 31.02 -24.88
CA PRO A 158 1.55 31.44 -26.18
C PRO A 158 1.17 30.26 -27.06
N ILE A 159 0.08 30.42 -27.81
CA ILE A 159 -0.41 29.42 -28.74
C ILE A 159 -0.39 30.04 -30.13
N GLY A 160 0.37 29.44 -31.04
CA GLY A 160 0.39 29.88 -32.41
C GLY A 160 -0.77 29.28 -33.18
N ARG A 161 -0.72 29.45 -34.50
CA ARG A 161 -1.70 28.87 -35.41
C ARG A 161 -1.05 27.70 -36.12
N GLY A 162 -1.74 26.57 -36.10
CA GLY A 162 -1.14 25.32 -36.54
C GLY A 162 -0.45 24.57 -35.43
N GLN A 163 -0.73 24.92 -34.18
CA GLN A 163 -0.12 24.30 -33.03
C GLN A 163 -1.15 23.41 -32.34
N ARG A 164 -0.67 22.40 -31.63
CA ARG A 164 -1.50 21.48 -30.87
C ARG A 164 -1.19 21.71 -29.40
N GLU A 165 -1.94 22.61 -28.77
CA GLU A 165 -1.84 22.75 -27.33
C GLU A 165 -2.59 21.62 -26.67
N LEU A 166 -2.69 21.66 -25.35
CA LEU A 166 -3.36 20.59 -24.62
C LEU A 166 -3.81 21.17 -23.29
N ILE A 167 -5.12 21.30 -23.10
CA ILE A 167 -5.68 21.84 -21.85
C ILE A 167 -5.87 20.64 -20.94
N ILE A 168 -4.80 20.28 -20.22
CA ILE A 168 -4.81 19.14 -19.32
C ILE A 168 -5.07 19.64 -17.92
N GLY A 169 -5.97 18.97 -17.21
CA GLY A 169 -6.29 19.37 -15.87
C GLY A 169 -7.15 18.33 -15.20
N ASP A 170 -7.63 18.66 -14.01
CA ASP A 170 -8.48 17.75 -13.26
C ASP A 170 -9.94 18.03 -13.59
N ARG A 171 -10.86 17.54 -12.76
CA ARG A 171 -12.28 17.76 -12.97
C ARG A 171 -12.69 19.08 -12.31
N GLN A 172 -13.54 19.83 -13.00
CA GLN A 172 -13.96 21.15 -12.55
C GLN A 172 -12.76 22.01 -12.14
N THR A 173 -12.00 22.40 -13.17
CA THR A 173 -10.91 23.35 -13.00
C THR A 173 -10.93 24.50 -13.99
N GLY A 174 -11.58 24.35 -15.15
CA GLY A 174 -11.74 25.46 -16.06
C GLY A 174 -11.38 25.16 -17.49
N LYS A 175 -11.27 23.89 -17.85
CA LYS A 175 -10.82 23.54 -19.19
C LYS A 175 -11.82 24.00 -20.25
N THR A 176 -13.08 23.62 -20.09
CA THR A 176 -14.09 24.09 -21.03
C THR A 176 -14.20 25.60 -20.99
N SER A 177 -13.90 26.23 -19.87
CA SER A 177 -13.92 27.68 -19.81
C SER A 177 -12.79 28.28 -20.65
N ILE A 178 -11.61 27.68 -20.60
CA ILE A 178 -10.53 28.11 -21.48
C ILE A 178 -10.96 28.01 -22.93
N ALA A 179 -11.58 26.87 -23.29
CA ALA A 179 -12.00 26.67 -24.66
C ALA A 179 -13.04 27.70 -25.09
N ILE A 180 -14.04 27.95 -24.24
CA ILE A 180 -15.11 28.86 -24.61
C ILE A 180 -14.62 30.30 -24.67
N ASP A 181 -13.72 30.69 -23.77
CA ASP A 181 -13.15 32.03 -23.87
C ASP A 181 -12.34 32.18 -25.15
N THR A 182 -11.58 31.15 -25.53
CA THR A 182 -10.87 31.20 -26.80
C THR A 182 -11.84 31.34 -27.95
N ILE A 183 -12.96 30.62 -27.92
CA ILE A 183 -13.92 30.70 -29.01
C ILE A 183 -14.56 32.08 -29.06
N ILE A 184 -14.85 32.65 -27.89
CA ILE A 184 -15.60 33.90 -27.86
C ILE A 184 -14.71 35.08 -28.20
N ASN A 185 -13.42 34.99 -27.93
CA ASN A 185 -12.52 36.11 -28.18
C ASN A 185 -12.32 36.37 -29.66
N GLN A 186 -12.67 35.43 -30.53
CA GLN A 186 -12.41 35.58 -31.95
C GLN A 186 -13.44 36.44 -32.66
N LYS A 187 -14.44 36.93 -31.93
CA LYS A 187 -15.46 37.78 -32.53
C LYS A 187 -14.87 39.12 -32.96
N ARG A 188 -13.93 39.66 -32.19
CA ARG A 188 -13.31 40.92 -32.55
C ARG A 188 -12.56 40.83 -33.87
N PHE A 189 -12.11 39.63 -34.26
CA PHE A 189 -11.46 39.45 -35.55
C PHE A 189 -12.44 39.09 -36.64
N ASN A 190 -13.41 38.22 -36.34
CA ASN A 190 -14.36 37.81 -37.36
C ASN A 190 -15.26 38.96 -37.79
N ASP A 191 -15.68 39.79 -36.85
CA ASP A 191 -16.50 40.94 -37.21
C ASP A 191 -15.73 41.89 -38.12
N GLY A 192 -14.47 42.15 -37.81
CA GLY A 192 -13.66 43.03 -38.62
C GLY A 192 -13.53 42.59 -40.06
N THR A 193 -12.64 43.23 -40.81
CA THR A 193 -12.47 42.94 -42.23
C THR A 193 -11.16 42.25 -42.57
N ASP A 194 -10.15 42.30 -41.70
CA ASP A 194 -8.90 41.61 -41.96
C ASP A 194 -9.16 40.13 -42.19
N GLU A 195 -8.97 39.67 -43.43
CA GLU A 195 -9.35 38.32 -43.80
C GLU A 195 -8.33 37.26 -43.39
N LYS A 196 -7.14 37.66 -42.95
CA LYS A 196 -6.14 36.72 -42.49
C LYS A 196 -6.08 36.60 -40.98
N LYS A 197 -6.98 37.28 -40.26
CA LYS A 197 -7.07 37.13 -38.82
C LYS A 197 -8.33 36.39 -38.38
N LYS A 198 -9.32 36.25 -39.25
CA LYS A 198 -10.53 35.53 -38.90
C LYS A 198 -10.20 34.08 -38.56
N LEU A 199 -10.75 33.61 -37.45
CA LEU A 199 -10.61 32.22 -37.03
C LEU A 199 -11.99 31.61 -36.90
N TYR A 200 -12.20 30.49 -37.57
CA TYR A 200 -13.43 29.71 -37.45
C TYR A 200 -13.22 28.62 -36.43
N CYS A 201 -14.24 28.39 -35.60
CA CYS A 201 -14.12 27.55 -34.43
C CYS A 201 -14.98 26.29 -34.59
N ILE A 202 -14.44 25.17 -34.14
CA ILE A 202 -15.15 23.91 -34.09
C ILE A 202 -15.04 23.38 -32.66
N TYR A 203 -16.15 22.99 -32.08
CA TYR A 203 -16.20 22.48 -30.72
C TYR A 203 -16.73 21.05 -30.79
N VAL A 204 -15.84 20.08 -30.60
CA VAL A 204 -16.23 18.69 -30.56
C VAL A 204 -16.54 18.34 -29.12
N ALA A 205 -17.76 17.89 -28.86
CA ALA A 205 -18.23 17.58 -27.52
C ALA A 205 -18.44 16.07 -27.43
N ILE A 206 -17.40 15.36 -26.97
CA ILE A 206 -17.45 13.91 -26.87
C ILE A 206 -17.86 13.54 -25.46
N GLY A 207 -18.95 12.80 -25.33
CA GLY A 207 -19.31 12.19 -24.06
C GLY A 207 -19.89 13.10 -23.03
N GLN A 208 -20.24 14.33 -23.36
CA GLN A 208 -20.92 15.22 -22.43
C GLN A 208 -22.42 15.03 -22.54
N LYS A 209 -23.13 15.26 -21.44
CA LYS A 209 -24.56 15.13 -21.49
C LYS A 209 -25.17 16.26 -22.32
N ARG A 210 -26.38 16.04 -22.80
CA ARG A 210 -26.99 16.98 -23.72
C ARG A 210 -27.28 18.31 -23.06
N SER A 211 -27.58 18.32 -21.76
CA SER A 211 -27.84 19.58 -21.07
C SER A 211 -26.61 20.48 -21.11
N THR A 212 -25.43 19.90 -20.90
CA THR A 212 -24.21 20.70 -20.93
C THR A 212 -24.01 21.34 -22.29
N VAL A 213 -24.22 20.58 -23.37
CA VAL A 213 -24.01 21.12 -24.71
C VAL A 213 -25.05 22.17 -25.03
N ALA A 214 -26.29 21.97 -24.56
CA ALA A 214 -27.32 22.97 -24.78
C ALA A 214 -26.99 24.28 -24.08
N GLN A 215 -26.52 24.19 -22.82
CA GLN A 215 -26.11 25.40 -22.11
C GLN A 215 -24.93 26.06 -22.80
N LEU A 216 -23.99 25.26 -23.31
CA LEU A 216 -22.84 25.82 -24.00
C LEU A 216 -23.25 26.55 -25.27
N VAL A 217 -24.18 25.96 -26.03
CA VAL A 217 -24.66 26.61 -27.24
C VAL A 217 -25.39 27.90 -26.90
N LYS A 218 -26.16 27.90 -25.81
CA LYS A 218 -26.78 29.14 -25.36
C LYS A 218 -25.72 30.17 -25.00
N ARG A 219 -24.65 29.75 -24.34
CA ARG A 219 -23.59 30.68 -23.97
C ARG A 219 -22.95 31.30 -25.21
N LEU A 220 -22.67 30.47 -26.22
CA LEU A 220 -22.09 31.00 -27.46
C LEU A 220 -23.06 31.93 -28.16
N THR A 221 -24.34 31.57 -28.23
CA THR A 221 -25.32 32.43 -28.88
C THR A 221 -25.42 33.76 -28.17
N ASP A 222 -25.40 33.75 -26.84
CA ASP A 222 -25.44 34.99 -26.07
C ASP A 222 -24.31 35.92 -26.50
N ALA A 223 -23.10 35.38 -26.61
CA ALA A 223 -21.94 36.14 -27.06
C ALA A 223 -21.89 36.32 -28.56
N ASP A 224 -22.95 35.93 -29.27
CA ASP A 224 -23.00 36.10 -30.72
C ASP A 224 -21.80 35.45 -31.40
N ALA A 225 -21.40 34.29 -30.89
CA ALA A 225 -20.22 33.60 -31.36
C ALA A 225 -20.56 32.24 -31.98
N MET A 226 -21.79 32.09 -32.47
CA MET A 226 -22.15 30.89 -33.21
C MET A 226 -22.06 31.07 -34.71
N LYS A 227 -22.26 32.28 -35.21
CA LYS A 227 -22.22 32.51 -36.65
C LYS A 227 -20.90 32.06 -37.27
N TYR A 228 -19.87 31.78 -36.48
CA TYR A 228 -18.62 31.24 -36.99
C TYR A 228 -18.17 30.00 -36.23
N THR A 229 -19.09 29.32 -35.55
CA THR A 229 -18.78 28.13 -34.76
C THR A 229 -19.60 26.95 -35.25
N ILE A 230 -18.95 25.79 -35.31
CA ILE A 230 -19.63 24.52 -35.48
C ILE A 230 -19.51 23.77 -34.16
N VAL A 231 -20.55 23.03 -33.80
CA VAL A 231 -20.54 22.21 -32.59
C VAL A 231 -20.93 20.80 -33.00
N VAL A 232 -20.07 19.84 -32.70
CA VAL A 232 -20.25 18.44 -33.11
C VAL A 232 -20.46 17.62 -31.85
N SER A 233 -21.70 17.17 -31.63
CA SER A 233 -22.10 16.54 -30.38
C SER A 233 -22.06 15.02 -30.52
N ALA A 234 -21.43 14.36 -29.56
CA ALA A 234 -21.37 12.91 -29.48
C ALA A 234 -21.67 12.47 -28.05
N THR A 235 -22.77 12.98 -27.51
CA THR A 235 -23.07 12.93 -26.09
C THR A 235 -23.09 11.51 -25.54
N ALA A 236 -23.33 11.38 -24.24
CA ALA A 236 -23.17 10.09 -23.57
C ALA A 236 -24.11 9.04 -24.12
N SER A 237 -25.35 9.43 -24.43
CA SER A 237 -26.31 8.47 -24.95
C SER A 237 -25.94 7.95 -26.33
N ASP A 238 -25.00 8.58 -27.02
CA ASP A 238 -24.61 8.13 -28.34
C ASP A 238 -23.82 6.83 -28.25
N ALA A 239 -23.96 6.01 -29.29
CA ALA A 239 -23.26 4.74 -29.33
C ALA A 239 -21.75 4.97 -29.37
N ALA A 240 -21.00 4.00 -28.88
CA ALA A 240 -19.55 4.15 -28.81
C ALA A 240 -18.92 4.53 -30.14
N PRO A 241 -19.33 3.97 -31.28
CA PRO A 241 -18.70 4.39 -32.54
C PRO A 241 -18.88 5.86 -32.85
N LEU A 242 -20.01 6.47 -32.48
CA LEU A 242 -20.19 7.88 -32.74
C LEU A 242 -19.26 8.73 -31.89
N GLN A 243 -19.09 8.38 -30.62
CA GLN A 243 -18.12 9.08 -29.79
C GLN A 243 -16.71 8.89 -30.32
N TYR A 244 -16.42 7.71 -30.86
CA TYR A 244 -15.11 7.45 -31.46
C TYR A 244 -14.88 8.31 -32.69
N LEU A 245 -15.92 8.48 -33.52
CA LEU A 245 -15.76 9.19 -34.79
C LEU A 245 -15.81 10.70 -34.63
N ALA A 246 -16.55 11.22 -33.67
CA ALA A 246 -16.80 12.66 -33.62
C ALA A 246 -15.54 13.50 -33.70
N PRO A 247 -14.44 13.18 -33.02
CA PRO A 247 -13.21 13.95 -33.24
C PRO A 247 -12.78 13.96 -34.69
N TYR A 248 -12.95 12.85 -35.41
CA TYR A 248 -12.51 12.81 -36.79
C TYR A 248 -13.43 13.61 -37.70
N SER A 249 -14.74 13.58 -37.42
CA SER A 249 -15.65 14.43 -38.17
C SER A 249 -15.31 15.90 -37.97
N GLY A 250 -15.05 16.29 -36.73
CA GLY A 250 -14.64 17.67 -36.49
C GLY A 250 -13.34 18.00 -37.18
N CYS A 251 -12.36 17.10 -37.12
CA CYS A 251 -11.08 17.37 -37.74
C CYS A 251 -11.20 17.49 -39.25
N SER A 252 -12.11 16.75 -39.88
CA SER A 252 -12.28 16.88 -41.32
C SER A 252 -13.03 18.17 -41.67
N MET A 253 -14.05 18.52 -40.89
CA MET A 253 -14.71 19.79 -41.10
C MET A 253 -13.75 20.95 -40.93
N GLY A 254 -12.70 20.78 -40.14
CA GLY A 254 -11.69 21.81 -40.00
C GLY A 254 -10.61 21.73 -41.06
N GLU A 255 -10.32 20.52 -41.52
CA GLU A 255 -9.36 20.35 -42.61
C GLU A 255 -9.89 20.99 -43.88
N TYR A 256 -11.20 21.04 -44.04
CA TYR A 256 -11.75 21.79 -45.17
C TYR A 256 -11.28 23.23 -45.13
N PHE A 257 -11.48 23.90 -43.99
CA PHE A 257 -11.06 25.30 -43.87
C PHE A 257 -9.57 25.44 -44.02
N ARG A 258 -8.80 24.51 -43.47
CA ARG A 258 -7.35 24.58 -43.61
C ARG A 258 -6.95 24.49 -45.07
N ASP A 259 -7.55 23.57 -45.82
CA ASP A 259 -7.20 23.39 -47.23
C ASP A 259 -7.60 24.59 -48.05
N ASN A 260 -8.71 25.25 -47.71
CA ASN A 260 -9.21 26.35 -48.52
C ASN A 260 -8.69 27.71 -48.07
N GLY A 261 -7.52 27.76 -47.45
CA GLY A 261 -6.85 29.01 -47.19
C GLY A 261 -7.28 29.72 -45.93
N LYS A 262 -8.38 29.32 -45.31
CA LYS A 262 -8.84 29.96 -44.09
C LYS A 262 -8.13 29.33 -42.88
N HIS A 263 -8.48 29.81 -41.70
CA HIS A 263 -7.89 29.33 -40.45
C HIS A 263 -8.99 28.81 -39.56
N ALA A 264 -8.73 27.68 -38.90
CA ALA A 264 -9.72 27.04 -38.04
C ALA A 264 -9.09 26.67 -36.71
N LEU A 265 -9.94 26.53 -35.70
CA LEU A 265 -9.54 26.10 -34.37
C LEU A 265 -10.51 25.04 -33.92
N ILE A 266 -10.00 23.86 -33.56
CA ILE A 266 -10.82 22.72 -33.20
C ILE A 266 -10.47 22.31 -31.79
N ILE A 267 -11.49 22.14 -30.96
CA ILE A 267 -11.31 21.89 -29.53
C ILE A 267 -11.88 20.51 -29.25
N TYR A 268 -11.08 19.47 -29.40
CA TYR A 268 -11.50 18.12 -29.05
C TYR A 268 -11.71 18.06 -27.55
N ASP A 269 -12.94 18.20 -27.12
CA ASP A 269 -13.30 18.21 -25.70
C ASP A 269 -14.40 17.18 -25.51
N ASP A 270 -14.09 15.99 -24.95
CA ASP A 270 -12.84 15.63 -24.29
C ASP A 270 -12.25 14.38 -24.95
N LEU A 271 -10.92 14.35 -25.10
CA LEU A 271 -10.27 13.24 -25.78
C LEU A 271 -10.22 11.98 -24.91
N SER A 272 -10.13 12.15 -23.60
CA SER A 272 -10.07 11.02 -22.72
C SER A 272 -11.35 10.20 -22.75
N LYS A 273 -12.42 10.73 -23.34
CA LYS A 273 -13.66 9.98 -23.53
C LYS A 273 -13.70 9.30 -24.89
N GLN A 274 -13.09 9.90 -25.91
CA GLN A 274 -12.89 9.16 -27.16
C GLN A 274 -12.04 7.93 -26.91
N ALA A 275 -11.03 8.04 -26.06
CA ALA A 275 -10.21 6.88 -25.74
C ALA A 275 -11.05 5.79 -25.09
N VAL A 276 -11.96 6.17 -24.19
CA VAL A 276 -12.81 5.18 -23.53
C VAL A 276 -13.75 4.52 -24.53
N ALA A 277 -14.33 5.30 -25.44
CA ALA A 277 -15.23 4.71 -26.44
C ALA A 277 -14.49 3.72 -27.32
N TYR A 278 -13.29 4.08 -27.76
CA TYR A 278 -12.49 3.16 -28.54
C TYR A 278 -12.13 1.92 -27.73
N ARG A 279 -11.84 2.10 -26.44
CA ARG A 279 -11.53 0.97 -25.58
C ARG A 279 -12.70 -0.01 -25.52
N GLN A 280 -13.91 0.52 -25.36
CA GLN A 280 -15.08 -0.35 -25.36
C GLN A 280 -15.21 -1.10 -26.68
N MET A 281 -15.13 -0.38 -27.80
CA MET A 281 -15.28 -1.04 -29.09
C MET A 281 -14.24 -2.14 -29.25
N SER A 282 -13.00 -1.88 -28.87
CA SER A 282 -11.94 -2.85 -29.04
C SER A 282 -12.14 -4.06 -28.13
N LEU A 283 -12.57 -3.84 -26.89
CA LEU A 283 -12.76 -4.97 -25.99
C LEU A 283 -13.92 -5.84 -26.43
N LEU A 284 -14.98 -5.24 -26.98
CA LEU A 284 -16.10 -6.03 -27.44
C LEU A 284 -15.81 -6.74 -28.76
N LEU A 285 -14.85 -6.26 -29.53
CA LEU A 285 -14.36 -6.97 -30.70
C LEU A 285 -13.27 -7.97 -30.36
N ARG A 286 -13.09 -8.27 -29.07
CA ARG A 286 -12.12 -9.27 -28.63
C ARG A 286 -10.72 -8.97 -29.13
N ARG A 287 -10.36 -7.72 -29.15
CA ARG A 287 -8.99 -7.39 -29.51
C ARG A 287 -8.08 -7.44 -28.29
N PRO A 288 -6.80 -7.74 -28.47
CA PRO A 288 -5.91 -7.93 -27.32
C PRO A 288 -5.73 -6.64 -26.54
N PRO A 289 -6.05 -6.63 -25.25
CA PRO A 289 -5.88 -5.41 -24.46
C PRO A 289 -4.42 -5.20 -24.06
N GLY A 290 -4.14 -3.98 -23.65
CA GLY A 290 -2.82 -3.59 -23.18
C GLY A 290 -2.94 -2.99 -21.79
N ARG A 291 -2.16 -1.95 -21.56
CA ARG A 291 -2.17 -1.28 -20.27
C ARG A 291 -3.53 -0.65 -20.02
N GLU A 292 -4.08 -0.85 -18.83
CA GLU A 292 -5.36 -0.31 -18.41
C GLU A 292 -6.52 -0.78 -19.27
N ALA A 293 -6.33 -1.84 -20.05
CA ALA A 293 -7.30 -2.44 -20.94
C ALA A 293 -7.41 -1.69 -22.26
N TYR A 294 -6.61 -0.66 -22.48
CA TYR A 294 -6.67 0.04 -23.75
C TYR A 294 -6.04 -0.82 -24.85
N PRO A 295 -6.56 -0.76 -26.07
CA PRO A 295 -5.94 -1.51 -27.16
C PRO A 295 -4.52 -1.04 -27.40
N GLY A 296 -3.80 -1.81 -28.22
CA GLY A 296 -2.44 -1.43 -28.54
C GLY A 296 -2.37 -0.14 -29.34
N ASP A 297 -3.25 0.01 -30.33
CA ASP A 297 -3.22 1.15 -31.23
C ASP A 297 -4.20 2.22 -30.76
N VAL A 298 -3.87 2.81 -29.62
CA VAL A 298 -4.57 3.97 -29.10
C VAL A 298 -3.71 5.23 -29.21
N PHE A 299 -2.40 5.10 -28.98
CA PHE A 299 -1.50 6.16 -29.38
C PHE A 299 -1.67 6.48 -30.85
N TYR A 300 -1.79 5.44 -31.68
CA TYR A 300 -2.05 5.66 -33.09
C TYR A 300 -3.37 6.40 -33.29
N LEU A 301 -4.40 6.00 -32.54
CA LEU A 301 -5.71 6.62 -32.64
C LEU A 301 -5.62 8.13 -32.42
N HIS A 302 -4.87 8.56 -31.41
CA HIS A 302 -4.81 9.98 -31.10
C HIS A 302 -3.79 10.71 -31.96
N SER A 303 -2.70 10.06 -32.36
CA SER A 303 -1.69 10.74 -33.15
C SER A 303 -2.19 10.99 -34.56
N ARG A 304 -2.83 10.01 -35.20
CA ARG A 304 -3.33 10.26 -36.53
C ARG A 304 -4.44 11.30 -36.55
N LEU A 305 -5.02 11.63 -35.40
CA LEU A 305 -5.99 12.70 -35.28
C LEU A 305 -5.32 14.05 -35.05
N LEU A 306 -4.40 14.11 -34.10
CA LEU A 306 -3.79 15.38 -33.74
C LEU A 306 -2.75 15.85 -34.74
N GLU A 307 -2.20 14.97 -35.56
CA GLU A 307 -1.19 15.38 -36.53
C GLU A 307 -1.80 16.00 -37.77
N ARG A 308 -3.10 16.25 -37.78
CA ARG A 308 -3.76 16.97 -38.85
C ARG A 308 -3.90 18.46 -38.55
N ALA A 309 -3.40 18.90 -37.41
CA ALA A 309 -3.36 20.32 -37.06
C ALA A 309 -2.06 20.88 -37.60
N ALA A 310 -2.13 21.56 -38.73
CA ALA A 310 -0.95 22.01 -39.47
C ALA A 310 -1.08 23.47 -39.83
N LYS A 311 0.02 24.04 -40.29
CA LYS A 311 0.07 25.41 -40.81
C LYS A 311 0.59 25.31 -42.23
N MET A 312 -0.31 25.13 -43.18
CA MET A 312 0.10 24.96 -44.58
C MET A 312 0.88 26.19 -45.05
N ASN A 313 1.74 25.97 -46.03
CA ASN A 313 2.56 27.06 -46.56
C ASN A 313 1.84 27.72 -47.73
N ASP A 314 2.36 28.88 -48.13
CA ASP A 314 1.66 29.70 -49.12
C ASP A 314 1.49 29.00 -50.45
N ALA A 315 2.30 27.98 -50.73
CA ALA A 315 2.11 27.22 -51.96
C ALA A 315 0.92 26.28 -51.88
N PHE A 316 0.33 26.12 -50.71
CA PHE A 316 -0.87 25.31 -50.54
C PHE A 316 -2.09 26.12 -50.11
N GLY A 317 -1.91 27.37 -49.74
CA GLY A 317 -3.02 28.21 -49.35
C GLY A 317 -2.71 29.05 -48.14
N GLY A 318 -1.86 28.55 -47.26
CA GLY A 318 -1.49 29.26 -46.04
C GLY A 318 -2.44 29.06 -44.89
N GLY A 319 -3.55 28.36 -45.09
CA GLY A 319 -4.50 28.15 -44.02
C GLY A 319 -3.89 27.37 -42.88
N SER A 320 -4.66 27.09 -41.84
CA SER A 320 -4.13 26.39 -40.69
C SER A 320 -5.29 25.82 -39.87
N LEU A 321 -4.96 24.87 -39.00
CA LEU A 321 -5.93 24.22 -38.15
C LEU A 321 -5.30 24.01 -36.78
N THR A 322 -5.54 24.93 -35.86
CA THR A 322 -5.09 24.74 -34.49
C THR A 322 -5.96 23.70 -33.80
N ALA A 323 -5.35 22.93 -32.90
CA ALA A 323 -6.04 21.93 -32.11
C ALA A 323 -5.82 22.21 -30.65
N LEU A 324 -6.87 22.10 -29.85
CA LEU A 324 -6.82 22.31 -28.41
C LEU A 324 -7.46 21.12 -27.71
N PRO A 325 -6.86 19.95 -27.81
CA PRO A 325 -7.42 18.77 -27.13
C PRO A 325 -7.50 19.01 -25.62
N VAL A 326 -8.57 18.53 -25.02
CA VAL A 326 -8.80 18.63 -23.59
C VAL A 326 -8.75 17.24 -23.01
N ILE A 327 -7.95 17.06 -21.96
CA ILE A 327 -7.81 15.78 -21.28
C ILE A 327 -8.00 16.00 -19.79
N GLU A 328 -8.84 15.18 -19.18
CA GLU A 328 -9.12 15.26 -17.74
C GLU A 328 -8.27 14.22 -17.04
N THR A 329 -7.21 14.68 -16.37
CA THR A 329 -6.44 13.79 -15.53
C THR A 329 -7.22 13.49 -14.25
N GLN A 330 -6.77 12.49 -13.51
CA GLN A 330 -7.50 12.08 -12.32
C GLN A 330 -7.00 12.84 -11.10
N ALA A 331 -6.31 12.18 -10.18
CA ALA A 331 -5.80 12.88 -9.01
C ALA A 331 -4.96 14.05 -9.47
N GLY A 332 -3.78 13.76 -10.00
CA GLY A 332 -2.97 14.74 -10.70
C GLY A 332 -2.01 14.00 -11.61
N ASP A 333 -2.42 12.78 -12.00
CA ASP A 333 -1.53 11.80 -12.60
C ASP A 333 -1.43 12.07 -14.08
N VAL A 334 -0.46 12.90 -14.46
CA VAL A 334 -0.13 13.09 -15.87
C VAL A 334 0.77 11.99 -16.40
N SER A 335 1.04 10.96 -15.60
CA SER A 335 1.80 9.80 -16.03
C SER A 335 0.92 8.61 -16.34
N ALA A 336 -0.40 8.78 -16.32
CA ALA A 336 -1.30 7.72 -16.72
C ALA A 336 -1.09 7.43 -18.19
N TYR A 337 -1.95 6.60 -18.77
CA TYR A 337 -1.69 6.11 -20.12
C TYR A 337 -2.05 7.15 -21.19
N ILE A 338 -3.30 7.60 -21.20
CA ILE A 338 -3.77 8.51 -22.24
C ILE A 338 -3.17 9.90 -22.01
N PRO A 339 -3.12 10.41 -20.79
CA PRO A 339 -2.40 11.66 -20.57
C PRO A 339 -0.97 11.59 -21.06
N THR A 340 -0.28 10.48 -20.85
CA THR A 340 1.08 10.33 -21.34
C THR A 340 1.13 10.37 -22.86
N ASN A 341 0.26 9.59 -23.51
CA ASN A 341 0.26 9.57 -24.97
C ASN A 341 0.07 10.97 -25.52
N VAL A 342 -0.96 11.66 -25.06
CA VAL A 342 -1.28 12.95 -25.67
C VAL A 342 -0.33 14.05 -25.22
N ILE A 343 0.37 13.89 -24.09
CA ILE A 343 1.41 14.83 -23.74
C ILE A 343 2.61 14.64 -24.64
N SER A 344 2.87 13.40 -25.06
CA SER A 344 3.98 13.14 -25.97
C SER A 344 3.62 13.45 -27.42
N ILE A 345 2.33 13.60 -27.74
CA ILE A 345 1.93 13.90 -29.10
C ILE A 345 1.93 15.39 -29.38
N THR A 346 1.49 16.19 -28.41
CA THR A 346 1.16 17.60 -28.66
C THR A 346 2.40 18.48 -28.51
N ASP A 347 2.21 19.79 -28.61
CA ASP A 347 3.29 20.76 -28.66
C ASP A 347 3.37 21.62 -27.42
N GLY A 348 2.56 21.34 -26.40
CA GLY A 348 2.61 22.12 -25.19
C GLY A 348 1.65 21.54 -24.18
N GLN A 349 1.18 22.40 -23.27
CA GLN A 349 0.17 22.01 -22.32
C GLN A 349 -0.19 23.15 -21.38
N ILE A 350 -1.48 23.42 -21.24
CA ILE A 350 -2.00 24.38 -20.28
C ILE A 350 -2.49 23.57 -19.10
N PHE A 351 -1.75 23.60 -18.00
CA PHE A 351 -1.95 22.67 -16.90
C PHE A 351 -2.68 23.39 -15.77
N LEU A 352 -3.91 22.96 -15.50
CA LEU A 352 -4.79 23.63 -14.55
C LEU A 352 -4.83 22.89 -13.22
N GLU A 353 -5.04 23.65 -12.14
CA GLU A 353 -5.03 23.15 -10.78
C GLU A 353 -6.34 23.48 -10.09
N THR A 354 -6.60 22.76 -9.00
CA THR A 354 -7.68 23.08 -8.07
C THR A 354 -7.18 23.82 -6.85
N GLU A 355 -5.96 23.54 -6.41
CA GLU A 355 -5.34 24.36 -5.38
C GLU A 355 -5.34 25.82 -5.81
N LEU A 356 -4.87 26.08 -7.02
CA LEU A 356 -4.89 27.44 -7.54
C LEU A 356 -6.31 27.93 -7.76
N PHE A 357 -7.20 27.06 -8.21
CA PHE A 357 -8.58 27.46 -8.46
C PHE A 357 -9.21 28.01 -7.18
N TYR A 358 -8.99 27.36 -6.05
CA TYR A 358 -9.61 27.77 -4.80
C TYR A 358 -8.80 28.81 -4.04
N LYS A 359 -7.50 28.90 -4.29
CA LYS A 359 -6.72 30.00 -3.73
C LYS A 359 -7.10 31.34 -4.35
N GLY A 360 -7.97 31.34 -5.35
CA GLY A 360 -8.45 32.56 -5.97
C GLY A 360 -7.81 32.88 -7.31
N ILE A 361 -6.95 32.00 -7.82
CA ILE A 361 -6.21 32.27 -9.05
C ILE A 361 -6.95 31.66 -10.22
N ARG A 362 -8.16 32.12 -10.47
CA ARG A 362 -8.95 31.63 -11.58
C ARG A 362 -8.84 32.59 -12.76
N PRO A 363 -8.43 32.15 -13.96
CA PRO A 363 -8.16 30.76 -14.39
C PRO A 363 -6.96 30.13 -13.72
N ALA A 364 -7.07 28.84 -13.40
CA ALA A 364 -6.11 28.16 -12.56
C ALA A 364 -4.89 27.69 -13.31
N ILE A 365 -4.52 28.39 -14.38
CA ILE A 365 -3.37 27.95 -15.18
C ILE A 365 -2.14 27.94 -14.30
N ASN A 366 -1.56 26.75 -14.10
CA ASN A 366 -0.38 26.59 -13.27
C ASN A 366 0.85 26.78 -14.16
N VAL A 367 1.45 27.95 -14.09
CA VAL A 367 2.67 28.21 -14.85
C VAL A 367 3.82 27.50 -14.15
N GLY A 368 4.80 27.06 -14.94
CA GLY A 368 5.86 26.22 -14.43
C GLY A 368 5.69 24.81 -14.93
N LEU A 369 4.47 24.28 -14.78
CA LEU A 369 4.09 23.03 -15.41
C LEU A 369 3.51 23.24 -16.80
N SER A 370 2.89 24.40 -17.04
CA SER A 370 2.50 24.75 -18.39
C SER A 370 3.72 25.03 -19.23
N VAL A 371 3.61 24.79 -20.54
CA VAL A 371 4.73 24.98 -21.45
C VAL A 371 4.18 25.19 -22.84
N SER A 372 4.99 25.77 -23.72
CA SER A 372 4.63 25.92 -25.12
C SER A 372 5.92 25.84 -25.92
N ARG A 373 6.20 24.66 -26.47
CA ARG A 373 7.43 24.45 -27.22
C ARG A 373 7.51 25.30 -28.47
N VAL A 374 6.47 26.05 -28.81
CA VAL A 374 6.56 27.08 -29.83
C VAL A 374 7.03 28.39 -29.24
N GLY A 375 6.39 28.84 -28.18
CA GLY A 375 6.94 29.94 -27.40
C GLY A 375 6.78 31.28 -28.08
N SER A 376 7.83 32.09 -27.97
CA SER A 376 7.77 33.47 -28.45
C SER A 376 7.46 33.56 -29.93
N ALA A 377 7.71 32.51 -30.70
CA ALA A 377 7.40 32.55 -32.12
C ALA A 377 5.92 32.81 -32.36
N ALA A 378 5.06 32.52 -31.37
CA ALA A 378 3.63 32.70 -31.50
C ALA A 378 3.13 33.91 -30.71
N GLN A 379 3.93 34.97 -30.64
CA GLN A 379 3.56 36.17 -29.91
C GLN A 379 3.84 37.39 -30.76
N THR A 380 3.09 38.46 -30.50
CA THR A 380 3.36 39.74 -31.13
C THR A 380 4.55 40.42 -30.45
N ARG A 381 5.10 41.42 -31.13
CA ARG A 381 6.31 42.06 -30.63
C ARG A 381 6.07 42.73 -29.28
N ALA A 382 4.94 43.43 -29.13
CA ALA A 382 4.64 44.07 -27.86
C ALA A 382 4.45 43.04 -26.76
N MET A 383 3.70 41.98 -27.07
CA MET A 383 3.48 40.94 -26.10
C MET A 383 4.80 40.27 -25.74
N LYS A 384 5.67 40.06 -26.73
CA LYS A 384 7.01 39.55 -26.43
C LYS A 384 7.72 40.47 -25.44
N GLN A 385 7.72 41.78 -25.72
CA GLN A 385 8.47 42.72 -24.90
C GLN A 385 8.03 42.65 -23.44
N VAL A 386 6.72 42.66 -23.20
CA VAL A 386 6.27 42.67 -21.81
C VAL A 386 6.33 41.27 -21.20
N ALA A 387 6.05 40.23 -21.98
CA ALA A 387 5.95 38.88 -21.45
C ALA A 387 7.30 38.28 -21.12
N GLY A 388 8.37 38.69 -21.80
CA GLY A 388 9.69 38.22 -21.39
C GLY A 388 9.99 38.60 -19.96
N THR A 389 9.79 39.88 -19.62
CA THR A 389 10.02 40.33 -18.25
C THR A 389 9.03 39.69 -17.30
N MET A 390 7.76 39.59 -17.68
CA MET A 390 6.78 38.98 -16.79
C MET A 390 7.15 37.55 -16.47
N LYS A 391 7.53 36.77 -17.49
CA LYS A 391 7.89 35.37 -17.28
C LYS A 391 9.14 35.25 -16.42
N LEU A 392 10.15 36.09 -16.67
CA LEU A 392 11.36 36.06 -15.85
C LEU A 392 11.03 36.34 -14.38
N GLU A 393 10.23 37.38 -14.14
CA GLU A 393 9.90 37.74 -12.77
C GLU A 393 9.07 36.66 -12.10
N LEU A 394 8.13 36.06 -12.82
CA LEU A 394 7.33 34.99 -12.24
C LEU A 394 8.20 33.78 -11.91
N ALA A 395 9.14 33.45 -12.78
CA ALA A 395 10.05 32.34 -12.47
C ALA A 395 10.86 32.64 -11.23
N GLN A 396 11.35 33.87 -11.08
CA GLN A 396 12.05 34.24 -9.85
C GLN A 396 11.13 34.11 -8.64
N TYR A 397 9.85 34.43 -8.82
CA TYR A 397 8.92 34.41 -7.70
C TYR A 397 8.54 33.00 -7.30
N ARG A 398 8.55 32.05 -8.23
CA ARG A 398 8.10 30.71 -7.92
C ARG A 398 9.11 29.92 -7.08
N GLU A 399 10.37 30.31 -7.08
CA GLU A 399 11.39 29.60 -6.30
C GLU A 399 11.59 30.22 -4.91
N VAL A 400 10.88 31.29 -4.57
CA VAL A 400 10.93 31.86 -3.23
C VAL A 400 9.52 32.03 -2.71
N ALA A 401 8.56 31.34 -3.33
CA ALA A 401 7.18 31.42 -2.88
C ALA A 401 6.97 30.70 -1.57
N ALA A 402 7.82 29.72 -1.25
CA ALA A 402 7.68 29.00 0.01
C ALA A 402 7.78 29.95 1.20
N PHE A 403 8.63 30.98 1.10
CA PHE A 403 8.83 31.92 2.19
C PHE A 403 7.64 32.86 2.37
N ALA A 404 6.65 32.81 1.48
CA ALA A 404 5.59 33.82 1.49
C ALA A 404 5.00 33.99 2.89
N GLN A 405 4.74 32.89 3.59
CA GLN A 405 4.18 32.99 4.94
C GLN A 405 5.14 33.74 5.86
N PHE A 406 6.44 33.44 5.76
CA PHE A 406 7.45 34.16 6.53
C PHE A 406 7.63 35.55 5.94
N GLY A 407 8.27 35.63 4.78
CA GLY A 407 8.36 36.89 4.07
C GLY A 407 9.23 37.87 4.82
N SER A 408 8.66 38.50 5.85
CA SER A 408 9.44 39.35 6.73
C SER A 408 10.58 38.54 7.35
N ASP A 409 11.53 39.25 7.94
CA ASP A 409 12.75 38.63 8.46
C ASP A 409 13.51 37.93 7.35
N LEU A 410 13.52 38.53 6.16
CA LEU A 410 14.33 38.07 5.05
C LEU A 410 14.86 39.29 4.33
N ASP A 411 15.89 39.07 3.50
CA ASP A 411 16.58 40.17 2.85
C ASP A 411 15.59 41.03 2.06
N ALA A 412 16.10 42.15 1.53
CA ALA A 412 15.28 43.04 0.73
C ALA A 412 15.02 42.49 -0.66
N ALA A 413 15.96 41.73 -1.21
CA ALA A 413 15.77 41.17 -2.55
C ALA A 413 14.59 40.22 -2.59
N THR A 414 14.48 39.33 -1.60
CA THR A 414 13.36 38.41 -1.58
C THR A 414 12.06 39.12 -1.22
N GLN A 415 12.12 40.16 -0.40
CA GLN A 415 10.95 40.99 -0.19
C GLN A 415 10.43 41.54 -1.51
N GLN A 416 11.33 42.10 -2.32
CA GLN A 416 10.91 42.65 -3.61
C GLN A 416 10.39 41.57 -4.54
N LEU A 417 11.05 40.40 -4.54
CA LEU A 417 10.59 39.30 -5.38
C LEU A 417 9.18 38.88 -5.00
N LEU A 418 8.93 38.71 -3.69
CA LEU A 418 7.60 38.32 -3.24
C LEU A 418 6.56 39.37 -3.63
N SER A 419 6.88 40.64 -3.40
CA SER A 419 5.93 41.71 -3.71
C SER A 419 5.58 41.72 -5.20
N ARG A 420 6.60 41.72 -6.05
CA ARG A 420 6.37 41.76 -7.48
C ARG A 420 5.61 40.52 -7.94
N GLY A 421 5.97 39.35 -7.42
CA GLY A 421 5.26 38.14 -7.80
C GLY A 421 3.80 38.17 -7.43
N VAL A 422 3.49 38.65 -6.23
CA VAL A 422 2.09 38.72 -5.82
C VAL A 422 1.32 39.68 -6.72
N ARG A 423 1.92 40.83 -7.02
CA ARG A 423 1.24 41.76 -7.92
C ARG A 423 1.00 41.13 -9.28
N LEU A 424 2.00 40.42 -9.82
CA LEU A 424 1.84 39.82 -11.14
C LEU A 424 0.78 38.72 -11.14
N THR A 425 0.75 37.88 -10.11
CA THR A 425 -0.28 36.85 -10.05
C THR A 425 -1.66 37.47 -9.96
N GLU A 426 -1.82 38.50 -9.13
CA GLU A 426 -3.10 39.20 -9.08
C GLU A 426 -3.44 39.85 -10.42
N LEU A 427 -2.43 40.16 -11.22
CA LEU A 427 -2.69 40.68 -12.56
C LEU A 427 -3.23 39.60 -13.49
N LEU A 428 -2.63 38.40 -13.44
CA LEU A 428 -3.05 37.35 -14.35
C LEU A 428 -4.46 36.83 -14.06
N LYS A 429 -5.05 37.18 -12.93
CA LYS A 429 -6.42 36.79 -12.67
C LYS A 429 -7.34 37.40 -13.72
N GLN A 430 -8.36 36.64 -14.11
CA GLN A 430 -9.27 37.07 -15.15
C GLN A 430 -10.68 36.64 -14.77
N GLY A 431 -11.66 37.35 -15.28
CA GLY A 431 -13.04 37.00 -15.03
C GLY A 431 -13.42 35.74 -15.76
N GLN A 432 -14.68 35.61 -16.15
CA GLN A 432 -15.13 34.51 -16.96
C GLN A 432 -15.91 35.05 -18.15
N TYR A 433 -15.64 34.49 -19.33
CA TYR A 433 -16.29 34.93 -20.56
C TYR A 433 -16.03 36.41 -20.82
N SER A 434 -14.88 36.90 -20.36
CA SER A 434 -14.48 38.29 -20.56
C SER A 434 -13.05 38.28 -21.12
N PRO A 435 -12.87 37.76 -22.33
CA PRO A 435 -11.56 37.84 -22.96
C PRO A 435 -11.14 39.29 -23.16
N MET A 436 -9.86 39.47 -23.50
CA MET A 436 -9.27 40.78 -23.64
C MET A 436 -8.51 40.86 -24.95
N ALA A 437 -8.66 41.96 -25.68
CA ALA A 437 -7.85 42.17 -26.85
C ALA A 437 -6.38 42.24 -26.45
N ILE A 438 -5.50 42.06 -27.44
CA ILE A 438 -4.08 41.99 -27.12
C ILE A 438 -3.56 43.33 -26.61
N GLU A 439 -4.09 44.44 -27.14
CA GLU A 439 -3.64 45.74 -26.68
C GLU A 439 -3.98 45.94 -25.21
N GLU A 440 -5.17 45.52 -24.79
CA GLU A 440 -5.55 45.61 -23.38
C GLU A 440 -4.62 44.78 -22.51
N GLN A 441 -4.34 43.55 -22.94
CA GLN A 441 -3.47 42.68 -22.17
C GLN A 441 -2.09 43.29 -22.02
N VAL A 442 -1.53 43.81 -23.12
CA VAL A 442 -0.18 44.35 -23.05
C VAL A 442 -0.15 45.60 -22.21
N ALA A 443 -1.18 46.44 -22.28
CA ALA A 443 -1.23 47.61 -21.43
C ALA A 443 -1.22 47.21 -19.96
N VAL A 444 -2.06 46.24 -19.60
CA VAL A 444 -2.17 45.83 -18.20
C VAL A 444 -0.86 45.23 -17.72
N ILE A 445 -0.28 44.31 -18.50
CA ILE A 445 0.95 43.66 -18.07
C ILE A 445 2.10 44.66 -18.04
N TYR A 446 2.12 45.62 -18.96
CA TYR A 446 3.15 46.65 -18.95
C TYR A 446 3.07 47.48 -17.68
N ALA A 447 1.85 47.89 -17.30
CA ALA A 447 1.69 48.57 -16.03
C ALA A 447 2.20 47.71 -14.89
N GLY A 448 1.89 46.42 -14.92
CA GLY A 448 2.23 45.55 -13.82
C GLY A 448 3.73 45.35 -13.65
N VAL A 449 4.45 45.13 -14.75
CA VAL A 449 5.81 44.63 -14.67
C VAL A 449 6.87 45.73 -14.61
N ARG A 450 6.45 46.99 -14.63
CA ARG A 450 7.38 48.11 -14.51
C ARG A 450 7.38 48.71 -13.12
N GLY A 451 6.71 48.08 -12.16
CA GLY A 451 6.70 48.55 -10.79
C GLY A 451 5.59 49.52 -10.47
N TYR A 452 4.79 49.93 -11.45
CA TYR A 452 3.77 50.93 -11.20
C TYR A 452 2.64 50.42 -10.31
N LEU A 453 2.71 49.18 -9.84
CA LEU A 453 1.74 48.67 -8.87
C LEU A 453 2.39 48.24 -7.57
N ASP A 454 3.70 48.48 -7.40
CA ASP A 454 4.38 48.09 -6.18
C ASP A 454 3.90 48.89 -4.98
N LYS A 455 3.14 49.96 -5.18
CA LYS A 455 2.58 50.72 -4.08
C LYS A 455 1.18 50.25 -3.72
N LEU A 456 0.40 49.83 -4.71
CA LEU A 456 -0.95 49.36 -4.44
C LEU A 456 -0.93 48.09 -3.62
N GLU A 457 -1.91 47.97 -2.73
CA GLU A 457 -2.05 46.73 -1.96
C GLU A 457 -2.62 45.64 -2.86
N PRO A 458 -2.21 44.39 -2.67
CA PRO A 458 -2.64 43.34 -3.61
C PRO A 458 -4.16 43.23 -3.73
N SER A 459 -4.89 43.37 -2.62
CA SER A 459 -6.34 43.26 -2.69
C SER A 459 -6.94 44.29 -3.63
N LYS A 460 -6.25 45.42 -3.83
CA LYS A 460 -6.73 46.47 -4.70
C LYS A 460 -6.35 46.26 -6.16
N ILE A 461 -5.37 45.40 -6.45
CA ILE A 461 -4.89 45.25 -7.81
C ILE A 461 -6.02 44.84 -8.73
N THR A 462 -6.79 43.83 -8.35
CA THR A 462 -7.88 43.37 -9.20
C THR A 462 -8.87 44.49 -9.48
N LYS A 463 -8.92 45.51 -8.64
CA LYS A 463 -9.74 46.68 -8.94
C LYS A 463 -9.01 47.64 -9.88
N PHE A 464 -7.75 47.94 -9.57
CA PHE A 464 -6.94 48.78 -10.46
C PHE A 464 -7.06 48.28 -11.88
N GLU A 465 -6.51 47.10 -12.14
CA GLU A 465 -6.62 46.41 -13.42
C GLU A 465 -7.96 46.69 -14.08
N ASN A 466 -9.05 46.58 -13.33
CA ASN A 466 -10.36 46.85 -13.88
C ASN A 466 -10.46 48.31 -14.30
N ALA A 467 -10.53 49.20 -13.31
CA ALA A 467 -10.80 50.61 -13.60
C ALA A 467 -9.81 51.15 -14.63
N PHE A 468 -8.51 50.98 -14.36
CA PHE A 468 -7.49 51.43 -15.29
C PHE A 468 -7.84 51.03 -16.72
N LEU A 469 -8.16 49.76 -16.92
CA LEU A 469 -8.44 49.30 -18.27
C LEU A 469 -9.51 50.14 -18.92
N SER A 470 -10.65 50.30 -18.24
CA SER A 470 -11.73 51.11 -18.79
C SER A 470 -11.20 52.47 -19.22
N HIS A 471 -10.41 53.11 -18.35
CA HIS A 471 -9.83 54.39 -18.69
C HIS A 471 -9.23 54.36 -20.09
N VAL A 472 -8.24 53.48 -20.30
CA VAL A 472 -7.55 53.49 -21.58
C VAL A 472 -8.51 53.10 -22.70
N ILE A 473 -9.48 52.22 -22.41
CA ILE A 473 -10.40 51.80 -23.45
C ILE A 473 -11.37 52.90 -23.84
N SER A 474 -11.43 53.99 -23.07
CA SER A 474 -12.32 55.10 -23.38
C SER A 474 -11.53 56.36 -23.76
N GLN A 475 -10.63 56.81 -22.89
CA GLN A 475 -9.93 58.07 -23.17
C GLN A 475 -8.90 57.90 -24.27
N HIS A 476 -8.11 56.83 -24.22
CA HIS A 476 -6.95 56.67 -25.11
C HIS A 476 -7.23 55.50 -26.06
N GLN A 477 -7.88 55.80 -27.18
CA GLN A 477 -8.06 54.81 -28.23
C GLN A 477 -6.99 54.90 -29.29
N ALA A 478 -6.41 56.09 -29.51
CA ALA A 478 -5.37 56.23 -30.51
C ALA A 478 -4.15 55.39 -30.17
N LEU A 479 -3.74 55.41 -28.90
CA LEU A 479 -2.58 54.62 -28.51
C LEU A 479 -2.84 53.13 -28.65
N LEU A 480 -4.02 52.67 -28.23
CA LEU A 480 -4.35 51.26 -28.37
C LEU A 480 -4.38 50.85 -29.83
N GLY A 481 -4.98 51.67 -30.69
CA GLY A 481 -4.99 51.36 -32.10
C GLY A 481 -3.59 51.32 -32.69
N LYS A 482 -2.73 52.25 -32.25
CA LYS A 482 -1.35 52.23 -32.71
C LYS A 482 -0.67 50.92 -32.33
N ILE A 483 -0.80 50.51 -31.06
CA ILE A 483 -0.18 49.27 -30.62
C ILE A 483 -0.74 48.09 -31.40
N ARG A 484 -2.06 48.05 -31.57
CA ARG A 484 -2.70 46.94 -32.26
C ARG A 484 -2.19 46.82 -33.69
N THR A 485 -2.49 47.82 -34.52
CA THR A 485 -2.15 47.71 -35.93
C THR A 485 -0.64 47.60 -36.11
N ASP A 486 0.13 48.44 -35.42
CA ASP A 486 1.58 48.39 -35.56
C ASP A 486 2.12 47.05 -35.11
N GLY A 487 1.59 46.51 -34.01
CA GLY A 487 2.02 45.25 -33.48
C GLY A 487 3.11 45.33 -32.43
N LYS A 488 3.78 46.47 -32.31
CA LYS A 488 4.87 46.65 -31.37
C LYS A 488 4.62 47.89 -30.53
N ILE A 489 5.48 48.11 -29.56
CA ILE A 489 5.44 49.29 -28.71
C ILE A 489 6.58 50.20 -29.16
N SER A 490 6.24 51.22 -29.95
CA SER A 490 7.23 52.19 -30.36
C SER A 490 7.60 53.11 -29.21
N GLU A 491 8.79 53.70 -29.30
CA GLU A 491 9.28 54.54 -28.21
C GLU A 491 8.28 55.62 -27.84
N GLU A 492 7.65 56.24 -28.85
CA GLU A 492 6.60 57.21 -28.55
C GLU A 492 5.44 56.53 -27.82
N SER A 493 5.05 55.34 -28.26
CA SER A 493 3.97 54.63 -27.59
C SER A 493 4.39 54.20 -26.19
N ASP A 494 5.66 53.82 -26.01
CA ASP A 494 6.15 53.50 -24.68
C ASP A 494 6.03 54.71 -23.75
N ALA A 495 6.43 55.89 -24.24
CA ALA A 495 6.30 57.10 -23.43
C ALA A 495 4.85 57.40 -23.12
N LYS A 496 3.96 57.22 -24.10
CA LYS A 496 2.55 57.47 -23.85
C LYS A 496 2.00 56.52 -22.79
N LEU A 497 2.39 55.25 -22.85
CA LEU A 497 1.96 54.31 -21.82
C LEU A 497 2.50 54.71 -20.46
N LYS A 498 3.76 55.14 -20.40
CA LYS A 498 4.33 55.59 -19.14
C LYS A 498 3.49 56.73 -18.55
N GLU A 499 3.21 57.74 -19.38
CA GLU A 499 2.45 58.89 -18.90
C GLU A 499 1.05 58.48 -18.47
N ILE A 500 0.39 57.62 -19.25
CA ILE A 500 -0.97 57.21 -18.92
C ILE A 500 -1.00 56.46 -17.60
N VAL A 501 -0.10 55.51 -17.43
CA VAL A 501 -0.08 54.71 -16.21
C VAL A 501 0.21 55.59 -15.01
N THR A 502 1.17 56.50 -15.14
CA THR A 502 1.49 57.36 -14.01
C THR A 502 0.34 58.31 -13.68
N ASN A 503 -0.30 58.87 -14.71
CA ASN A 503 -1.39 59.81 -14.48
C ASN A 503 -2.58 59.11 -13.82
N PHE A 504 -2.93 57.92 -14.28
CA PHE A 504 -4.05 57.21 -13.66
C PHE A 504 -3.68 56.75 -12.25
N LEU A 505 -2.47 56.23 -12.07
CA LEU A 505 -2.05 55.78 -10.75
C LEU A 505 -1.80 56.95 -9.82
N ALA A 506 -1.41 58.10 -10.35
CA ALA A 506 -1.16 59.27 -9.51
C ALA A 506 -2.41 59.71 -8.76
N GLY A 507 -3.59 59.29 -9.22
CA GLY A 507 -4.82 59.56 -8.52
C GLY A 507 -5.77 58.39 -8.62
N PHE A 508 -5.69 57.45 -7.68
CA PHE A 508 -6.51 56.25 -7.70
C PHE A 508 -7.31 56.12 -6.41
N GLU A 509 -6.70 55.67 -5.32
CA GLU A 509 -7.37 55.59 -4.03
C GLU A 509 -8.68 54.82 -4.12
N VAL B 23 7.66 -39.47 -46.37
CA VAL B 23 8.62 -38.93 -45.43
C VAL B 23 8.46 -39.62 -44.08
N ASP B 24 9.58 -40.07 -43.52
CA ASP B 24 9.56 -40.77 -42.24
C ASP B 24 8.95 -39.88 -41.17
N LEU B 25 7.70 -40.14 -40.80
CA LEU B 25 7.00 -39.34 -39.82
C LEU B 25 7.26 -39.78 -38.39
N GLU B 26 8.35 -40.51 -38.16
CA GLU B 26 8.76 -40.92 -36.83
C GLU B 26 10.05 -40.24 -36.39
N GLU B 27 11.07 -40.27 -37.24
CA GLU B 27 12.33 -39.60 -36.97
C GLU B 27 12.40 -38.23 -37.65
N THR B 28 11.30 -37.76 -38.24
CA THR B 28 11.30 -36.51 -38.96
C THR B 28 9.89 -35.95 -38.94
N GLY B 29 9.80 -34.62 -38.93
CA GLY B 29 8.53 -33.92 -38.94
C GLY B 29 8.66 -32.66 -39.76
N ARG B 30 7.55 -31.92 -39.86
CA ARG B 30 7.52 -30.70 -40.64
C ARG B 30 6.97 -29.58 -39.77
N VAL B 31 7.63 -28.42 -39.79
CA VAL B 31 7.26 -27.30 -38.95
C VAL B 31 5.85 -26.84 -39.29
N LEU B 32 4.89 -27.12 -38.41
CA LEU B 32 3.52 -26.67 -38.65
C LEU B 32 3.42 -25.16 -38.58
N SER B 33 4.05 -24.54 -37.58
CA SER B 33 3.83 -23.12 -37.36
C SER B 33 5.00 -22.54 -36.60
N ILE B 34 5.74 -21.64 -37.23
CA ILE B 34 6.79 -20.90 -36.56
C ILE B 34 6.25 -19.53 -36.21
N GLY B 35 6.90 -18.89 -35.24
CA GLY B 35 6.47 -17.59 -34.77
C GLY B 35 6.50 -17.52 -33.26
N ASP B 36 7.22 -16.55 -32.72
CA ASP B 36 7.49 -16.30 -31.31
C ASP B 36 8.80 -16.95 -30.88
N GLY B 37 9.45 -17.74 -31.73
CA GLY B 37 10.55 -18.57 -31.28
C GLY B 37 10.11 -19.88 -30.68
N ILE B 38 8.89 -20.33 -31.00
CA ILE B 38 8.37 -21.60 -30.53
C ILE B 38 7.72 -22.31 -31.72
N ALA B 39 8.48 -23.10 -32.44
CA ALA B 39 7.92 -23.83 -33.58
C ALA B 39 6.99 -24.93 -33.09
N ARG B 40 5.95 -25.18 -33.86
CA ARG B 40 5.10 -26.36 -33.69
C ARG B 40 5.37 -27.27 -34.86
N VAL B 41 5.80 -28.49 -34.57
CA VAL B 41 6.18 -29.49 -35.56
C VAL B 41 5.12 -30.58 -35.57
N HIS B 42 4.97 -31.23 -36.72
CA HIS B 42 4.00 -32.31 -36.87
C HIS B 42 4.76 -33.56 -37.31
N GLY B 43 4.85 -34.54 -36.44
CA GLY B 43 5.63 -35.72 -36.70
C GLY B 43 6.52 -36.02 -35.53
N LEU B 44 7.73 -36.50 -35.77
CA LEU B 44 8.68 -36.80 -34.71
C LEU B 44 8.03 -37.69 -33.66
N ARG B 45 7.29 -38.69 -34.12
CA ARG B 45 6.51 -39.52 -33.20
C ARG B 45 7.38 -40.20 -32.15
N ASN B 46 8.69 -40.34 -32.41
CA ASN B 46 9.59 -41.05 -31.51
C ASN B 46 10.59 -40.10 -30.85
N VAL B 47 10.23 -38.83 -30.71
CA VAL B 47 11.13 -37.84 -30.15
C VAL B 47 10.94 -37.80 -28.65
N GLN B 48 12.04 -37.89 -27.91
CA GLN B 48 11.99 -37.84 -26.46
C GLN B 48 11.78 -36.42 -25.99
N ALA B 49 11.21 -36.29 -24.78
CA ALA B 49 11.06 -34.98 -24.18
C ALA B 49 12.44 -34.38 -23.90
N GLU B 50 12.55 -33.07 -24.08
CA GLU B 50 13.81 -32.34 -23.88
C GLU B 50 14.89 -32.80 -24.84
N GLU B 51 14.54 -33.49 -25.91
CA GLU B 51 15.51 -33.92 -26.89
C GLU B 51 15.85 -32.80 -27.85
N MET B 52 17.05 -32.86 -28.41
CA MET B 52 17.51 -31.86 -29.36
C MET B 52 17.22 -32.32 -30.79
N VAL B 53 16.56 -31.45 -31.55
CA VAL B 53 16.27 -31.70 -32.95
C VAL B 53 16.99 -30.64 -33.77
N GLU B 54 17.16 -30.94 -35.06
CA GLU B 54 17.88 -30.08 -35.98
C GLU B 54 16.96 -29.70 -37.12
N PHE B 55 16.84 -28.40 -37.37
CA PHE B 55 16.01 -27.93 -38.47
C PHE B 55 16.81 -27.99 -39.77
N SER B 56 16.08 -27.96 -40.89
CA SER B 56 16.72 -28.07 -42.18
C SER B 56 17.69 -26.93 -42.43
N SER B 57 17.29 -25.70 -42.07
CA SER B 57 18.11 -24.54 -42.39
C SER B 57 19.50 -24.64 -41.75
N GLY B 58 19.56 -25.06 -40.49
CA GLY B 58 20.83 -25.18 -39.81
C GLY B 58 20.73 -24.97 -38.32
N LEU B 59 19.62 -24.41 -37.87
CA LEU B 59 19.42 -24.16 -36.46
C LEU B 59 19.21 -25.47 -35.71
N LYS B 60 19.06 -25.36 -34.39
CA LYS B 60 18.75 -26.49 -33.53
C LYS B 60 17.69 -26.05 -32.53
N GLY B 61 16.92 -27.02 -32.05
CA GLY B 61 15.86 -26.73 -31.12
C GLY B 61 15.75 -27.82 -30.07
N MET B 62 15.01 -27.51 -29.02
CA MET B 62 14.74 -28.45 -27.94
C MET B 62 13.25 -28.69 -27.85
N SER B 63 12.86 -29.95 -27.79
CA SER B 63 11.45 -30.35 -27.88
C SER B 63 10.83 -30.30 -26.49
N LEU B 64 10.26 -29.16 -26.15
CA LEU B 64 9.59 -29.00 -24.87
C LEU B 64 8.33 -29.84 -24.78
N ASN B 65 7.26 -29.37 -25.42
CA ASN B 65 5.92 -29.89 -25.23
C ASN B 65 5.67 -31.02 -26.21
N LEU B 66 5.81 -32.26 -25.76
CA LEU B 66 5.32 -33.40 -26.51
C LEU B 66 3.82 -33.47 -26.35
N GLU B 67 3.10 -32.93 -27.32
CA GLU B 67 1.65 -32.93 -27.31
C GLU B 67 1.13 -34.07 -28.16
N PRO B 68 -0.16 -34.41 -28.01
CA PRO B 68 -0.69 -35.54 -28.77
C PRO B 68 -0.59 -35.37 -30.28
N ASP B 69 -0.73 -34.15 -30.79
CA ASP B 69 -0.83 -33.92 -32.22
C ASP B 69 0.35 -33.17 -32.83
N ASN B 70 1.25 -32.63 -32.01
CA ASN B 70 2.38 -31.87 -32.52
C ASN B 70 3.49 -31.91 -31.48
N VAL B 71 4.50 -31.07 -31.66
CA VAL B 71 5.65 -31.00 -30.76
C VAL B 71 6.10 -29.54 -30.71
N GLY B 72 6.18 -28.99 -29.51
CA GLY B 72 6.63 -27.62 -29.35
C GLY B 72 8.13 -27.52 -29.20
N VAL B 73 8.82 -27.05 -30.23
CA VAL B 73 10.27 -27.00 -30.27
C VAL B 73 10.70 -25.55 -30.09
N VAL B 74 11.48 -25.29 -29.06
CA VAL B 74 12.06 -23.97 -28.85
C VAL B 74 13.34 -23.88 -29.67
N VAL B 75 13.45 -22.84 -30.48
CA VAL B 75 14.53 -22.73 -31.47
C VAL B 75 15.70 -22.00 -30.83
N PHE B 76 16.86 -22.64 -30.83
CA PHE B 76 18.09 -22.03 -30.33
C PHE B 76 18.72 -21.20 -31.43
N GLY B 77 18.06 -20.08 -31.73
CA GLY B 77 18.56 -19.20 -32.76
C GLY B 77 17.48 -18.20 -33.15
N ASN B 78 17.62 -17.67 -34.35
CA ASN B 78 16.67 -16.69 -34.88
C ASN B 78 15.57 -17.40 -35.64
N ASP B 79 14.33 -17.11 -35.27
CA ASP B 79 13.19 -17.73 -35.93
C ASP B 79 13.02 -17.29 -37.37
N LYS B 80 13.74 -16.26 -37.81
CA LYS B 80 13.64 -15.83 -39.20
C LYS B 80 14.02 -16.97 -40.14
N LEU B 81 15.00 -17.77 -39.75
CA LEU B 81 15.53 -18.81 -40.62
C LEU B 81 14.57 -19.98 -40.77
N ILE B 82 13.64 -20.15 -39.85
CA ILE B 82 12.71 -21.27 -39.89
C ILE B 82 11.47 -20.85 -40.66
N LYS B 83 10.87 -21.80 -41.37
CA LYS B 83 9.66 -21.54 -42.14
C LYS B 83 8.70 -22.70 -41.95
N GLU B 84 7.41 -22.40 -42.07
CA GLU B 84 6.40 -23.45 -42.05
C GLU B 84 6.57 -24.32 -43.27
N GLY B 85 6.76 -25.62 -43.06
CA GLY B 85 7.08 -26.57 -44.10
C GLY B 85 8.46 -27.19 -43.95
N ASP B 86 9.39 -26.47 -43.34
CA ASP B 86 10.75 -26.97 -43.15
C ASP B 86 10.73 -28.35 -42.53
N ILE B 87 11.85 -29.06 -42.60
CA ILE B 87 11.95 -30.45 -42.14
C ILE B 87 12.78 -30.47 -40.87
N VAL B 88 12.20 -30.97 -39.79
CA VAL B 88 12.87 -31.12 -38.51
C VAL B 88 13.27 -32.59 -38.38
N LYS B 89 14.55 -32.83 -38.07
CA LYS B 89 15.07 -34.17 -37.92
C LYS B 89 15.63 -34.32 -36.52
N ARG B 90 15.20 -35.35 -35.79
CA ARG B 90 15.66 -35.54 -34.44
C ARG B 90 17.09 -36.05 -34.42
N THR B 91 17.92 -35.46 -33.55
CA THR B 91 19.29 -35.91 -33.43
C THR B 91 19.41 -37.22 -32.68
N GLY B 92 18.52 -37.48 -31.72
CA GLY B 92 18.51 -38.71 -30.99
C GLY B 92 19.12 -38.64 -29.60
N ALA B 93 19.55 -37.46 -29.16
CA ALA B 93 20.19 -37.30 -27.86
C ALA B 93 19.62 -36.09 -27.14
N ILE B 94 19.59 -36.16 -25.81
CA ILE B 94 19.10 -35.04 -25.01
C ILE B 94 20.08 -33.88 -25.15
N VAL B 95 19.57 -32.67 -24.93
CA VAL B 95 20.38 -31.45 -25.09
C VAL B 95 21.67 -31.61 -24.33
N ASP B 96 22.79 -31.62 -25.05
CA ASP B 96 24.09 -31.77 -24.43
C ASP B 96 25.11 -30.92 -25.16
N VAL B 97 26.23 -30.68 -24.49
CA VAL B 97 27.26 -29.78 -25.00
C VAL B 97 28.61 -30.49 -24.92
N PRO B 98 29.57 -30.11 -25.78
CA PRO B 98 30.90 -30.73 -25.72
C PRO B 98 31.69 -30.16 -24.55
N VAL B 99 32.34 -31.05 -23.82
CA VAL B 99 33.10 -30.67 -22.64
C VAL B 99 34.48 -31.29 -22.72
N GLY B 100 35.41 -30.73 -21.98
CA GLY B 100 36.73 -31.31 -21.87
C GLY B 100 37.79 -30.24 -21.73
N GLU B 101 39.04 -30.71 -21.74
CA GLU B 101 40.18 -29.80 -21.74
C GLU B 101 40.30 -29.03 -23.05
N GLU B 102 39.69 -29.54 -24.12
CA GLU B 102 39.85 -28.92 -25.43
C GLU B 102 39.20 -27.55 -25.50
N LEU B 103 38.35 -27.19 -24.54
CA LEU B 103 37.64 -25.92 -24.58
C LEU B 103 38.42 -24.79 -23.94
N LEU B 104 39.38 -25.10 -23.06
CA LEU B 104 40.14 -24.07 -22.39
C LEU B 104 40.81 -23.17 -23.41
N GLY B 105 40.69 -21.86 -23.22
CA GLY B 105 41.25 -20.90 -24.15
C GLY B 105 40.36 -20.56 -25.32
N ARG B 106 39.15 -21.09 -25.38
CA ARG B 106 38.24 -20.87 -26.49
C ARG B 106 36.99 -20.15 -26.01
N VAL B 107 36.41 -19.36 -26.90
CA VAL B 107 35.09 -18.78 -26.72
C VAL B 107 34.10 -19.67 -27.47
N VAL B 108 32.91 -19.81 -26.91
CA VAL B 108 31.92 -20.71 -27.49
C VAL B 108 30.54 -20.12 -27.25
N ASP B 109 29.65 -20.30 -28.21
CA ASP B 109 28.27 -19.87 -28.04
C ASP B 109 27.61 -20.78 -26.99
N ALA B 110 26.29 -20.68 -26.87
CA ALA B 110 25.60 -21.41 -25.82
C ALA B 110 25.49 -22.89 -26.11
N LEU B 111 25.77 -23.34 -27.33
CA LEU B 111 25.68 -24.75 -27.70
C LEU B 111 27.05 -25.40 -27.87
N GLY B 112 28.12 -24.70 -27.50
CA GLY B 112 29.45 -25.26 -27.62
C GLY B 112 30.09 -25.11 -28.97
N ASN B 113 29.54 -24.28 -29.85
CA ASN B 113 30.15 -24.03 -31.16
C ASN B 113 31.03 -22.80 -31.05
N ALA B 114 32.31 -22.94 -31.40
CA ALA B 114 33.25 -21.85 -31.24
C ALA B 114 32.82 -20.65 -32.07
N ILE B 115 33.03 -19.45 -31.51
CA ILE B 115 32.67 -18.22 -32.20
C ILE B 115 33.88 -17.29 -32.26
N ASP B 116 35.03 -17.76 -31.82
CA ASP B 116 36.27 -17.02 -31.93
C ASP B 116 37.06 -17.36 -33.18
N GLY B 117 36.53 -18.21 -34.04
CA GLY B 117 37.12 -18.44 -35.34
C GLY B 117 38.52 -19.00 -35.31
N LYS B 118 38.87 -19.74 -34.26
CA LYS B 118 40.18 -20.36 -34.14
C LYS B 118 40.16 -21.83 -34.54
N GLY B 119 39.06 -22.30 -35.11
CA GLY B 119 38.97 -23.66 -35.59
C GLY B 119 37.87 -24.44 -34.91
N PRO B 120 37.66 -25.68 -35.33
CA PRO B 120 36.65 -26.51 -34.68
C PRO B 120 37.02 -26.83 -33.25
N ILE B 121 36.00 -26.95 -32.40
CA ILE B 121 36.25 -27.14 -30.99
C ILE B 121 36.93 -28.48 -30.74
N GLY B 122 36.48 -29.53 -31.41
CA GLY B 122 37.09 -30.83 -31.30
C GLY B 122 37.14 -31.38 -29.88
N SER B 123 36.01 -31.90 -29.41
CA SER B 123 35.91 -32.46 -28.07
C SER B 123 35.36 -33.89 -28.14
N LYS B 124 35.80 -34.73 -27.20
CA LYS B 124 35.46 -36.13 -27.23
C LYS B 124 34.23 -36.48 -26.38
N ALA B 125 34.00 -35.74 -25.30
CA ALA B 125 32.93 -36.04 -24.36
C ALA B 125 31.82 -35.00 -24.47
N ARG B 126 30.58 -35.47 -24.34
CA ARG B 126 29.40 -34.61 -24.37
C ARG B 126 28.60 -34.84 -23.10
N ARG B 127 28.24 -33.75 -22.43
CA ARG B 127 27.49 -33.83 -21.19
C ARG B 127 26.13 -33.17 -21.36
N ARG B 128 25.12 -33.74 -20.71
CA ARG B 128 23.79 -33.16 -20.74
C ARG B 128 23.76 -31.86 -19.96
N VAL B 129 23.07 -30.85 -20.49
CA VAL B 129 22.93 -29.60 -19.77
C VAL B 129 21.89 -29.70 -18.67
N GLY B 130 20.95 -30.63 -18.78
CA GLY B 130 19.92 -30.82 -17.78
C GLY B 130 20.22 -31.90 -16.76
N LEU B 131 21.46 -32.35 -16.65
CA LEU B 131 21.79 -33.42 -15.72
C LEU B 131 21.61 -32.91 -14.29
N LYS B 132 21.28 -33.83 -13.39
CA LYS B 132 20.88 -33.45 -12.04
C LYS B 132 22.10 -33.22 -11.15
N ALA B 133 21.92 -32.38 -10.14
CA ALA B 133 22.99 -32.06 -9.21
C ALA B 133 23.30 -33.24 -8.29
N PRO B 134 24.50 -33.29 -7.73
CA PRO B 134 24.83 -34.38 -6.81
C PRO B 134 23.97 -34.32 -5.55
N GLY B 135 23.74 -35.48 -4.95
CA GLY B 135 22.86 -35.59 -3.81
C GLY B 135 23.48 -35.10 -2.52
N ILE B 136 23.04 -35.67 -1.39
CA ILE B 136 23.51 -35.21 -0.09
C ILE B 136 24.75 -35.95 0.39
N ILE B 137 25.03 -37.14 -0.14
CA ILE B 137 26.14 -37.95 0.35
C ILE B 137 27.43 -37.63 -0.40
N PRO B 138 27.39 -37.41 -1.71
CA PRO B 138 28.64 -37.07 -2.41
C PRO B 138 29.33 -35.85 -1.83
N ARG B 139 28.57 -34.85 -1.41
CA ARG B 139 29.16 -33.57 -1.02
C ARG B 139 29.98 -33.73 0.26
N ILE B 140 30.70 -32.66 0.58
CA ILE B 140 31.43 -32.56 1.84
C ILE B 140 31.63 -31.08 2.11
N SER B 141 31.83 -30.73 3.38
CA SER B 141 31.96 -29.34 3.78
C SER B 141 33.07 -28.67 2.98
N VAL B 142 33.01 -27.34 2.87
CA VAL B 142 33.99 -26.59 2.10
C VAL B 142 35.23 -26.37 2.96
N ARG B 143 36.37 -26.89 2.51
CA ARG B 143 37.57 -26.92 3.31
C ARG B 143 38.77 -26.25 2.65
N GLU B 144 38.65 -25.81 1.40
CA GLU B 144 39.75 -25.21 0.68
C GLU B 144 39.41 -23.78 0.30
N PRO B 145 40.39 -22.89 0.22
CA PRO B 145 40.10 -21.49 -0.10
C PRO B 145 40.24 -21.19 -1.58
N MET B 146 39.29 -20.41 -2.09
CA MET B 146 39.33 -19.92 -3.46
C MET B 146 39.83 -18.48 -3.42
N GLN B 147 41.07 -18.27 -3.82
CA GLN B 147 41.72 -16.98 -3.67
C GLN B 147 41.28 -16.05 -4.78
N THR B 148 40.84 -14.85 -4.40
CA THR B 148 40.41 -13.84 -5.36
C THR B 148 41.36 -12.67 -5.49
N GLY B 149 42.39 -12.60 -4.65
CA GLY B 149 43.33 -11.49 -4.76
C GLY B 149 42.70 -10.13 -4.59
N ILE B 150 41.57 -10.05 -3.90
CA ILE B 150 40.94 -8.78 -3.56
C ILE B 150 40.90 -8.71 -2.04
N LYS B 151 41.58 -7.71 -1.48
CA LYS B 151 41.78 -7.68 -0.03
C LYS B 151 40.44 -7.70 0.70
N ALA B 152 39.51 -6.88 0.25
CA ALA B 152 38.20 -6.82 0.91
C ALA B 152 37.50 -8.17 0.86
N VAL B 153 37.55 -8.85 -0.28
CA VAL B 153 36.88 -10.14 -0.40
C VAL B 153 37.63 -11.21 0.38
N ASP B 154 38.97 -11.20 0.31
CA ASP B 154 39.74 -12.30 0.87
C ASP B 154 39.83 -12.24 2.39
N SER B 155 39.77 -11.05 2.97
CA SER B 155 39.89 -10.94 4.43
C SER B 155 38.54 -10.91 5.13
N LEU B 156 37.54 -10.28 4.55
CA LEU B 156 36.28 -10.04 5.23
C LEU B 156 35.16 -10.99 4.82
N VAL B 157 35.11 -11.40 3.55
CA VAL B 157 34.08 -12.33 3.08
C VAL B 157 34.76 -13.44 2.29
N PRO B 158 35.56 -14.29 2.93
CA PRO B 158 36.30 -15.32 2.17
C PRO B 158 35.36 -16.27 1.45
N ILE B 159 35.85 -16.79 0.32
CA ILE B 159 35.09 -17.71 -0.52
C ILE B 159 35.88 -19.02 -0.58
N GLY B 160 35.25 -20.10 -0.16
CA GLY B 160 35.85 -21.41 -0.26
C GLY B 160 35.63 -22.03 -1.61
N ARG B 161 36.13 -23.24 -1.79
CA ARG B 161 35.99 -23.97 -3.03
C ARG B 161 34.82 -24.92 -2.92
N GLY B 162 33.86 -24.79 -3.84
CA GLY B 162 32.59 -25.45 -3.75
C GLY B 162 31.47 -24.56 -3.26
N GLN B 163 31.78 -23.36 -2.81
CA GLN B 163 30.79 -22.41 -2.33
C GLN B 163 30.06 -21.76 -3.50
N ARG B 164 28.96 -21.10 -3.19
CA ARG B 164 28.20 -20.31 -4.17
C ARG B 164 28.03 -18.92 -3.57
N GLU B 165 28.82 -17.97 -4.03
CA GLU B 165 28.90 -16.64 -3.43
C GLU B 165 28.35 -15.62 -4.41
N LEU B 166 27.10 -15.23 -4.21
CA LEU B 166 26.46 -14.24 -5.07
C LEU B 166 27.20 -12.92 -5.02
N ILE B 167 27.37 -12.30 -6.19
CA ILE B 167 27.85 -10.93 -6.32
C ILE B 167 26.67 -10.09 -6.79
N ILE B 168 26.15 -9.25 -5.93
CA ILE B 168 24.90 -8.53 -6.20
C ILE B 168 25.18 -7.05 -6.10
N GLY B 169 24.77 -6.31 -7.12
CA GLY B 169 25.04 -4.88 -7.13
C GLY B 169 24.11 -4.08 -8.01
N ASP B 170 24.65 -3.09 -8.69
CA ASP B 170 23.86 -2.21 -9.55
C ASP B 170 24.51 -2.05 -10.91
N ARG B 171 24.03 -1.10 -11.70
CA ARG B 171 24.70 -0.74 -12.92
C ARG B 171 26.04 -0.08 -12.60
N GLN B 172 27.08 -0.49 -13.31
CA GLN B 172 28.43 0.03 -13.10
C GLN B 172 28.74 0.22 -11.63
N THR B 173 29.01 -0.87 -10.90
CA THR B 173 29.56 -0.78 -9.56
C THR B 173 30.75 -1.70 -9.35
N GLY B 174 31.17 -2.45 -10.35
CA GLY B 174 32.41 -3.18 -10.26
C GLY B 174 32.25 -4.64 -9.93
N LYS B 175 31.29 -5.33 -10.56
CA LYS B 175 31.09 -6.75 -10.32
C LYS B 175 31.89 -7.60 -11.31
N THR B 176 31.76 -7.29 -12.60
CA THR B 176 32.62 -7.94 -13.58
C THR B 176 34.09 -7.74 -13.21
N SER B 177 34.41 -6.64 -12.55
CA SER B 177 35.78 -6.45 -12.09
C SER B 177 36.17 -7.49 -11.04
N ILE B 178 35.27 -7.80 -10.11
CA ILE B 178 35.55 -8.85 -9.13
C ILE B 178 35.77 -10.17 -9.84
N ALA B 179 34.88 -10.50 -10.78
CA ALA B 179 35.01 -11.78 -11.47
C ALA B 179 36.33 -11.87 -12.24
N ILE B 180 36.69 -10.81 -12.95
CA ILE B 180 37.89 -10.87 -13.77
C ILE B 180 39.15 -10.82 -12.92
N ASP B 181 39.13 -10.10 -11.80
CA ASP B 181 40.28 -10.16 -10.90
C ASP B 181 40.46 -11.56 -10.34
N THR B 182 39.36 -12.22 -9.97
CA THR B 182 39.46 -13.62 -9.54
C THR B 182 40.12 -14.47 -10.62
N ILE B 183 39.61 -14.37 -11.84
CA ILE B 183 40.12 -15.20 -12.93
C ILE B 183 41.59 -14.93 -13.17
N ILE B 184 41.98 -13.66 -13.20
CA ILE B 184 43.36 -13.31 -13.45
C ILE B 184 44.25 -13.75 -12.30
N ASN B 185 43.72 -13.76 -11.08
CA ASN B 185 44.52 -14.14 -9.93
C ASN B 185 44.83 -15.62 -9.93
N GLN B 186 43.94 -16.45 -10.46
CA GLN B 186 44.19 -17.89 -10.43
C GLN B 186 45.47 -18.30 -11.15
N LYS B 187 46.19 -17.36 -11.78
CA LYS B 187 47.36 -17.74 -12.56
C LYS B 187 48.53 -18.18 -11.68
N ARG B 188 48.66 -17.62 -10.49
CA ARG B 188 49.73 -18.06 -9.59
C ARG B 188 49.69 -19.56 -9.39
N PHE B 189 48.47 -20.11 -9.33
CA PHE B 189 48.28 -21.54 -9.09
C PHE B 189 48.26 -22.33 -10.39
N ASN B 190 47.69 -21.78 -11.45
CA ASN B 190 47.64 -22.51 -12.72
C ASN B 190 48.97 -22.49 -13.45
N ASP B 191 49.95 -21.72 -13.00
CA ASP B 191 51.30 -21.79 -13.55
C ASP B 191 52.22 -22.69 -12.75
N GLY B 192 51.87 -23.04 -11.53
CA GLY B 192 52.65 -23.93 -10.72
C GLY B 192 52.43 -25.38 -11.09
N THR B 193 52.88 -26.27 -10.21
CA THR B 193 52.85 -27.71 -10.45
C THR B 193 51.83 -28.43 -9.60
N ASP B 194 51.49 -27.92 -8.42
CA ASP B 194 50.53 -28.59 -7.54
C ASP B 194 49.18 -28.73 -8.23
N GLU B 195 48.85 -29.93 -8.66
CA GLU B 195 47.57 -30.15 -9.34
C GLU B 195 46.38 -29.97 -8.43
N LYS B 196 46.58 -29.88 -7.12
CA LYS B 196 45.49 -29.73 -6.18
C LYS B 196 45.09 -28.29 -5.94
N LYS B 197 45.82 -27.32 -6.49
CA LYS B 197 45.48 -25.92 -6.34
C LYS B 197 45.05 -25.25 -7.64
N LYS B 198 45.34 -25.86 -8.78
CA LYS B 198 44.95 -25.27 -10.05
C LYS B 198 43.44 -25.15 -10.14
N LEU B 199 42.97 -23.99 -10.57
CA LEU B 199 41.55 -23.70 -10.74
C LEU B 199 41.29 -23.32 -12.18
N TYR B 200 40.34 -24.00 -12.81
CA TYR B 200 39.96 -23.71 -14.20
C TYR B 200 38.71 -22.85 -14.19
N CYS B 201 38.80 -21.68 -14.80
CA CYS B 201 37.73 -20.71 -14.75
C CYS B 201 36.83 -20.82 -15.98
N ILE B 202 35.58 -20.46 -15.79
CA ILE B 202 34.58 -20.42 -16.85
C ILE B 202 33.80 -19.13 -16.65
N TYR B 203 33.57 -18.39 -17.73
CA TYR B 203 32.90 -17.10 -17.64
C TYR B 203 31.70 -17.12 -18.60
N VAL B 204 30.50 -17.21 -18.04
CA VAL B 204 29.28 -17.22 -18.84
C VAL B 204 28.75 -15.79 -18.89
N ALA B 205 28.65 -15.24 -20.10
CA ALA B 205 28.18 -13.88 -20.32
C ALA B 205 26.80 -13.96 -20.95
N ILE B 206 25.80 -13.39 -20.28
CA ILE B 206 24.40 -13.55 -20.64
C ILE B 206 23.81 -12.18 -20.91
N GLY B 207 23.13 -12.04 -22.03
CA GLY B 207 22.46 -10.79 -22.33
C GLY B 207 23.35 -9.58 -22.23
N GLN B 208 24.64 -9.74 -22.53
CA GLN B 208 25.64 -8.73 -22.29
C GLN B 208 26.24 -8.29 -23.63
N LYS B 209 26.48 -6.98 -23.75
CA LYS B 209 27.04 -6.44 -24.97
C LYS B 209 28.20 -7.29 -25.48
N ARG B 210 28.20 -7.59 -26.77
CA ARG B 210 29.28 -8.38 -27.32
C ARG B 210 30.59 -7.61 -27.34
N SER B 211 30.52 -6.29 -27.45
CA SER B 211 31.73 -5.47 -27.33
C SER B 211 32.42 -5.74 -26.00
N THR B 212 31.63 -5.78 -24.93
CA THR B 212 32.21 -6.03 -23.62
C THR B 212 32.86 -7.41 -23.56
N VAL B 213 32.22 -8.42 -24.15
CA VAL B 213 32.78 -9.76 -24.12
C VAL B 213 34.10 -9.79 -24.87
N ALA B 214 34.16 -9.14 -26.04
CA ALA B 214 35.40 -9.12 -26.81
C ALA B 214 36.50 -8.41 -26.05
N GLN B 215 36.19 -7.27 -25.44
CA GLN B 215 37.20 -6.55 -24.68
C GLN B 215 37.67 -7.35 -23.48
N LEU B 216 36.74 -8.06 -22.83
CA LEU B 216 37.09 -8.91 -21.69
C LEU B 216 37.99 -10.05 -22.12
N VAL B 217 37.71 -10.66 -23.27
CA VAL B 217 38.56 -11.74 -23.76
C VAL B 217 39.94 -11.22 -24.10
N LYS B 218 40.03 -10.02 -24.68
CA LYS B 218 41.35 -9.44 -24.91
C LYS B 218 42.07 -9.18 -23.59
N ARG B 219 41.36 -8.67 -22.59
CA ARG B 219 41.99 -8.41 -21.31
C ARG B 219 42.54 -9.71 -20.71
N LEU B 220 41.77 -10.79 -20.80
CA LEU B 220 42.26 -12.07 -20.30
C LEU B 220 43.46 -12.56 -21.10
N THR B 221 43.42 -12.42 -22.43
CA THR B 221 44.55 -12.87 -23.24
C THR B 221 45.80 -12.07 -22.93
N ASP B 222 45.65 -10.80 -22.54
CA ASP B 222 46.80 -9.98 -22.21
C ASP B 222 47.39 -10.36 -20.86
N ALA B 223 46.57 -10.91 -19.97
CA ALA B 223 47.02 -11.38 -18.67
C ALA B 223 47.37 -12.87 -18.68
N ASP B 224 47.48 -13.47 -19.86
CA ASP B 224 47.81 -14.88 -19.97
C ASP B 224 46.85 -15.72 -19.15
N ALA B 225 45.57 -15.32 -19.15
CA ALA B 225 44.55 -15.97 -18.36
C ALA B 225 43.51 -16.68 -19.21
N MET B 226 43.76 -16.87 -20.51
CA MET B 226 42.87 -17.67 -21.33
C MET B 226 43.28 -19.12 -21.40
N LYS B 227 44.57 -19.43 -21.19
CA LYS B 227 45.01 -20.82 -21.30
C LYS B 227 44.28 -21.74 -20.34
N TYR B 228 43.50 -21.20 -19.39
CA TYR B 228 42.73 -22.01 -18.46
C TYR B 228 41.33 -21.46 -18.26
N THR B 229 40.78 -20.77 -19.25
CA THR B 229 39.49 -20.11 -19.13
C THR B 229 38.63 -20.43 -20.34
N ILE B 230 37.40 -20.83 -20.09
CA ILE B 230 36.39 -20.96 -21.13
C ILE B 230 35.46 -19.76 -21.02
N VAL B 231 34.97 -19.27 -22.16
CA VAL B 231 34.03 -18.16 -22.18
C VAL B 231 32.83 -18.61 -22.99
N VAL B 232 31.66 -18.60 -22.36
CA VAL B 232 30.40 -18.93 -23.02
C VAL B 232 29.63 -17.63 -23.21
N SER B 233 29.21 -17.38 -24.45
CA SER B 233 28.62 -16.10 -24.83
C SER B 233 27.17 -16.29 -25.20
N ALA B 234 26.30 -15.42 -24.69
CA ALA B 234 24.90 -15.37 -25.07
C ALA B 234 24.46 -13.92 -25.10
N THR B 235 25.19 -13.09 -25.85
CA THR B 235 25.06 -11.65 -25.78
C THR B 235 23.66 -11.17 -26.13
N ALA B 236 23.42 -9.86 -26.02
CA ALA B 236 22.07 -9.33 -26.10
C ALA B 236 21.44 -9.54 -27.47
N SER B 237 22.26 -9.79 -28.50
CA SER B 237 21.75 -10.04 -29.83
C SER B 237 21.41 -11.49 -30.08
N ASP B 238 21.50 -12.35 -29.05
CA ASP B 238 21.25 -13.77 -29.18
C ASP B 238 19.86 -14.09 -28.66
N ALA B 239 19.11 -14.90 -29.42
CA ALA B 239 17.74 -15.23 -29.09
C ALA B 239 17.57 -15.60 -27.63
N ALA B 240 16.36 -15.48 -27.11
CA ALA B 240 16.13 -15.77 -25.70
C ALA B 240 16.52 -17.18 -25.31
N PRO B 241 16.19 -18.23 -26.06
CA PRO B 241 16.57 -19.58 -25.64
C PRO B 241 18.06 -19.74 -25.43
N LEU B 242 18.90 -19.06 -26.21
CA LEU B 242 20.34 -19.18 -26.01
C LEU B 242 20.76 -18.55 -24.69
N GLN B 243 20.17 -17.42 -24.33
CA GLN B 243 20.48 -16.82 -23.04
C GLN B 243 19.96 -17.65 -21.90
N TYR B 244 18.83 -18.33 -22.10
CA TYR B 244 18.31 -19.21 -21.06
C TYR B 244 19.15 -20.48 -20.93
N LEU B 245 19.81 -20.91 -22.00
CA LEU B 245 20.56 -22.15 -21.99
C LEU B 245 22.06 -21.97 -21.74
N ALA B 246 22.58 -20.75 -21.84
CA ALA B 246 24.01 -20.57 -21.62
C ALA B 246 24.47 -20.97 -20.23
N PRO B 247 23.78 -20.61 -19.15
CA PRO B 247 24.25 -21.02 -17.83
C PRO B 247 24.39 -22.53 -17.69
N TYR B 248 23.49 -23.30 -18.30
CA TYR B 248 23.55 -24.75 -18.16
C TYR B 248 24.69 -25.33 -18.97
N SER B 249 24.96 -24.77 -20.15
CA SER B 249 26.14 -25.19 -20.90
C SER B 249 27.40 -24.92 -20.12
N GLY B 250 27.51 -23.72 -19.53
CA GLY B 250 28.68 -23.42 -18.72
C GLY B 250 28.80 -24.33 -17.52
N CYS B 251 27.68 -24.61 -16.85
CA CYS B 251 27.71 -25.44 -15.66
C CYS B 251 28.08 -26.87 -15.99
N SER B 252 27.70 -27.38 -17.16
CA SER B 252 28.16 -28.70 -17.57
C SER B 252 29.64 -28.69 -17.90
N MET B 253 30.10 -27.65 -18.60
CA MET B 253 31.52 -27.52 -18.88
C MET B 253 32.34 -27.50 -17.59
N GLY B 254 31.76 -26.97 -16.51
CA GLY B 254 32.43 -26.96 -15.22
C GLY B 254 32.24 -28.25 -14.43
N GLU B 255 31.09 -28.90 -14.62
CA GLU B 255 30.84 -30.18 -13.97
C GLU B 255 31.79 -31.23 -14.47
N TYR B 256 32.24 -31.12 -15.72
CA TYR B 256 33.26 -32.04 -16.19
C TYR B 256 34.47 -32.03 -15.27
N PHE B 257 35.03 -30.85 -15.01
CA PHE B 257 36.18 -30.75 -14.11
C PHE B 257 35.81 -31.17 -12.70
N ARG B 258 34.62 -30.80 -12.23
CA ARG B 258 34.22 -31.17 -10.88
C ARG B 258 34.23 -32.68 -10.71
N ASP B 259 33.67 -33.41 -11.66
CA ASP B 259 33.57 -34.85 -11.55
C ASP B 259 34.86 -35.57 -11.92
N ASN B 260 35.79 -34.89 -12.58
CA ASN B 260 37.09 -35.49 -12.91
C ASN B 260 38.16 -35.15 -11.89
N GLY B 261 37.78 -34.75 -10.68
CA GLY B 261 38.73 -34.55 -9.63
C GLY B 261 39.50 -33.25 -9.69
N LYS B 262 39.14 -32.35 -10.59
CA LYS B 262 39.77 -31.04 -10.70
C LYS B 262 38.83 -29.97 -10.17
N HIS B 263 39.35 -28.76 -10.04
CA HIS B 263 38.60 -27.65 -9.47
C HIS B 263 38.25 -26.65 -10.55
N ALA B 264 36.99 -26.22 -10.56
CA ALA B 264 36.48 -25.28 -11.54
C ALA B 264 35.82 -24.12 -10.83
N LEU B 265 35.69 -23.01 -11.55
CA LEU B 265 35.08 -21.79 -11.02
C LEU B 265 34.25 -21.17 -12.14
N ILE B 266 32.93 -21.26 -12.03
CA ILE B 266 32.05 -20.74 -13.07
C ILE B 266 31.44 -19.43 -12.59
N ILE B 267 31.41 -18.43 -13.47
CA ILE B 267 30.93 -17.10 -13.15
C ILE B 267 29.80 -16.79 -14.12
N TYR B 268 28.56 -16.91 -13.66
CA TYR B 268 27.42 -16.50 -14.46
C TYR B 268 27.22 -15.00 -14.32
N ASP B 269 27.03 -14.31 -15.44
CA ASP B 269 27.10 -12.86 -15.43
C ASP B 269 26.22 -12.33 -16.55
N ASP B 270 25.00 -11.85 -16.24
CA ASP B 270 24.34 -11.92 -14.93
C ASP B 270 23.32 -13.04 -14.95
N LEU B 271 22.83 -13.40 -13.78
CA LEU B 271 21.73 -14.34 -13.67
C LEU B 271 20.38 -13.65 -13.67
N SER B 272 20.35 -12.33 -13.79
CA SER B 272 19.10 -11.60 -13.96
C SER B 272 18.72 -11.45 -15.43
N LYS B 273 19.71 -11.36 -16.32
CA LYS B 273 19.44 -11.38 -17.75
C LYS B 273 18.87 -12.73 -18.16
N GLN B 274 19.37 -13.82 -17.56
CA GLN B 274 18.78 -15.12 -17.81
C GLN B 274 17.34 -15.18 -17.35
N ALA B 275 17.03 -14.56 -16.21
CA ALA B 275 15.66 -14.51 -15.74
C ALA B 275 14.77 -13.75 -16.71
N VAL B 276 15.26 -12.65 -17.27
CA VAL B 276 14.48 -11.89 -18.25
C VAL B 276 14.25 -12.74 -19.50
N ALA B 277 15.28 -13.44 -19.96
CA ALA B 277 15.13 -14.31 -21.13
C ALA B 277 14.10 -15.39 -20.87
N TYR B 278 14.15 -16.02 -19.70
CA TYR B 278 13.19 -17.06 -19.38
C TYR B 278 11.77 -16.50 -19.26
N ARG B 279 11.64 -15.28 -18.74
CA ARG B 279 10.32 -14.66 -18.68
C ARG B 279 9.78 -14.43 -20.07
N GLN B 280 10.62 -13.96 -20.99
CA GLN B 280 10.19 -13.82 -22.38
C GLN B 280 9.73 -15.16 -22.93
N MET B 281 10.54 -16.19 -22.71
CA MET B 281 10.20 -17.51 -23.23
C MET B 281 8.87 -17.99 -22.69
N SER B 282 8.62 -17.78 -21.40
CA SER B 282 7.38 -18.23 -20.78
C SER B 282 6.19 -17.44 -21.28
N LEU B 283 6.30 -16.12 -21.34
CA LEU B 283 5.18 -15.31 -21.79
C LEU B 283 4.82 -15.63 -23.23
N LEU B 284 5.82 -15.82 -24.09
CA LEU B 284 5.52 -16.17 -25.47
C LEU B 284 4.84 -17.52 -25.58
N LEU B 285 4.99 -18.38 -24.57
CA LEU B 285 4.29 -19.64 -24.51
C LEU B 285 2.94 -19.53 -23.82
N ARG B 286 2.53 -18.31 -23.46
CA ARG B 286 1.25 -18.07 -22.80
C ARG B 286 1.15 -18.85 -21.50
N ARG B 287 2.09 -18.56 -20.60
CA ARG B 287 2.07 -19.13 -19.27
C ARG B 287 1.66 -18.07 -18.26
N PRO B 288 1.10 -18.47 -17.11
CA PRO B 288 0.51 -17.50 -16.19
C PRO B 288 1.58 -16.64 -15.53
N PRO B 289 1.69 -15.37 -15.91
CA PRO B 289 2.66 -14.51 -15.24
C PRO B 289 2.37 -14.40 -13.76
N GLY B 290 3.42 -14.28 -12.97
CA GLY B 290 3.27 -14.19 -11.53
C GLY B 290 3.57 -12.81 -11.00
N ARG B 291 4.65 -12.69 -10.22
CA ARG B 291 5.01 -11.45 -9.55
C ARG B 291 6.09 -10.76 -10.36
N GLU B 292 5.79 -9.56 -10.84
CA GLU B 292 6.63 -8.86 -11.81
C GLU B 292 6.63 -9.57 -13.16
N ALA B 293 5.56 -10.29 -13.45
CA ALA B 293 5.36 -11.03 -14.68
C ALA B 293 6.31 -12.20 -14.84
N TYR B 294 7.14 -12.47 -13.84
CA TYR B 294 8.00 -13.64 -13.89
C TYR B 294 7.17 -14.90 -13.68
N PRO B 295 7.46 -15.98 -14.39
CA PRO B 295 6.69 -17.21 -14.19
C PRO B 295 6.87 -17.77 -12.79
N GLY B 296 6.32 -18.94 -12.53
CA GLY B 296 6.53 -19.60 -11.26
C GLY B 296 7.79 -20.43 -11.19
N ASP B 297 8.43 -20.69 -12.32
CA ASP B 297 9.59 -21.56 -12.37
C ASP B 297 10.91 -20.82 -12.17
N VAL B 298 10.90 -19.50 -11.97
CA VAL B 298 12.16 -18.77 -11.90
C VAL B 298 13.02 -19.28 -10.75
N PHE B 299 12.41 -19.49 -9.58
CA PHE B 299 13.19 -20.05 -8.48
C PHE B 299 13.75 -21.40 -8.85
N TYR B 300 12.93 -22.26 -9.45
CA TYR B 300 13.43 -23.55 -9.91
C TYR B 300 14.49 -23.36 -10.98
N LEU B 301 14.26 -22.40 -11.89
CA LEU B 301 15.23 -22.12 -12.94
C LEU B 301 16.63 -21.88 -12.37
N HIS B 302 16.71 -21.09 -11.30
CA HIS B 302 18.02 -20.75 -10.75
C HIS B 302 18.56 -21.77 -9.77
N SER B 303 17.70 -22.40 -8.96
CA SER B 303 18.19 -23.40 -8.03
C SER B 303 18.67 -24.65 -8.76
N ARG B 304 17.93 -25.09 -9.77
CA ARG B 304 18.40 -26.18 -10.64
C ARG B 304 19.83 -25.96 -11.06
N LEU B 305 20.21 -24.69 -11.27
CA LEU B 305 21.51 -24.36 -11.83
C LEU B 305 22.56 -24.20 -10.74
N LEU B 306 22.22 -23.54 -9.65
CA LEU B 306 23.19 -23.25 -8.60
C LEU B 306 23.32 -24.40 -7.60
N GLU B 307 22.53 -25.45 -7.72
CA GLU B 307 22.73 -26.61 -6.87
C GLU B 307 23.81 -27.54 -7.40
N ARG B 308 24.41 -27.23 -8.54
CA ARG B 308 25.46 -28.05 -9.12
C ARG B 308 26.84 -27.63 -8.67
N ALA B 309 26.99 -26.45 -8.09
CA ALA B 309 28.25 -25.99 -7.54
C ALA B 309 28.47 -26.69 -6.20
N ALA B 310 28.94 -27.93 -6.28
CA ALA B 310 29.14 -28.77 -5.11
C ALA B 310 30.62 -28.87 -4.79
N LYS B 311 30.94 -29.68 -3.78
CA LYS B 311 32.32 -29.99 -3.39
C LYS B 311 32.33 -31.48 -3.07
N MET B 312 32.68 -32.28 -4.06
CA MET B 312 32.61 -33.73 -3.90
C MET B 312 33.59 -34.21 -2.84
N ASN B 313 33.26 -35.33 -2.23
CA ASN B 313 34.14 -35.97 -1.26
C ASN B 313 35.06 -36.96 -1.96
N ASP B 314 36.11 -37.39 -1.25
CA ASP B 314 37.19 -38.13 -1.88
C ASP B 314 36.73 -39.47 -2.44
N ALA B 315 35.57 -39.97 -2.02
CA ALA B 315 35.03 -41.18 -2.64
C ALA B 315 34.47 -40.90 -4.04
N PHE B 316 34.31 -39.64 -4.42
CA PHE B 316 33.81 -39.27 -5.73
C PHE B 316 34.81 -38.50 -6.57
N GLY B 317 36.05 -38.33 -6.09
CA GLY B 317 37.07 -37.64 -6.83
C GLY B 317 37.71 -36.51 -6.05
N GLY B 318 36.90 -35.82 -5.24
CA GLY B 318 37.40 -34.68 -4.51
C GLY B 318 37.40 -33.39 -5.27
N GLY B 319 36.81 -33.35 -6.46
CA GLY B 319 36.73 -32.13 -7.22
C GLY B 319 35.72 -31.17 -6.64
N SER B 320 35.71 -29.96 -7.20
CA SER B 320 34.82 -28.92 -6.73
C SER B 320 34.45 -28.03 -7.90
N LEU B 321 33.34 -27.30 -7.74
CA LEU B 321 32.89 -26.35 -8.75
C LEU B 321 32.31 -25.15 -8.01
N THR B 322 33.11 -24.10 -7.86
CA THR B 322 32.62 -22.87 -7.27
C THR B 322 31.70 -22.16 -8.25
N ALA B 323 30.81 -21.34 -7.72
CA ALA B 323 29.92 -20.55 -8.56
C ALA B 323 29.86 -19.13 -8.01
N LEU B 324 29.94 -18.16 -8.90
CA LEU B 324 29.89 -16.75 -8.54
C LEU B 324 28.81 -16.08 -9.38
N PRO B 325 27.55 -16.39 -9.12
CA PRO B 325 26.47 -15.73 -9.85
C PRO B 325 26.52 -14.24 -9.63
N VAL B 326 26.10 -13.49 -10.65
CA VAL B 326 26.08 -12.03 -10.57
C VAL B 326 24.64 -11.58 -10.79
N ILE B 327 24.18 -10.67 -9.95
CA ILE B 327 22.84 -10.10 -10.02
C ILE B 327 22.95 -8.59 -10.02
N GLU B 328 22.12 -7.94 -10.82
CA GLU B 328 22.07 -6.48 -10.90
C GLU B 328 20.76 -6.01 -10.28
N THR B 329 20.82 -5.58 -9.03
CA THR B 329 19.65 -4.98 -8.41
C THR B 329 19.25 -3.73 -9.20
N GLN B 330 18.11 -3.17 -8.83
CA GLN B 330 17.55 -2.00 -9.50
C GLN B 330 17.37 -0.90 -8.48
N ALA B 331 18.23 0.11 -8.54
CA ALA B 331 18.21 1.23 -7.60
C ALA B 331 18.56 0.79 -6.18
N GLY B 332 19.37 -0.26 -6.07
CA GLY B 332 19.77 -0.75 -4.77
C GLY B 332 18.75 -1.61 -4.06
N ASP B 333 17.68 -2.01 -4.75
CA ASP B 333 16.64 -2.82 -4.13
C ASP B 333 17.13 -4.27 -4.00
N VAL B 334 17.47 -4.67 -2.79
CA VAL B 334 17.94 -6.02 -2.53
C VAL B 334 16.80 -6.97 -2.18
N SER B 335 15.65 -6.45 -1.78
CA SER B 335 14.50 -7.26 -1.44
C SER B 335 13.55 -7.45 -2.61
N ALA B 336 14.06 -7.35 -3.84
CA ALA B 336 13.26 -7.61 -5.02
C ALA B 336 12.95 -9.10 -5.08
N TYR B 337 12.44 -9.55 -6.21
CA TYR B 337 11.99 -10.93 -6.33
C TYR B 337 13.15 -11.85 -6.70
N ILE B 338 13.89 -11.52 -7.75
CA ILE B 338 14.97 -12.37 -8.24
C ILE B 338 16.17 -12.28 -7.31
N PRO B 339 16.56 -11.09 -6.85
CA PRO B 339 17.60 -11.03 -5.83
C PRO B 339 17.29 -11.86 -4.61
N THR B 340 16.03 -11.88 -4.16
CA THR B 340 15.69 -12.67 -2.98
C THR B 340 15.72 -14.16 -3.29
N ASN B 341 15.25 -14.57 -4.47
CA ASN B 341 15.40 -15.97 -4.84
C ASN B 341 16.86 -16.41 -4.78
N VAL B 342 17.73 -15.66 -5.45
CA VAL B 342 19.12 -16.10 -5.53
C VAL B 342 19.83 -15.93 -4.20
N ILE B 343 19.33 -15.06 -3.32
CA ILE B 343 19.87 -14.99 -1.96
C ILE B 343 19.42 -16.19 -1.15
N SER B 344 18.25 -16.74 -1.46
CA SER B 344 17.78 -17.96 -0.83
C SER B 344 18.41 -19.20 -1.44
N ILE B 345 19.17 -19.06 -2.53
CA ILE B 345 19.82 -20.21 -3.14
C ILE B 345 21.30 -20.27 -2.80
N THR B 346 21.94 -19.13 -2.63
CA THR B 346 23.40 -19.05 -2.54
C THR B 346 23.88 -19.07 -1.09
N ASP B 347 25.20 -19.25 -0.93
CA ASP B 347 25.84 -19.43 0.36
C ASP B 347 26.48 -18.15 0.89
N GLY B 348 26.02 -16.99 0.45
CA GLY B 348 26.60 -15.74 0.92
C GLY B 348 26.19 -14.59 0.04
N GLN B 349 26.95 -13.50 0.14
CA GLN B 349 26.67 -12.30 -0.62
C GLN B 349 27.94 -11.47 -0.68
N ILE B 350 27.99 -10.58 -1.68
CA ILE B 350 29.03 -9.57 -1.75
C ILE B 350 28.36 -8.28 -2.21
N PHE B 351 27.65 -7.63 -1.30
CA PHE B 351 26.85 -6.47 -1.67
C PHE B 351 27.76 -5.34 -2.08
N LEU B 352 27.79 -5.02 -3.38
CA LEU B 352 28.52 -3.87 -3.87
C LEU B 352 27.60 -2.66 -3.86
N GLU B 353 28.00 -1.62 -3.15
CA GLU B 353 27.16 -0.46 -2.92
C GLU B 353 27.53 0.64 -3.91
N THR B 354 26.52 1.23 -4.56
CA THR B 354 26.77 2.26 -5.55
C THR B 354 27.23 3.56 -4.90
N GLU B 355 26.71 3.88 -3.72
CA GLU B 355 27.13 5.10 -3.03
C GLU B 355 28.64 5.06 -2.77
N LEU B 356 29.13 3.95 -2.21
CA LEU B 356 30.55 3.81 -1.97
C LEU B 356 31.34 3.90 -3.27
N PHE B 357 30.87 3.20 -4.31
CA PHE B 357 31.61 3.19 -5.56
C PHE B 357 31.77 4.59 -6.13
N TYR B 358 30.68 5.36 -6.18
CA TYR B 358 30.77 6.72 -6.69
C TYR B 358 31.64 7.58 -5.80
N LYS B 359 31.52 7.42 -4.48
CA LYS B 359 32.32 8.22 -3.56
C LYS B 359 33.80 8.09 -3.86
N GLY B 360 34.30 6.86 -3.93
CA GLY B 360 35.70 6.64 -4.19
C GLY B 360 36.21 5.31 -3.72
N ILE B 361 35.44 4.62 -2.88
CA ILE B 361 35.84 3.31 -2.38
C ILE B 361 35.63 2.29 -3.48
N ARG B 362 36.68 1.53 -3.81
CA ARG B 362 36.61 0.56 -4.87
C ARG B 362 37.62 -0.54 -4.58
N PRO B 363 37.21 -1.82 -4.54
CA PRO B 363 35.86 -2.38 -4.69
C PRO B 363 34.88 -1.86 -3.64
N ALA B 364 33.69 -1.50 -4.07
CA ALA B 364 32.74 -0.81 -3.21
C ALA B 364 31.97 -1.78 -2.32
N ILE B 365 32.64 -2.83 -1.85
CA ILE B 365 31.95 -3.86 -1.09
C ILE B 365 31.43 -3.26 0.21
N ASN B 366 30.15 -3.49 0.48
CA ASN B 366 29.51 -3.02 1.70
C ASN B 366 29.65 -4.10 2.76
N VAL B 367 30.80 -4.10 3.42
CA VAL B 367 31.14 -5.18 4.34
C VAL B 367 30.10 -5.33 5.44
N GLY B 368 29.27 -4.32 5.66
CA GLY B 368 28.22 -4.45 6.65
C GLY B 368 27.20 -5.51 6.27
N LEU B 369 26.75 -5.49 5.02
CA LEU B 369 25.68 -6.37 4.56
C LEU B 369 26.19 -7.60 3.82
N SER B 370 27.48 -7.69 3.54
CA SER B 370 28.03 -8.80 2.78
C SER B 370 28.56 -9.86 3.73
N VAL B 371 28.16 -11.11 3.51
CA VAL B 371 28.51 -12.21 4.40
C VAL B 371 28.91 -13.41 3.55
N SER B 372 29.67 -14.32 4.16
CA SER B 372 30.02 -15.59 3.54
C SER B 372 29.85 -16.66 4.61
N ARG B 373 28.71 -17.36 4.56
CA ARG B 373 28.38 -18.33 5.60
C ARG B 373 29.39 -19.47 5.61
N VAL B 374 29.77 -19.97 4.44
CA VAL B 374 30.52 -21.22 4.35
C VAL B 374 32.02 -20.96 4.36
N GLY B 375 32.48 -19.98 3.59
CA GLY B 375 33.91 -19.81 3.39
C GLY B 375 34.68 -19.35 4.60
N SER B 376 33.99 -19.01 5.70
CA SER B 376 34.70 -18.55 6.88
C SER B 376 35.67 -19.60 7.40
N ALA B 377 35.30 -20.87 7.29
CA ALA B 377 36.12 -21.97 7.77
C ALA B 377 37.16 -22.43 6.76
N ALA B 378 37.10 -21.95 5.52
CA ALA B 378 38.10 -22.27 4.51
C ALA B 378 39.22 -21.24 4.45
N GLN B 379 39.05 -20.09 5.09
CA GLN B 379 40.01 -19.00 5.05
C GLN B 379 41.37 -19.50 5.56
N THR B 380 42.45 -18.91 5.08
CA THR B 380 43.80 -19.35 5.43
C THR B 380 44.19 -18.81 6.80
N ARG B 381 44.89 -19.65 7.58
CA ARG B 381 45.22 -19.29 8.95
C ARG B 381 45.97 -17.98 9.02
N ALA B 382 46.97 -17.82 8.16
CA ALA B 382 47.75 -16.59 8.15
C ALA B 382 46.85 -15.38 7.93
N MET B 383 45.93 -15.49 6.97
CA MET B 383 44.94 -14.43 6.78
C MET B 383 43.89 -14.47 7.88
N LYS B 384 43.61 -15.66 8.43
CA LYS B 384 42.55 -15.79 9.42
C LYS B 384 42.82 -14.90 10.62
N GLN B 385 44.02 -15.03 11.21
CA GLN B 385 44.30 -14.34 12.46
C GLN B 385 44.28 -12.82 12.28
N VAL B 386 44.87 -12.31 11.19
CA VAL B 386 44.91 -10.87 10.98
C VAL B 386 43.52 -10.34 10.63
N ALA B 387 42.81 -11.03 9.73
CA ALA B 387 41.50 -10.56 9.31
C ALA B 387 40.48 -10.65 10.43
N GLY B 388 40.68 -11.51 11.44
CA GLY B 388 39.77 -11.50 12.57
C GLY B 388 39.77 -10.16 13.28
N THR B 389 40.95 -9.66 13.64
CA THR B 389 41.03 -8.37 14.29
C THR B 389 40.63 -7.25 13.34
N MET B 390 40.93 -7.40 12.05
CA MET B 390 40.44 -6.41 11.09
C MET B 390 38.92 -6.32 11.12
N LYS B 391 38.25 -7.47 11.13
CA LYS B 391 36.79 -7.49 11.14
C LYS B 391 36.25 -6.88 12.43
N LEU B 392 36.83 -7.22 13.57
CA LEU B 392 36.39 -6.61 14.81
C LEU B 392 36.56 -5.09 14.77
N GLU B 393 37.71 -4.61 14.29
CA GLU B 393 37.96 -3.18 14.27
C GLU B 393 36.99 -2.46 13.35
N LEU B 394 36.76 -3.01 12.16
CA LEU B 394 35.81 -2.39 11.24
C LEU B 394 34.40 -2.43 11.81
N ALA B 395 34.03 -3.52 12.48
CA ALA B 395 32.70 -3.59 13.08
C ALA B 395 32.53 -2.53 14.15
N GLN B 396 33.55 -2.34 14.99
CA GLN B 396 33.47 -1.29 16.00
C GLN B 396 33.38 0.09 15.36
N TYR B 397 34.17 0.32 14.31
CA TYR B 397 34.11 1.61 13.61
C TYR B 397 32.74 1.85 13.00
N ARG B 398 32.08 0.79 12.52
CA ARG B 398 30.78 0.95 11.89
C ARG B 398 29.74 1.49 12.86
N GLU B 399 29.92 1.28 14.16
CA GLU B 399 28.93 1.65 15.16
C GLU B 399 29.12 3.07 15.68
N VAL B 400 30.16 3.77 15.26
CA VAL B 400 30.40 5.14 15.71
C VAL B 400 30.66 6.03 14.50
N ALA B 401 29.83 5.89 13.46
CA ALA B 401 29.93 6.73 12.28
C ALA B 401 28.56 6.92 11.66
N ASP B 411 35.45 11.92 21.58
CA ASP B 411 36.35 11.89 22.73
C ASP B 411 37.56 11.00 22.44
N ALA B 412 37.94 10.14 23.39
CA ALA B 412 39.19 9.39 23.26
C ALA B 412 38.99 8.11 22.45
N ALA B 413 38.43 7.07 23.07
CA ALA B 413 38.28 5.80 22.39
C ALA B 413 37.51 5.95 21.09
N THR B 414 36.52 6.84 21.06
CA THR B 414 35.79 7.09 19.81
C THR B 414 36.73 7.61 18.74
N GLN B 415 37.60 8.56 19.09
CA GLN B 415 38.53 9.09 18.10
C GLN B 415 39.49 7.99 17.63
N GLN B 416 39.95 7.15 18.55
CA GLN B 416 40.82 6.05 18.15
C GLN B 416 40.13 5.12 17.17
N LEU B 417 38.88 4.78 17.44
CA LEU B 417 38.13 3.90 16.56
C LEU B 417 37.91 4.54 15.20
N LEU B 418 37.54 5.82 15.17
CA LEU B 418 37.37 6.50 13.88
C LEU B 418 38.67 6.47 13.09
N SER B 419 39.78 6.81 13.74
CA SER B 419 41.06 6.85 13.04
C SER B 419 41.41 5.48 12.47
N ARG B 420 41.35 4.46 13.31
CA ARG B 420 41.73 3.12 12.85
C ARG B 420 40.80 2.63 11.75
N GLY B 421 39.50 2.88 11.89
CA GLY B 421 38.57 2.47 10.86
C GLY B 421 38.82 3.14 9.54
N VAL B 422 39.12 4.43 9.56
CA VAL B 422 39.43 5.12 8.31
C VAL B 422 40.72 4.59 7.71
N ARG B 423 41.72 4.31 8.54
CA ARG B 423 42.94 3.69 8.02
C ARG B 423 42.63 2.38 7.31
N LEU B 424 41.85 1.52 7.96
CA LEU B 424 41.53 0.23 7.35
C LEU B 424 40.73 0.41 6.06
N THR B 425 39.75 1.30 6.06
CA THR B 425 38.91 1.50 4.88
C THR B 425 39.75 1.99 3.70
N GLU B 426 40.68 2.90 3.94
CA GLU B 426 41.57 3.33 2.87
C GLU B 426 42.60 2.25 2.55
N LEU B 427 42.82 1.31 3.45
CA LEU B 427 43.73 0.21 3.17
C LEU B 427 43.11 -0.79 2.22
N LEU B 428 41.79 -1.01 2.32
CA LEU B 428 41.12 -2.01 1.51
C LEU B 428 40.77 -1.52 0.11
N LYS B 429 40.99 -0.24 -0.20
CA LYS B 429 40.87 0.19 -1.59
C LYS B 429 41.92 -0.52 -2.44
N GLN B 430 41.55 -0.80 -3.69
CA GLN B 430 42.41 -1.59 -4.55
C GLN B 430 42.31 -1.09 -5.98
N GLY B 431 43.35 -1.37 -6.75
CA GLY B 431 43.37 -1.00 -8.15
C GLY B 431 42.49 -1.93 -8.97
N GLN B 432 42.75 -2.03 -10.27
CA GLN B 432 41.96 -2.87 -11.16
C GLN B 432 42.88 -3.79 -11.95
N TYR B 433 42.48 -5.05 -12.07
CA TYR B 433 43.26 -6.04 -12.80
C TYR B 433 44.63 -6.23 -12.19
N SER B 434 44.75 -6.00 -10.89
CA SER B 434 46.00 -6.15 -10.16
C SER B 434 45.74 -6.95 -8.88
N PRO B 435 45.44 -8.24 -9.01
CA PRO B 435 45.20 -9.06 -7.83
C PRO B 435 46.49 -9.30 -7.05
N MET B 436 46.32 -9.57 -5.76
CA MET B 436 47.41 -9.74 -4.82
C MET B 436 47.47 -11.18 -4.34
N ALA B 437 48.68 -11.69 -4.13
CA ALA B 437 48.81 -12.99 -3.49
C ALA B 437 48.44 -12.86 -2.02
N ILE B 438 48.10 -14.00 -1.42
CA ILE B 438 47.60 -13.97 -0.04
C ILE B 438 48.67 -13.41 0.89
N GLU B 439 49.94 -13.71 0.62
CA GLU B 439 51.00 -13.24 1.51
C GLU B 439 51.11 -11.72 1.53
N GLU B 440 51.00 -11.07 0.37
CA GLU B 440 51.03 -9.61 0.37
C GLU B 440 49.83 -9.02 1.10
N GLN B 441 48.65 -9.63 0.92
CA GLN B 441 47.48 -9.18 1.65
C GLN B 441 47.73 -9.30 3.15
N VAL B 442 48.32 -10.42 3.58
CA VAL B 442 48.62 -10.60 5.00
C VAL B 442 49.55 -9.50 5.48
N ALA B 443 50.61 -9.21 4.72
CA ALA B 443 51.57 -8.21 5.15
C ALA B 443 50.90 -6.85 5.29
N VAL B 444 50.12 -6.45 4.29
CA VAL B 444 49.50 -5.13 4.30
C VAL B 444 48.48 -5.01 5.43
N ILE B 445 47.59 -5.99 5.55
CA ILE B 445 46.56 -5.92 6.58
C ILE B 445 47.20 -5.99 7.96
N TYR B 446 48.29 -6.75 8.10
CA TYR B 446 48.99 -6.81 9.37
C TYR B 446 49.55 -5.45 9.73
N ALA B 447 50.21 -4.79 8.77
CA ALA B 447 50.70 -3.44 9.02
C ALA B 447 49.55 -2.53 9.44
N GLY B 448 48.40 -2.68 8.80
CA GLY B 448 47.29 -1.77 9.09
C GLY B 448 46.66 -2.00 10.46
N VAL B 449 46.42 -3.26 10.82
CA VAL B 449 45.62 -3.55 12.00
C VAL B 449 46.44 -3.44 13.28
N ARG B 450 47.74 -3.69 13.21
CA ARG B 450 48.61 -3.55 14.36
C ARG B 450 48.97 -2.11 14.66
N GLY B 451 48.30 -1.16 14.02
CA GLY B 451 48.41 0.23 14.41
C GLY B 451 49.64 0.96 13.93
N TYR B 452 50.37 0.41 12.96
CA TYR B 452 51.56 1.08 12.49
C TYR B 452 51.22 2.33 11.69
N LEU B 453 50.06 2.34 11.03
CA LEU B 453 49.61 3.50 10.27
C LEU B 453 48.73 4.43 11.09
N ASP B 454 48.62 4.20 12.40
CA ASP B 454 47.73 5.02 13.22
C ASP B 454 48.20 6.47 13.28
N LYS B 455 49.44 6.75 12.91
CA LYS B 455 49.94 8.12 12.82
C LYS B 455 49.97 8.64 11.40
N LEU B 456 50.08 7.75 10.42
CA LEU B 456 50.12 8.17 9.02
C LEU B 456 48.83 8.89 8.67
N GLU B 457 48.95 9.97 7.91
CA GLU B 457 47.79 10.75 7.54
C GLU B 457 46.84 9.88 6.70
N PRO B 458 45.53 10.00 6.89
CA PRO B 458 44.61 9.05 6.23
C PRO B 458 44.72 9.02 4.72
N SER B 459 45.16 10.10 4.09
CA SER B 459 45.22 10.14 2.63
C SER B 459 46.39 9.35 2.07
N LYS B 460 47.52 9.31 2.80
CA LYS B 460 48.74 8.71 2.27
C LYS B 460 48.76 7.20 2.38
N ILE B 461 47.75 6.58 2.99
CA ILE B 461 47.80 5.15 3.25
C ILE B 461 48.04 4.39 1.95
N THR B 462 47.24 4.69 0.93
CA THR B 462 47.43 4.02 -0.36
C THR B 462 48.85 4.24 -0.86
N LYS B 463 49.33 5.49 -0.80
CA LYS B 463 50.69 5.76 -1.23
C LYS B 463 51.68 4.94 -0.44
N PHE B 464 51.44 4.76 0.86
CA PHE B 464 52.25 3.83 1.63
C PHE B 464 52.08 2.42 1.11
N GLU B 465 50.82 1.98 0.99
CA GLU B 465 50.53 0.60 0.61
C GLU B 465 51.27 0.22 -0.67
N ASN B 466 50.96 0.90 -1.78
CA ASN B 466 51.59 0.55 -3.04
C ASN B 466 53.10 0.59 -2.95
N ALA B 467 53.63 1.45 -2.08
CA ALA B 467 55.08 1.46 -1.88
C ALA B 467 55.51 0.28 -1.03
N PHE B 468 54.86 0.07 0.11
CA PHE B 468 55.27 -0.97 1.05
C PHE B 468 55.40 -2.31 0.33
N LEU B 469 54.36 -2.69 -0.43
CA LEU B 469 54.40 -3.97 -1.13
C LEU B 469 55.69 -4.12 -1.91
N SER B 470 56.04 -3.11 -2.71
CA SER B 470 57.23 -3.22 -3.53
C SER B 470 58.42 -3.64 -2.67
N HIS B 471 58.61 -2.96 -1.54
CA HIS B 471 59.69 -3.32 -0.63
C HIS B 471 59.67 -4.82 -0.34
N VAL B 472 58.57 -5.31 0.24
CA VAL B 472 58.50 -6.71 0.60
C VAL B 472 58.49 -7.59 -0.64
N ILE B 473 57.99 -7.08 -1.76
CA ILE B 473 58.02 -7.84 -3.01
C ILE B 473 59.41 -7.90 -3.61
N SER B 474 60.34 -7.09 -3.12
CA SER B 474 61.71 -7.11 -3.64
C SER B 474 62.65 -7.82 -2.67
N GLN B 475 63.08 -7.10 -1.63
CA GLN B 475 64.14 -7.62 -0.78
C GLN B 475 63.69 -8.85 0.00
N HIS B 476 62.55 -8.76 0.68
CA HIS B 476 62.15 -9.79 1.64
C HIS B 476 61.15 -10.77 1.04
N GLN B 477 61.63 -11.52 0.03
CA GLN B 477 60.84 -12.62 -0.50
C GLN B 477 60.86 -13.83 0.41
N ALA B 478 61.95 -14.02 1.17
CA ALA B 478 62.04 -15.19 2.03
C ALA B 478 60.92 -15.20 3.06
N LEU B 479 60.62 -14.05 3.66
CA LEU B 479 59.57 -14.00 4.67
C LEU B 479 58.22 -14.37 4.08
N LEU B 480 57.86 -13.74 2.95
CA LEU B 480 56.56 -14.04 2.35
C LEU B 480 56.48 -15.48 1.90
N GLY B 481 57.55 -16.01 1.32
CA GLY B 481 57.56 -17.41 0.93
C GLY B 481 57.38 -18.34 2.11
N LYS B 482 58.03 -18.02 3.23
CA LYS B 482 57.86 -18.85 4.42
C LYS B 482 56.44 -18.77 4.96
N ILE B 483 55.85 -17.57 4.94
CA ILE B 483 54.46 -17.45 5.38
C ILE B 483 53.56 -18.29 4.49
N ARG B 484 53.77 -18.21 3.17
CA ARG B 484 52.93 -18.95 2.23
C ARG B 484 53.09 -20.46 2.44
N THR B 485 54.32 -20.93 2.59
CA THR B 485 54.54 -22.37 2.73
C THR B 485 54.01 -22.89 4.05
N ASP B 486 54.34 -22.22 5.16
CA ASP B 486 53.89 -22.68 6.46
C ASP B 486 52.40 -22.46 6.67
N GLY B 487 51.78 -21.57 5.91
CA GLY B 487 50.36 -21.32 6.04
C GLY B 487 49.96 -20.78 7.40
N LYS B 488 50.73 -19.83 7.93
CA LYS B 488 50.42 -19.21 9.21
C LYS B 488 51.48 -18.15 9.49
N ILE B 489 51.11 -17.19 10.33
CA ILE B 489 52.05 -16.16 10.78
C ILE B 489 52.66 -16.69 12.08
N SER B 490 53.75 -17.44 11.95
CA SER B 490 54.43 -17.96 13.13
C SER B 490 55.04 -16.81 13.93
N GLU B 491 55.43 -17.12 15.16
CA GLU B 491 55.94 -16.09 16.05
C GLU B 491 57.22 -15.46 15.49
N GLU B 492 58.11 -16.27 14.92
CA GLU B 492 59.29 -15.73 14.27
C GLU B 492 58.91 -14.93 13.03
N SER B 493 57.98 -15.45 12.24
CA SER B 493 57.47 -14.67 11.11
C SER B 493 56.82 -13.39 11.59
N ASP B 494 56.09 -13.46 12.70
CA ASP B 494 55.47 -12.26 13.26
C ASP B 494 56.54 -11.24 13.63
N ALA B 495 57.61 -11.68 14.29
CA ALA B 495 58.65 -10.76 14.72
C ALA B 495 59.34 -10.13 13.53
N LYS B 496 59.70 -10.93 12.53
CA LYS B 496 60.38 -10.39 11.36
C LYS B 496 59.48 -9.43 10.59
N LEU B 497 58.19 -9.74 10.49
CA LEU B 497 57.27 -8.82 9.83
C LEU B 497 57.14 -7.52 10.61
N LYS B 498 57.09 -7.60 11.94
CA LYS B 498 57.09 -6.42 12.78
C LYS B 498 58.31 -5.55 12.47
N GLU B 499 59.49 -6.17 12.45
CA GLU B 499 60.71 -5.44 12.15
C GLU B 499 60.61 -4.76 10.79
N ILE B 500 60.17 -5.51 9.77
CA ILE B 500 60.11 -4.96 8.43
C ILE B 500 59.21 -3.73 8.39
N VAL B 501 58.00 -3.87 8.94
CA VAL B 501 57.04 -2.78 8.83
C VAL B 501 57.52 -1.56 9.60
N THR B 502 58.06 -1.76 10.81
CA THR B 502 58.47 -0.60 11.59
C THR B 502 59.66 0.10 10.95
N ASN B 503 60.64 -0.67 10.45
CA ASN B 503 61.78 -0.06 9.78
C ASN B 503 61.35 0.70 8.55
N PHE B 504 60.44 0.13 7.75
CA PHE B 504 60.00 0.83 6.55
C PHE B 504 59.24 2.10 6.91
N LEU B 505 58.33 2.01 7.88
CA LEU B 505 57.58 3.19 8.29
C LEU B 505 58.52 4.26 8.85
N ALA B 506 59.69 3.85 9.36
CA ALA B 506 60.66 4.84 9.81
C ALA B 506 61.13 5.72 8.67
N GLY B 507 61.33 5.14 7.49
CA GLY B 507 61.78 5.89 6.34
C GLY B 507 60.74 5.96 5.24
N PHE B 508 59.69 6.74 5.44
CA PHE B 508 58.64 6.90 4.45
C PHE B 508 58.28 8.37 4.26
N ALA C 6 -22.14 -56.04 25.99
CA ALA C 6 -23.23 -56.93 25.62
C ALA C 6 -24.32 -56.16 24.89
N GLU C 7 -24.97 -55.23 25.60
CA GLU C 7 -25.98 -54.39 24.99
C GLU C 7 -25.42 -53.48 23.91
N VAL C 8 -24.09 -53.34 23.85
CA VAL C 8 -23.48 -52.54 22.79
C VAL C 8 -23.79 -53.13 21.43
N SER C 9 -23.58 -54.45 21.29
CA SER C 9 -23.95 -55.10 20.05
C SER C 9 -25.45 -55.02 19.82
N SER C 10 -26.25 -55.07 20.89
CA SER C 10 -27.69 -55.05 20.72
C SER C 10 -28.16 -53.73 20.12
N ILE C 11 -27.66 -52.61 20.66
CA ILE C 11 -27.99 -51.31 20.07
C ILE C 11 -27.39 -51.19 18.68
N LEU C 12 -26.27 -51.87 18.41
CA LEU C 12 -25.77 -51.93 17.04
C LEU C 12 -26.78 -52.61 16.12
N GLU C 13 -27.38 -53.71 16.57
CA GLU C 13 -28.36 -54.40 15.73
C GLU C 13 -29.58 -53.53 15.51
N GLU C 14 -30.04 -52.86 16.57
CA GLU C 14 -31.19 -51.96 16.43
C GLU C 14 -31.06 -51.07 15.22
N ARG C 15 -29.82 -50.76 14.81
CA ARG C 15 -29.61 -49.92 13.64
C ARG C 15 -29.90 -50.67 12.35
N ILE C 16 -29.49 -51.93 12.26
CA ILE C 16 -29.82 -52.72 11.07
C ILE C 16 -31.33 -52.93 10.99
N LEU C 17 -31.94 -53.29 12.12
CA LEU C 17 -33.36 -53.65 12.16
C LEU C 17 -34.20 -52.73 11.29
N GLY C 18 -33.83 -51.46 11.19
CA GLY C 18 -34.49 -50.54 10.30
C GLY C 18 -33.55 -50.02 9.23
N ALA C 19 -33.84 -50.35 7.96
CA ALA C 19 -32.95 -50.01 6.86
C ALA C 19 -33.67 -49.15 5.83
N ASP C 20 -33.21 -49.20 4.57
CA ASP C 20 -33.80 -48.43 3.48
C ASP C 20 -34.03 -49.38 2.29
N THR C 21 -34.98 -50.31 2.46
CA THR C 21 -35.24 -51.30 1.42
C THR C 21 -35.53 -50.64 0.08
N SER C 22 -36.39 -49.63 0.10
CA SER C 22 -36.90 -49.02 -1.13
C SER C 22 -35.78 -48.65 -2.10
N VAL C 23 -35.67 -49.39 -3.19
CA VAL C 23 -34.86 -49.00 -4.34
C VAL C 23 -35.80 -48.41 -5.38
N ASP C 24 -35.47 -47.23 -5.87
CA ASP C 24 -36.31 -46.52 -6.82
C ASP C 24 -35.60 -46.38 -8.16
N LEU C 25 -36.39 -46.09 -9.18
CA LEU C 25 -35.87 -45.82 -10.52
C LEU C 25 -35.47 -44.36 -10.59
N GLU C 26 -34.17 -44.08 -10.58
CA GLU C 26 -33.64 -42.74 -10.43
C GLU C 26 -32.86 -42.32 -11.66
N GLU C 27 -32.92 -41.03 -11.97
CA GLU C 27 -32.13 -40.49 -13.06
C GLU C 27 -30.67 -40.40 -12.67
N THR C 28 -29.79 -40.45 -13.67
CA THR C 28 -28.38 -40.61 -13.41
C THR C 28 -27.56 -39.82 -14.43
N GLY C 29 -26.24 -39.95 -14.32
CA GLY C 29 -25.31 -39.36 -15.26
C GLY C 29 -23.94 -39.95 -15.08
N ARG C 30 -23.11 -39.90 -16.11
CA ARG C 30 -21.78 -40.48 -16.06
C ARG C 30 -20.74 -39.38 -15.92
N VAL C 31 -19.81 -39.54 -15.01
CA VAL C 31 -18.79 -38.51 -14.78
C VAL C 31 -17.82 -38.47 -15.94
N LEU C 32 -17.99 -37.51 -16.85
CA LEU C 32 -17.06 -37.39 -17.97
C LEU C 32 -15.65 -37.11 -17.48
N SER C 33 -15.51 -36.26 -16.46
CA SER C 33 -14.19 -35.79 -16.05
C SER C 33 -14.26 -35.29 -14.62
N ILE C 34 -13.39 -35.81 -13.76
CA ILE C 34 -13.30 -35.40 -12.37
C ILE C 34 -11.87 -34.95 -12.11
N GLY C 35 -11.71 -33.79 -11.49
CA GLY C 35 -10.39 -33.31 -11.16
C GLY C 35 -10.41 -31.96 -10.47
N ASP C 36 -9.76 -31.88 -9.32
CA ASP C 36 -9.62 -30.68 -8.49
C ASP C 36 -10.84 -30.43 -7.64
N GLY C 37 -11.74 -31.40 -7.51
CA GLY C 37 -12.96 -31.24 -6.74
C GLY C 37 -14.18 -30.94 -7.57
N ILE C 38 -14.05 -30.82 -8.89
CA ILE C 38 -15.17 -30.50 -9.77
C ILE C 38 -15.35 -31.65 -10.75
N ALA C 39 -16.57 -32.16 -10.83
CA ALA C 39 -16.93 -33.21 -11.77
C ALA C 39 -17.75 -32.59 -12.90
N ARG C 40 -17.63 -33.18 -14.09
CA ARG C 40 -18.40 -32.77 -15.25
C ARG C 40 -19.28 -33.95 -15.61
N VAL C 41 -20.47 -33.99 -15.07
CA VAL C 41 -21.36 -35.11 -15.32
C VAL C 41 -21.99 -34.94 -16.70
N HIS C 42 -22.33 -36.06 -17.33
CA HIS C 42 -23.00 -36.08 -18.62
C HIS C 42 -24.27 -36.88 -18.45
N GLY C 43 -25.41 -36.26 -18.73
CA GLY C 43 -26.70 -36.80 -18.38
C GLY C 43 -27.45 -35.83 -17.48
N LEU C 44 -28.21 -36.41 -16.54
CA LEU C 44 -28.94 -35.60 -15.57
C LEU C 44 -29.73 -34.50 -16.26
N ARG C 45 -30.52 -34.90 -17.27
CA ARG C 45 -31.18 -33.90 -18.09
C ARG C 45 -32.13 -33.02 -17.28
N ASN C 46 -32.78 -33.58 -16.27
CA ASN C 46 -33.76 -32.84 -15.48
C ASN C 46 -33.21 -32.32 -14.16
N VAL C 47 -31.89 -32.41 -13.95
CA VAL C 47 -31.31 -31.87 -12.72
C VAL C 47 -31.52 -30.37 -12.69
N GLN C 48 -31.93 -29.87 -11.53
CA GLN C 48 -32.19 -28.45 -11.35
C GLN C 48 -30.88 -27.69 -11.13
N ALA C 49 -30.98 -26.39 -10.94
CA ALA C 49 -29.82 -25.56 -10.65
C ALA C 49 -29.57 -25.51 -9.15
N GLU C 50 -28.32 -25.71 -8.76
CA GLU C 50 -27.95 -25.79 -7.34
C GLU C 50 -28.77 -26.84 -6.61
N GLU C 51 -29.05 -27.93 -7.31
CA GLU C 51 -29.63 -29.13 -6.73
C GLU C 51 -28.54 -29.96 -6.08
N MET C 52 -28.96 -30.86 -5.20
CA MET C 52 -28.07 -31.80 -4.54
C MET C 52 -28.11 -33.13 -5.26
N VAL C 53 -26.96 -33.57 -5.75
CA VAL C 53 -26.81 -34.87 -6.37
C VAL C 53 -25.90 -35.72 -5.48
N GLU C 54 -25.85 -37.01 -5.76
CA GLU C 54 -25.11 -37.96 -4.96
C GLU C 54 -24.28 -38.85 -5.87
N PHE C 55 -23.15 -39.32 -5.36
CA PHE C 55 -22.25 -40.14 -6.16
C PHE C 55 -22.35 -41.60 -5.71
N SER C 56 -21.72 -42.47 -6.50
CA SER C 56 -21.85 -43.90 -6.29
C SER C 56 -21.31 -44.34 -4.94
N SER C 57 -20.47 -43.54 -4.30
CA SER C 57 -19.87 -43.89 -3.03
C SER C 57 -20.56 -43.23 -1.84
N GLY C 58 -21.78 -42.72 -2.04
CA GLY C 58 -22.48 -42.04 -0.98
C GLY C 58 -22.03 -40.63 -0.73
N LEU C 59 -21.22 -40.06 -1.61
CA LEU C 59 -20.67 -38.72 -1.45
C LEU C 59 -21.56 -37.72 -2.17
N LYS C 60 -21.86 -36.61 -1.53
CA LYS C 60 -22.80 -35.63 -2.06
C LYS C 60 -22.08 -34.63 -2.96
N GLY C 61 -22.88 -33.82 -3.64
CA GLY C 61 -22.36 -32.75 -4.47
C GLY C 61 -23.51 -31.85 -4.87
N MET C 62 -23.18 -30.71 -5.44
CA MET C 62 -24.17 -29.73 -5.86
C MET C 62 -23.95 -29.39 -7.32
N SER C 63 -25.03 -29.45 -8.11
CA SER C 63 -24.96 -29.13 -9.53
C SER C 63 -24.99 -27.63 -9.69
N LEU C 64 -23.82 -27.02 -9.86
CA LEU C 64 -23.73 -25.57 -9.92
C LEU C 64 -23.81 -25.03 -11.33
N ASN C 65 -23.19 -25.70 -12.30
CA ASN C 65 -23.21 -25.26 -13.69
C ASN C 65 -24.13 -26.15 -14.49
N LEU C 66 -25.02 -25.55 -15.27
CA LEU C 66 -25.87 -26.30 -16.19
C LEU C 66 -25.49 -25.84 -17.59
N GLU C 67 -24.50 -26.46 -18.15
CA GLU C 67 -24.13 -26.18 -19.52
C GLU C 67 -24.90 -27.10 -20.46
N PRO C 68 -24.97 -26.75 -21.75
CA PRO C 68 -25.78 -27.58 -22.65
C PRO C 68 -25.31 -29.02 -22.73
N ASP C 69 -24.00 -29.25 -22.65
CA ASP C 69 -23.45 -30.58 -22.89
C ASP C 69 -23.11 -31.35 -21.62
N ASN C 70 -22.95 -30.67 -20.49
CA ASN C 70 -22.61 -31.36 -19.25
C ASN C 70 -22.99 -30.48 -18.08
N VAL C 71 -23.07 -31.11 -16.90
CA VAL C 71 -23.43 -30.43 -15.67
C VAL C 71 -22.18 -30.36 -14.79
N GLY C 72 -21.80 -29.16 -14.41
CA GLY C 72 -20.67 -28.97 -13.54
C GLY C 72 -21.09 -29.10 -12.09
N VAL C 73 -20.57 -30.13 -11.42
CA VAL C 73 -20.95 -30.52 -10.07
C VAL C 73 -19.74 -30.30 -9.16
N VAL C 74 -20.00 -29.74 -7.97
CA VAL C 74 -18.96 -29.55 -6.96
C VAL C 74 -19.19 -30.57 -5.86
N VAL C 75 -18.11 -31.23 -5.45
CA VAL C 75 -18.21 -32.38 -4.55
C VAL C 75 -18.06 -31.90 -3.11
N PHE C 76 -19.06 -32.22 -2.28
CA PHE C 76 -19.04 -31.86 -0.86
C PHE C 76 -18.24 -32.92 -0.09
N GLY C 77 -16.93 -32.91 -0.32
CA GLY C 77 -16.06 -33.83 0.38
C GLY C 77 -14.80 -34.09 -0.42
N ASN C 78 -14.18 -35.22 -0.13
CA ASN C 78 -12.96 -35.58 -0.81
C ASN C 78 -13.25 -36.08 -2.22
N ASP C 79 -12.26 -35.94 -3.08
CA ASP C 79 -12.42 -36.16 -4.51
C ASP C 79 -11.67 -37.36 -5.06
N LYS C 80 -10.81 -38.00 -4.27
CA LYS C 80 -10.04 -39.13 -4.76
C LYS C 80 -10.91 -40.34 -5.07
N LEU C 81 -12.11 -40.40 -4.53
CA LEU C 81 -12.94 -41.59 -4.64
C LEU C 81 -13.86 -41.58 -5.85
N ILE C 82 -13.88 -40.51 -6.63
CA ILE C 82 -14.73 -40.40 -7.80
C ILE C 82 -13.89 -40.70 -9.03
N LYS C 83 -14.29 -41.70 -9.79
CA LYS C 83 -13.60 -42.08 -11.01
C LYS C 83 -14.35 -41.52 -12.22
N GLU C 84 -13.77 -41.71 -13.39
CA GLU C 84 -14.43 -41.34 -14.62
C GLU C 84 -15.34 -42.48 -15.06
N GLY C 85 -16.48 -42.12 -15.64
CA GLY C 85 -17.49 -43.11 -15.92
C GLY C 85 -18.21 -43.60 -14.70
N ASP C 86 -18.17 -42.83 -13.61
CA ASP C 86 -18.88 -43.18 -12.39
C ASP C 86 -20.37 -42.99 -12.62
N ILE C 87 -21.16 -42.89 -11.55
CA ILE C 87 -22.60 -42.68 -11.67
C ILE C 87 -23.01 -41.61 -10.67
N VAL C 88 -23.74 -40.61 -11.14
CA VAL C 88 -24.26 -39.53 -10.30
C VAL C 88 -25.78 -39.61 -10.35
N LYS C 89 -26.40 -39.77 -9.19
CA LYS C 89 -27.85 -39.86 -9.07
C LYS C 89 -28.39 -38.54 -8.52
N ARG C 90 -29.37 -37.97 -9.20
CA ARG C 90 -29.97 -36.74 -8.70
C ARG C 90 -30.95 -37.07 -7.58
N THR C 91 -30.85 -36.34 -6.48
CA THR C 91 -31.73 -36.52 -5.33
C THR C 91 -33.01 -35.71 -5.43
N GLY C 92 -33.13 -34.81 -6.40
CA GLY C 92 -34.35 -34.05 -6.59
C GLY C 92 -34.68 -33.16 -5.42
N ALA C 93 -33.70 -32.41 -4.92
CA ALA C 93 -33.94 -31.53 -3.79
C ALA C 93 -32.83 -30.49 -3.73
N ILE C 94 -33.20 -29.21 -3.78
CA ILE C 94 -32.21 -28.16 -3.60
C ILE C 94 -31.48 -28.38 -2.28
N VAL C 95 -30.24 -27.91 -2.22
CA VAL C 95 -29.42 -28.14 -1.03
C VAL C 95 -30.13 -27.59 0.18
N ASP C 96 -30.31 -28.42 1.20
CA ASP C 96 -31.00 -28.03 2.41
C ASP C 96 -30.36 -28.71 3.61
N VAL C 97 -30.61 -28.15 4.78
CA VAL C 97 -29.96 -28.59 6.02
C VAL C 97 -30.99 -28.81 7.11
N PRO C 98 -30.70 -29.66 8.10
CA PRO C 98 -31.62 -29.80 9.23
C PRO C 98 -31.69 -28.53 10.05
N VAL C 99 -32.83 -28.33 10.70
CA VAL C 99 -33.04 -27.16 11.54
C VAL C 99 -33.91 -27.56 12.72
N GLY C 100 -33.76 -26.85 13.83
CA GLY C 100 -34.57 -27.12 15.00
C GLY C 100 -33.80 -26.94 16.28
N GLU C 101 -34.49 -27.01 17.42
CA GLU C 101 -33.81 -26.98 18.70
C GLU C 101 -33.01 -28.24 18.95
N GLU C 102 -33.21 -29.29 18.15
CA GLU C 102 -32.45 -30.52 18.31
C GLU C 102 -30.96 -30.30 18.05
N LEU C 103 -30.61 -29.22 17.36
CA LEU C 103 -29.22 -28.96 17.02
C LEU C 103 -28.45 -28.25 18.12
N LEU C 104 -29.15 -27.68 19.11
CA LEU C 104 -28.47 -26.90 20.13
C LEU C 104 -27.50 -27.77 20.91
N GLY C 105 -26.30 -27.25 21.13
CA GLY C 105 -25.26 -27.97 21.83
C GLY C 105 -24.51 -28.97 20.99
N ARG C 106 -24.81 -29.06 19.70
CA ARG C 106 -24.18 -30.01 18.81
C ARG C 106 -23.23 -29.31 17.87
N VAL C 107 -22.04 -29.87 17.71
CA VAL C 107 -21.11 -29.46 16.66
C VAL C 107 -21.49 -30.22 15.41
N VAL C 108 -21.71 -29.49 14.31
CA VAL C 108 -22.12 -30.07 13.05
C VAL C 108 -21.25 -29.50 11.94
N ASP C 109 -21.16 -30.25 10.84
CA ASP C 109 -20.41 -29.77 9.69
C ASP C 109 -21.30 -28.89 8.84
N ALA C 110 -20.76 -28.40 7.72
CA ALA C 110 -21.49 -27.44 6.91
C ALA C 110 -22.81 -28.00 6.40
N LEU C 111 -22.97 -29.31 6.35
CA LEU C 111 -24.18 -29.93 5.80
C LEU C 111 -25.11 -30.46 6.89
N GLY C 112 -24.86 -30.13 8.15
CA GLY C 112 -25.74 -30.55 9.21
C GLY C 112 -25.53 -31.96 9.70
N ASN C 113 -24.34 -32.52 9.52
CA ASN C 113 -24.01 -33.84 10.05
C ASN C 113 -23.27 -33.66 11.37
N ALA C 114 -23.71 -34.39 12.39
CA ALA C 114 -23.04 -34.31 13.68
C ALA C 114 -21.56 -34.65 13.52
N ILE C 115 -20.71 -33.87 14.19
CA ILE C 115 -19.27 -33.99 14.03
C ILE C 115 -18.58 -34.40 15.32
N ASP C 116 -19.28 -34.44 16.45
CA ASP C 116 -18.67 -34.73 17.74
C ASP C 116 -19.07 -36.09 18.27
N GLY C 117 -19.50 -36.99 17.40
CA GLY C 117 -20.06 -38.25 17.86
C GLY C 117 -21.45 -38.02 18.43
N LYS C 118 -21.62 -38.27 19.72
CA LYS C 118 -22.83 -37.88 20.45
C LYS C 118 -24.12 -38.25 19.71
N GLY C 119 -24.06 -39.22 18.81
CA GLY C 119 -25.25 -39.68 18.12
C GLY C 119 -25.61 -38.82 16.93
N PRO C 120 -26.84 -38.96 16.44
CA PRO C 120 -27.30 -38.13 15.32
C PRO C 120 -28.18 -36.97 15.76
N ILE C 121 -28.59 -36.15 14.80
CA ILE C 121 -29.47 -35.02 15.06
C ILE C 121 -30.91 -35.49 14.88
N GLY C 122 -31.77 -35.13 15.82
CA GLY C 122 -33.16 -35.56 15.77
C GLY C 122 -34.05 -34.60 15.01
N SER C 123 -33.44 -33.73 14.21
CA SER C 123 -34.19 -32.70 13.51
C SER C 123 -35.35 -33.30 12.72
N LYS C 124 -36.52 -32.69 12.87
CA LYS C 124 -37.74 -33.14 12.19
C LYS C 124 -38.10 -32.26 11.00
N ALA C 125 -37.27 -31.28 10.65
CA ALA C 125 -37.55 -30.39 9.55
C ALA C 125 -36.26 -30.02 8.85
N ARG C 126 -36.38 -29.62 7.59
CA ARG C 126 -35.25 -29.20 6.78
C ARG C 126 -35.56 -27.87 6.13
N ARG C 127 -34.52 -27.09 5.90
CA ARG C 127 -34.67 -25.76 5.32
C ARG C 127 -33.63 -25.57 4.23
N ARG C 128 -34.03 -24.95 3.13
CA ARG C 128 -33.13 -24.72 2.01
C ARG C 128 -32.12 -23.63 2.35
N VAL C 129 -30.85 -23.89 2.04
CA VAL C 129 -29.81 -22.90 2.34
C VAL C 129 -30.05 -21.63 1.55
N GLY C 130 -30.37 -21.75 0.26
CA GLY C 130 -30.53 -20.58 -0.58
C GLY C 130 -31.96 -20.05 -0.58
N LEU C 131 -32.37 -19.44 0.52
CA LEU C 131 -33.69 -18.85 0.64
C LEU C 131 -33.57 -17.33 0.54
N LYS C 132 -34.58 -16.71 -0.03
CA LYS C 132 -34.57 -15.26 -0.19
C LYS C 132 -34.76 -14.58 1.15
N ALA C 133 -34.19 -13.38 1.27
CA ALA C 133 -34.29 -12.62 2.50
C ALA C 133 -35.72 -12.14 2.71
N PRO C 134 -36.10 -11.85 3.94
CA PRO C 134 -37.45 -11.34 4.19
C PRO C 134 -37.66 -10.00 3.49
N GLY C 135 -38.89 -9.79 3.04
CA GLY C 135 -39.20 -8.59 2.29
C GLY C 135 -38.98 -7.31 3.06
N ILE C 136 -39.56 -6.22 2.56
CA ILE C 136 -39.47 -4.94 3.22
C ILE C 136 -40.55 -4.78 4.29
N ILE C 137 -41.60 -5.57 4.24
CA ILE C 137 -42.77 -5.37 5.08
C ILE C 137 -42.66 -6.19 6.36
N PRO C 138 -42.19 -7.43 6.32
CA PRO C 138 -42.08 -8.19 7.57
C PRO C 138 -41.24 -7.50 8.64
N ARG C 139 -40.17 -6.83 8.25
CA ARG C 139 -39.23 -6.30 9.22
C ARG C 139 -39.87 -5.19 10.05
N ILE C 140 -39.17 -4.82 11.13
CA ILE C 140 -39.52 -3.67 11.96
C ILE C 140 -38.23 -3.15 12.58
N SER C 141 -38.15 -1.84 12.75
CA SER C 141 -36.92 -1.23 13.25
C SER C 141 -36.42 -1.96 14.49
N VAL C 142 -35.10 -1.89 14.69
CA VAL C 142 -34.45 -2.64 15.76
C VAL C 142 -34.72 -1.94 17.09
N ARG C 143 -35.29 -2.68 18.05
CA ARG C 143 -35.73 -2.10 19.31
C ARG C 143 -34.93 -2.60 20.50
N GLU C 144 -34.86 -3.91 20.71
CA GLU C 144 -34.21 -4.44 21.89
C GLU C 144 -32.69 -4.33 21.77
N PRO C 145 -31.97 -4.41 22.88
CA PRO C 145 -30.51 -4.44 22.80
C PRO C 145 -29.95 -5.85 22.85
N MET C 146 -28.91 -6.12 22.08
CA MET C 146 -28.20 -7.39 22.14
C MET C 146 -27.00 -7.18 23.06
N GLN C 147 -27.05 -7.80 24.23
CA GLN C 147 -26.08 -7.52 25.28
C GLN C 147 -24.82 -8.32 25.01
N THR C 148 -23.72 -7.61 24.73
CA THR C 148 -22.48 -8.25 24.32
C THR C 148 -21.54 -8.54 25.48
N GLY C 149 -21.65 -7.78 26.58
CA GLY C 149 -20.80 -7.98 27.72
C GLY C 149 -19.53 -7.15 27.72
N ILE C 150 -19.01 -6.81 26.54
CA ILE C 150 -17.88 -5.90 26.47
C ILE C 150 -18.36 -4.49 26.76
N LYS C 151 -17.68 -3.82 27.69
CA LYS C 151 -18.09 -2.47 28.07
C LYS C 151 -18.02 -1.53 26.87
N ALA C 152 -16.92 -1.58 26.13
CA ALA C 152 -16.73 -0.64 25.03
C ALA C 152 -17.68 -0.88 23.88
N VAL C 153 -18.27 -2.08 23.78
CA VAL C 153 -19.24 -2.35 22.73
C VAL C 153 -20.65 -2.02 23.19
N ASP C 154 -20.98 -2.33 24.44
CA ASP C 154 -22.31 -2.04 24.97
C ASP C 154 -22.51 -0.57 25.25
N SER C 155 -21.43 0.20 25.36
CA SER C 155 -21.52 1.62 25.71
C SER C 155 -21.33 2.53 24.51
N LEU C 156 -20.30 2.28 23.70
CA LEU C 156 -19.90 3.21 22.66
C LEU C 156 -20.35 2.80 21.26
N VAL C 157 -20.46 1.50 20.99
CA VAL C 157 -20.93 1.02 19.69
C VAL C 157 -22.00 -0.04 19.95
N PRO C 158 -23.16 0.33 20.49
CA PRO C 158 -24.16 -0.66 20.87
C PRO C 158 -24.72 -1.42 19.68
N ILE C 159 -25.13 -2.66 19.94
CA ILE C 159 -25.67 -3.56 18.93
C ILE C 159 -27.08 -3.94 19.33
N GLY C 160 -28.03 -3.79 18.41
CA GLY C 160 -29.39 -4.23 18.64
C GLY C 160 -29.61 -5.63 18.13
N ARG C 161 -30.86 -6.09 18.26
CA ARG C 161 -31.25 -7.41 17.79
C ARG C 161 -31.89 -7.25 16.42
N GLY C 162 -31.33 -7.92 15.42
CA GLY C 162 -31.66 -7.69 14.04
C GLY C 162 -30.66 -6.83 13.30
N GLN C 163 -29.70 -6.25 14.02
CA GLN C 163 -28.62 -5.51 13.40
C GLN C 163 -27.59 -6.48 12.84
N ARG C 164 -26.71 -5.97 11.97
CA ARG C 164 -25.64 -6.76 11.36
C ARG C 164 -24.32 -6.03 11.59
N GLU C 165 -23.77 -6.19 12.79
CA GLU C 165 -22.48 -5.60 13.08
C GLU C 165 -21.39 -6.31 12.27
N LEU C 166 -20.25 -5.64 12.14
CA LEU C 166 -19.08 -6.21 11.50
C LEU C 166 -17.90 -6.07 12.44
N ILE C 167 -17.20 -7.16 12.69
CA ILE C 167 -15.97 -7.16 13.46
C ILE C 167 -14.83 -7.31 12.47
N ILE C 168 -14.08 -6.25 12.25
CA ILE C 168 -13.06 -6.21 11.21
C ILE C 168 -11.75 -5.79 11.83
N GLY C 169 -10.69 -6.51 11.50
CA GLY C 169 -9.39 -6.20 12.05
C GLY C 169 -8.33 -7.00 11.36
N ASP C 170 -7.14 -7.01 11.96
CA ASP C 170 -6.04 -7.81 11.45
C ASP C 170 -6.05 -9.17 12.14
N ARG C 171 -5.04 -9.98 11.85
CA ARG C 171 -4.92 -11.27 12.50
C ARG C 171 -4.44 -11.09 13.93
N GLN C 172 -5.11 -11.76 14.86
CA GLN C 172 -4.72 -11.76 16.27
C GLN C 172 -4.82 -10.35 16.86
N THR C 173 -6.02 -9.76 16.75
CA THR C 173 -6.35 -8.54 17.48
C THR C 173 -7.44 -8.73 18.51
N GLY C 174 -8.23 -9.80 18.39
CA GLY C 174 -9.24 -10.10 19.38
C GLY C 174 -10.65 -10.04 18.82
N LYS C 175 -10.88 -10.72 17.71
CA LYS C 175 -12.20 -10.76 17.10
C LYS C 175 -13.00 -11.97 17.57
N THR C 176 -12.42 -13.17 17.44
CA THR C 176 -13.06 -14.34 18.00
C THR C 176 -13.28 -14.18 19.50
N SER C 177 -12.43 -13.42 20.18
CA SER C 177 -12.64 -13.18 21.59
C SER C 177 -13.93 -12.40 21.84
N ILE C 178 -14.19 -11.38 21.02
CA ILE C 178 -15.44 -10.64 21.14
C ILE C 178 -16.62 -11.56 20.83
N ALA C 179 -16.49 -12.40 19.81
CA ALA C 179 -17.57 -13.32 19.48
C ALA C 179 -17.87 -14.25 20.65
N ILE C 180 -16.82 -14.80 21.27
CA ILE C 180 -17.03 -15.75 22.37
C ILE C 180 -17.59 -15.05 23.59
N ASP C 181 -17.15 -13.82 23.85
CA ASP C 181 -17.72 -13.09 24.97
C ASP C 181 -19.21 -12.84 24.75
N THR C 182 -19.59 -12.47 23.53
CA THR C 182 -21.00 -12.30 23.23
C THR C 182 -21.77 -13.60 23.45
N ILE C 183 -21.20 -14.72 22.99
CA ILE C 183 -21.89 -16.01 23.17
C ILE C 183 -22.04 -16.34 24.64
N ILE C 184 -20.97 -16.14 25.41
CA ILE C 184 -20.98 -16.55 26.82
C ILE C 184 -21.92 -15.67 27.62
N ASN C 185 -22.02 -14.38 27.27
CA ASN C 185 -22.83 -13.49 28.07
C ASN C 185 -24.29 -13.92 28.09
N GLN C 186 -24.81 -14.41 26.96
CA GLN C 186 -26.21 -14.77 26.87
C GLN C 186 -26.62 -15.84 27.87
N LYS C 187 -25.69 -16.38 28.65
CA LYS C 187 -26.05 -17.42 29.61
C LYS C 187 -27.00 -16.89 30.66
N ARG C 188 -26.78 -15.66 31.14
CA ARG C 188 -27.63 -15.12 32.18
C ARG C 188 -29.07 -14.98 31.69
N PHE C 189 -29.25 -14.56 30.45
CA PHE C 189 -30.60 -14.43 29.91
C PHE C 189 -31.22 -15.78 29.60
N ASN C 190 -30.42 -16.72 29.09
CA ASN C 190 -30.95 -18.02 28.73
C ASN C 190 -31.32 -18.84 29.96
N ASP C 191 -30.65 -18.61 31.08
CA ASP C 191 -30.98 -19.32 32.31
C ASP C 191 -32.26 -18.80 32.94
N GLY C 192 -32.56 -17.52 32.78
CA GLY C 192 -33.75 -16.93 33.35
C GLY C 192 -35.03 -17.56 32.84
N THR C 193 -36.15 -16.88 33.03
CA THR C 193 -37.47 -17.42 32.74
C THR C 193 -38.09 -16.85 31.48
N ASP C 194 -38.13 -15.53 31.34
CA ASP C 194 -38.78 -14.92 30.19
C ASP C 194 -38.10 -15.36 28.91
N GLU C 195 -38.91 -15.70 27.91
CA GLU C 195 -38.40 -16.14 26.62
C GLU C 195 -38.13 -14.98 25.66
N LYS C 196 -38.48 -13.75 26.04
CA LYS C 196 -38.23 -12.61 25.18
C LYS C 196 -36.80 -12.11 25.23
N LYS C 197 -36.00 -12.62 26.17
CA LYS C 197 -34.60 -12.27 26.26
C LYS C 197 -33.66 -13.39 25.85
N LYS C 198 -34.12 -14.64 25.90
CA LYS C 198 -33.27 -15.76 25.54
C LYS C 198 -32.80 -15.61 24.10
N LEU C 199 -31.50 -15.78 23.89
CA LEU C 199 -30.88 -15.62 22.58
C LEU C 199 -30.05 -16.85 22.29
N TYR C 200 -30.45 -17.61 21.28
CA TYR C 200 -29.72 -18.81 20.88
C TYR C 200 -28.60 -18.41 19.92
N CYS C 201 -27.41 -18.92 20.17
CA CYS C 201 -26.22 -18.50 19.45
C CYS C 201 -25.79 -19.56 18.46
N ILE C 202 -25.34 -19.12 17.29
CA ILE C 202 -24.80 -19.99 16.26
C ILE C 202 -23.43 -19.46 15.90
N TYR C 203 -22.46 -20.35 15.83
CA TYR C 203 -21.09 -19.97 15.51
C TYR C 203 -20.66 -20.74 14.28
N VAL C 204 -20.43 -20.04 13.18
CA VAL C 204 -19.96 -20.65 11.94
C VAL C 204 -18.46 -20.43 11.88
N ALA C 205 -17.71 -21.53 11.87
CA ALA C 205 -16.25 -21.50 11.89
C ALA C 205 -15.75 -21.93 10.52
N ILE C 206 -15.22 -20.98 9.76
CA ILE C 206 -14.90 -21.18 8.35
C ILE C 206 -13.40 -21.11 8.20
N GLY C 207 -12.80 -22.18 7.69
CA GLY C 207 -11.38 -22.18 7.44
C GLY C 207 -10.51 -22.25 8.67
N GLN C 208 -11.08 -22.33 9.86
CA GLN C 208 -10.29 -22.46 11.08
C GLN C 208 -9.87 -23.89 11.27
N LYS C 209 -8.61 -24.08 11.68
CA LYS C 209 -8.12 -25.44 11.88
C LYS C 209 -8.87 -26.11 13.02
N ARG C 210 -9.05 -27.42 12.89
CA ARG C 210 -9.92 -28.14 13.82
C ARG C 210 -9.49 -27.93 15.26
N SER C 211 -8.20 -27.71 15.51
CA SER C 211 -7.75 -27.49 16.88
C SER C 211 -8.37 -26.23 17.46
N THR C 212 -8.45 -25.16 16.66
CA THR C 212 -9.05 -23.93 17.14
C THR C 212 -10.52 -24.13 17.48
N VAL C 213 -11.27 -24.82 16.63
CA VAL C 213 -12.67 -25.04 16.93
C VAL C 213 -12.83 -25.94 18.15
N ALA C 214 -11.93 -26.91 18.35
CA ALA C 214 -11.99 -27.72 19.56
C ALA C 214 -11.73 -26.89 20.79
N GLN C 215 -10.73 -26.00 20.74
CA GLN C 215 -10.49 -25.10 21.86
C GLN C 215 -11.73 -24.27 22.15
N LEU C 216 -12.35 -23.75 21.10
CA LEU C 216 -13.54 -22.91 21.25
C LEU C 216 -14.69 -23.69 21.86
N VAL C 217 -14.93 -24.91 21.40
CA VAL C 217 -16.03 -25.71 21.92
C VAL C 217 -15.79 -26.07 23.38
N LYS C 218 -14.57 -26.43 23.73
CA LYS C 218 -14.29 -26.72 25.14
C LYS C 218 -14.42 -25.47 25.99
N ARG C 219 -14.06 -24.30 25.44
CA ARG C 219 -14.23 -23.07 26.19
C ARG C 219 -15.70 -22.77 26.44
N LEU C 220 -16.55 -22.98 25.43
CA LEU C 220 -17.99 -22.79 25.63
C LEU C 220 -18.54 -23.79 26.63
N THR C 221 -18.05 -25.04 26.58
CA THR C 221 -18.51 -26.04 27.54
C THR C 221 -18.10 -25.65 28.96
N ASP C 222 -16.89 -25.13 29.13
CA ASP C 222 -16.45 -24.72 30.47
C ASP C 222 -17.37 -23.63 31.03
N ALA C 223 -17.70 -22.64 30.22
CA ALA C 223 -18.63 -21.60 30.63
C ALA C 223 -20.08 -22.05 30.57
N ASP C 224 -20.33 -23.33 30.34
CA ASP C 224 -21.68 -23.87 30.23
C ASP C 224 -22.49 -23.01 29.28
N ALA C 225 -22.05 -22.98 28.02
CA ALA C 225 -22.69 -22.17 26.99
C ALA C 225 -23.01 -22.97 25.74
N MET C 226 -22.97 -24.30 25.81
CA MET C 226 -23.43 -25.13 24.70
C MET C 226 -24.89 -25.53 24.86
N LYS C 227 -25.53 -25.18 25.97
CA LYS C 227 -26.95 -25.47 26.09
C LYS C 227 -27.75 -24.82 24.97
N TYR C 228 -27.24 -23.71 24.43
CA TYR C 228 -27.97 -22.90 23.47
C TYR C 228 -27.11 -22.51 22.27
N THR C 229 -25.93 -23.10 22.11
CA THR C 229 -25.05 -22.79 21.01
C THR C 229 -25.03 -23.93 20.00
N ILE C 230 -25.06 -23.57 18.73
CA ILE C 230 -24.74 -24.49 17.64
C ILE C 230 -23.39 -24.07 17.09
N VAL C 231 -22.57 -25.03 16.70
CA VAL C 231 -21.28 -24.76 16.08
C VAL C 231 -21.27 -25.47 14.74
N VAL C 232 -21.22 -24.70 13.67
CA VAL C 232 -21.16 -25.21 12.31
C VAL C 232 -19.73 -25.01 11.83
N SER C 233 -18.96 -26.09 11.79
CA SER C 233 -17.54 -26.01 11.48
C SER C 233 -17.29 -26.53 10.07
N ALA C 234 -16.78 -25.66 9.21
CA ALA C 234 -16.26 -26.04 7.90
C ALA C 234 -14.77 -25.73 7.87
N THR C 235 -14.00 -26.55 8.58
CA THR C 235 -12.61 -26.25 8.85
C THR C 235 -11.79 -26.28 7.57
N ALA C 236 -10.48 -26.08 7.73
CA ALA C 236 -9.61 -25.86 6.58
C ALA C 236 -9.55 -27.07 5.67
N SER C 237 -9.54 -28.27 6.25
CA SER C 237 -9.41 -29.49 5.46
C SER C 237 -10.69 -29.90 4.78
N ASP C 238 -11.74 -29.09 4.85
CA ASP C 238 -13.02 -29.40 4.24
C ASP C 238 -13.07 -28.77 2.86
N ALA C 239 -13.40 -29.57 1.86
CA ALA C 239 -13.43 -29.12 0.48
C ALA C 239 -14.08 -27.76 0.37
N ALA C 240 -13.63 -26.96 -0.59
CA ALA C 240 -14.08 -25.59 -0.75
C ALA C 240 -15.60 -25.51 -0.83
N PRO C 241 -16.27 -26.45 -1.51
CA PRO C 241 -17.73 -26.39 -1.56
C PRO C 241 -18.40 -26.45 -0.20
N LEU C 242 -17.69 -26.83 0.85
CA LEU C 242 -18.27 -26.84 2.19
C LEU C 242 -18.02 -25.53 2.93
N GLN C 243 -16.82 -24.96 2.79
CA GLN C 243 -16.57 -23.65 3.38
C GLN C 243 -17.39 -22.58 2.70
N TYR C 244 -17.67 -22.75 1.41
CA TYR C 244 -18.59 -21.89 0.72
C TYR C 244 -19.99 -21.94 1.31
N LEU C 245 -20.46 -23.12 1.67
CA LEU C 245 -21.86 -23.32 2.01
C LEU C 245 -22.13 -23.24 3.49
N ALA C 246 -21.10 -23.29 4.35
CA ALA C 246 -21.33 -23.26 5.79
C ALA C 246 -22.05 -22.01 6.26
N PRO C 247 -21.68 -20.80 5.83
CA PRO C 247 -22.45 -19.63 6.27
C PRO C 247 -23.93 -19.75 5.99
N TYR C 248 -24.28 -20.29 4.83
CA TYR C 248 -25.68 -20.38 4.46
C TYR C 248 -26.40 -21.44 5.30
N SER C 249 -25.72 -22.52 5.62
CA SER C 249 -26.31 -23.51 6.52
C SER C 249 -26.58 -22.90 7.89
N GLY C 250 -25.59 -22.22 8.46
CA GLY C 250 -25.81 -21.58 9.75
C GLY C 250 -26.92 -20.54 9.69
N CYS C 251 -26.97 -19.78 8.60
CA CYS C 251 -28.01 -18.78 8.46
C CYS C 251 -29.38 -19.42 8.35
N SER C 252 -29.49 -20.60 7.75
CA SER C 252 -30.77 -21.30 7.77
C SER C 252 -31.12 -21.76 9.17
N MET C 253 -30.14 -22.27 9.91
CA MET C 253 -30.41 -22.69 11.29
C MET C 253 -30.86 -21.51 12.15
N GLY C 254 -30.40 -20.30 11.82
CA GLY C 254 -30.89 -19.12 12.53
C GLY C 254 -32.18 -18.57 11.99
N GLU C 255 -32.43 -18.75 10.69
CA GLU C 255 -33.71 -18.35 10.12
C GLU C 255 -34.84 -19.17 10.71
N TYR C 256 -34.57 -20.43 11.04
CA TYR C 256 -35.58 -21.23 11.70
C TYR C 256 -35.99 -20.57 13.02
N PHE C 257 -35.01 -20.11 13.78
CA PHE C 257 -35.33 -19.47 15.06
C PHE C 257 -36.10 -18.18 14.85
N ARG C 258 -35.61 -17.29 14.00
CA ARG C 258 -36.32 -16.01 13.89
C ARG C 258 -37.72 -16.21 13.31
N ASP C 259 -37.90 -17.20 12.45
CA ASP C 259 -39.22 -17.44 11.87
C ASP C 259 -40.23 -17.97 12.89
N ASN C 260 -39.77 -18.37 14.08
CA ASN C 260 -40.64 -18.94 15.10
C ASN C 260 -40.65 -18.09 16.37
N GLY C 261 -40.58 -16.78 16.23
CA GLY C 261 -40.71 -15.91 17.37
C GLY C 261 -39.54 -15.90 18.32
N LYS C 262 -38.53 -16.74 18.11
CA LYS C 262 -37.36 -16.77 18.96
C LYS C 262 -36.29 -15.84 18.40
N HIS C 263 -35.24 -15.65 19.18
CA HIS C 263 -34.14 -14.78 18.80
C HIS C 263 -32.88 -15.61 18.64
N ALA C 264 -32.07 -15.27 17.64
CA ALA C 264 -30.86 -16.00 17.34
C ALA C 264 -29.72 -15.03 17.08
N LEU C 265 -28.51 -15.51 17.30
CA LEU C 265 -27.28 -14.80 17.02
C LEU C 265 -26.39 -15.72 16.20
N ILE C 266 -25.93 -15.24 15.05
CA ILE C 266 -25.06 -16.03 14.20
C ILE C 266 -23.78 -15.23 13.96
N ILE C 267 -22.65 -15.93 13.94
CA ILE C 267 -21.34 -15.30 13.91
C ILE C 267 -20.52 -16.02 12.84
N TYR C 268 -20.42 -15.40 11.66
CA TYR C 268 -19.58 -15.95 10.60
C TYR C 268 -18.13 -15.56 10.84
N ASP C 269 -17.22 -16.51 10.68
CA ASP C 269 -15.88 -16.37 11.27
C ASP C 269 -14.93 -17.28 10.50
N ASP C 270 -14.35 -16.79 9.39
CA ASP C 270 -14.51 -15.46 8.81
C ASP C 270 -15.36 -15.52 7.56
N LEU C 271 -15.78 -14.36 7.07
CA LEU C 271 -16.33 -14.28 5.72
C LEU C 271 -15.24 -14.12 4.67
N SER C 272 -14.07 -13.62 5.06
CA SER C 272 -12.95 -13.51 4.16
C SER C 272 -12.41 -14.86 3.70
N LYS C 273 -12.80 -15.95 4.36
CA LYS C 273 -12.44 -17.29 3.93
C LYS C 273 -13.54 -17.97 3.13
N GLN C 274 -14.79 -17.63 3.40
CA GLN C 274 -15.85 -18.02 2.48
C GLN C 274 -15.62 -17.41 1.10
N ALA C 275 -15.14 -16.16 1.06
CA ALA C 275 -14.83 -15.55 -0.22
C ALA C 275 -13.75 -16.33 -0.97
N VAL C 276 -12.72 -16.78 -0.25
CA VAL C 276 -11.65 -17.52 -0.89
C VAL C 276 -12.15 -18.88 -1.38
N ALA C 277 -12.97 -19.56 -0.58
CA ALA C 277 -13.51 -20.84 -1.03
C ALA C 277 -14.39 -20.66 -2.26
N TYR C 278 -15.20 -19.61 -2.27
CA TYR C 278 -16.01 -19.33 -3.45
C TYR C 278 -15.15 -19.06 -4.66
N ARG C 279 -14.06 -18.31 -4.47
CA ARG C 279 -13.17 -18.04 -5.59
C ARG C 279 -12.57 -19.32 -6.13
N GLN C 280 -12.16 -20.23 -5.25
CA GLN C 280 -11.60 -21.49 -5.72
C GLN C 280 -12.65 -22.28 -6.51
N MET C 281 -13.87 -22.39 -5.97
CA MET C 281 -14.93 -23.05 -6.70
C MET C 281 -15.10 -22.44 -8.09
N SER C 282 -15.25 -21.12 -8.13
CA SER C 282 -15.55 -20.45 -9.40
C SER C 282 -14.41 -20.60 -10.39
N LEU C 283 -13.18 -20.61 -9.92
CA LEU C 283 -12.06 -20.76 -10.83
C LEU C 283 -11.93 -22.18 -11.34
N LEU C 284 -12.36 -23.16 -10.55
CA LEU C 284 -12.29 -24.54 -10.99
C LEU C 284 -13.52 -24.96 -11.80
N LEU C 285 -14.59 -24.18 -11.81
CA LEU C 285 -15.67 -24.34 -12.77
C LEU C 285 -15.39 -23.61 -14.07
N ARG C 286 -14.25 -22.92 -14.16
CA ARG C 286 -13.77 -22.20 -15.33
C ARG C 286 -14.48 -20.87 -15.52
N ARG C 287 -15.29 -20.42 -14.58
CA ARG C 287 -15.91 -19.12 -14.73
C ARG C 287 -14.84 -18.03 -14.75
N PRO C 288 -14.96 -17.02 -15.60
CA PRO C 288 -13.89 -16.03 -15.73
C PRO C 288 -13.65 -15.31 -14.41
N PRO C 289 -12.41 -15.00 -14.08
CA PRO C 289 -12.12 -14.30 -12.82
C PRO C 289 -12.49 -12.83 -12.92
N GLY C 290 -12.35 -12.14 -11.80
CA GLY C 290 -12.64 -10.72 -11.73
C GLY C 290 -11.47 -9.94 -11.18
N ARG C 291 -11.73 -9.10 -10.18
CA ARG C 291 -10.69 -8.28 -9.57
C ARG C 291 -10.09 -9.03 -8.39
N GLU C 292 -8.76 -9.11 -8.35
CA GLU C 292 -8.03 -9.95 -7.41
C GLU C 292 -8.37 -11.42 -7.58
N ALA C 293 -8.90 -11.79 -8.74
CA ALA C 293 -9.27 -13.14 -9.13
C ALA C 293 -10.60 -13.57 -8.52
N TYR C 294 -11.22 -12.77 -7.67
CA TYR C 294 -12.52 -13.12 -7.15
C TYR C 294 -13.55 -13.05 -8.26
N PRO C 295 -14.55 -13.92 -8.26
CA PRO C 295 -15.59 -13.84 -9.28
C PRO C 295 -16.31 -12.50 -9.20
N GLY C 296 -17.06 -12.19 -10.26
CA GLY C 296 -17.83 -10.97 -10.25
C GLY C 296 -18.90 -10.99 -9.16
N ASP C 297 -19.52 -12.14 -8.95
CA ASP C 297 -20.59 -12.30 -7.96
C ASP C 297 -20.08 -12.46 -6.55
N VAL C 298 -19.03 -11.73 -6.17
CA VAL C 298 -18.48 -11.88 -4.83
C VAL C 298 -19.18 -10.95 -3.84
N PHE C 299 -19.67 -9.80 -4.30
CA PHE C 299 -20.52 -8.97 -3.45
C PHE C 299 -21.85 -9.66 -3.19
N TYR C 300 -22.50 -10.14 -4.25
CA TYR C 300 -23.77 -10.84 -4.08
C TYR C 300 -23.64 -11.93 -3.04
N LEU C 301 -22.64 -12.79 -3.20
CA LEU C 301 -22.32 -13.85 -2.24
C LEU C 301 -22.60 -13.42 -0.80
N HIS C 302 -22.13 -12.24 -0.42
CA HIS C 302 -22.27 -11.81 0.97
C HIS C 302 -23.55 -11.04 1.20
N SER C 303 -23.95 -10.21 0.23
CA SER C 303 -25.14 -9.39 0.44
C SER C 303 -26.39 -10.25 0.61
N ARG C 304 -26.51 -11.30 -0.19
CA ARG C 304 -27.63 -12.21 -0.04
C ARG C 304 -27.57 -12.98 1.27
N LEU C 305 -26.41 -13.04 1.91
CA LEU C 305 -26.24 -13.80 3.13
C LEU C 305 -26.48 -12.95 4.37
N LEU C 306 -25.99 -11.72 4.37
CA LEU C 306 -26.19 -10.83 5.50
C LEU C 306 -27.53 -10.13 5.46
N GLU C 307 -28.26 -10.22 4.36
CA GLU C 307 -29.59 -9.62 4.30
C GLU C 307 -30.64 -10.49 4.95
N ARG C 308 -30.29 -11.69 5.39
CA ARG C 308 -31.22 -12.58 6.08
C ARG C 308 -31.27 -12.32 7.57
N ALA C 309 -30.41 -11.45 8.10
CA ALA C 309 -30.42 -11.10 9.51
C ALA C 309 -31.41 -9.96 9.70
N ALA C 310 -32.67 -10.32 9.91
CA ALA C 310 -33.77 -9.37 9.97
C ALA C 310 -34.29 -9.23 11.38
N LYS C 311 -35.32 -8.41 11.53
CA LYS C 311 -36.05 -8.20 12.78
C LYS C 311 -37.54 -8.26 12.45
N MET C 312 -38.11 -9.44 12.53
CA MET C 312 -39.49 -9.61 12.13
C MET C 312 -40.41 -8.80 13.03
N ASN C 313 -41.47 -8.27 12.44
CA ASN C 313 -42.46 -7.54 13.21
C ASN C 313 -43.30 -8.51 14.02
N ASP C 314 -44.20 -7.98 14.85
CA ASP C 314 -44.97 -8.84 15.73
C ASP C 314 -45.99 -9.68 14.99
N ALA C 315 -46.30 -9.34 13.74
CA ALA C 315 -47.21 -10.17 12.96
C ALA C 315 -46.52 -11.44 12.47
N PHE C 316 -45.20 -11.37 12.23
CA PHE C 316 -44.43 -12.52 11.77
C PHE C 316 -43.67 -13.18 12.91
N GLY C 317 -44.26 -13.20 14.09
CA GLY C 317 -43.65 -13.86 15.23
C GLY C 317 -42.94 -12.91 16.15
N GLY C 318 -42.29 -11.91 15.60
CA GLY C 318 -41.47 -11.00 16.37
C GLY C 318 -40.04 -11.45 16.55
N GLY C 319 -39.68 -12.61 16.00
CA GLY C 319 -38.33 -13.11 16.16
C GLY C 319 -37.32 -12.27 15.41
N SER C 320 -36.06 -12.45 15.77
CA SER C 320 -34.97 -11.70 15.20
C SER C 320 -33.81 -12.62 14.90
N LEU C 321 -32.82 -12.10 14.18
CA LEU C 321 -31.58 -12.84 13.91
C LEU C 321 -30.47 -11.82 13.72
N THR C 322 -29.67 -11.62 14.76
CA THR C 322 -28.49 -10.77 14.67
C THR C 322 -27.38 -11.49 13.93
N ALA C 323 -26.44 -10.73 13.39
CA ALA C 323 -25.29 -11.29 12.69
C ALA C 323 -24.05 -10.50 13.02
N LEU C 324 -22.95 -11.19 13.24
CA LEU C 324 -21.65 -10.58 13.54
C LEU C 324 -20.60 -11.17 12.62
N PRO C 325 -20.64 -10.85 11.33
CA PRO C 325 -19.57 -11.29 10.43
C PRO C 325 -18.22 -10.81 10.90
N VAL C 326 -17.20 -11.65 10.69
CA VAL C 326 -15.83 -11.33 11.06
C VAL C 326 -15.00 -11.28 9.79
N ILE C 327 -14.40 -10.14 9.52
CA ILE C 327 -13.53 -9.95 8.39
C ILE C 327 -12.10 -9.80 8.90
N GLU C 328 -11.14 -10.08 8.04
CA GLU C 328 -9.72 -10.00 8.37
C GLU C 328 -9.04 -9.16 7.33
N THR C 329 -8.51 -8.01 7.72
CA THR C 329 -7.79 -7.15 6.80
C THR C 329 -6.31 -7.48 6.81
N GLN C 330 -5.60 -6.94 5.84
CA GLN C 330 -4.16 -7.18 5.67
C GLN C 330 -3.41 -5.91 6.04
N ALA C 331 -2.75 -5.93 7.19
CA ALA C 331 -1.99 -4.78 7.67
C ALA C 331 -2.87 -3.55 7.83
N GLY C 332 -4.13 -3.76 8.19
CA GLY C 332 -5.04 -2.65 8.38
C GLY C 332 -5.59 -2.04 7.12
N ASP C 333 -5.25 -2.59 5.95
CA ASP C 333 -5.77 -2.10 4.68
C ASP C 333 -7.26 -2.41 4.63
N VAL C 334 -8.03 -1.57 5.32
CA VAL C 334 -9.49 -1.69 5.26
C VAL C 334 -9.99 -1.46 3.85
N SER C 335 -9.27 -0.67 3.08
CA SER C 335 -9.64 -0.35 1.71
C SER C 335 -9.52 -1.51 0.78
N ALA C 336 -9.32 -2.76 1.20
CA ALA C 336 -9.19 -3.86 0.26
C ALA C 336 -10.54 -4.12 -0.38
N TYR C 337 -10.68 -5.26 -1.04
CA TYR C 337 -11.88 -5.54 -1.82
C TYR C 337 -13.00 -6.09 -0.94
N ILE C 338 -12.82 -7.30 -0.43
CA ILE C 338 -13.86 -7.91 0.42
C ILE C 338 -14.13 -7.05 1.65
N PRO C 339 -13.14 -6.50 2.34
CA PRO C 339 -13.46 -5.61 3.45
C PRO C 339 -14.41 -4.48 3.08
N THR C 340 -14.19 -3.82 1.94
CA THR C 340 -15.07 -2.72 1.57
C THR C 340 -16.45 -3.24 1.19
N ASN C 341 -16.52 -4.37 0.50
CA ASN C 341 -17.83 -4.93 0.19
C ASN C 341 -18.64 -5.14 1.46
N VAL C 342 -18.06 -5.85 2.43
CA VAL C 342 -18.82 -6.19 3.62
C VAL C 342 -19.04 -4.96 4.49
N ILE C 343 -18.18 -3.96 4.40
CA ILE C 343 -18.39 -2.72 5.13
C ILE C 343 -19.61 -1.99 4.58
N SER C 344 -19.77 -1.98 3.26
CA SER C 344 -20.93 -1.35 2.66
C SER C 344 -22.16 -2.24 2.68
N ILE C 345 -22.03 -3.48 3.13
CA ILE C 345 -23.21 -4.34 3.30
C ILE C 345 -23.80 -4.23 4.70
N THR C 346 -22.96 -4.11 5.72
CA THR C 346 -23.39 -4.24 7.10
C THR C 346 -23.92 -2.92 7.65
N ASP C 347 -24.36 -2.95 8.90
CA ASP C 347 -24.84 -1.75 9.58
C ASP C 347 -23.67 -1.04 10.25
N GLY C 348 -23.37 -1.42 11.49
CA GLY C 348 -22.25 -0.85 12.20
C GLY C 348 -20.95 -1.54 11.85
N GLN C 349 -19.93 -1.24 12.64
CA GLN C 349 -18.63 -1.85 12.49
C GLN C 349 -17.92 -1.80 13.83
N ILE C 350 -16.89 -2.62 13.98
CA ILE C 350 -16.07 -2.62 15.18
C ILE C 350 -14.62 -2.77 14.77
N PHE C 351 -13.91 -1.67 14.67
CA PHE C 351 -12.54 -1.69 14.17
C PHE C 351 -11.59 -2.04 15.29
N LEU C 352 -10.93 -3.19 15.18
CA LEU C 352 -9.88 -3.58 16.11
C LEU C 352 -8.53 -3.29 15.45
N GLU C 353 -7.63 -2.68 16.22
CA GLU C 353 -6.36 -2.22 15.69
C GLU C 353 -5.21 -2.77 16.51
N THR C 354 -4.15 -3.21 15.82
CA THR C 354 -3.00 -3.77 16.51
C THR C 354 -2.24 -2.72 17.30
N GLU C 355 -2.18 -1.49 16.78
CA GLU C 355 -1.51 -0.42 17.51
C GLU C 355 -2.18 -0.18 18.86
N LEU C 356 -3.48 -0.44 18.95
CA LEU C 356 -4.19 -0.36 20.22
C LEU C 356 -4.07 -1.65 21.02
N PHE C 357 -3.97 -2.78 20.35
CA PHE C 357 -3.80 -4.04 21.06
C PHE C 357 -2.48 -4.06 21.83
N TYR C 358 -1.41 -3.54 21.23
CA TYR C 358 -0.12 -3.56 21.90
C TYR C 358 0.07 -2.39 22.83
N LYS C 359 -0.62 -1.27 22.59
CA LYS C 359 -0.55 -0.15 23.50
C LYS C 359 -1.28 -0.42 24.81
N GLY C 360 -1.87 -1.61 24.99
CA GLY C 360 -2.50 -1.98 26.22
C GLY C 360 -4.01 -1.93 26.20
N ILE C 361 -4.61 -1.39 25.15
CA ILE C 361 -6.05 -1.23 25.06
C ILE C 361 -6.62 -2.54 24.52
N ARG C 362 -7.26 -3.32 25.38
CA ARG C 362 -7.86 -4.59 24.99
C ARG C 362 -9.24 -4.69 25.62
N PRO C 363 -10.31 -4.90 24.85
CA PRO C 363 -10.34 -5.10 23.40
C PRO C 363 -9.92 -3.87 22.63
N ALA C 364 -9.26 -4.06 21.50
CA ALA C 364 -8.68 -2.97 20.75
C ALA C 364 -9.70 -2.08 20.11
N ILE C 365 -11.00 -2.23 20.39
CA ILE C 365 -12.04 -1.51 19.68
C ILE C 365 -11.63 -0.05 19.50
N ASN C 366 -11.46 0.36 18.25
CA ASN C 366 -11.12 1.73 17.92
C ASN C 366 -12.42 2.54 17.97
N VAL C 367 -12.72 3.09 19.15
CA VAL C 367 -13.99 3.77 19.35
C VAL C 367 -14.14 4.97 18.45
N GLY C 368 -13.02 5.51 17.94
CA GLY C 368 -13.11 6.65 17.05
C GLY C 368 -13.79 6.32 15.73
N LEU C 369 -13.47 5.17 15.16
CA LEU C 369 -14.02 4.76 13.87
C LEU C 369 -15.19 3.82 13.99
N SER C 370 -15.28 3.04 15.06
CA SER C 370 -16.38 2.10 15.20
C SER C 370 -17.71 2.85 15.19
N VAL C 371 -18.68 2.29 14.46
CA VAL C 371 -19.97 2.93 14.27
C VAL C 371 -21.08 1.92 14.50
N SER C 372 -22.28 2.44 14.72
CA SER C 372 -23.47 1.62 14.84
C SER C 372 -24.65 2.47 14.39
N ARG C 373 -25.27 2.11 13.27
CA ARG C 373 -26.34 2.95 12.74
C ARG C 373 -27.50 3.07 13.72
N VAL C 374 -27.85 1.99 14.41
CA VAL C 374 -28.96 2.06 15.35
C VAL C 374 -28.65 3.07 16.45
N GLY C 375 -27.44 3.01 17.00
CA GLY C 375 -27.00 3.94 18.01
C GLY C 375 -27.99 4.11 19.14
N SER C 376 -28.70 5.25 19.15
CA SER C 376 -29.64 5.56 20.22
C SER C 376 -30.51 4.36 20.54
N ALA C 377 -31.41 4.01 19.63
CA ALA C 377 -32.27 2.85 19.83
C ALA C 377 -31.42 1.64 20.16
N ALA C 378 -32.03 0.60 20.72
CA ALA C 378 -31.31 -0.62 21.07
C ALA C 378 -30.23 -0.35 22.12
N GLN C 379 -30.56 0.50 23.09
CA GLN C 379 -29.69 0.74 24.23
C GLN C 379 -30.57 0.97 25.45
N THR C 380 -30.21 0.34 26.56
CA THR C 380 -30.99 0.52 27.78
C THR C 380 -30.89 1.97 28.26
N ARG C 381 -31.92 2.41 28.98
CA ARG C 381 -32.01 3.82 29.33
C ARG C 381 -30.86 4.24 30.24
N ALA C 382 -30.46 3.38 31.17
CA ALA C 382 -29.33 3.71 32.04
C ALA C 382 -28.05 3.86 31.23
N MET C 383 -27.76 2.86 30.39
CA MET C 383 -26.61 2.96 29.51
C MET C 383 -26.73 4.15 28.59
N LYS C 384 -27.94 4.43 28.09
CA LYS C 384 -28.11 5.59 27.23
C LYS C 384 -27.75 6.87 27.96
N GLN C 385 -28.15 6.98 29.23
CA GLN C 385 -27.85 8.17 30.01
C GLN C 385 -26.35 8.33 30.21
N VAL C 386 -25.67 7.25 30.57
CA VAL C 386 -24.28 7.38 31.02
C VAL C 386 -23.30 7.37 29.84
N ALA C 387 -23.46 6.40 28.93
CA ALA C 387 -22.56 6.29 27.80
C ALA C 387 -22.58 7.53 26.92
N GLY C 388 -23.66 8.30 26.92
CA GLY C 388 -23.64 9.53 26.16
C GLY C 388 -22.60 10.51 26.65
N THR C 389 -22.58 10.75 27.96
CA THR C 389 -21.57 11.64 28.52
C THR C 389 -20.18 11.05 28.37
N MET C 390 -20.06 9.73 28.52
CA MET C 390 -18.76 9.11 28.30
C MET C 390 -18.29 9.30 26.86
N LYS C 391 -19.20 9.16 25.91
CA LYS C 391 -18.86 9.34 24.50
C LYS C 391 -18.39 10.76 24.23
N LEU C 392 -19.10 11.75 24.78
CA LEU C 392 -18.65 13.12 24.60
C LEU C 392 -17.27 13.34 25.23
N GLU C 393 -17.05 12.79 26.42
CA GLU C 393 -15.77 13.00 27.08
C GLU C 393 -14.62 12.37 26.30
N LEU C 394 -14.82 11.15 25.79
CA LEU C 394 -13.76 10.54 24.98
C LEU C 394 -13.58 11.26 23.66
N ALA C 395 -14.67 11.75 23.06
CA ALA C 395 -14.54 12.50 21.81
C ALA C 395 -13.69 13.74 22.02
N GLN C 396 -13.95 14.47 23.10
CA GLN C 396 -13.12 15.65 23.39
C GLN C 396 -11.69 15.23 23.70
N TYR C 397 -11.51 14.14 24.45
CA TYR C 397 -10.16 13.73 24.83
C TYR C 397 -9.32 13.36 23.63
N ARG C 398 -9.91 12.67 22.66
CA ARG C 398 -9.14 12.20 21.52
C ARG C 398 -8.56 13.37 20.72
N GLU C 399 -9.24 14.52 20.72
CA GLU C 399 -8.72 15.67 19.99
C GLU C 399 -7.41 16.15 20.61
N VAL C 400 -7.39 16.32 21.93
CA VAL C 400 -6.21 16.78 22.64
C VAL C 400 -5.57 15.61 23.40
N ALA C 401 -5.02 14.66 22.65
CA ALA C 401 -4.40 13.49 23.26
C ALA C 401 -2.99 13.29 22.74
N ALA C 402 -2.72 13.75 21.52
CA ALA C 402 -1.45 13.46 20.87
C ALA C 402 -0.26 13.98 21.67
N PHE C 403 -0.46 14.96 22.53
CA PHE C 403 0.58 15.47 23.41
C PHE C 403 0.29 15.03 24.85
N ALA C 404 1.14 15.49 25.76
CA ALA C 404 0.98 15.19 27.18
C ALA C 404 1.98 15.99 28.00
N LEU C 410 -1.66 21.61 30.16
CA LEU C 410 -1.10 22.64 31.02
C LEU C 410 -2.16 23.23 31.95
N ASP C 411 -3.01 24.09 31.40
CA ASP C 411 -4.04 24.73 32.20
C ASP C 411 -4.93 23.68 32.88
N ALA C 412 -5.64 24.13 33.91
CA ALA C 412 -6.42 23.19 34.72
C ALA C 412 -7.51 22.52 33.89
N ALA C 413 -8.19 23.28 33.03
CA ALA C 413 -9.34 22.72 32.32
C ALA C 413 -8.93 21.58 31.41
N THR C 414 -7.94 21.81 30.53
CA THR C 414 -7.56 20.78 29.58
C THR C 414 -6.76 19.67 30.27
N GLN C 415 -6.00 20.00 31.31
CA GLN C 415 -5.33 18.95 32.07
C GLN C 415 -6.36 17.99 32.69
N GLN C 416 -7.43 18.55 33.26
CA GLN C 416 -8.48 17.69 33.81
C GLN C 416 -9.23 16.95 32.71
N LEU C 417 -9.37 17.56 31.53
CA LEU C 417 -9.99 16.87 30.41
C LEU C 417 -9.18 15.63 30.04
N LEU C 418 -7.86 15.78 29.94
CA LEU C 418 -7.00 14.64 29.67
C LEU C 418 -7.10 13.61 30.78
N SER C 419 -7.12 14.07 32.03
CA SER C 419 -7.25 13.15 33.15
C SER C 419 -8.51 12.32 33.04
N ARG C 420 -9.65 12.96 32.77
CA ARG C 420 -10.90 12.24 32.64
C ARG C 420 -10.87 11.28 31.47
N GLY C 421 -10.30 11.71 30.34
CA GLY C 421 -10.21 10.82 29.19
C GLY C 421 -9.41 9.58 29.51
N VAL C 422 -8.26 9.75 30.16
CA VAL C 422 -7.43 8.60 30.49
C VAL C 422 -8.13 7.70 31.49
N ARG C 423 -8.80 8.28 32.48
CA ARG C 423 -9.53 7.46 33.45
C ARG C 423 -10.56 6.59 32.73
N LEU C 424 -11.34 7.19 31.83
CA LEU C 424 -12.33 6.41 31.10
C LEU C 424 -11.68 5.36 30.23
N THR C 425 -10.55 5.69 29.59
CA THR C 425 -9.87 4.73 28.72
C THR C 425 -9.47 3.50 29.51
N GLU C 426 -8.75 3.69 30.62
CA GLU C 426 -8.41 2.54 31.46
C GLU C 426 -9.64 1.88 32.06
N LEU C 427 -10.77 2.57 32.13
CA LEU C 427 -12.00 1.93 32.57
C LEU C 427 -12.50 0.94 31.53
N LEU C 428 -12.41 1.30 30.25
CA LEU C 428 -13.01 0.48 29.19
C LEU C 428 -12.28 -0.85 28.97
N LYS C 429 -11.10 -1.04 29.54
CA LYS C 429 -10.39 -2.28 29.32
C LYS C 429 -11.15 -3.44 29.97
N GLN C 430 -10.76 -4.66 29.61
CA GLN C 430 -11.48 -5.84 30.06
C GLN C 430 -10.61 -7.07 29.85
N GLY C 431 -11.03 -8.17 30.46
CA GLY C 431 -10.39 -9.45 30.31
C GLY C 431 -11.09 -10.32 29.29
N GLN C 432 -10.80 -11.61 29.34
CA GLN C 432 -11.31 -12.57 28.36
C GLN C 432 -12.34 -13.49 29.00
N TYR C 433 -13.44 -13.70 28.29
CA TYR C 433 -14.47 -14.65 28.70
C TYR C 433 -15.07 -14.28 30.05
N SER C 434 -15.11 -13.00 30.36
CA SER C 434 -15.73 -12.49 31.58
C SER C 434 -16.61 -11.28 31.24
N PRO C 435 -17.65 -11.50 30.44
CA PRO C 435 -18.59 -10.40 30.17
C PRO C 435 -19.34 -10.00 31.42
N MET C 436 -19.71 -8.72 31.48
CA MET C 436 -20.34 -8.14 32.65
C MET C 436 -21.80 -7.82 32.37
N ALA C 437 -22.63 -7.99 33.40
CA ALA C 437 -24.04 -7.65 33.26
C ALA C 437 -24.18 -6.14 33.01
N ILE C 438 -25.25 -5.77 32.32
CA ILE C 438 -25.38 -4.39 31.87
C ILE C 438 -25.40 -3.43 33.05
N GLU C 439 -26.07 -3.81 34.14
CA GLU C 439 -26.13 -2.94 35.31
C GLU C 439 -24.74 -2.75 35.92
N GLU C 440 -23.93 -3.81 35.93
CA GLU C 440 -22.57 -3.66 36.44
C GLU C 440 -21.75 -2.72 35.56
N GLN C 441 -21.91 -2.83 34.23
CA GLN C 441 -21.26 -1.88 33.34
C GLN C 441 -21.70 -0.47 33.65
N VAL C 442 -23.00 -0.28 33.88
CA VAL C 442 -23.51 1.05 34.18
C VAL C 442 -22.89 1.57 35.46
N ALA C 443 -22.81 0.73 36.49
CA ALA C 443 -22.21 1.18 37.75
C ALA C 443 -20.77 1.62 37.54
N VAL C 444 -19.98 0.80 36.84
CA VAL C 444 -18.57 1.11 36.66
C VAL C 444 -18.42 2.40 35.85
N ILE C 445 -19.16 2.50 34.74
CA ILE C 445 -19.01 3.67 33.88
C ILE C 445 -19.48 4.93 34.59
N TYR C 446 -20.54 4.81 35.39
CA TYR C 446 -21.01 5.95 36.18
C TYR C 446 -19.95 6.41 37.15
N ALA C 447 -19.39 5.49 37.92
CA ALA C 447 -18.30 5.85 38.83
C ALA C 447 -17.19 6.55 38.09
N GLY C 448 -16.82 6.05 36.91
CA GLY C 448 -15.72 6.63 36.18
C GLY C 448 -16.03 8.01 35.63
N VAL C 449 -17.25 8.21 35.12
CA VAL C 449 -17.56 9.44 34.41
C VAL C 449 -18.03 10.55 35.34
N ARG C 450 -18.47 10.23 36.56
CA ARG C 450 -18.85 11.26 37.52
C ARG C 450 -17.63 11.74 38.30
N GLY C 451 -16.51 11.92 37.61
CA GLY C 451 -15.34 12.55 38.18
C GLY C 451 -14.83 11.95 39.47
N TYR C 452 -15.31 10.77 39.87
CA TYR C 452 -14.83 10.18 41.12
C TYR C 452 -13.41 9.66 40.97
N LEU C 453 -13.12 8.96 39.88
CA LEU C 453 -11.81 8.37 39.71
C LEU C 453 -10.74 9.40 39.38
N ASP C 454 -11.12 10.66 39.11
CA ASP C 454 -10.12 11.65 38.73
C ASP C 454 -9.06 11.85 39.81
N LYS C 455 -9.36 11.48 41.06
CA LYS C 455 -8.36 11.57 42.10
C LYS C 455 -7.35 10.43 42.01
N LEU C 456 -7.80 9.24 41.65
CA LEU C 456 -6.93 8.09 41.62
C LEU C 456 -5.89 8.22 40.52
N GLU C 457 -4.79 7.48 40.68
CA GLU C 457 -3.85 7.32 39.59
C GLU C 457 -4.48 6.47 38.49
N PRO C 458 -4.00 6.60 37.26
CA PRO C 458 -4.59 5.78 36.19
C PRO C 458 -4.14 4.32 36.21
N SER C 459 -2.86 4.05 36.53
CA SER C 459 -2.38 2.68 36.57
C SER C 459 -3.13 1.84 37.59
N LYS C 460 -3.79 2.46 38.57
CA LYS C 460 -4.54 1.74 39.58
C LYS C 460 -6.00 1.55 39.21
N ILE C 461 -6.49 2.20 38.15
CA ILE C 461 -7.93 2.20 37.88
C ILE C 461 -8.44 0.77 37.81
N THR C 462 -7.76 -0.09 37.06
CA THR C 462 -8.23 -1.46 36.90
C THR C 462 -8.53 -2.07 38.27
N LYS C 463 -7.58 -1.94 39.21
CA LYS C 463 -7.83 -2.44 40.56
C LYS C 463 -9.21 -2.02 41.02
N PHE C 464 -9.41 -0.71 41.17
CA PHE C 464 -10.70 -0.19 41.59
C PHE C 464 -11.81 -0.94 40.90
N GLU C 465 -11.81 -0.88 39.56
CA GLU C 465 -12.85 -1.53 38.77
C GLU C 465 -13.14 -2.89 39.39
N ASN C 466 -12.19 -3.81 39.28
CA ASN C 466 -12.41 -5.15 39.79
C ASN C 466 -12.98 -5.08 41.20
N ALA C 467 -12.22 -4.49 42.13
CA ALA C 467 -12.63 -4.46 43.52
C ALA C 467 -14.06 -3.95 43.63
N PHE C 468 -14.34 -2.83 42.97
CA PHE C 468 -15.65 -2.20 43.12
C PHE C 468 -16.74 -3.22 42.86
N LEU C 469 -16.63 -3.95 41.74
CA LEU C 469 -17.67 -4.92 41.41
C LEU C 469 -17.81 -5.95 42.52
N SER C 470 -16.69 -6.55 42.95
CA SER C 470 -16.77 -7.59 43.96
C SER C 470 -17.40 -7.08 45.24
N HIS C 471 -17.39 -5.77 45.45
CA HIS C 471 -18.12 -5.18 46.56
C HIS C 471 -19.60 -5.09 46.21
N VAL C 472 -19.93 -4.38 45.14
CA VAL C 472 -21.33 -4.14 44.80
C VAL C 472 -22.05 -5.45 44.55
N ILE C 473 -21.35 -6.44 44.00
CA ILE C 473 -21.99 -7.72 43.67
C ILE C 473 -22.44 -8.48 44.90
N SER C 474 -21.98 -8.11 46.10
CA SER C 474 -22.37 -8.81 47.31
C SER C 474 -23.23 -7.93 48.23
N GLN C 475 -22.74 -6.75 48.58
CA GLN C 475 -23.46 -5.92 49.55
C GLN C 475 -24.70 -5.27 48.93
N HIS C 476 -24.61 -4.85 47.68
CA HIS C 476 -25.64 -4.04 47.06
C HIS C 476 -26.30 -4.75 45.89
N GLN C 477 -26.57 -6.05 46.05
CA GLN C 477 -27.33 -6.76 45.03
C GLN C 477 -28.68 -6.11 44.78
N ALA C 478 -29.29 -5.53 45.81
CA ALA C 478 -30.61 -4.93 45.65
C ALA C 478 -30.57 -3.76 44.68
N LEU C 479 -29.53 -2.93 44.75
CA LEU C 479 -29.45 -1.79 43.85
C LEU C 479 -29.30 -2.25 42.40
N LEU C 480 -28.45 -3.24 42.16
CA LEU C 480 -28.28 -3.74 40.80
C LEU C 480 -29.57 -4.37 40.28
N GLY C 481 -30.27 -5.11 41.13
CA GLY C 481 -31.56 -5.63 40.73
C GLY C 481 -32.55 -4.52 40.39
N LYS C 482 -32.52 -3.43 41.17
CA LYS C 482 -33.37 -2.29 40.87
C LYS C 482 -33.04 -1.72 39.51
N ILE C 483 -31.75 -1.50 39.23
CA ILE C 483 -31.36 -0.91 37.96
C ILE C 483 -31.77 -1.82 36.80
N ARG C 484 -31.59 -3.12 36.96
CA ARG C 484 -31.97 -4.05 35.91
C ARG C 484 -33.48 -4.03 35.68
N THR C 485 -34.25 -4.19 36.76
CA THR C 485 -35.69 -4.31 36.62
C THR C 485 -36.30 -3.03 36.07
N ASP C 486 -36.00 -1.89 36.69
CA ASP C 486 -36.57 -0.62 36.24
C ASP C 486 -35.89 -0.11 34.98
N GLY C 487 -34.68 -0.56 34.69
CA GLY C 487 -34.00 -0.19 33.46
C GLY C 487 -33.74 1.30 33.33
N LYS C 488 -33.32 1.94 34.41
CA LYS C 488 -32.93 3.35 34.36
C LYS C 488 -32.32 3.72 35.70
N ILE C 489 -31.54 4.80 35.69
CA ILE C 489 -30.95 5.34 36.92
C ILE C 489 -31.94 6.40 37.41
N SER C 490 -32.91 5.96 38.19
CA SER C 490 -33.86 6.88 38.81
C SER C 490 -33.13 7.78 39.80
N GLU C 491 -33.84 8.80 40.29
CA GLU C 491 -33.23 9.77 41.18
C GLU C 491 -32.74 9.10 42.47
N GLU C 492 -33.57 8.22 43.04
CA GLU C 492 -33.16 7.50 44.24
C GLU C 492 -32.01 6.56 43.94
N SER C 493 -32.07 5.88 42.79
CA SER C 493 -30.96 5.02 42.37
C SER C 493 -29.69 5.84 42.19
N ASP C 494 -29.81 7.03 41.61
CA ASP C 494 -28.63 7.88 41.44
C ASP C 494 -28.06 8.30 42.78
N ALA C 495 -28.92 8.67 43.73
CA ALA C 495 -28.43 9.07 45.05
C ALA C 495 -27.72 7.92 45.74
N LYS C 496 -28.30 6.72 45.67
CA LYS C 496 -27.63 5.55 46.20
C LYS C 496 -26.27 5.41 45.53
N LEU C 497 -26.25 5.12 44.23
CA LEU C 497 -24.99 5.02 43.50
C LEU C 497 -23.98 6.05 43.98
N LYS C 498 -24.43 7.29 44.15
CA LYS C 498 -23.55 8.36 44.60
C LYS C 498 -22.93 8.02 45.95
N GLU C 499 -23.76 7.65 46.93
CA GLU C 499 -23.22 7.39 48.26
C GLU C 499 -22.34 6.14 48.26
N ILE C 500 -22.72 5.10 47.52
CA ILE C 500 -21.88 3.91 47.44
C ILE C 500 -20.51 4.25 46.89
N VAL C 501 -20.46 5.02 45.79
CA VAL C 501 -19.16 5.31 45.19
C VAL C 501 -18.34 6.21 46.12
N THR C 502 -18.98 7.20 46.73
CA THR C 502 -18.25 8.09 47.62
C THR C 502 -17.66 7.31 48.79
N ASN C 503 -18.43 6.40 49.37
CA ASN C 503 -17.91 5.60 50.48
C ASN C 503 -16.79 4.68 50.02
N PHE C 504 -16.99 3.99 48.89
CA PHE C 504 -15.99 3.02 48.47
C PHE C 504 -14.68 3.68 48.10
N LEU C 505 -14.74 4.83 47.42
CA LEU C 505 -13.50 5.48 46.98
C LEU C 505 -12.59 5.77 48.16
N ALA C 506 -13.13 6.40 49.21
CA ALA C 506 -12.31 6.69 50.38
C ALA C 506 -11.81 5.41 51.04
N GLY C 507 -12.67 4.41 51.16
CA GLY C 507 -12.27 3.14 51.71
C GLY C 507 -11.63 2.22 50.67
N PHE C 508 -10.42 2.56 50.24
CA PHE C 508 -9.71 1.78 49.24
C PHE C 508 -8.35 2.42 48.94
N THR D 13 -44.06 -16.41 -29.00
CA THR D 13 -43.09 -17.46 -29.31
C THR D 13 -42.73 -18.22 -28.04
N THR D 14 -42.27 -19.47 -28.21
CA THR D 14 -41.92 -20.33 -27.08
C THR D 14 -40.52 -20.88 -27.28
N GLY D 15 -39.68 -20.72 -26.27
CA GLY D 15 -38.33 -21.21 -26.29
C GLY D 15 -38.06 -22.14 -25.13
N ARG D 16 -36.79 -22.39 -24.83
CA ARG D 16 -36.43 -23.53 -24.00
C ARG D 16 -35.07 -23.28 -23.38
N ILE D 17 -35.00 -23.26 -22.05
CA ILE D 17 -33.73 -23.05 -21.38
C ILE D 17 -32.74 -24.12 -21.80
N VAL D 18 -31.52 -23.71 -22.11
CA VAL D 18 -30.49 -24.65 -22.53
C VAL D 18 -29.24 -24.51 -21.66
N ALA D 19 -29.16 -23.43 -20.89
CA ALA D 19 -28.08 -23.36 -19.92
C ALA D 19 -28.43 -22.39 -18.81
N VAL D 20 -27.90 -22.67 -17.62
CA VAL D 20 -28.06 -21.81 -16.46
C VAL D 20 -26.71 -21.74 -15.78
N ILE D 21 -26.09 -20.56 -15.77
CA ILE D 21 -24.80 -20.35 -15.15
C ILE D 21 -24.92 -19.10 -14.30
N GLY D 22 -24.95 -19.27 -12.99
CA GLY D 22 -25.14 -18.12 -12.12
C GLY D 22 -26.46 -17.44 -12.42
N ALA D 23 -26.40 -16.15 -12.71
CA ALA D 23 -27.58 -15.37 -13.03
C ALA D 23 -27.84 -15.27 -14.52
N VAL D 24 -27.07 -15.96 -15.35
CA VAL D 24 -27.16 -15.84 -16.80
C VAL D 24 -27.78 -17.12 -17.34
N VAL D 25 -28.85 -16.98 -18.09
CA VAL D 25 -29.61 -18.11 -18.62
C VAL D 25 -29.57 -18.04 -20.14
N ASP D 26 -29.23 -19.16 -20.77
CA ASP D 26 -29.22 -19.27 -22.23
C ASP D 26 -30.46 -20.02 -22.65
N VAL D 27 -31.26 -19.38 -23.52
CA VAL D 27 -32.59 -19.85 -23.92
C VAL D 27 -32.59 -20.07 -25.42
N GLN D 28 -33.06 -21.22 -25.86
CA GLN D 28 -33.06 -21.57 -27.28
C GLN D 28 -34.48 -21.51 -27.83
N PHE D 29 -34.64 -20.85 -28.96
CA PHE D 29 -35.94 -20.67 -29.61
C PHE D 29 -35.97 -21.44 -30.91
N ASP D 30 -37.00 -22.27 -31.08
CA ASP D 30 -37.15 -23.03 -32.31
C ASP D 30 -37.84 -22.22 -33.40
N GLU D 31 -38.71 -21.28 -33.03
CA GLU D 31 -39.37 -20.42 -34.01
C GLU D 31 -38.49 -19.20 -34.27
N GLY D 32 -39.07 -18.00 -34.17
CA GLY D 32 -38.31 -16.77 -34.38
C GLY D 32 -37.79 -16.22 -33.06
N LEU D 33 -36.58 -15.66 -33.11
CA LEU D 33 -35.94 -15.14 -31.91
C LEU D 33 -36.66 -13.89 -31.42
N PRO D 34 -36.53 -13.58 -30.14
CA PRO D 34 -37.05 -12.31 -29.64
C PRO D 34 -35.99 -11.23 -29.71
N PRO D 35 -36.36 -9.98 -29.95
CA PRO D 35 -35.35 -8.92 -30.05
C PRO D 35 -34.66 -8.69 -28.73
N ILE D 36 -33.47 -8.10 -28.81
CA ILE D 36 -32.72 -7.80 -27.59
C ILE D 36 -33.54 -6.87 -26.72
N LEU D 37 -33.41 -7.06 -25.41
CA LEU D 37 -34.06 -6.31 -24.33
C LEU D 37 -35.49 -6.79 -24.06
N ASN D 38 -36.00 -7.77 -24.80
CA ASN D 38 -37.33 -8.28 -24.53
C ASN D 38 -37.37 -9.05 -23.22
N ALA D 39 -38.54 -9.10 -22.62
CA ALA D 39 -38.76 -9.85 -21.39
C ALA D 39 -39.36 -11.21 -21.74
N LEU D 40 -38.80 -12.25 -21.14
CA LEU D 40 -39.27 -13.62 -21.29
C LEU D 40 -39.69 -14.15 -19.92
N GLU D 41 -40.73 -14.97 -19.92
CA GLU D 41 -41.33 -15.50 -18.70
C GLU D 41 -41.08 -17.00 -18.63
N VAL D 42 -40.44 -17.46 -17.56
CA VAL D 42 -40.15 -18.87 -17.41
C VAL D 42 -41.40 -19.59 -16.94
N GLN D 43 -41.72 -20.70 -17.61
CA GLN D 43 -42.95 -21.44 -17.35
C GLN D 43 -42.64 -22.61 -16.41
N GLY D 44 -43.28 -22.62 -15.25
CA GLY D 44 -43.09 -23.70 -14.30
C GLY D 44 -42.56 -23.23 -12.97
N ARG D 45 -42.63 -21.92 -12.73
CA ARG D 45 -42.15 -21.32 -11.49
C ARG D 45 -43.33 -20.94 -10.60
N GLU D 46 -43.20 -21.20 -9.31
CA GLU D 46 -44.24 -20.81 -8.37
C GLU D 46 -44.42 -19.29 -8.36
N THR D 47 -43.33 -18.55 -8.33
CA THR D 47 -43.37 -17.10 -8.36
C THR D 47 -43.27 -16.65 -9.82
N ARG D 48 -42.87 -15.41 -10.06
CA ARG D 48 -42.67 -14.89 -11.40
C ARG D 48 -41.19 -14.63 -11.61
N LEU D 49 -40.57 -15.41 -12.48
CA LEU D 49 -39.19 -15.19 -12.89
C LEU D 49 -39.21 -14.63 -14.30
N VAL D 50 -38.60 -13.45 -14.47
CA VAL D 50 -38.52 -12.78 -15.76
C VAL D 50 -37.06 -12.68 -16.16
N LEU D 51 -36.74 -13.20 -17.32
CA LEU D 51 -35.43 -13.03 -17.93
C LEU D 51 -35.50 -11.87 -18.91
N GLU D 52 -34.38 -11.18 -19.08
CA GLU D 52 -34.28 -10.12 -20.07
C GLU D 52 -33.19 -10.50 -21.07
N VAL D 53 -33.53 -10.44 -22.36
CA VAL D 53 -32.58 -10.81 -23.41
C VAL D 53 -31.47 -9.77 -23.47
N ALA D 54 -30.24 -10.24 -23.56
CA ALA D 54 -29.08 -9.36 -23.63
C ALA D 54 -28.21 -9.61 -24.85
N GLN D 55 -28.28 -10.77 -25.48
CA GLN D 55 -27.44 -11.07 -26.63
C GLN D 55 -28.11 -12.12 -27.48
N HIS D 56 -27.78 -12.11 -28.77
CA HIS D 56 -28.08 -13.21 -29.67
C HIS D 56 -26.77 -13.91 -29.98
N LEU D 57 -26.70 -15.19 -29.63
CA LEU D 57 -25.47 -15.96 -29.75
C LEU D 57 -25.40 -16.76 -31.05
N GLY D 58 -26.37 -16.60 -31.93
CA GLY D 58 -26.45 -17.44 -33.10
C GLY D 58 -27.09 -18.76 -32.76
N GLU D 59 -27.22 -19.61 -33.77
CA GLU D 59 -27.82 -20.94 -33.60
C GLU D 59 -29.10 -20.85 -32.78
N SER D 60 -29.86 -19.77 -32.94
CA SER D 60 -31.16 -19.55 -32.33
C SER D 60 -31.11 -19.36 -30.82
N THR D 61 -29.93 -19.36 -30.21
CA THR D 61 -29.81 -19.15 -28.78
C THR D 61 -29.77 -17.66 -28.47
N VAL D 62 -30.33 -17.28 -27.32
CA VAL D 62 -30.25 -15.93 -26.81
C VAL D 62 -29.80 -16.01 -25.36
N ARG D 63 -28.82 -15.19 -25.00
CA ARG D 63 -28.39 -15.07 -23.61
C ARG D 63 -29.25 -14.04 -22.91
N THR D 64 -29.49 -14.27 -21.63
CA THR D 64 -30.40 -13.42 -20.88
C THR D 64 -29.91 -13.31 -19.45
N ILE D 65 -30.28 -12.22 -18.79
CA ILE D 65 -30.02 -12.03 -17.37
C ILE D 65 -31.36 -12.18 -16.64
N ALA D 66 -31.37 -12.99 -15.60
CA ALA D 66 -32.60 -13.28 -14.87
C ALA D 66 -32.86 -12.18 -13.85
N MET D 67 -34.09 -11.68 -13.84
CA MET D 67 -34.52 -10.68 -12.87
C MET D 67 -34.91 -11.30 -11.53
N ASP D 68 -34.42 -12.49 -11.22
CA ASP D 68 -34.77 -13.19 -9.99
C ASP D 68 -33.86 -14.40 -9.86
N GLY D 69 -33.97 -15.09 -8.74
CA GLY D 69 -33.13 -16.25 -8.50
C GLY D 69 -33.34 -17.33 -9.54
N THR D 70 -32.25 -17.85 -10.09
CA THR D 70 -32.30 -18.93 -11.07
C THR D 70 -32.12 -20.28 -10.41
N GLU D 71 -32.67 -20.48 -9.23
CA GLU D 71 -32.62 -21.76 -8.53
C GLU D 71 -33.84 -22.59 -8.90
N GLY D 72 -33.62 -23.87 -9.15
CA GLY D 72 -34.70 -24.73 -9.57
C GLY D 72 -35.04 -24.65 -11.04
N LEU D 73 -34.20 -24.02 -11.85
CA LEU D 73 -34.39 -24.03 -13.29
C LEU D 73 -33.81 -25.33 -13.85
N VAL D 74 -34.47 -25.88 -14.86
CA VAL D 74 -34.12 -27.16 -15.43
C VAL D 74 -33.84 -26.98 -16.91
N ARG D 75 -32.72 -27.51 -17.38
CA ARG D 75 -32.39 -27.43 -18.79
C ARG D 75 -33.52 -28.02 -19.62
N GLY D 76 -34.32 -27.16 -20.25
CA GLY D 76 -35.45 -27.62 -21.02
C GLY D 76 -36.73 -26.92 -20.65
N GLN D 77 -36.74 -26.20 -19.53
CA GLN D 77 -37.93 -25.49 -19.11
C GLN D 77 -38.40 -24.56 -20.22
N LYS D 78 -39.69 -24.62 -20.53
CA LYS D 78 -40.24 -23.76 -21.58
C LYS D 78 -40.26 -22.31 -21.11
N VAL D 79 -40.16 -21.41 -22.08
CA VAL D 79 -40.10 -19.98 -21.82
C VAL D 79 -41.02 -19.28 -22.82
N LEU D 80 -41.79 -18.32 -22.33
CA LEU D 80 -42.66 -17.52 -23.17
C LEU D 80 -42.00 -16.18 -23.47
N ASP D 81 -42.31 -15.62 -24.64
CA ASP D 81 -41.76 -14.35 -25.08
C ASP D 81 -42.86 -13.32 -25.03
N SER D 82 -42.75 -12.36 -24.11
CA SER D 82 -43.80 -11.36 -23.93
C SER D 82 -43.94 -10.45 -25.14
N GLY D 83 -42.89 -10.29 -25.94
CA GLY D 83 -42.95 -9.46 -27.11
C GLY D 83 -42.60 -8.01 -26.90
N ALA D 84 -42.43 -7.58 -25.66
CA ALA D 84 -42.09 -6.20 -25.35
C ALA D 84 -41.14 -6.19 -24.16
N PRO D 85 -40.38 -5.11 -23.98
CA PRO D 85 -39.52 -5.02 -22.80
C PRO D 85 -40.33 -5.13 -21.52
N ILE D 86 -39.67 -5.08 -20.37
CA ILE D 86 -40.40 -5.15 -19.12
C ILE D 86 -41.30 -3.93 -19.02
N ARG D 87 -42.61 -4.16 -18.91
CA ARG D 87 -43.59 -3.09 -18.85
C ARG D 87 -44.12 -3.01 -17.43
N ILE D 88 -43.93 -1.86 -16.79
CA ILE D 88 -44.33 -1.63 -15.41
C ILE D 88 -45.63 -0.85 -15.39
N PRO D 89 -46.46 -0.99 -14.37
CA PRO D 89 -47.62 -0.11 -14.24
C PRO D 89 -47.18 1.31 -13.91
N VAL D 90 -47.77 2.29 -14.60
CA VAL D 90 -47.48 3.69 -14.35
C VAL D 90 -48.79 4.45 -14.22
N GLY D 91 -48.73 5.57 -13.53
CA GLY D 91 -49.88 6.40 -13.31
C GLY D 91 -49.97 6.89 -11.89
N PRO D 92 -51.05 7.63 -11.59
CA PRO D 92 -51.24 8.10 -10.21
C PRO D 92 -51.59 6.99 -9.23
N GLU D 93 -51.84 5.77 -9.72
CA GLU D 93 -52.17 4.66 -8.83
C GLU D 93 -50.93 4.01 -8.22
N THR D 94 -49.75 4.25 -8.79
CA THR D 94 -48.53 3.72 -8.20
C THR D 94 -48.08 4.52 -6.99
N LEU D 95 -48.62 5.72 -6.78
CA LEU D 95 -48.20 6.53 -5.64
C LEU D 95 -48.59 5.86 -4.34
N GLY D 96 -47.70 5.91 -3.37
CA GLY D 96 -47.93 5.28 -2.10
C GLY D 96 -47.70 3.78 -2.09
N ARG D 97 -47.34 3.19 -3.23
CA ARG D 97 -47.10 1.77 -3.33
C ARG D 97 -45.60 1.49 -3.29
N ILE D 98 -45.25 0.21 -3.41
CA ILE D 98 -43.87 -0.22 -3.59
C ILE D 98 -43.89 -1.22 -4.74
N MET D 99 -42.74 -1.36 -5.41
CA MET D 99 -42.68 -2.14 -6.62
C MET D 99 -41.35 -2.88 -6.72
N ASN D 100 -41.34 -3.92 -7.55
CA ASN D 100 -40.11 -4.56 -7.97
C ASN D 100 -39.55 -3.90 -9.22
N VAL D 101 -38.49 -4.48 -9.74
CA VAL D 101 -38.02 -4.12 -11.08
C VAL D 101 -39.11 -4.41 -12.11
N ILE D 102 -39.84 -5.51 -11.95
CA ILE D 102 -40.79 -5.94 -12.95
C ILE D 102 -42.17 -5.37 -12.65
N GLY D 103 -42.25 -4.49 -11.65
CA GLY D 103 -43.44 -3.71 -11.42
C GLY D 103 -44.48 -4.34 -10.52
N GLU D 104 -44.34 -5.60 -10.14
CA GLU D 104 -45.31 -6.20 -9.24
C GLU D 104 -45.11 -5.63 -7.83
N PRO D 105 -46.18 -5.46 -7.07
CA PRO D 105 -46.07 -4.79 -5.79
C PRO D 105 -45.52 -5.68 -4.69
N ILE D 106 -44.74 -5.09 -3.80
CA ILE D 106 -44.13 -5.80 -2.68
C ILE D 106 -44.47 -5.13 -1.37
N ASP D 107 -45.58 -4.39 -1.33
CA ASP D 107 -46.09 -3.81 -0.11
C ASP D 107 -47.26 -4.58 0.47
N GLU D 108 -47.62 -5.72 -0.13
CA GLU D 108 -48.65 -6.59 0.41
C GLU D 108 -49.96 -5.81 0.61
N ARG D 109 -50.40 -5.15 -0.46
CA ARG D 109 -51.59 -4.32 -0.41
C ARG D 109 -52.52 -4.54 -1.59
N GLY D 110 -52.21 -5.49 -2.47
CA GLY D 110 -53.07 -5.79 -3.59
C GLY D 110 -52.49 -5.30 -4.91
N PRO D 111 -53.14 -5.66 -6.02
CA PRO D 111 -52.60 -5.29 -7.33
C PRO D 111 -52.63 -3.80 -7.57
N ILE D 112 -51.66 -3.33 -8.34
CA ILE D 112 -51.67 -1.95 -8.82
C ILE D 112 -52.56 -1.89 -10.06
N LYS D 113 -53.62 -1.10 -9.97
CA LYS D 113 -54.69 -1.12 -10.96
C LYS D 113 -54.61 0.14 -11.82
N THR D 114 -53.67 0.13 -12.76
CA THR D 114 -53.49 1.23 -13.70
C THR D 114 -54.00 0.83 -15.07
N LYS D 115 -54.17 1.82 -15.92
CA LYS D 115 -54.52 1.60 -17.32
C LYS D 115 -53.32 1.69 -18.25
N GLN D 116 -52.21 2.27 -17.78
CA GLN D 116 -51.02 2.46 -18.61
C GLN D 116 -49.87 1.62 -18.07
N PHE D 117 -49.25 0.87 -18.97
CA PHE D 117 -48.00 0.18 -18.70
C PHE D 117 -46.93 0.79 -19.58
N ALA D 118 -45.79 1.10 -18.98
CA ALA D 118 -44.69 1.75 -19.68
C ALA D 118 -43.50 0.83 -19.69
N ALA D 119 -42.87 0.68 -20.86
CA ALA D 119 -41.66 -0.14 -20.95
C ALA D 119 -40.50 0.60 -20.31
N ILE D 120 -39.64 -0.14 -19.61
CA ILE D 120 -38.58 0.49 -18.83
C ILE D 120 -37.40 0.91 -19.70
N HIS D 121 -37.37 0.52 -20.97
CA HIS D 121 -36.31 0.93 -21.89
C HIS D 121 -36.87 1.92 -22.88
N ALA D 122 -36.26 3.09 -22.96
CA ALA D 122 -36.69 4.12 -23.89
C ALA D 122 -35.48 4.93 -24.31
N GLU D 123 -35.61 5.61 -25.43
CA GLU D 123 -34.56 6.48 -25.92
C GLU D 123 -34.53 7.77 -25.10
N ALA D 124 -33.34 8.33 -24.96
CA ALA D 124 -33.18 9.56 -24.22
C ALA D 124 -33.76 10.73 -25.01
N PRO D 125 -34.14 11.81 -24.34
CA PRO D 125 -34.64 12.98 -25.07
C PRO D 125 -33.61 13.52 -26.04
N GLU D 126 -34.10 14.02 -27.18
CA GLU D 126 -33.21 14.55 -28.20
C GLU D 126 -32.75 15.95 -27.81
N PHE D 127 -31.73 16.43 -28.54
CA PHE D 127 -31.11 17.70 -28.20
C PHE D 127 -32.07 18.87 -28.32
N VAL D 128 -33.13 18.73 -29.11
CA VAL D 128 -34.03 19.84 -29.36
C VAL D 128 -35.12 19.89 -28.31
N GLU D 129 -34.86 19.26 -27.15
CA GLU D 129 -35.81 19.25 -26.05
C GLU D 129 -35.23 19.76 -24.75
N MET D 130 -33.97 20.16 -24.74
CA MET D 130 -33.29 20.50 -23.50
C MET D 130 -33.71 21.88 -23.02
N SER D 131 -34.03 21.99 -21.73
CA SER D 131 -34.23 23.28 -21.11
C SER D 131 -32.87 23.84 -20.68
N VAL D 132 -32.69 25.13 -20.86
CA VAL D 132 -31.42 25.79 -20.60
C VAL D 132 -31.54 26.81 -19.47
N GLU D 133 -32.61 26.72 -18.67
CA GLU D 133 -32.86 27.68 -17.60
C GLU D 133 -32.46 27.06 -16.27
N GLN D 134 -31.75 27.85 -15.45
CA GLN D 134 -31.31 27.42 -14.15
C GLN D 134 -31.77 28.43 -13.11
N GLU D 135 -32.26 27.93 -11.97
CA GLU D 135 -32.63 28.79 -10.87
C GLU D 135 -32.47 28.01 -9.58
N ILE D 136 -31.79 28.63 -8.61
CA ILE D 136 -31.39 27.96 -7.38
C ILE D 136 -32.59 27.29 -6.74
N LEU D 137 -32.36 26.10 -6.17
CA LEU D 137 -33.34 25.39 -5.36
C LEU D 137 -32.83 25.44 -3.93
N VAL D 138 -33.53 26.16 -3.06
CA VAL D 138 -33.08 26.35 -1.70
C VAL D 138 -33.49 25.13 -0.88
N THR D 139 -32.50 24.41 -0.37
CA THR D 139 -32.74 23.18 0.37
C THR D 139 -32.80 23.39 1.86
N GLY D 140 -32.27 24.50 2.38
CA GLY D 140 -32.23 24.73 3.80
C GLY D 140 -30.99 24.20 4.49
N ILE D 141 -29.98 23.80 3.74
CA ILE D 141 -28.73 23.29 4.30
C ILE D 141 -27.65 24.31 4.01
N LYS D 142 -26.92 24.72 5.05
CA LYS D 142 -26.03 25.87 4.91
C LYS D 142 -24.95 25.61 3.86
N VAL D 143 -24.25 24.50 3.98
CA VAL D 143 -23.12 24.24 3.08
C VAL D 143 -23.62 24.11 1.65
N VAL D 144 -24.70 23.36 1.45
CA VAL D 144 -25.24 23.14 0.12
C VAL D 144 -25.69 24.46 -0.49
N ASP D 145 -26.42 25.26 0.26
CA ASP D 145 -26.93 26.52 -0.25
C ASP D 145 -25.79 27.50 -0.56
N LEU D 146 -24.75 27.51 0.26
CA LEU D 146 -23.71 28.49 0.08
C LEU D 146 -22.76 28.10 -1.05
N LEU D 147 -22.13 26.94 -0.94
CA LEU D 147 -20.99 26.64 -1.81
C LEU D 147 -21.35 25.86 -3.06
N ALA D 148 -22.35 24.98 -3.00
CA ALA D 148 -22.74 24.15 -4.13
C ALA D 148 -24.25 24.20 -4.29
N PRO D 149 -24.81 25.38 -4.55
CA PRO D 149 -26.27 25.49 -4.58
C PRO D 149 -26.87 24.62 -5.67
N TYR D 150 -28.01 24.01 -5.35
CA TYR D 150 -28.69 23.11 -6.27
C TYR D 150 -29.45 23.95 -7.28
N ALA D 151 -30.25 23.29 -8.13
CA ALA D 151 -31.01 24.00 -9.15
C ALA D 151 -32.23 23.17 -9.52
N LYS D 152 -33.37 23.84 -9.68
CA LYS D 152 -34.57 23.13 -10.09
C LYS D 152 -34.35 22.49 -11.46
N GLY D 153 -34.72 21.22 -11.57
CA GLY D 153 -34.58 20.51 -12.81
C GLY D 153 -33.20 19.97 -13.09
N GLY D 154 -32.24 20.22 -12.21
CA GLY D 154 -30.88 19.77 -12.40
C GLY D 154 -30.62 18.48 -11.66
N LYS D 155 -29.56 17.78 -12.08
CA LYS D 155 -29.18 16.51 -11.50
C LYS D 155 -28.11 16.74 -10.44
N ILE D 156 -28.35 16.21 -9.25
CA ILE D 156 -27.49 16.41 -8.10
C ILE D 156 -26.80 15.11 -7.77
N GLY D 157 -25.54 15.19 -7.36
CA GLY D 157 -24.79 14.04 -6.91
C GLY D 157 -24.44 14.19 -5.45
N LEU D 158 -24.29 13.06 -4.77
CA LEU D 158 -23.90 13.04 -3.36
C LEU D 158 -22.81 11.99 -3.20
N PHE D 159 -21.61 12.31 -3.65
CA PHE D 159 -20.53 11.36 -3.58
C PHE D 159 -20.06 11.19 -2.14
N GLY D 160 -19.34 10.13 -1.89
CA GLY D 160 -18.78 9.86 -0.58
C GLY D 160 -18.77 8.37 -0.33
N GLY D 161 -17.80 7.94 0.47
CA GLY D 161 -17.62 6.53 0.73
C GLY D 161 -18.75 5.97 1.57
N ALA D 162 -18.42 5.04 2.47
CA ALA D 162 -19.41 4.42 3.34
C ALA D 162 -19.34 5.03 4.72
N GLY D 163 -20.50 5.37 5.27
CA GLY D 163 -20.56 5.89 6.62
C GLY D 163 -20.27 7.36 6.74
N VAL D 164 -20.53 8.14 5.70
CA VAL D 164 -20.23 9.57 5.73
C VAL D 164 -21.49 10.43 5.80
N GLY D 165 -22.66 9.90 5.43
CA GLY D 165 -23.89 10.65 5.56
C GLY D 165 -24.73 10.72 4.30
N LYS D 166 -24.45 9.87 3.31
CA LYS D 166 -25.23 9.91 2.08
C LYS D 166 -26.71 9.67 2.35
N THR D 167 -27.02 8.58 3.05
CA THR D 167 -28.42 8.26 3.31
C THR D 167 -29.06 9.29 4.22
N VAL D 168 -28.35 9.75 5.25
CA VAL D 168 -28.94 10.75 6.14
C VAL D 168 -29.21 12.03 5.37
N LEU D 169 -28.26 12.45 4.52
CA LEU D 169 -28.46 13.67 3.75
C LEU D 169 -29.63 13.55 2.80
N ILE D 170 -29.76 12.42 2.12
CA ILE D 170 -30.85 12.28 1.16
C ILE D 170 -32.19 12.19 1.89
N MET D 171 -32.22 11.54 3.06
CA MET D 171 -33.44 11.54 3.87
C MET D 171 -33.79 12.95 4.31
N GLU D 172 -32.80 13.74 4.66
CA GLU D 172 -33.04 15.13 5.04
C GLU D 172 -33.62 15.92 3.88
N LEU D 173 -33.11 15.69 2.67
CA LEU D 173 -33.67 16.35 1.50
C LEU D 173 -35.11 15.94 1.26
N ILE D 174 -35.43 14.65 1.43
CA ILE D 174 -36.83 14.23 1.29
C ILE D 174 -37.68 14.90 2.35
N ASN D 175 -37.14 15.04 3.56
CA ASN D 175 -37.88 15.71 4.62
C ASN D 175 -38.19 17.15 4.25
N ASN D 176 -37.21 17.86 3.70
CA ASN D 176 -37.40 19.26 3.34
C ASN D 176 -38.15 19.42 2.03
N VAL D 177 -37.45 19.23 0.91
CA VAL D 177 -38.00 19.60 -0.39
C VAL D 177 -39.27 18.82 -0.68
N ALA D 178 -39.23 17.50 -0.50
CA ALA D 178 -40.36 16.67 -0.91
C ALA D 178 -41.61 16.98 -0.10
N LYS D 179 -41.47 17.21 1.20
CA LYS D 179 -42.64 17.44 2.04
C LYS D 179 -43.41 18.67 1.58
N ALA D 180 -42.71 19.77 1.30
CA ALA D 180 -43.33 21.02 0.89
C ALA D 180 -43.27 21.23 -0.62
N HIS D 181 -43.34 20.15 -1.39
CA HIS D 181 -43.24 20.21 -2.84
C HIS D 181 -44.58 19.81 -3.44
N GLY D 182 -45.13 20.67 -4.29
CA GLY D 182 -46.45 20.41 -4.84
C GLY D 182 -46.49 19.19 -5.73
N GLY D 183 -45.50 19.06 -6.61
CA GLY D 183 -45.47 17.95 -7.54
C GLY D 183 -45.32 16.61 -6.86
N TYR D 184 -45.14 15.56 -7.66
CA TYR D 184 -45.04 14.21 -7.14
C TYR D 184 -43.59 13.93 -6.74
N SER D 185 -43.25 12.67 -6.55
CA SER D 185 -41.91 12.30 -6.09
C SER D 185 -41.74 10.81 -6.25
N VAL D 186 -40.54 10.38 -6.59
CA VAL D 186 -40.22 8.97 -6.79
C VAL D 186 -38.93 8.65 -6.04
N PHE D 187 -38.90 7.49 -5.40
CA PHE D 187 -37.71 7.04 -4.70
C PHE D 187 -37.34 5.65 -5.19
N ALA D 188 -36.14 5.51 -5.74
CA ALA D 188 -35.62 4.25 -6.22
C ALA D 188 -34.47 3.81 -5.31
N GLY D 189 -34.71 2.77 -4.53
CA GLY D 189 -33.67 2.13 -3.78
C GLY D 189 -33.02 1.07 -4.65
N VAL D 190 -31.76 1.27 -4.99
CA VAL D 190 -31.01 0.38 -5.87
C VAL D 190 -29.92 -0.26 -5.02
N GLY D 191 -30.07 -1.54 -4.73
CA GLY D 191 -29.01 -2.26 -4.04
C GLY D 191 -28.59 -1.65 -2.73
N GLU D 192 -29.55 -1.23 -1.90
CA GLU D 192 -29.26 -0.71 -0.57
C GLU D 192 -29.91 -1.62 0.47
N ARG D 193 -29.53 -1.42 1.73
CA ARG D 193 -30.00 -2.27 2.80
C ARG D 193 -31.52 -2.24 2.88
N THR D 194 -32.12 -3.42 3.07
CA THR D 194 -33.57 -3.50 3.15
C THR D 194 -34.10 -2.89 4.45
N ARG D 195 -33.30 -2.94 5.51
CA ARG D 195 -33.62 -2.22 6.73
C ARG D 195 -33.94 -0.77 6.44
N GLU D 196 -33.11 -0.12 5.63
CA GLU D 196 -33.33 1.28 5.30
C GLU D 196 -34.60 1.48 4.50
N GLY D 197 -34.91 0.55 3.59
CA GLY D 197 -36.14 0.65 2.86
C GLY D 197 -37.35 0.60 3.76
N ASN D 198 -37.37 -0.33 4.71
CA ASN D 198 -38.48 -0.39 5.65
C ASN D 198 -38.54 0.86 6.50
N ASP D 199 -37.40 1.34 6.96
CA ASP D 199 -37.38 2.55 7.78
C ASP D 199 -37.96 3.73 7.02
N LEU D 200 -37.60 3.87 5.74
CA LEU D 200 -38.14 4.97 4.94
C LEU D 200 -39.63 4.81 4.72
N TYR D 201 -40.08 3.58 4.44
CA TYR D 201 -41.51 3.36 4.28
C TYR D 201 -42.27 3.85 5.51
N HIS D 202 -41.80 3.45 6.69
CA HIS D 202 -42.51 3.82 7.91
C HIS D 202 -42.37 5.30 8.22
N GLU D 203 -41.21 5.89 7.93
CA GLU D 203 -41.04 7.31 8.18
C GLU D 203 -41.96 8.14 7.29
N MET D 204 -42.11 7.75 6.02
CA MET D 204 -43.08 8.42 5.17
C MET D 204 -44.50 8.21 5.65
N ILE D 205 -44.86 6.98 6.03
CA ILE D 205 -46.21 6.77 6.53
C ILE D 205 -46.49 7.69 7.71
N GLU D 206 -45.51 7.83 8.61
CA GLU D 206 -45.69 8.72 9.76
C GLU D 206 -45.81 10.17 9.31
N SER D 207 -44.92 10.62 8.42
CA SER D 207 -44.96 12.00 7.98
C SER D 207 -46.25 12.33 7.26
N GLY D 208 -46.71 11.42 6.40
CA GLY D 208 -47.95 11.60 5.67
C GLY D 208 -47.79 11.66 4.17
N VAL D 209 -46.58 11.61 3.61
CA VAL D 209 -46.46 11.63 2.16
C VAL D 209 -47.05 10.35 1.58
N ILE D 210 -46.93 9.23 2.28
CA ILE D 210 -47.57 7.98 1.88
C ILE D 210 -48.80 7.80 2.77
N ASN D 211 -49.97 7.85 2.15
CA ASN D 211 -51.23 7.73 2.87
C ASN D 211 -51.88 6.41 2.47
N LEU D 212 -51.98 5.50 3.43
CA LEU D 212 -52.49 4.16 3.17
C LEU D 212 -54.01 4.11 3.11
N LYS D 213 -54.70 5.18 3.49
CA LYS D 213 -56.16 5.20 3.55
C LYS D 213 -56.77 5.86 2.32
N ASP D 214 -56.41 7.11 2.07
CA ASP D 214 -56.99 7.88 0.97
C ASP D 214 -56.18 7.62 -0.30
N ALA D 215 -56.33 8.49 -1.30
CA ALA D 215 -55.55 8.47 -2.52
C ALA D 215 -54.74 9.75 -2.65
N THR D 216 -54.21 10.23 -1.53
CA THR D 216 -53.47 11.49 -1.47
C THR D 216 -51.97 11.27 -1.31
N SER D 217 -51.47 10.10 -1.67
CA SER D 217 -50.05 9.83 -1.54
C SER D 217 -49.27 10.68 -2.55
N LYS D 218 -48.10 11.15 -2.13
CA LYS D 218 -47.27 12.01 -2.96
C LYS D 218 -45.94 11.37 -3.32
N VAL D 219 -45.71 10.11 -2.98
CA VAL D 219 -44.44 9.46 -3.20
C VAL D 219 -44.70 8.07 -3.78
N ALA D 220 -43.95 7.71 -4.81
CA ALA D 220 -43.98 6.38 -5.39
C ALA D 220 -42.62 5.74 -5.18
N LEU D 221 -42.62 4.52 -4.64
CA LEU D 221 -41.40 3.85 -4.24
C LEU D 221 -41.14 2.63 -5.13
N VAL D 222 -39.88 2.44 -5.50
CA VAL D 222 -39.42 1.28 -6.23
C VAL D 222 -38.19 0.77 -5.51
N TYR D 223 -38.13 -0.54 -5.25
CA TYR D 223 -37.03 -1.10 -4.47
C TYR D 223 -36.46 -2.33 -5.15
N GLY D 224 -35.13 -2.40 -5.18
CA GLY D 224 -34.43 -3.59 -5.62
C GLY D 224 -33.17 -3.73 -4.80
N GLN D 225 -33.33 -4.19 -3.56
CA GLN D 225 -32.27 -4.09 -2.57
C GLN D 225 -31.13 -5.04 -2.89
N MET D 226 -30.18 -5.15 -1.96
CA MET D 226 -28.93 -5.85 -2.21
C MET D 226 -29.05 -7.35 -1.99
N ASN D 227 -30.22 -7.86 -1.65
CA ASN D 227 -30.45 -9.30 -1.67
C ASN D 227 -30.84 -9.81 -3.04
N GLU D 228 -31.11 -8.91 -3.98
CA GLU D 228 -31.57 -9.29 -5.31
C GLU D 228 -30.39 -9.70 -6.19
N PRO D 229 -30.63 -10.59 -7.15
CA PRO D 229 -29.58 -10.96 -8.08
C PRO D 229 -29.23 -9.79 -8.98
N PRO D 230 -28.02 -9.76 -9.54
CA PRO D 230 -27.58 -8.57 -10.29
C PRO D 230 -28.57 -8.11 -11.34
N GLY D 231 -29.32 -9.02 -11.95
CA GLY D 231 -30.24 -8.61 -13.00
C GLY D 231 -31.27 -7.61 -12.51
N ALA D 232 -31.72 -7.76 -11.26
CA ALA D 232 -32.77 -6.88 -10.75
C ALA D 232 -32.20 -5.55 -10.27
N ARG D 233 -31.00 -5.56 -9.69
CA ARG D 233 -30.37 -4.31 -9.29
C ARG D 233 -29.99 -3.47 -10.51
N ALA D 234 -29.60 -4.11 -11.60
CA ALA D 234 -29.22 -3.37 -12.80
C ALA D 234 -30.42 -2.73 -13.51
N ARG D 235 -31.64 -3.03 -13.10
CA ARG D 235 -32.83 -2.55 -13.79
C ARG D 235 -33.84 -1.84 -12.90
N VAL D 236 -33.73 -1.95 -11.58
CA VAL D 236 -34.67 -1.21 -10.74
C VAL D 236 -34.48 0.29 -10.91
N ALA D 237 -33.25 0.72 -11.24
CA ALA D 237 -33.05 2.13 -11.55
C ALA D 237 -33.86 2.54 -12.77
N LEU D 238 -33.89 1.68 -13.79
CA LEU D 238 -34.70 1.96 -14.98
C LEU D 238 -36.19 1.95 -14.65
N THR D 239 -36.61 1.11 -13.72
CA THR D 239 -38.03 1.10 -13.34
C THR D 239 -38.42 2.41 -12.65
N GLY D 240 -37.63 2.83 -11.66
CA GLY D 240 -37.91 4.10 -11.02
C GLY D 240 -37.84 5.24 -12.01
N LEU D 241 -36.88 5.18 -12.93
CA LEU D 241 -36.73 6.21 -13.94
C LEU D 241 -37.94 6.25 -14.87
N THR D 242 -38.52 5.09 -15.17
CA THR D 242 -39.73 5.07 -16.01
C THR D 242 -40.90 5.70 -15.29
N VAL D 243 -41.08 5.40 -14.01
CA VAL D 243 -42.17 6.04 -13.27
C VAL D 243 -41.99 7.55 -13.28
N ALA D 244 -40.77 8.01 -13.01
CA ALA D 244 -40.49 9.44 -13.03
C ALA D 244 -40.74 10.04 -14.40
N GLU D 245 -40.32 9.34 -15.46
CA GLU D 245 -40.50 9.85 -16.81
C GLU D 245 -41.98 10.03 -17.13
N TYR D 246 -42.80 9.05 -16.75
CA TYR D 246 -44.24 9.20 -16.98
C TYR D 246 -44.78 10.41 -16.24
N PHE D 247 -44.42 10.56 -14.96
CA PHE D 247 -44.92 11.72 -14.23
C PHE D 247 -44.42 13.01 -14.84
N ARG D 248 -43.26 12.99 -15.50
CA ARG D 248 -42.74 14.18 -16.14
C ARG D 248 -43.57 14.53 -17.38
N ASP D 249 -43.85 13.53 -18.22
CA ASP D 249 -44.51 13.77 -19.49
C ASP D 249 -46.02 13.91 -19.33
N GLN D 250 -46.72 12.77 -19.27
CA GLN D 250 -48.18 12.79 -19.33
C GLN D 250 -48.76 13.72 -18.27
N GLU D 251 -48.33 13.56 -17.01
CA GLU D 251 -48.82 14.45 -15.97
C GLU D 251 -48.40 15.90 -16.22
N GLY D 252 -47.36 16.11 -17.01
CA GLY D 252 -46.86 17.45 -17.28
C GLY D 252 -46.73 18.24 -16.00
N GLN D 253 -45.74 17.90 -15.18
CA GLN D 253 -45.60 18.51 -13.86
C GLN D 253 -44.18 18.31 -13.37
N ASP D 254 -43.85 19.02 -12.30
CA ASP D 254 -42.55 18.85 -11.66
C ASP D 254 -42.49 17.50 -10.96
N VAL D 255 -41.30 16.92 -10.93
CA VAL D 255 -41.07 15.65 -10.26
C VAL D 255 -39.74 15.73 -9.53
N LEU D 256 -39.64 15.03 -8.41
CA LEU D 256 -38.37 14.74 -7.77
C LEU D 256 -38.09 13.26 -7.94
N LEU D 257 -36.81 12.91 -8.06
CA LEU D 257 -36.41 11.52 -8.25
C LEU D 257 -35.16 11.29 -7.42
N PHE D 258 -35.30 10.55 -6.33
CA PHE D 258 -34.19 10.22 -5.46
C PHE D 258 -33.74 8.80 -5.75
N ILE D 259 -32.43 8.59 -5.86
CA ILE D 259 -31.87 7.29 -6.16
C ILE D 259 -30.77 6.99 -5.16
N ASP D 260 -30.75 5.77 -4.64
CA ASP D 260 -29.81 5.45 -3.56
C ASP D 260 -29.45 3.97 -3.61
N ASN D 261 -28.20 3.61 -3.98
CA ASN D 261 -27.20 4.44 -4.63
C ASN D 261 -27.22 4.12 -6.11
N ILE D 262 -26.67 5.01 -6.92
CA ILE D 262 -26.56 4.77 -8.35
C ILE D 262 -25.23 4.12 -8.71
N PHE D 263 -24.42 3.77 -7.71
CA PHE D 263 -23.25 2.95 -7.94
C PHE D 263 -23.58 1.46 -8.00
N ARG D 264 -24.69 1.06 -7.38
CA ARG D 264 -25.09 -0.34 -7.43
C ARG D 264 -25.62 -0.73 -8.81
N PHE D 265 -26.13 0.23 -9.58
CA PHE D 265 -26.46 -0.05 -10.97
C PHE D 265 -25.22 -0.46 -11.74
N THR D 266 -24.15 0.33 -11.65
CA THR D 266 -22.90 -0.01 -12.30
C THR D 266 -22.35 -1.33 -11.79
N GLN D 267 -22.31 -1.48 -10.47
CA GLN D 267 -21.73 -2.70 -9.90
C GLN D 267 -22.50 -3.93 -10.33
N ALA D 268 -23.83 -3.88 -10.30
CA ALA D 268 -24.63 -5.00 -10.75
C ALA D 268 -24.39 -5.29 -12.22
N GLY D 269 -24.19 -4.24 -13.02
CA GLY D 269 -23.79 -4.48 -14.39
C GLY D 269 -22.45 -5.20 -14.49
N SER D 270 -21.56 -4.96 -13.54
CA SER D 270 -20.24 -5.58 -13.57
C SER D 270 -20.24 -7.03 -13.09
N GLU D 271 -21.27 -7.45 -12.35
CA GLU D 271 -21.30 -8.80 -11.79
C GLU D 271 -21.72 -9.84 -12.82
N VAL D 272 -22.23 -9.42 -13.97
CA VAL D 272 -22.67 -10.35 -15.00
C VAL D 272 -21.87 -10.21 -16.30
N SER D 273 -21.09 -9.14 -16.45
CA SER D 273 -20.40 -8.92 -17.71
C SER D 273 -19.49 -10.07 -18.05
N ALA D 274 -18.69 -10.52 -17.09
CA ALA D 274 -17.75 -11.60 -17.36
C ALA D 274 -18.45 -12.86 -17.83
N LEU D 275 -19.68 -13.10 -17.34
CA LEU D 275 -20.43 -14.27 -17.76
C LEU D 275 -21.12 -14.08 -19.10
N LEU D 276 -21.24 -12.85 -19.58
CA LEU D 276 -21.77 -12.57 -20.90
C LEU D 276 -20.69 -12.58 -21.97
N GLY D 277 -19.45 -12.86 -21.61
CA GLY D 277 -18.39 -13.02 -22.57
C GLY D 277 -17.59 -11.78 -22.89
N ARG D 278 -17.69 -10.74 -22.08
CA ARG D 278 -16.94 -9.52 -22.34
C ARG D 278 -15.64 -9.52 -21.57
N ILE D 279 -14.57 -9.09 -22.22
CA ILE D 279 -13.29 -8.93 -21.52
C ILE D 279 -13.42 -7.79 -20.52
N PRO D 280 -12.92 -7.94 -19.29
CA PRO D 280 -13.03 -6.83 -18.34
C PRO D 280 -12.10 -5.69 -18.71
N SER D 281 -12.45 -4.49 -18.26
CA SER D 281 -11.63 -3.31 -18.50
C SER D 281 -11.16 -2.76 -17.17
N ALA D 282 -10.38 -1.69 -17.25
CA ALA D 282 -10.00 -0.85 -16.10
C ALA D 282 -9.87 -1.74 -14.87
N VAL D 283 -10.51 -1.42 -13.75
CA VAL D 283 -10.31 -2.16 -12.50
C VAL D 283 -11.45 -3.17 -12.42
N GLY D 284 -11.47 -4.09 -13.38
CA GLY D 284 -12.47 -5.14 -13.36
C GLY D 284 -13.88 -4.63 -13.50
N TYR D 285 -14.10 -3.68 -14.39
CA TYR D 285 -15.43 -3.19 -14.72
C TYR D 285 -15.79 -3.67 -16.11
N GLN D 286 -17.07 -3.66 -16.42
CA GLN D 286 -17.49 -4.09 -17.75
C GLN D 286 -16.95 -3.11 -18.79
N PRO D 287 -16.65 -3.56 -20.01
CA PRO D 287 -16.18 -2.62 -21.02
C PRO D 287 -17.18 -1.53 -21.35
N THR D 288 -18.46 -1.77 -21.10
CA THR D 288 -19.52 -0.82 -21.44
C THR D 288 -19.95 0.03 -20.26
N LEU D 289 -19.02 0.35 -19.35
CA LEU D 289 -19.41 1.11 -18.16
C LEU D 289 -19.98 2.46 -18.53
N ALA D 290 -19.23 3.23 -19.32
CA ALA D 290 -19.65 4.60 -19.61
C ALA D 290 -20.91 4.62 -20.47
N THR D 291 -20.99 3.74 -21.47
CA THR D 291 -22.18 3.71 -22.32
C THR D 291 -23.40 3.26 -21.53
N ASP D 292 -23.25 2.23 -20.71
CA ASP D 292 -24.39 1.74 -19.93
C ASP D 292 -24.87 2.80 -18.96
N MET D 293 -23.95 3.55 -18.34
CA MET D 293 -24.37 4.59 -17.42
C MET D 293 -24.97 5.77 -18.17
N GLY D 294 -24.45 6.09 -19.36
CA GLY D 294 -24.99 7.19 -20.12
C GLY D 294 -26.39 6.94 -20.63
N THR D 295 -26.65 5.72 -21.11
CA THR D 295 -27.98 5.44 -21.65
C THR D 295 -29.05 5.49 -20.58
N MET D 296 -28.68 5.53 -19.31
CA MET D 296 -29.61 5.72 -18.20
C MET D 296 -29.64 7.17 -17.72
N GLN D 297 -28.48 7.74 -17.41
CA GLN D 297 -28.42 9.09 -16.89
C GLN D 297 -28.89 10.13 -17.92
N GLU D 298 -29.07 9.73 -19.16
CA GLU D 298 -29.52 10.63 -20.20
C GLU D 298 -31.03 10.68 -20.34
N ARG D 299 -31.76 9.83 -19.62
CA ARG D 299 -33.21 9.94 -19.55
C ARG D 299 -33.66 10.70 -18.30
N ILE D 300 -32.77 10.95 -17.36
CA ILE D 300 -33.06 11.74 -16.17
C ILE D 300 -32.72 13.18 -16.54
N THR D 301 -33.66 13.87 -17.17
CA THR D 301 -33.39 15.22 -17.64
C THR D 301 -34.65 16.05 -17.62
N THR D 302 -34.46 17.37 -17.59
CA THR D 302 -35.54 18.34 -17.60
C THR D 302 -35.77 18.78 -19.04
N THR D 303 -36.64 18.05 -19.74
CA THR D 303 -37.01 18.46 -21.08
C THR D 303 -37.89 19.69 -21.01
N LYS D 304 -38.38 20.12 -22.17
CA LYS D 304 -39.31 21.24 -22.20
C LYS D 304 -40.73 20.83 -21.88
N LYS D 305 -41.00 19.53 -21.77
CA LYS D 305 -42.33 19.04 -21.44
C LYS D 305 -42.53 18.81 -19.96
N GLY D 306 -41.46 18.67 -19.19
CA GLY D 306 -41.57 18.46 -17.76
C GLY D 306 -40.33 18.93 -17.06
N SER D 307 -40.04 18.32 -15.91
CA SER D 307 -38.92 18.77 -15.09
C SER D 307 -38.63 17.82 -13.94
N ILE D 308 -37.56 17.05 -14.04
CA ILE D 308 -37.17 16.10 -13.01
C ILE D 308 -35.99 16.69 -12.25
N THR D 309 -36.15 16.87 -10.94
CA THR D 309 -35.04 17.19 -10.05
C THR D 309 -34.51 15.87 -9.50
N SER D 310 -33.34 15.48 -9.93
CA SER D 310 -32.81 14.15 -9.63
C SER D 310 -31.70 14.28 -8.60
N VAL D 311 -31.87 13.64 -7.44
CA VAL D 311 -30.84 13.54 -6.43
C VAL D 311 -30.34 12.11 -6.41
N GLN D 312 -29.03 11.94 -6.52
CA GLN D 312 -28.42 10.63 -6.65
C GLN D 312 -27.38 10.46 -5.56
N ALA D 313 -27.41 9.34 -4.87
CA ALA D 313 -26.36 8.96 -3.94
C ALA D 313 -25.40 8.03 -4.67
N ILE D 314 -24.11 8.32 -4.60
CA ILE D 314 -23.12 7.61 -5.40
C ILE D 314 -22.04 7.10 -4.45
N TYR D 315 -22.04 5.80 -4.19
CA TYR D 315 -20.98 5.20 -3.42
C TYR D 315 -19.65 5.38 -4.13
N VAL D 316 -18.62 5.73 -3.36
CA VAL D 316 -17.26 5.86 -3.87
C VAL D 316 -16.41 4.76 -3.25
N PRO D 317 -16.14 3.66 -3.95
CA PRO D 317 -15.47 2.53 -3.32
C PRO D 317 -14.14 2.88 -2.67
N ALA D 318 -14.13 2.94 -1.34
CA ALA D 318 -12.91 3.19 -0.57
C ALA D 318 -12.49 4.66 -0.65
N ASP D 319 -13.46 5.55 -0.66
CA ASP D 319 -13.19 6.99 -0.66
C ASP D 319 -12.41 7.43 -1.89
N ASP D 320 -12.28 6.54 -2.87
CA ASP D 320 -11.43 6.79 -4.04
C ASP D 320 -12.27 7.50 -5.11
N LEU D 321 -12.14 8.82 -5.19
CA LEU D 321 -12.89 9.59 -6.17
C LEU D 321 -12.39 9.39 -7.58
N THR D 322 -11.24 8.73 -7.78
CA THR D 322 -10.70 8.47 -9.09
C THR D 322 -11.07 7.08 -9.60
N ASP D 323 -11.92 6.35 -8.88
CA ASP D 323 -12.41 5.09 -9.37
C ASP D 323 -13.21 5.32 -10.65
N PRO D 324 -13.21 4.36 -11.58
CA PRO D 324 -13.92 4.59 -12.84
C PRO D 324 -15.40 4.92 -12.67
N ALA D 325 -16.08 4.32 -11.70
CA ALA D 325 -17.52 4.54 -11.59
C ALA D 325 -17.85 5.96 -11.15
N PRO D 326 -17.44 6.42 -9.97
CA PRO D 326 -17.68 7.82 -9.62
C PRO D 326 -17.04 8.80 -10.59
N ALA D 327 -15.85 8.47 -11.09
CA ALA D 327 -15.18 9.37 -12.02
C ALA D 327 -16.05 9.60 -13.25
N THR D 328 -16.66 8.54 -13.77
CA THR D 328 -17.55 8.68 -14.91
C THR D 328 -18.83 9.40 -14.52
N THR D 329 -19.35 9.11 -13.32
CA THR D 329 -20.61 9.73 -12.92
C THR D 329 -20.47 11.23 -12.78
N PHE D 330 -19.26 11.72 -12.51
CA PHE D 330 -19.09 13.15 -12.30
C PHE D 330 -19.57 13.97 -13.48
N ALA D 331 -19.45 13.46 -14.69
CA ALA D 331 -19.74 14.24 -15.88
C ALA D 331 -21.22 14.35 -16.18
N HIS D 332 -22.07 13.65 -15.45
CA HIS D 332 -23.50 13.60 -15.72
C HIS D 332 -24.31 14.45 -14.78
N LEU D 333 -23.68 15.20 -13.89
CA LEU D 333 -24.35 15.93 -12.83
C LEU D 333 -24.09 17.42 -12.97
N ASP D 334 -25.09 18.22 -12.64
CA ASP D 334 -24.89 19.66 -12.56
C ASP D 334 -24.19 20.04 -11.27
N ALA D 335 -24.78 19.64 -10.14
CA ALA D 335 -24.22 19.92 -8.83
C ALA D 335 -23.70 18.64 -8.20
N THR D 336 -22.62 18.77 -7.44
CA THR D 336 -22.07 17.66 -6.68
C THR D 336 -21.74 18.14 -5.28
N THR D 337 -21.91 17.26 -4.31
CA THR D 337 -21.60 17.56 -2.91
C THR D 337 -20.79 16.39 -2.38
N VAL D 338 -19.48 16.50 -2.48
CA VAL D 338 -18.60 15.38 -2.13
C VAL D 338 -18.46 15.29 -0.62
N LEU D 339 -19.30 14.48 0.00
CA LEU D 339 -19.13 14.19 1.42
C LEU D 339 -17.77 13.54 1.65
N SER D 340 -17.12 13.94 2.72
CA SER D 340 -15.75 13.54 3.00
C SER D 340 -15.65 12.89 4.36
N ARG D 341 -14.90 11.79 4.45
CA ARG D 341 -14.73 11.13 5.74
C ARG D 341 -13.80 11.92 6.65
N ALA D 342 -12.79 12.56 6.08
CA ALA D 342 -11.87 13.33 6.90
C ALA D 342 -12.56 14.47 7.62
N ILE D 343 -13.71 14.93 7.11
CA ILE D 343 -14.47 15.97 7.79
C ILE D 343 -15.51 15.36 8.73
N ALA D 344 -15.99 14.16 8.43
CA ALA D 344 -16.93 13.49 9.32
C ALA D 344 -16.25 13.00 10.59
N GLU D 345 -14.96 12.67 10.50
CA GLU D 345 -14.23 12.30 11.70
C GLU D 345 -14.17 13.47 12.68
N LEU D 346 -14.04 14.69 12.16
CA LEU D 346 -14.00 15.88 12.99
C LEU D 346 -15.33 16.19 13.67
N GLY D 347 -16.40 15.51 13.28
CA GLY D 347 -17.71 15.78 13.84
C GLY D 347 -18.50 16.84 13.10
N ILE D 348 -17.97 17.41 12.03
CA ILE D 348 -18.72 18.37 11.21
C ILE D 348 -19.69 17.57 10.35
N TYR D 349 -20.99 17.75 10.59
CA TYR D 349 -22.02 17.03 9.88
C TYR D 349 -23.06 18.03 9.39
N PRO D 350 -23.51 17.94 8.12
CA PRO D 350 -23.11 16.98 7.09
C PRO D 350 -21.67 17.19 6.65
N ALA D 351 -20.98 16.11 6.34
CA ALA D 351 -19.54 16.16 6.10
C ALA D 351 -19.21 16.67 4.71
N VAL D 352 -20.07 17.52 4.15
CA VAL D 352 -19.84 18.01 2.80
C VAL D 352 -18.50 18.73 2.74
N ASP D 353 -17.67 18.34 1.77
CA ASP D 353 -16.38 18.97 1.60
C ASP D 353 -16.56 20.29 0.86
N PRO D 354 -16.23 21.43 1.47
CA PRO D 354 -16.50 22.71 0.80
C PRO D 354 -15.63 22.97 -0.41
N LEU D 355 -14.48 22.32 -0.52
CA LEU D 355 -13.58 22.55 -1.64
C LEU D 355 -13.74 21.53 -2.76
N ASP D 356 -14.35 20.38 -2.47
CA ASP D 356 -14.55 19.35 -3.49
C ASP D 356 -15.98 19.32 -4.02
N SER D 357 -16.80 20.29 -3.66
CA SER D 357 -18.17 20.39 -4.13
C SER D 357 -18.28 21.55 -5.12
N THR D 358 -19.16 21.38 -6.11
CA THR D 358 -19.31 22.38 -7.15
C THR D 358 -20.76 22.42 -7.60
N SER D 359 -21.12 23.50 -8.29
CA SER D 359 -22.42 23.59 -8.94
C SER D 359 -22.27 24.37 -10.23
N ARG D 360 -23.19 24.12 -11.17
CA ARG D 360 -23.17 24.86 -12.42
C ARG D 360 -23.68 26.28 -12.24
N ILE D 361 -24.76 26.44 -11.48
CA ILE D 361 -25.34 27.77 -11.26
C ILE D 361 -24.46 28.65 -10.42
N MET D 362 -23.43 28.11 -9.79
CA MET D 362 -22.58 28.91 -8.94
C MET D 362 -21.81 29.91 -9.79
N ASP D 363 -22.50 30.91 -10.31
CA ASP D 363 -21.91 32.01 -11.06
C ASP D 363 -22.50 33.31 -10.56
N PRO D 364 -21.77 34.42 -10.66
CA PRO D 364 -22.29 35.67 -10.12
C PRO D 364 -23.54 36.14 -10.83
N ASN D 365 -23.80 35.68 -12.04
CA ASN D 365 -24.96 36.13 -12.81
C ASN D 365 -26.21 35.30 -12.57
N ILE D 366 -26.12 34.24 -11.76
CA ILE D 366 -27.26 33.39 -11.48
C ILE D 366 -27.69 33.49 -10.02
N VAL D 367 -26.74 33.64 -9.10
CA VAL D 367 -27.05 33.67 -7.69
C VAL D 367 -26.99 35.10 -7.17
N GLY D 368 -26.07 35.89 -7.73
CA GLY D 368 -25.87 37.25 -7.28
C GLY D 368 -24.43 37.47 -6.86
N SER D 369 -23.98 38.73 -6.87
CA SER D 369 -22.58 38.99 -6.55
C SER D 369 -22.28 38.85 -5.07
N GLU D 370 -23.25 39.15 -4.21
CA GLU D 370 -23.03 38.97 -2.77
C GLU D 370 -22.87 37.50 -2.41
N HIS D 371 -23.80 36.66 -2.88
CA HIS D 371 -23.70 35.22 -2.64
C HIS D 371 -22.39 34.67 -3.20
N TYR D 372 -22.08 35.03 -4.45
CA TYR D 372 -20.88 34.50 -5.09
C TYR D 372 -19.63 34.92 -4.33
N ASP D 373 -19.55 36.19 -3.94
CA ASP D 373 -18.37 36.68 -3.25
C ASP D 373 -18.22 36.03 -1.88
N VAL D 374 -19.33 35.84 -1.16
CA VAL D 374 -19.25 35.18 0.13
C VAL D 374 -18.74 33.75 -0.04
N ALA D 375 -19.28 33.04 -1.02
CA ALA D 375 -18.86 31.65 -1.24
C ALA D 375 -17.39 31.58 -1.58
N ARG D 376 -16.93 32.45 -2.49
CA ARG D 376 -15.53 32.41 -2.87
C ARG D 376 -14.62 32.83 -1.73
N GLY D 377 -15.04 33.78 -0.90
CA GLY D 377 -14.25 34.12 0.27
C GLY D 377 -14.12 32.96 1.23
N VAL D 378 -15.21 32.22 1.44
CA VAL D 378 -15.15 31.07 2.33
C VAL D 378 -14.20 30.02 1.76
N GLN D 379 -14.32 29.74 0.47
CA GLN D 379 -13.45 28.72 -0.12
C GLN D 379 -11.99 29.14 -0.04
N LYS D 380 -11.70 30.42 -0.32
CA LYS D 380 -10.32 30.88 -0.25
C LYS D 380 -9.76 30.79 1.16
N ILE D 381 -10.57 31.15 2.17
CA ILE D 381 -10.06 31.11 3.53
C ILE D 381 -9.80 29.67 3.95
N LEU D 382 -10.66 28.74 3.53
CA LEU D 382 -10.43 27.34 3.87
C LEU D 382 -9.18 26.80 3.18
N GLN D 383 -8.94 27.19 1.92
CA GLN D 383 -7.73 26.74 1.26
C GLN D 383 -6.48 27.32 1.92
N ASP D 384 -6.53 28.58 2.32
CA ASP D 384 -5.41 29.17 3.05
C ASP D 384 -5.17 28.45 4.37
N TYR D 385 -6.26 28.07 5.05
CA TYR D 385 -6.13 27.29 6.27
C TYR D 385 -5.42 25.97 6.01
N LYS D 386 -5.78 25.30 4.92
CA LYS D 386 -5.09 24.06 4.57
C LYS D 386 -3.61 24.31 4.34
N SER D 387 -3.27 25.39 3.65
CA SER D 387 -1.87 25.71 3.44
C SER D 387 -1.14 25.95 4.76
N LEU D 388 -1.81 26.57 5.73
CA LEU D 388 -1.17 26.88 7.00
C LEU D 388 -1.00 25.63 7.88
N GLN D 389 -1.91 24.66 7.76
CA GLN D 389 -1.83 23.48 8.62
C GLN D 389 -0.50 22.76 8.45
N ASP D 390 0.12 22.86 7.27
CA ASP D 390 1.43 22.24 7.09
C ASP D 390 2.48 22.91 7.96
N ILE D 391 2.44 24.24 8.06
CA ILE D 391 3.41 24.96 8.89
C ILE D 391 3.15 24.70 10.37
N ILE D 392 1.89 24.73 10.78
CA ILE D 392 1.58 24.54 12.20
C ILE D 392 2.06 23.21 12.71
N ALA D 393 2.30 22.24 11.82
CA ALA D 393 2.79 20.94 12.22
C ALA D 393 4.25 20.95 12.63
N ILE D 394 4.99 21.99 12.28
CA ILE D 394 6.40 22.12 12.62
C ILE D 394 6.63 23.23 13.65
N LEU D 395 6.15 24.43 13.36
CA LEU D 395 6.21 25.51 14.34
C LEU D 395 5.30 25.22 15.52
N GLY D 396 4.00 25.44 15.32
CA GLY D 396 3.04 25.41 16.39
C GLY D 396 2.21 26.68 16.31
N MET D 397 1.00 26.66 16.86
CA MET D 397 0.15 27.84 16.75
C MET D 397 0.79 29.05 17.42
N ASP D 398 1.66 28.82 18.40
CA ASP D 398 2.23 29.92 19.16
C ASP D 398 3.20 30.77 18.35
N GLU D 399 3.66 30.30 17.19
CA GLU D 399 4.72 30.96 16.44
C GLU D 399 4.21 31.54 15.12
N LEU D 400 2.91 31.65 14.95
CA LEU D 400 2.36 32.16 13.70
C LEU D 400 2.26 33.68 13.73
N SER D 401 2.39 34.28 12.56
CA SER D 401 2.19 35.72 12.44
C SER D 401 0.80 36.08 12.97
N GLU D 402 0.73 37.15 13.75
CA GLU D 402 -0.52 37.53 14.38
C GLU D 402 -1.65 37.74 13.37
N GLU D 403 -1.33 37.81 12.08
CA GLU D 403 -2.36 37.80 11.05
C GLU D 403 -2.75 36.38 10.67
N ASP D 404 -1.78 35.47 10.60
CA ASP D 404 -2.10 34.09 10.25
C ASP D 404 -3.01 33.46 11.29
N LYS D 405 -2.76 33.73 12.58
CA LYS D 405 -3.67 33.24 13.59
C LYS D 405 -5.09 33.71 13.35
N LEU D 406 -5.25 34.91 12.80
CA LEU D 406 -6.58 35.40 12.47
C LEU D 406 -7.21 34.56 11.36
N THR D 407 -6.42 34.21 10.35
CA THR D 407 -6.91 33.32 9.30
C THR D 407 -7.32 31.97 9.87
N VAL D 408 -6.50 31.41 10.77
CA VAL D 408 -6.82 30.12 11.34
C VAL D 408 -8.10 30.19 12.16
N SER D 409 -8.27 31.26 12.94
CA SER D 409 -9.47 31.40 13.75
C SER D 409 -10.71 31.54 12.89
N ARG D 410 -10.65 32.39 11.88
CA ARG D 410 -11.79 32.53 10.97
C ARG D 410 -12.08 31.20 10.28
N ALA D 411 -11.03 30.48 9.86
CA ALA D 411 -11.23 29.24 9.14
C ALA D 411 -11.90 28.20 10.03
N ARG D 412 -11.50 28.11 11.29
CA ARG D 412 -12.14 27.15 12.19
C ARG D 412 -13.58 27.55 12.49
N LYS D 413 -13.85 28.84 12.67
CA LYS D 413 -15.21 29.27 12.88
C LYS D 413 -16.08 28.92 11.68
N ILE D 414 -15.56 29.13 10.47
CA ILE D 414 -16.32 28.82 9.26
C ILE D 414 -16.49 27.32 9.10
N GLN D 415 -15.46 26.55 9.47
CA GLN D 415 -15.56 25.10 9.39
C GLN D 415 -16.66 24.58 10.30
N ARG D 416 -16.75 25.13 11.51
CA ARG D 416 -17.80 24.68 12.43
C ARG D 416 -19.17 25.19 11.99
N PHE D 417 -19.23 26.42 11.48
CA PHE D 417 -20.52 27.01 11.17
C PHE D 417 -21.21 26.31 10.01
N LEU D 418 -20.47 25.57 9.19
CA LEU D 418 -21.11 24.81 8.11
C LEU D 418 -21.85 23.58 8.63
N SER D 419 -21.47 23.07 9.79
CA SER D 419 -22.22 21.99 10.41
C SER D 419 -23.62 22.46 10.78
N GLN D 420 -24.56 21.53 10.76
CA GLN D 420 -25.96 21.86 10.97
C GLN D 420 -26.66 20.63 11.51
N PRO D 421 -27.65 20.80 12.39
CA PRO D 421 -28.41 19.64 12.85
C PRO D 421 -29.63 19.38 12.00
N PHE D 422 -29.78 18.14 11.52
CA PHE D 422 -30.92 17.77 10.72
C PHE D 422 -32.08 17.35 11.60
N GLN D 423 -33.28 17.41 11.03
CA GLN D 423 -34.46 16.90 11.72
C GLN D 423 -34.53 15.38 11.68
N VAL D 424 -33.75 14.73 10.83
CA VAL D 424 -33.70 13.28 10.77
C VAL D 424 -32.54 12.70 11.57
N ALA D 425 -31.56 13.52 11.95
CA ALA D 425 -30.46 13.09 12.80
C ALA D 425 -30.69 13.47 14.26
N GLU D 426 -31.95 13.55 14.69
CA GLU D 426 -32.23 13.78 16.10
C GLU D 426 -31.73 12.61 16.94
N VAL D 427 -31.87 11.39 16.42
CA VAL D 427 -31.52 10.20 17.20
C VAL D 427 -30.04 10.20 17.54
N PHE D 428 -29.19 10.58 16.58
CA PHE D 428 -27.75 10.59 16.82
C PHE D 428 -27.37 11.73 17.74
N THR D 429 -27.42 12.96 17.23
CA THR D 429 -26.97 14.10 18.01
C THR D 429 -27.87 14.38 19.21
N GLY D 430 -29.17 14.12 19.09
CA GLY D 430 -30.11 14.49 20.12
C GLY D 430 -30.59 15.92 20.02
N HIS D 431 -29.97 16.75 19.20
CA HIS D 431 -30.36 18.14 19.04
C HIS D 431 -31.66 18.23 18.26
N LEU D 432 -31.98 19.42 17.77
CA LEU D 432 -33.21 19.66 17.03
C LEU D 432 -32.87 20.19 15.66
N GLY D 433 -33.66 19.81 14.66
CA GLY D 433 -33.36 20.18 13.29
C GLY D 433 -33.63 21.65 13.04
N LYS D 434 -32.75 22.27 12.26
CA LYS D 434 -32.87 23.67 11.89
C LYS D 434 -32.87 23.81 10.38
N LEU D 435 -33.74 24.66 9.86
CA LEU D 435 -33.74 25.05 8.46
C LEU D 435 -33.33 26.51 8.38
N VAL D 436 -32.29 26.79 7.60
CA VAL D 436 -31.67 28.11 7.57
C VAL D 436 -31.97 28.73 6.21
N PRO D 437 -32.75 29.81 6.14
CA PRO D 437 -33.01 30.44 4.84
C PRO D 437 -31.73 31.00 4.23
N LEU D 438 -31.73 31.11 2.90
CA LEU D 438 -30.50 31.42 2.18
C LEU D 438 -29.91 32.75 2.62
N LYS D 439 -30.75 33.78 2.79
CA LYS D 439 -30.23 35.07 3.19
C LYS D 439 -29.53 34.99 4.53
N GLU D 440 -30.03 34.17 5.45
CA GLU D 440 -29.41 34.04 6.77
C GLU D 440 -28.05 33.37 6.67
N THR D 441 -27.91 32.37 5.80
CA THR D 441 -26.60 31.76 5.61
C THR D 441 -25.61 32.76 5.02
N ILE D 442 -26.03 33.50 4.00
CA ILE D 442 -25.12 34.47 3.40
C ILE D 442 -24.71 35.51 4.43
N LYS D 443 -25.66 36.02 5.21
CA LYS D 443 -25.33 36.99 6.24
C LYS D 443 -24.37 36.40 7.25
N GLY D 444 -24.63 35.18 7.71
CA GLY D 444 -23.78 34.58 8.71
C GLY D 444 -22.34 34.48 8.25
N PHE D 445 -22.14 33.99 7.02
CA PHE D 445 -20.77 33.79 6.57
C PHE D 445 -20.10 35.11 6.23
N GLN D 446 -20.86 36.05 5.69
CA GLN D 446 -20.29 37.37 5.41
C GLN D 446 -19.84 38.04 6.70
N GLN D 447 -20.63 37.93 7.77
CA GLN D 447 -20.23 38.47 9.06
C GLN D 447 -19.03 37.74 9.63
N ILE D 448 -19.01 36.41 9.56
CA ILE D 448 -17.89 35.66 10.12
C ILE D 448 -16.60 36.04 9.41
N LEU D 449 -16.66 36.28 8.10
CA LEU D 449 -15.47 36.69 7.38
C LEU D 449 -15.09 38.13 7.71
N ALA D 450 -16.09 39.02 7.82
CA ALA D 450 -15.83 40.43 8.05
C ALA D 450 -15.21 40.70 9.41
N GLY D 451 -15.24 39.73 10.32
CA GLY D 451 -14.65 39.89 11.64
C GLY D 451 -15.62 40.29 12.73
N GLU D 452 -16.91 40.38 12.43
CA GLU D 452 -17.89 40.78 13.43
C GLU D 452 -18.10 39.74 14.49
N TYR D 453 -17.29 38.68 14.56
CA TYR D 453 -17.47 37.68 15.60
C TYR D 453 -16.14 37.10 16.08
N ASP D 454 -15.03 37.79 15.88
CA ASP D 454 -13.74 37.24 16.25
C ASP D 454 -13.49 37.23 17.73
N HIS D 455 -14.53 37.39 18.57
CA HIS D 455 -14.38 37.23 20.01
C HIS D 455 -15.13 36.03 20.55
N LEU D 456 -16.21 35.60 19.90
CA LEU D 456 -16.89 34.39 20.34
C LEU D 456 -16.00 33.17 20.12
N PRO D 457 -16.04 32.19 21.02
CA PRO D 457 -15.20 31.01 20.83
C PRO D 457 -15.71 30.14 19.69
N GLU D 458 -14.83 29.26 19.22
CA GLU D 458 -15.18 28.41 18.07
C GLU D 458 -16.40 27.55 18.39
N GLN D 459 -16.43 26.92 19.56
CA GLN D 459 -17.46 25.93 19.83
C GLN D 459 -18.86 26.52 19.82
N ALA D 460 -18.97 27.85 19.90
CA ALA D 460 -20.28 28.48 19.84
C ALA D 460 -20.95 28.25 18.51
N PHE D 461 -20.17 28.06 17.45
CA PHE D 461 -20.69 27.93 16.09
C PHE D 461 -21.01 26.49 15.71
N TYR D 462 -20.74 25.53 16.59
CA TYR D 462 -20.84 24.12 16.24
C TYR D 462 -22.28 23.65 16.35
N MET D 463 -22.84 23.21 15.23
CA MET D 463 -24.19 22.64 15.18
C MET D 463 -25.22 23.65 15.66
N VAL D 464 -25.43 24.68 14.83
CA VAL D 464 -26.45 25.69 15.07
C VAL D 464 -26.96 26.17 13.73
N GLY D 465 -28.18 26.68 13.73
CA GLY D 465 -28.78 27.20 12.52
C GLY D 465 -28.21 28.57 12.19
N PRO D 466 -29.04 29.61 12.18
CA PRO D 466 -28.52 30.93 11.83
C PRO D 466 -27.49 31.41 12.84
N ILE D 467 -26.88 32.55 12.52
CA ILE D 467 -25.74 33.02 13.32
C ILE D 467 -26.20 33.46 14.71
N GLU D 468 -27.39 34.06 14.80
CA GLU D 468 -27.89 34.49 16.10
C GLU D 468 -27.95 33.33 17.08
N GLU D 469 -28.24 32.12 16.59
CA GLU D 469 -28.21 30.96 17.47
C GLU D 469 -26.80 30.70 17.98
N ALA D 470 -25.78 30.97 17.16
CA ALA D 470 -24.41 30.86 17.64
C ALA D 470 -24.14 31.89 18.72
N VAL D 471 -24.65 33.12 18.56
CA VAL D 471 -24.48 34.12 19.60
C VAL D 471 -25.14 33.66 20.90
N ALA D 472 -26.36 33.13 20.80
CA ALA D 472 -27.07 32.68 21.99
C ALA D 472 -26.35 31.51 22.66
N LYS D 473 -25.83 30.58 21.85
CA LYS D 473 -25.08 29.46 22.41
C LYS D 473 -23.82 29.95 23.10
N ALA D 474 -23.14 30.94 22.53
CA ALA D 474 -21.97 31.51 23.19
C ALA D 474 -22.37 32.18 24.51
N ASP D 475 -23.49 32.88 24.52
CA ASP D 475 -23.95 33.50 25.76
C ASP D 475 -24.21 32.45 26.82
N LYS D 476 -24.87 31.35 26.46
CA LYS D 476 -25.11 30.28 27.41
C LYS D 476 -23.80 29.67 27.89
N LEU D 477 -22.85 29.47 26.97
CA LEU D 477 -21.55 28.92 27.38
C LEU D 477 -20.86 29.84 28.38
N ALA D 478 -20.92 31.14 28.15
CA ALA D 478 -20.28 32.09 29.07
C ALA D 478 -20.96 32.10 30.42
N GLU D 479 -22.30 32.08 30.43
CA GLU D 479 -23.02 32.13 31.71
C GLU D 479 -22.71 30.91 32.56
N GLU D 480 -22.69 29.73 31.94
CA GLU D 480 -22.33 28.49 32.64
C GLU D 480 -20.84 28.20 32.46
N HIS D 481 -20.04 29.22 32.72
CA HIS D 481 -18.58 29.12 32.56
C HIS D 481 -17.91 28.82 33.89
N THR E 13 5.81 -14.35 -55.73
CA THR E 13 4.72 -15.16 -55.24
C THR E 13 3.54 -14.27 -54.89
N THR E 14 2.32 -14.79 -55.07
CA THR E 14 1.10 -14.02 -54.87
C THR E 14 0.22 -14.73 -53.84
N GLY E 15 -0.26 -13.96 -52.87
CA GLY E 15 -1.20 -14.46 -51.89
C GLY E 15 -2.41 -13.55 -51.79
N ARG E 16 -3.34 -13.85 -50.90
CA ARG E 16 -4.54 -13.05 -50.74
C ARG E 16 -4.66 -12.61 -49.29
N ILE E 17 -5.16 -11.40 -49.10
CA ILE E 17 -5.54 -10.95 -47.76
C ILE E 17 -6.74 -11.74 -47.32
N VAL E 18 -6.61 -12.45 -46.20
CA VAL E 18 -7.73 -13.22 -45.66
C VAL E 18 -8.35 -12.48 -44.49
N ALA E 19 -7.55 -11.74 -43.72
CA ALA E 19 -8.11 -11.03 -42.58
C ALA E 19 -7.43 -9.68 -42.40
N VAL E 20 -8.15 -8.76 -41.76
CA VAL E 20 -7.66 -7.41 -41.51
C VAL E 20 -8.19 -6.91 -40.18
N ILE E 21 -7.44 -7.12 -39.10
CA ILE E 21 -7.81 -6.68 -37.77
C ILE E 21 -6.90 -5.50 -37.43
N GLY E 22 -7.44 -4.29 -37.51
CA GLY E 22 -6.65 -3.12 -37.19
C GLY E 22 -5.47 -2.99 -38.13
N ALA E 23 -4.27 -2.89 -37.56
CA ALA E 23 -3.04 -2.80 -38.33
C ALA E 23 -2.40 -4.15 -38.59
N VAL E 24 -3.12 -5.24 -38.30
CA VAL E 24 -2.63 -6.59 -38.53
C VAL E 24 -3.38 -7.17 -39.70
N VAL E 25 -2.65 -7.76 -40.65
CA VAL E 25 -3.24 -8.31 -41.86
C VAL E 25 -2.78 -9.76 -42.00
N ASP E 26 -3.73 -10.67 -42.13
CA ASP E 26 -3.42 -12.07 -42.35
C ASP E 26 -3.57 -12.39 -43.83
N VAL E 27 -2.49 -12.88 -44.42
CA VAL E 27 -2.40 -13.17 -45.85
C VAL E 27 -2.27 -14.67 -46.02
N GLN E 28 -2.63 -15.16 -47.21
CA GLN E 28 -2.62 -16.58 -47.51
C GLN E 28 -1.90 -16.83 -48.82
N PHE E 29 -0.86 -17.66 -48.79
CA PHE E 29 -0.02 -17.92 -49.95
C PHE E 29 -0.23 -19.37 -50.38
N ASP E 30 -0.96 -19.55 -51.48
CA ASP E 30 -1.24 -20.91 -51.94
C ASP E 30 0.01 -21.59 -52.49
N GLU E 31 0.96 -20.83 -53.01
CA GLU E 31 2.17 -21.42 -53.58
C GLU E 31 3.22 -21.66 -52.50
N GLY E 32 3.99 -20.64 -52.15
CA GLY E 32 5.06 -20.80 -51.18
C GLY E 32 5.15 -19.65 -50.21
N LEU E 33 5.39 -19.95 -48.95
CA LEU E 33 5.34 -18.94 -47.90
C LEU E 33 6.61 -18.10 -47.90
N PRO E 34 6.51 -16.81 -47.61
CA PRO E 34 7.70 -16.00 -47.43
C PRO E 34 8.22 -16.15 -46.00
N PRO E 35 9.54 -16.23 -45.81
CA PRO E 35 10.06 -16.33 -44.45
C PRO E 35 9.66 -15.13 -43.62
N ILE E 36 9.83 -15.26 -42.30
CA ILE E 36 9.48 -14.18 -41.41
C ILE E 36 10.37 -12.98 -41.71
N LEU E 37 9.83 -11.78 -41.48
CA LEU E 37 10.47 -10.48 -41.64
C LEU E 37 10.45 -9.98 -43.09
N ASN E 38 10.04 -10.78 -44.07
CA ASN E 38 9.97 -10.27 -45.42
C ASN E 38 8.97 -9.12 -45.50
N ALA E 39 8.97 -8.47 -46.67
CA ALA E 39 8.05 -7.39 -46.96
C ALA E 39 7.20 -7.79 -48.16
N LEU E 40 5.91 -7.57 -48.04
CA LEU E 40 4.94 -7.89 -49.08
C LEU E 40 4.24 -6.61 -49.51
N GLU E 41 4.04 -6.43 -50.81
CA GLU E 41 3.37 -5.24 -51.31
C GLU E 41 1.95 -5.57 -51.73
N VAL E 42 1.00 -4.80 -51.21
CA VAL E 42 -0.41 -5.01 -51.52
C VAL E 42 -0.71 -4.39 -52.88
N GLN E 43 -1.16 -5.22 -53.81
CA GLN E 43 -1.47 -4.77 -55.16
C GLN E 43 -2.91 -4.29 -55.23
N GLY E 44 -3.09 -3.09 -55.77
CA GLY E 44 -4.40 -2.47 -55.82
C GLY E 44 -4.51 -1.35 -54.82
N ARG E 45 -3.41 -0.64 -54.61
CA ARG E 45 -3.31 0.38 -53.57
C ARG E 45 -2.89 1.70 -54.20
N GLU E 46 -3.62 2.77 -53.86
CA GLU E 46 -3.31 4.09 -54.41
C GLU E 46 -1.94 4.57 -53.97
N THR E 47 -1.47 4.13 -52.81
CA THR E 47 -0.15 4.47 -52.30
C THR E 47 0.49 3.22 -51.73
N ARG E 48 1.79 3.07 -51.97
CA ARG E 48 2.48 1.84 -51.63
C ARG E 48 2.24 1.44 -50.19
N LEU E 49 1.69 0.24 -49.98
CA LEU E 49 1.49 -0.33 -48.66
C LEU E 49 2.36 -1.58 -48.54
N VAL E 50 3.18 -1.62 -47.49
CA VAL E 50 4.12 -2.71 -47.27
C VAL E 50 3.75 -3.40 -45.97
N LEU E 51 3.70 -4.73 -46.00
CA LEU E 51 3.35 -5.54 -44.84
C LEU E 51 4.57 -6.38 -44.48
N GLU E 52 4.98 -6.34 -43.23
CA GLU E 52 6.12 -7.11 -42.77
C GLU E 52 5.62 -8.37 -42.08
N VAL E 53 6.05 -9.53 -42.57
CA VAL E 53 5.61 -10.80 -41.99
C VAL E 53 6.17 -10.94 -40.59
N ALA E 54 5.44 -11.65 -39.73
CA ALA E 54 5.84 -11.78 -38.33
C ALA E 54 5.48 -13.14 -37.74
N GLN E 55 4.65 -13.91 -38.44
CA GLN E 55 4.22 -15.21 -37.93
C GLN E 55 3.87 -16.12 -39.08
N HIS E 56 3.82 -17.42 -38.78
CA HIS E 56 3.39 -18.45 -39.71
C HIS E 56 2.30 -19.22 -38.99
N LEU E 57 1.04 -18.81 -39.19
CA LEU E 57 -0.05 -19.39 -38.42
C LEU E 57 -0.38 -20.81 -38.85
N GLY E 58 0.21 -21.31 -39.91
CA GLY E 58 -0.16 -22.61 -40.44
C GLY E 58 -1.31 -22.51 -41.43
N GLU E 59 -1.47 -23.56 -42.22
CA GLU E 59 -2.43 -23.56 -43.32
C GLU E 59 -2.06 -22.50 -44.34
N SER E 60 -0.76 -22.34 -44.57
CA SER E 60 -0.19 -21.42 -45.54
C SER E 60 -0.46 -19.96 -45.20
N THR E 61 -1.08 -19.68 -44.06
CA THR E 61 -1.38 -18.31 -43.67
C THR E 61 -0.20 -17.71 -42.94
N VAL E 62 0.01 -16.41 -43.15
CA VAL E 62 1.01 -15.65 -42.43
C VAL E 62 0.31 -14.43 -41.87
N ARG E 63 0.85 -13.91 -40.77
CA ARG E 63 0.33 -12.71 -40.14
C ARG E 63 1.38 -11.62 -40.27
N THR E 64 0.96 -10.45 -40.73
CA THR E 64 1.86 -9.38 -41.08
C THR E 64 1.42 -8.11 -40.36
N ILE E 65 2.40 -7.33 -39.94
CA ILE E 65 2.15 -6.01 -39.38
C ILE E 65 2.27 -5.00 -40.51
N ALA E 66 1.27 -4.14 -40.64
CA ALA E 66 1.22 -3.19 -41.74
C ALA E 66 2.07 -1.97 -41.42
N MET E 67 2.75 -1.46 -42.45
CA MET E 67 3.56 -0.25 -42.32
C MET E 67 2.80 1.01 -42.69
N ASP E 68 1.53 0.89 -43.07
CA ASP E 68 0.72 2.06 -43.39
C ASP E 68 -0.74 1.72 -43.10
N GLY E 69 -1.60 2.70 -43.29
CA GLY E 69 -3.02 2.50 -43.01
C GLY E 69 -3.61 1.36 -43.80
N THR E 70 -4.28 0.44 -43.11
CA THR E 70 -4.91 -0.71 -43.76
C THR E 70 -6.35 -0.44 -44.16
N GLU E 71 -6.89 0.73 -43.86
CA GLU E 71 -8.26 1.04 -44.24
C GLU E 71 -8.41 0.98 -45.75
N GLY E 72 -9.56 0.46 -46.20
CA GLY E 72 -9.80 0.28 -47.61
C GLY E 72 -9.27 -1.01 -48.20
N LEU E 73 -8.76 -1.92 -47.37
CA LEU E 73 -8.35 -3.23 -47.83
C LEU E 73 -9.53 -4.18 -47.83
N VAL E 74 -9.52 -5.13 -48.76
CA VAL E 74 -10.62 -6.06 -48.97
C VAL E 74 -10.09 -7.47 -48.77
N ARG E 75 -10.90 -8.32 -48.13
CA ARG E 75 -10.53 -9.71 -47.97
C ARG E 75 -10.42 -10.37 -49.33
N GLY E 76 -9.20 -10.48 -49.85
CA GLY E 76 -9.00 -11.10 -51.13
C GLY E 76 -8.01 -10.35 -52.01
N GLN E 77 -7.66 -9.13 -51.63
CA GLN E 77 -6.69 -8.38 -52.42
C GLN E 77 -5.42 -9.19 -52.61
N LYS E 78 -4.83 -9.04 -53.79
CA LYS E 78 -3.59 -9.75 -54.08
C LYS E 78 -2.42 -9.07 -53.37
N VAL E 79 -1.52 -9.88 -52.84
CA VAL E 79 -0.34 -9.41 -52.14
C VAL E 79 0.87 -10.08 -52.76
N LEU E 80 1.86 -9.28 -53.16
CA LEU E 80 3.01 -9.77 -53.90
C LEU E 80 4.19 -9.89 -52.96
N ASP E 81 4.81 -11.06 -52.94
CA ASP E 81 5.94 -11.34 -52.07
C ASP E 81 7.20 -10.78 -52.70
N SER E 82 7.80 -9.77 -52.07
CA SER E 82 9.00 -9.16 -52.62
C SER E 82 10.15 -10.15 -52.67
N GLY E 83 10.29 -10.99 -51.64
CA GLY E 83 11.32 -12.00 -51.59
C GLY E 83 12.48 -11.67 -50.67
N ALA E 84 12.61 -10.41 -50.26
CA ALA E 84 13.62 -9.99 -49.31
C ALA E 84 12.99 -8.99 -48.35
N PRO E 85 13.56 -8.79 -47.17
CA PRO E 85 12.97 -7.84 -46.22
C PRO E 85 12.88 -6.45 -46.80
N ILE E 86 12.40 -5.48 -46.02
CA ILE E 86 12.34 -4.11 -46.49
C ILE E 86 13.73 -3.73 -46.95
N ARG E 87 13.86 -3.35 -48.22
CA ARG E 87 15.13 -2.93 -48.79
C ARG E 87 15.06 -1.45 -49.10
N ILE E 88 16.01 -0.70 -48.56
CA ILE E 88 16.03 0.76 -48.69
C ILE E 88 17.21 1.16 -49.57
N PRO E 89 17.15 2.33 -50.21
CA PRO E 89 18.30 2.82 -50.98
C PRO E 89 19.35 3.41 -50.05
N VAL E 90 20.53 2.81 -50.02
CA VAL E 90 21.64 3.27 -49.20
C VAL E 90 22.78 3.67 -50.11
N GLY E 91 23.45 4.75 -49.77
CA GLY E 91 24.58 5.23 -50.53
C GLY E 91 24.92 6.66 -50.17
N PRO E 92 25.79 7.29 -50.96
CA PRO E 92 26.09 8.70 -50.74
C PRO E 92 25.00 9.65 -51.23
N GLU E 93 24.01 9.15 -51.96
CA GLU E 93 22.93 9.98 -52.47
C GLU E 93 21.77 10.12 -51.49
N THR E 94 21.82 9.43 -50.36
CA THR E 94 20.83 9.64 -49.31
C THR E 94 21.16 10.82 -48.43
N LEU E 95 22.37 11.35 -48.50
CA LEU E 95 22.76 12.45 -47.64
C LEU E 95 21.98 13.70 -48.01
N GLY E 96 21.29 14.27 -47.02
CA GLY E 96 20.46 15.43 -47.25
C GLY E 96 19.07 15.13 -47.75
N ARG E 97 18.68 13.86 -47.78
CA ARG E 97 17.36 13.45 -48.26
C ARG E 97 16.59 12.83 -47.12
N ILE E 98 15.38 13.33 -46.87
CA ILE E 98 14.49 12.69 -45.93
C ILE E 98 13.84 11.49 -46.62
N MET E 99 13.58 10.44 -45.86
CA MET E 99 12.90 9.28 -46.42
C MET E 99 12.28 8.48 -45.27
N ASN E 100 11.10 7.94 -45.51
CA ASN E 100 10.37 7.22 -44.47
C ASN E 100 10.98 5.84 -44.28
N VAL E 101 10.28 4.99 -43.52
CA VAL E 101 10.88 3.73 -43.08
C VAL E 101 11.14 2.80 -44.25
N ILE E 102 10.27 2.82 -45.26
CA ILE E 102 10.40 1.88 -46.37
C ILE E 102 11.24 2.49 -47.49
N GLY E 103 11.90 3.61 -47.21
CA GLY E 103 12.88 4.16 -48.12
C GLY E 103 12.35 5.13 -49.15
N GLU E 104 11.04 5.32 -49.23
CA GLU E 104 10.51 6.25 -50.21
C GLU E 104 10.79 7.69 -49.76
N PRO E 105 11.34 8.55 -50.63
CA PRO E 105 11.59 9.92 -50.22
C PRO E 105 10.30 10.64 -49.87
N ILE E 106 10.37 11.53 -48.89
CA ILE E 106 9.20 12.27 -48.45
C ILE E 106 9.48 13.77 -48.43
N ASP E 107 10.62 14.19 -48.98
CA ASP E 107 10.95 15.59 -49.11
C ASP E 107 10.61 16.14 -50.50
N GLU E 108 10.02 15.33 -51.37
CA GLU E 108 9.51 15.79 -52.65
C GLU E 108 10.60 16.46 -53.49
N ARG E 109 11.80 15.86 -53.48
CA ARG E 109 12.90 16.30 -54.33
C ARG E 109 13.28 15.26 -55.37
N GLY E 110 12.39 14.30 -55.64
CA GLY E 110 12.65 13.29 -56.62
C GLY E 110 13.17 12.01 -56.00
N PRO E 111 13.37 10.98 -56.81
CA PRO E 111 13.81 9.70 -56.27
C PRO E 111 15.21 9.79 -55.71
N ILE E 112 15.48 8.95 -54.70
CA ILE E 112 16.83 8.80 -54.17
C ILE E 112 17.56 7.85 -55.10
N LYS E 113 18.33 8.41 -56.03
CA LYS E 113 19.00 7.60 -57.04
C LYS E 113 20.26 6.97 -56.44
N THR E 114 20.33 5.65 -56.46
CA THR E 114 21.48 4.93 -55.95
C THR E 114 21.64 3.62 -56.72
N LYS E 115 22.84 3.08 -56.68
CA LYS E 115 23.14 1.77 -57.25
C LYS E 115 23.18 0.68 -56.19
N GLN E 116 22.75 0.99 -54.97
CA GLN E 116 22.83 0.06 -53.85
C GLN E 116 21.49 0.01 -53.14
N PHE E 117 21.13 -1.16 -52.65
CA PHE E 117 19.97 -1.35 -51.79
C PHE E 117 20.38 -2.26 -50.64
N ALA E 118 19.90 -1.95 -49.44
CA ALA E 118 20.26 -2.72 -48.27
C ALA E 118 18.99 -3.12 -47.53
N ALA E 119 18.96 -4.38 -47.07
CA ALA E 119 17.84 -4.85 -46.26
C ALA E 119 18.00 -4.36 -44.84
N ILE E 120 16.89 -3.91 -44.25
CA ILE E 120 16.99 -3.26 -42.95
C ILE E 120 17.14 -4.25 -41.81
N HIS E 121 16.87 -5.53 -42.04
CA HIS E 121 17.00 -6.56 -41.02
C HIS E 121 18.30 -7.30 -41.26
N ALA E 122 19.36 -6.82 -40.63
CA ALA E 122 20.67 -7.44 -40.67
C ALA E 122 21.04 -7.91 -39.26
N GLU E 123 22.21 -8.52 -39.15
CA GLU E 123 22.65 -9.11 -37.90
C GLU E 123 23.88 -8.36 -37.39
N ALA E 124 24.05 -8.38 -36.06
CA ALA E 124 25.18 -7.70 -35.46
C ALA E 124 26.48 -8.33 -35.94
N PRO E 125 27.56 -7.56 -36.05
CA PRO E 125 28.82 -8.12 -36.50
C PRO E 125 29.26 -9.27 -35.61
N GLU E 126 29.77 -10.32 -36.23
CA GLU E 126 30.17 -11.52 -35.49
C GLU E 126 31.21 -11.16 -34.44
N PHE E 127 31.54 -12.15 -33.61
CA PHE E 127 32.46 -11.92 -32.50
C PHE E 127 33.87 -11.56 -32.99
N VAL E 128 34.23 -11.92 -34.21
CA VAL E 128 35.57 -11.61 -34.72
C VAL E 128 35.61 -10.31 -35.51
N GLU E 129 34.47 -9.80 -35.96
CA GLU E 129 34.41 -8.48 -36.58
C GLU E 129 34.28 -7.38 -35.54
N MET E 130 34.97 -7.50 -34.42
CA MET E 130 34.78 -6.59 -33.29
C MET E 130 36.13 -6.03 -32.86
N SER E 131 36.20 -4.71 -32.74
CA SER E 131 37.38 -4.08 -32.17
C SER E 131 37.52 -4.49 -30.72
N VAL E 132 38.75 -4.86 -30.33
CA VAL E 132 39.01 -5.31 -28.97
C VAL E 132 39.54 -4.21 -28.08
N GLU E 133 39.87 -3.04 -28.63
CA GLU E 133 40.43 -1.93 -27.87
C GLU E 133 39.45 -0.77 -27.87
N GLN E 134 39.28 -0.15 -26.71
CA GLN E 134 38.46 1.03 -26.60
C GLN E 134 39.12 2.20 -27.34
N GLU E 135 38.33 3.23 -27.58
CA GLU E 135 38.79 4.42 -28.28
C GLU E 135 38.09 5.63 -27.69
N ILE E 136 38.41 6.81 -28.22
CA ILE E 136 37.73 8.04 -27.85
C ILE E 136 37.35 8.79 -29.12
N LEU E 137 36.11 9.26 -29.18
CA LEU E 137 35.64 10.08 -30.28
C LEU E 137 35.78 11.53 -29.87
N VAL E 138 36.63 12.28 -30.57
CA VAL E 138 36.86 13.68 -30.28
C VAL E 138 35.86 14.49 -31.07
N THR E 139 34.88 15.06 -30.37
CA THR E 139 33.84 15.87 -30.99
C THR E 139 34.21 17.33 -31.10
N GLY E 140 35.32 17.76 -30.51
CA GLY E 140 35.69 19.15 -30.52
C GLY E 140 34.90 20.03 -29.57
N ILE E 141 34.31 19.45 -28.53
CA ILE E 141 33.54 20.19 -27.54
C ILE E 141 34.19 19.97 -26.19
N LYS E 142 34.48 21.07 -25.48
CA LYS E 142 35.28 20.98 -24.27
C LYS E 142 34.62 20.09 -23.23
N VAL E 143 33.36 20.38 -22.88
CA VAL E 143 32.71 19.68 -21.79
C VAL E 143 32.56 18.20 -22.12
N VAL E 144 32.10 17.90 -23.34
CA VAL E 144 31.91 16.51 -23.74
C VAL E 144 33.24 15.77 -23.76
N ASP E 145 34.29 16.41 -24.28
CA ASP E 145 35.58 15.74 -24.42
C ASP E 145 36.33 15.63 -23.11
N LEU E 146 35.96 16.39 -22.08
CA LEU E 146 36.68 16.37 -20.82
C LEU E 146 35.95 15.57 -19.75
N LEU E 147 34.70 15.91 -19.47
CA LEU E 147 33.99 15.28 -18.36
C LEU E 147 33.19 14.05 -18.75
N ALA E 148 33.08 13.76 -20.05
CA ALA E 148 32.25 12.65 -20.50
C ALA E 148 32.62 12.28 -21.92
N PRO E 149 33.86 11.88 -22.17
CA PRO E 149 34.28 11.62 -23.55
C PRO E 149 33.42 10.55 -24.20
N TYR E 150 33.16 10.72 -25.49
CA TYR E 150 32.29 9.84 -26.25
C TYR E 150 33.11 8.70 -26.82
N ALA E 151 32.88 7.49 -26.34
CA ALA E 151 33.61 6.33 -26.86
C ALA E 151 33.26 6.14 -28.33
N LYS E 152 34.27 5.76 -29.12
CA LYS E 152 34.04 5.48 -30.52
C LYS E 152 33.27 4.17 -30.66
N GLY E 153 32.18 4.21 -31.40
CA GLY E 153 31.33 3.03 -31.51
C GLY E 153 30.69 2.64 -30.20
N GLY E 154 30.16 3.61 -29.48
CA GLY E 154 29.45 3.34 -28.25
C GLY E 154 28.26 4.25 -28.14
N LYS E 155 27.19 3.70 -27.55
CA LYS E 155 25.97 4.46 -27.39
C LYS E 155 26.13 5.57 -26.37
N ILE E 156 25.58 6.73 -26.67
CA ILE E 156 25.57 7.87 -25.76
C ILE E 156 24.13 8.27 -25.51
N GLY E 157 23.73 8.32 -24.25
CA GLY E 157 22.42 8.81 -23.89
C GLY E 157 22.46 10.32 -23.72
N LEU E 158 21.38 10.98 -24.13
CA LEU E 158 21.29 12.43 -24.10
C LEU E 158 19.98 12.82 -23.44
N PHE E 159 20.07 13.50 -22.31
CA PHE E 159 18.91 13.86 -21.51
C PHE E 159 18.60 15.35 -21.63
N GLY E 160 17.47 15.75 -21.05
CA GLY E 160 17.02 17.13 -21.12
C GLY E 160 15.88 17.32 -22.08
N GLY E 161 16.20 17.54 -23.36
CA GLY E 161 15.21 17.49 -24.42
C GLY E 161 14.08 18.50 -24.32
N ALA E 162 14.39 19.77 -24.08
CA ALA E 162 13.37 20.80 -24.09
C ALA E 162 13.96 22.20 -24.02
N GLY E 163 14.15 22.84 -25.16
CA GLY E 163 14.60 24.22 -25.18
C GLY E 163 15.90 24.46 -24.45
N VAL E 164 16.76 23.44 -24.37
CA VAL E 164 18.05 23.55 -23.71
C VAL E 164 19.21 23.45 -24.67
N GLY E 165 18.95 23.23 -25.95
CA GLY E 165 19.98 23.15 -26.95
C GLY E 165 20.19 21.78 -27.55
N LYS E 166 19.22 20.87 -27.44
CA LYS E 166 19.41 19.53 -27.97
C LYS E 166 19.64 19.56 -29.46
N THR E 167 18.85 20.35 -30.19
CA THR E 167 18.98 20.37 -31.64
C THR E 167 20.26 21.07 -32.07
N VAL E 168 20.60 22.19 -31.43
CA VAL E 168 21.84 22.87 -31.77
C VAL E 168 23.04 22.00 -31.45
N LEU E 169 22.99 21.28 -30.33
CA LEU E 169 24.07 20.36 -29.99
C LEU E 169 24.16 19.22 -31.00
N ILE E 170 23.02 18.69 -31.43
CA ILE E 170 23.03 17.63 -32.43
C ILE E 170 23.67 18.13 -33.72
N MET E 171 23.27 19.32 -34.17
CA MET E 171 23.83 19.88 -35.38
C MET E 171 25.32 20.16 -35.25
N GLU E 172 25.75 20.64 -34.08
CA GLU E 172 27.17 20.87 -33.87
C GLU E 172 27.96 19.57 -33.89
N LEU E 173 27.42 18.53 -33.28
CA LEU E 173 28.09 17.24 -33.34
C LEU E 173 28.20 16.75 -34.77
N ILE E 174 27.12 16.90 -35.53
CA ILE E 174 27.16 16.51 -36.94
C ILE E 174 28.27 17.26 -37.65
N ASN E 175 28.31 18.58 -37.48
CA ASN E 175 29.29 19.39 -38.20
C ASN E 175 30.71 19.04 -37.80
N ASN E 176 30.97 18.91 -36.49
CA ASN E 176 32.32 18.60 -36.04
C ASN E 176 32.77 17.24 -36.54
N VAL E 177 31.89 16.23 -36.43
CA VAL E 177 32.28 14.89 -36.86
C VAL E 177 32.48 14.83 -38.36
N ALA E 178 31.73 15.61 -39.13
CA ALA E 178 31.92 15.65 -40.57
C ALA E 178 33.07 16.57 -40.98
N LYS E 179 33.60 17.36 -40.06
CA LYS E 179 34.73 18.24 -40.33
C LYS E 179 36.04 17.70 -39.79
N ALA E 180 36.02 17.12 -38.58
CA ALA E 180 37.24 16.54 -38.01
C ALA E 180 37.58 15.22 -38.68
N HIS E 181 36.77 14.19 -38.43
CA HIS E 181 37.04 12.85 -38.97
C HIS E 181 36.47 12.65 -40.36
N GLY E 182 35.62 13.54 -40.85
CA GLY E 182 35.11 13.45 -42.19
C GLY E 182 33.98 12.45 -42.39
N GLY E 183 33.56 11.77 -41.34
CA GLY E 183 32.43 10.87 -41.47
C GLY E 183 31.12 11.60 -41.60
N TYR E 184 30.14 10.92 -42.20
CA TYR E 184 28.83 11.51 -42.37
C TYR E 184 27.98 11.22 -41.14
N SER E 185 26.66 11.26 -41.26
CA SER E 185 25.80 11.05 -40.11
C SER E 185 24.40 10.72 -40.58
N VAL E 186 23.67 10.00 -39.73
CA VAL E 186 22.28 9.66 -39.97
C VAL E 186 21.46 10.18 -38.80
N PHE E 187 20.27 10.68 -39.09
CA PHE E 187 19.35 11.14 -38.06
C PHE E 187 18.05 10.35 -38.22
N ALA E 188 17.91 9.29 -37.44
CA ALA E 188 16.68 8.51 -37.44
C ALA E 188 15.75 9.11 -36.40
N GLY E 189 14.63 9.67 -36.85
CA GLY E 189 13.65 10.23 -35.95
C GLY E 189 12.50 9.28 -35.76
N VAL E 190 12.50 8.59 -34.63
CA VAL E 190 11.48 7.59 -34.33
C VAL E 190 10.29 8.29 -33.69
N GLY E 191 9.10 8.09 -34.22
CA GLY E 191 7.96 8.77 -33.67
C GLY E 191 8.24 10.25 -33.59
N GLU E 192 8.30 10.90 -34.75
CA GLU E 192 8.75 12.27 -34.88
C GLU E 192 7.55 13.16 -35.17
N ARG E 193 7.36 14.18 -34.35
CA ARG E 193 6.31 15.15 -34.64
C ARG E 193 6.59 15.80 -35.99
N THR E 194 5.55 15.87 -36.83
CA THR E 194 5.76 16.42 -38.17
C THR E 194 6.13 17.90 -38.10
N ARG E 195 5.55 18.64 -37.16
CA ARG E 195 5.93 20.03 -36.98
C ARG E 195 7.40 20.15 -36.63
N GLU E 196 7.84 19.40 -35.62
CA GLU E 196 9.25 19.44 -35.25
C GLU E 196 10.12 18.82 -36.32
N GLY E 197 9.62 17.85 -37.07
CA GLY E 197 10.40 17.30 -38.16
C GLY E 197 10.71 18.34 -39.22
N ASN E 198 9.68 19.10 -39.63
CA ASN E 198 9.90 20.17 -40.60
C ASN E 198 10.80 21.25 -40.03
N ASP E 199 10.60 21.61 -38.76
CA ASP E 199 11.46 22.60 -38.13
C ASP E 199 12.92 22.15 -38.14
N LEU E 200 13.16 20.87 -37.83
CA LEU E 200 14.53 20.36 -37.85
C LEU E 200 15.10 20.36 -39.25
N TYR E 201 14.31 19.95 -40.24
CA TYR E 201 14.78 20.00 -41.62
C TYR E 201 15.26 21.41 -41.96
N HIS E 202 14.47 22.41 -41.58
CA HIS E 202 14.83 23.78 -41.94
C HIS E 202 16.01 24.28 -41.11
N GLU E 203 16.13 23.87 -39.85
CA GLU E 203 17.29 24.27 -39.06
C GLU E 203 18.56 23.69 -39.64
N MET E 204 18.51 22.42 -40.09
CA MET E 204 19.67 21.84 -40.75
C MET E 204 19.99 22.58 -42.04
N ILE E 205 18.97 22.93 -42.83
CA ILE E 205 19.24 23.66 -44.06
C ILE E 205 19.91 25.00 -43.76
N GLU E 206 19.43 25.70 -42.74
CA GLU E 206 20.01 27.00 -42.39
C GLU E 206 21.43 26.86 -41.90
N SER E 207 21.67 25.99 -40.92
CA SER E 207 23.00 25.86 -40.35
C SER E 207 24.01 25.34 -41.36
N GLY E 208 23.56 24.59 -42.35
CA GLY E 208 24.41 24.17 -43.45
C GLY E 208 24.72 22.69 -43.50
N VAL E 209 24.23 21.88 -42.55
CA VAL E 209 24.55 20.46 -42.60
C VAL E 209 23.81 19.76 -43.72
N ILE E 210 22.76 20.39 -44.27
CA ILE E 210 22.11 19.93 -45.49
C ILE E 210 22.25 21.02 -46.53
N ASN E 211 22.55 20.62 -47.76
CA ASN E 211 22.72 21.57 -48.86
C ASN E 211 21.90 21.06 -50.04
N LEU E 212 20.82 21.78 -50.36
CA LEU E 212 19.93 21.36 -51.44
C LEU E 212 20.49 21.67 -52.82
N LYS E 213 21.58 22.42 -52.92
CA LYS E 213 22.07 22.87 -54.22
C LYS E 213 23.26 22.03 -54.70
N ASP E 214 24.38 22.11 -53.98
CA ASP E 214 25.65 21.58 -54.49
C ASP E 214 25.89 20.13 -54.11
N ALA E 215 25.01 19.51 -53.33
CA ALA E 215 25.17 18.10 -52.96
C ALA E 215 26.44 17.88 -52.14
N THR E 216 26.58 18.68 -51.09
CA THR E 216 27.66 18.53 -50.12
C THR E 216 27.09 18.35 -48.71
N SER E 217 25.99 17.61 -48.62
CA SER E 217 25.31 17.41 -47.35
C SER E 217 26.13 16.49 -46.46
N LYS E 218 25.79 16.50 -45.17
CA LYS E 218 26.46 15.67 -44.18
C LYS E 218 25.52 14.86 -43.33
N VAL E 219 24.22 14.87 -43.62
CA VAL E 219 23.24 14.16 -42.81
C VAL E 219 22.25 13.46 -43.73
N ALA E 220 21.90 12.23 -43.38
CA ALA E 220 20.80 11.51 -44.02
C ALA E 220 19.69 11.37 -42.99
N LEU E 221 18.56 12.01 -43.25
CA LEU E 221 17.44 11.98 -42.31
C LEU E 221 16.51 10.82 -42.66
N VAL E 222 15.99 10.17 -41.64
CA VAL E 222 15.04 9.07 -41.81
C VAL E 222 13.93 9.26 -40.78
N TYR E 223 12.78 9.73 -41.23
CA TYR E 223 11.69 10.09 -40.33
C TYR E 223 10.65 8.98 -40.31
N GLY E 224 10.43 8.39 -39.14
CA GLY E 224 9.26 7.56 -38.94
C GLY E 224 8.23 8.38 -38.21
N GLN E 225 7.22 8.84 -38.93
CA GLN E 225 6.33 9.88 -38.41
C GLN E 225 5.58 9.36 -37.20
N MET E 226 4.93 10.30 -36.51
CA MET E 226 4.19 9.98 -35.30
C MET E 226 2.78 9.50 -35.58
N ASN E 227 2.30 9.63 -36.81
CA ASN E 227 0.99 9.13 -37.19
C ASN E 227 1.07 7.89 -38.07
N GLU E 228 2.24 7.31 -38.22
CA GLU E 228 2.32 6.03 -38.89
C GLU E 228 1.89 4.93 -37.94
N PRO E 229 1.38 3.82 -38.46
CA PRO E 229 0.94 2.73 -37.58
C PRO E 229 2.09 2.25 -36.72
N PRO E 230 1.82 1.53 -35.64
CA PRO E 230 2.91 1.11 -34.75
C PRO E 230 3.96 0.28 -35.44
N GLY E 231 3.61 -0.40 -36.53
CA GLY E 231 4.58 -1.24 -37.21
C GLY E 231 5.61 -0.50 -38.02
N ALA E 232 5.44 0.80 -38.22
CA ALA E 232 6.41 1.64 -38.92
C ALA E 232 7.34 2.38 -37.98
N ARG E 233 6.80 2.95 -36.90
CA ARG E 233 7.64 3.61 -35.92
C ARG E 233 8.56 2.64 -35.21
N ALA E 234 8.31 1.34 -35.30
CA ALA E 234 9.16 0.34 -34.66
C ALA E 234 10.37 -0.03 -35.50
N ARG E 235 10.37 0.33 -36.79
CA ARG E 235 11.40 -0.12 -37.71
C ARG E 235 12.25 1.01 -38.26
N VAL E 236 11.90 2.27 -38.00
CA VAL E 236 12.68 3.36 -38.58
C VAL E 236 14.07 3.42 -37.99
N ALA E 237 14.23 3.01 -36.73
CA ALA E 237 15.57 2.91 -36.18
C ALA E 237 16.42 1.94 -36.98
N LEU E 238 15.80 0.87 -37.50
CA LEU E 238 16.54 -0.10 -38.30
C LEU E 238 16.87 0.47 -39.67
N THR E 239 15.99 1.29 -40.25
CA THR E 239 16.31 1.96 -41.50
C THR E 239 17.49 2.91 -41.32
N GLY E 240 17.48 3.69 -40.24
CA GLY E 240 18.63 4.53 -39.95
C GLY E 240 19.89 3.72 -39.74
N LEU E 241 19.78 2.60 -39.03
CA LEU E 241 20.95 1.75 -38.84
C LEU E 241 21.49 1.24 -40.16
N THR E 242 20.61 0.89 -41.10
CA THR E 242 21.07 0.41 -42.39
C THR E 242 21.80 1.52 -43.15
N VAL E 243 21.23 2.72 -43.14
CA VAL E 243 21.88 3.83 -43.85
C VAL E 243 23.25 4.09 -43.25
N ALA E 244 23.38 3.95 -41.93
CA ALA E 244 24.68 4.17 -41.28
C ALA E 244 25.62 2.99 -41.49
N GLU E 245 25.09 1.78 -41.55
CA GLU E 245 25.93 0.60 -41.75
C GLU E 245 26.56 0.61 -43.12
N TYR E 246 25.88 1.16 -44.12
CA TYR E 246 26.53 1.32 -45.42
C TYR E 246 27.81 2.12 -45.25
N PHE E 247 27.73 3.29 -44.62
CA PHE E 247 28.90 4.14 -44.47
C PHE E 247 29.98 3.46 -43.64
N ARG E 248 29.58 2.77 -42.57
CA ARG E 248 30.57 2.03 -41.80
C ARG E 248 31.28 1.03 -42.70
N ASP E 249 30.58 -0.04 -43.09
CA ASP E 249 31.18 -1.08 -43.90
C ASP E 249 31.73 -0.53 -45.21
N GLN E 250 30.83 -0.19 -46.15
CA GLN E 250 31.25 0.07 -47.52
C GLN E 250 32.22 1.24 -47.59
N GLU E 251 31.88 2.37 -46.96
CA GLU E 251 32.77 3.53 -46.98
C GLU E 251 33.89 3.44 -45.96
N GLY E 252 33.82 2.54 -44.99
CA GLY E 252 34.91 2.32 -44.07
C GLY E 252 35.29 3.52 -43.24
N GLN E 253 34.29 4.21 -42.68
CA GLN E 253 34.52 5.41 -41.88
C GLN E 253 33.73 5.33 -40.58
N ASP E 254 33.89 6.35 -39.75
CA ASP E 254 33.17 6.45 -38.48
C ASP E 254 31.93 7.32 -38.71
N VAL E 255 30.78 6.78 -38.35
CA VAL E 255 29.49 7.43 -38.59
C VAL E 255 28.88 7.80 -37.25
N LEU E 256 28.00 8.79 -37.27
CA LEU E 256 27.17 9.13 -36.14
C LEU E 256 25.72 8.78 -36.47
N LEU E 257 24.99 8.32 -35.47
CA LEU E 257 23.60 7.92 -35.68
C LEU E 257 22.78 8.49 -34.54
N PHE E 258 22.00 9.52 -34.82
CA PHE E 258 21.17 10.16 -33.80
C PHE E 258 19.79 9.52 -33.82
N ILE E 259 19.41 8.90 -32.71
CA ILE E 259 18.11 8.27 -32.59
C ILE E 259 17.29 9.10 -31.62
N ASP E 260 16.27 9.78 -32.14
CA ASP E 260 15.42 10.66 -31.33
C ASP E 260 13.97 10.34 -31.70
N ASN E 261 13.24 9.62 -30.83
CA ASN E 261 13.59 9.29 -29.45
C ASN E 261 13.70 7.78 -29.31
N ILE E 262 14.39 7.30 -28.28
CA ILE E 262 14.54 5.86 -28.10
C ILE E 262 13.39 5.29 -27.28
N PHE E 263 12.85 6.07 -26.34
CA PHE E 263 11.65 5.63 -25.65
C PHE E 263 10.53 5.37 -26.63
N ARG E 264 10.44 6.16 -27.69
CA ARG E 264 9.42 5.92 -28.70
C ARG E 264 9.70 4.65 -29.48
N PHE E 265 10.98 4.30 -29.66
CA PHE E 265 11.32 3.00 -30.23
C PHE E 265 10.75 1.88 -29.39
N THR E 266 11.00 1.91 -28.08
CA THR E 266 10.50 0.84 -27.22
C THR E 266 8.98 0.84 -27.18
N GLN E 267 8.37 2.02 -27.14
CA GLN E 267 6.92 2.12 -27.06
C GLN E 267 6.25 1.56 -28.32
N ALA E 268 6.80 1.87 -29.50
CA ALA E 268 6.25 1.30 -30.72
C ALA E 268 6.42 -0.20 -30.77
N GLY E 269 7.58 -0.70 -30.32
CA GLY E 269 7.73 -2.13 -30.21
C GLY E 269 6.68 -2.75 -29.31
N SER E 270 6.39 -2.10 -28.18
CA SER E 270 5.38 -2.60 -27.27
C SER E 270 4.01 -2.65 -27.93
N GLU E 271 3.66 -1.60 -28.68
CA GLU E 271 2.37 -1.59 -29.35
C GLU E 271 2.26 -2.70 -30.37
N VAL E 272 3.32 -2.91 -31.15
CA VAL E 272 3.29 -4.01 -32.12
C VAL E 272 3.12 -5.35 -31.43
N SER E 273 3.87 -5.56 -30.35
CA SER E 273 3.76 -6.83 -29.63
C SER E 273 2.35 -7.05 -29.12
N ALA E 274 1.73 -6.00 -28.57
CA ALA E 274 0.35 -6.14 -28.10
C ALA E 274 -0.60 -6.44 -29.26
N LEU E 275 -0.42 -5.77 -30.39
CA LEU E 275 -1.32 -5.97 -31.52
C LEU E 275 -1.25 -7.41 -32.02
N LEU E 276 -0.04 -7.96 -32.09
CA LEU E 276 0.09 -9.34 -32.55
C LEU E 276 -0.55 -10.34 -31.59
N GLY E 277 -0.89 -9.90 -30.38
CA GLY E 277 -1.54 -10.78 -29.43
C GLY E 277 -0.57 -11.52 -28.55
N ARG E 278 0.29 -10.78 -27.85
CA ARG E 278 1.27 -11.36 -26.95
C ARG E 278 1.05 -10.80 -25.54
N ILE E 279 1.25 -11.65 -24.54
CA ILE E 279 1.03 -11.26 -23.16
C ILE E 279 2.07 -10.21 -22.79
N PRO E 280 1.67 -9.04 -22.28
CA PRO E 280 2.66 -8.06 -21.82
C PRO E 280 3.44 -8.60 -20.63
N SER E 281 4.61 -8.00 -20.40
CA SER E 281 5.48 -8.43 -19.33
C SER E 281 5.39 -7.48 -18.15
N ALA E 282 6.50 -6.82 -17.83
CA ALA E 282 6.68 -6.20 -16.51
C ALA E 282 5.64 -5.08 -16.37
N VAL E 283 5.81 -3.93 -17.00
CA VAL E 283 4.92 -2.80 -16.76
C VAL E 283 4.02 -2.65 -17.98
N GLY E 284 3.63 -3.78 -18.57
CA GLY E 284 2.86 -3.72 -19.81
C GLY E 284 3.71 -3.45 -21.03
N TYR E 285 4.96 -3.87 -21.00
CA TYR E 285 5.84 -3.80 -22.16
C TYR E 285 5.85 -5.15 -22.86
N GLN E 286 6.43 -5.20 -24.04
CA GLN E 286 6.46 -6.44 -24.78
C GLN E 286 7.28 -7.46 -24.00
N PRO E 287 6.93 -8.75 -24.07
CA PRO E 287 7.77 -9.76 -23.43
C PRO E 287 9.15 -9.81 -24.04
N THR E 288 9.33 -9.30 -25.25
CA THR E 288 10.60 -9.32 -25.96
C THR E 288 11.34 -7.98 -25.86
N LEU E 289 11.15 -7.25 -24.76
CA LEU E 289 11.73 -5.91 -24.66
C LEU E 289 13.24 -5.96 -24.75
N ALA E 290 13.86 -6.81 -23.94
CA ALA E 290 15.33 -6.84 -23.88
C ALA E 290 15.92 -7.22 -25.23
N THR E 291 15.36 -8.23 -25.89
CA THR E 291 15.88 -8.65 -27.19
C THR E 291 15.52 -7.67 -28.29
N ASP E 292 14.34 -7.06 -28.23
CA ASP E 292 13.98 -6.05 -29.23
C ASP E 292 14.95 -4.87 -29.17
N MET E 293 15.37 -4.48 -27.97
CA MET E 293 16.35 -3.42 -27.85
C MET E 293 17.75 -3.91 -28.24
N GLY E 294 18.10 -5.12 -27.84
CA GLY E 294 19.44 -5.61 -28.08
C GLY E 294 19.74 -5.83 -29.56
N THR E 295 18.77 -6.38 -30.31
CA THR E 295 19.01 -6.63 -31.72
C THR E 295 19.38 -5.35 -32.45
N MET E 296 18.83 -4.22 -32.03
CA MET E 296 19.22 -2.95 -32.64
C MET E 296 20.52 -2.43 -32.05
N GLN E 297 20.61 -2.34 -30.73
CA GLN E 297 21.76 -1.71 -30.11
C GLN E 297 23.05 -2.50 -30.33
N GLU E 298 22.96 -3.74 -30.81
CA GLU E 298 24.14 -4.54 -31.05
C GLU E 298 24.71 -4.36 -32.44
N ARG E 299 24.05 -3.57 -33.29
CA ARG E 299 24.57 -3.21 -34.59
C ARG E 299 25.24 -1.85 -34.58
N ILE E 300 25.30 -1.20 -33.43
CA ILE E 300 26.01 0.06 -33.26
C ILE E 300 27.33 -0.22 -32.57
N THR E 301 28.28 -0.80 -33.30
CA THR E 301 29.55 -1.19 -32.70
C THR E 301 30.72 -0.71 -33.54
N THR E 302 31.93 -1.10 -33.15
CA THR E 302 33.16 -0.70 -33.83
C THR E 302 33.74 -1.92 -34.53
N THR E 303 33.21 -2.24 -35.70
CA THR E 303 33.79 -3.32 -36.48
C THR E 303 35.24 -2.97 -36.81
N LYS E 304 35.93 -3.89 -37.48
CA LYS E 304 37.31 -3.64 -37.86
C LYS E 304 37.44 -2.75 -39.10
N LYS E 305 36.32 -2.41 -39.74
CA LYS E 305 36.32 -1.54 -40.91
C LYS E 305 36.06 -0.09 -40.55
N GLY E 306 34.94 0.18 -39.89
CA GLY E 306 34.62 1.52 -39.45
C GLY E 306 34.08 1.56 -38.04
N SER E 307 33.00 2.29 -37.82
CA SER E 307 32.33 2.30 -36.53
C SER E 307 31.08 3.16 -36.61
N ILE E 308 30.10 2.89 -35.75
CA ILE E 308 28.90 3.72 -35.64
C ILE E 308 28.79 4.15 -34.19
N THR E 309 28.80 5.45 -33.95
CA THR E 309 28.57 6.01 -32.63
C THR E 309 27.15 6.53 -32.59
N SER E 310 26.34 5.99 -31.71
CA SER E 310 24.94 6.37 -31.63
C SER E 310 24.72 7.36 -30.50
N VAL E 311 23.74 8.22 -30.68
CA VAL E 311 23.34 9.19 -29.68
C VAL E 311 21.83 9.08 -29.55
N GLN E 312 21.38 8.38 -28.52
CA GLN E 312 19.96 8.25 -28.26
C GLN E 312 19.51 9.40 -27.38
N ALA E 313 18.53 10.15 -27.85
CA ALA E 313 17.74 10.96 -26.93
C ALA E 313 16.89 10.02 -26.11
N ILE E 314 16.84 10.26 -24.81
CA ILE E 314 16.20 9.33 -23.87
C ILE E 314 15.18 10.08 -23.04
N TYR E 315 14.02 9.47 -22.87
CA TYR E 315 12.95 9.98 -22.04
C TYR E 315 12.64 8.96 -20.96
N VAL E 316 12.54 9.40 -19.71
CA VAL E 316 12.37 8.52 -18.57
C VAL E 316 10.93 8.62 -18.10
N PRO E 317 10.09 7.60 -18.33
CA PRO E 317 8.69 7.70 -17.95
C PRO E 317 8.51 7.92 -16.46
N ALA E 318 7.57 8.79 -16.11
CA ALA E 318 7.24 9.09 -14.71
C ALA E 318 8.45 9.56 -13.93
N ASP E 319 9.52 9.97 -14.61
CA ASP E 319 10.78 10.32 -13.96
C ASP E 319 11.32 9.14 -13.17
N ASP E 320 10.96 7.92 -13.59
CA ASP E 320 11.36 6.69 -12.90
C ASP E 320 12.50 6.06 -13.67
N LEU E 321 13.68 6.04 -13.07
CA LEU E 321 14.86 5.48 -13.73
C LEU E 321 14.85 3.97 -13.76
N THR E 322 13.98 3.32 -12.98
CA THR E 322 13.90 1.86 -12.93
C THR E 322 12.76 1.32 -13.77
N ASP E 323 12.08 2.17 -14.54
CA ASP E 323 11.06 1.68 -15.45
C ASP E 323 11.72 0.76 -16.48
N PRO E 324 11.05 -0.31 -16.91
CA PRO E 324 11.73 -1.26 -17.80
C PRO E 324 12.36 -0.63 -19.02
N ALA E 325 11.76 0.42 -19.58
CA ALA E 325 12.33 1.04 -20.77
C ALA E 325 13.71 1.61 -20.52
N PRO E 326 13.87 2.64 -19.67
CA PRO E 326 15.23 3.12 -19.39
C PRO E 326 16.08 2.14 -18.62
N ALA E 327 15.48 1.29 -17.79
CA ALA E 327 16.27 0.26 -17.12
C ALA E 327 16.91 -0.67 -18.12
N THR E 328 16.29 -0.86 -19.28
CA THR E 328 16.83 -1.72 -20.33
C THR E 328 17.75 -0.97 -21.27
N THR E 329 17.47 0.31 -21.54
CA THR E 329 18.35 1.07 -22.41
C THR E 329 19.64 1.44 -21.71
N PHE E 330 19.58 1.78 -20.42
CA PHE E 330 20.79 2.14 -19.69
C PHE E 330 21.78 0.99 -19.65
N ALA E 331 21.33 -0.24 -19.84
CA ALA E 331 22.26 -1.37 -19.89
C ALA E 331 23.17 -1.28 -21.09
N HIS E 332 22.79 -0.53 -22.13
CA HIS E 332 23.56 -0.44 -23.36
C HIS E 332 24.38 0.83 -23.47
N LEU E 333 24.00 1.89 -22.77
CA LEU E 333 24.69 3.16 -22.90
C LEU E 333 26.14 3.05 -22.47
N ASP E 334 27.02 3.73 -23.22
CA ASP E 334 28.44 3.79 -22.92
C ASP E 334 28.86 5.19 -22.51
N ALA E 335 27.92 6.06 -22.17
CA ALA E 335 28.19 7.43 -21.77
C ALA E 335 26.88 8.15 -21.50
N THR E 336 26.94 9.43 -21.20
CA THR E 336 25.73 10.15 -20.87
C THR E 336 26.00 11.65 -20.90
N THR E 337 25.03 12.40 -21.41
CA THR E 337 25.08 13.85 -21.46
C THR E 337 23.77 14.36 -20.87
N VAL E 338 23.85 15.42 -20.07
CA VAL E 338 22.67 15.90 -19.38
C VAL E 338 22.51 17.39 -19.56
N LEU E 339 21.90 17.80 -20.67
CA LEU E 339 21.55 19.20 -20.83
C LEU E 339 20.59 19.60 -19.72
N SER E 340 20.84 20.76 -19.11
CA SER E 340 20.10 21.21 -17.95
C SER E 340 19.55 22.61 -18.20
N ARG E 341 18.27 22.81 -17.89
CA ARG E 341 17.70 24.15 -17.98
C ARG E 341 18.42 25.12 -17.05
N ALA E 342 18.95 24.62 -15.93
CA ALA E 342 19.58 25.48 -14.94
C ALA E 342 20.90 26.06 -15.41
N ILE E 343 21.45 25.58 -16.54
CA ILE E 343 22.71 26.10 -17.04
C ILE E 343 22.53 26.96 -18.29
N ALA E 344 21.49 26.73 -19.09
CA ALA E 344 21.15 27.67 -20.14
C ALA E 344 20.71 29.01 -19.58
N GLU E 345 20.21 29.02 -18.34
CA GLU E 345 19.88 30.29 -17.69
C GLU E 345 21.13 31.14 -17.51
N LEU E 346 22.24 30.51 -17.11
CA LEU E 346 23.50 31.21 -16.87
C LEU E 346 24.15 31.69 -18.15
N GLY E 347 23.58 31.42 -19.32
CA GLY E 347 24.20 31.80 -20.57
C GLY E 347 25.34 30.92 -21.00
N ILE E 348 25.55 29.80 -20.31
CA ILE E 348 26.60 28.86 -20.70
C ILE E 348 26.07 27.95 -21.80
N TYR E 349 26.89 27.72 -22.82
CA TYR E 349 26.45 26.92 -23.94
C TYR E 349 27.66 26.18 -24.51
N PRO E 350 27.56 24.87 -24.74
CA PRO E 350 26.38 24.00 -24.57
C PRO E 350 26.04 23.78 -23.11
N ALA E 351 24.74 23.76 -22.80
CA ALA E 351 24.29 23.69 -21.43
C ALA E 351 24.43 22.28 -20.86
N VAL E 352 25.59 21.67 -21.03
CA VAL E 352 25.81 20.30 -20.56
C VAL E 352 26.13 20.35 -19.07
N ASP E 353 25.37 19.61 -18.27
CA ASP E 353 25.62 19.54 -16.85
C ASP E 353 26.97 18.88 -16.61
N PRO E 354 27.99 19.63 -16.19
CA PRO E 354 29.32 19.03 -16.07
C PRO E 354 29.39 17.89 -15.07
N LEU E 355 28.59 17.94 -14.01
CA LEU E 355 28.70 16.95 -12.94
C LEU E 355 27.78 15.75 -13.16
N ASP E 356 26.59 15.97 -13.72
CA ASP E 356 25.68 14.87 -13.99
C ASP E 356 26.07 14.07 -15.22
N SER E 357 26.88 14.62 -16.11
CA SER E 357 27.36 13.87 -17.24
C SER E 357 28.28 12.75 -16.78
N THR E 358 28.21 11.62 -17.47
CA THR E 358 28.92 10.41 -17.07
C THR E 358 29.54 9.77 -18.31
N SER E 359 30.57 8.97 -18.08
CA SER E 359 31.16 8.21 -19.17
C SER E 359 31.80 6.94 -18.61
N ARG E 360 31.69 5.87 -19.39
CA ARG E 360 32.31 4.61 -19.00
C ARG E 360 33.81 4.61 -19.22
N ILE E 361 34.28 5.32 -20.26
CA ILE E 361 35.70 5.30 -20.59
C ILE E 361 36.49 6.35 -19.83
N MET E 362 35.86 7.12 -18.95
CA MET E 362 36.60 8.00 -18.07
C MET E 362 37.39 7.13 -17.10
N ASP E 363 38.41 6.45 -17.62
CA ASP E 363 39.19 5.48 -16.89
C ASP E 363 40.65 5.75 -17.25
N PRO E 364 41.55 5.81 -16.27
CA PRO E 364 42.95 6.11 -16.61
C PRO E 364 43.57 5.11 -17.57
N ASN E 365 43.06 3.88 -17.62
CA ASN E 365 43.59 2.91 -18.57
C ASN E 365 43.18 3.21 -20.01
N ILE E 366 42.11 3.97 -20.21
CA ILE E 366 41.60 4.24 -21.55
C ILE E 366 41.98 5.63 -21.99
N VAL E 367 41.52 6.65 -21.25
CA VAL E 367 41.74 8.03 -21.66
C VAL E 367 43.11 8.56 -21.24
N GLY E 368 43.91 7.76 -20.55
CA GLY E 368 45.21 8.23 -20.14
C GLY E 368 45.20 8.91 -18.79
N SER E 369 46.33 8.79 -18.09
CA SER E 369 46.40 9.29 -16.73
C SER E 369 46.22 10.79 -16.66
N GLU E 370 46.84 11.54 -17.58
CA GLU E 370 46.73 12.99 -17.54
C GLU E 370 45.31 13.45 -17.78
N HIS E 371 44.65 12.89 -18.80
CA HIS E 371 43.25 13.24 -19.05
C HIS E 371 42.38 12.89 -17.85
N TYR E 372 42.60 11.71 -17.28
CA TYR E 372 41.80 11.28 -16.14
C TYR E 372 41.99 12.20 -14.96
N ASP E 373 43.23 12.59 -14.68
CA ASP E 373 43.49 13.46 -13.53
C ASP E 373 42.91 14.84 -13.75
N VAL E 374 43.02 15.38 -14.96
CA VAL E 374 42.43 16.68 -15.22
C VAL E 374 40.92 16.62 -15.04
N ALA E 375 40.28 15.59 -15.57
CA ALA E 375 38.83 15.47 -15.43
C ALA E 375 38.42 15.33 -13.98
N ARG E 376 39.15 14.52 -13.21
CA ARG E 376 38.80 14.34 -11.81
C ARG E 376 39.01 15.62 -11.02
N GLY E 377 40.08 16.36 -11.30
CA GLY E 377 40.29 17.63 -10.64
C GLY E 377 39.19 18.62 -10.94
N VAL E 378 38.78 18.71 -12.21
CA VAL E 378 37.71 19.63 -12.57
C VAL E 378 36.43 19.24 -11.87
N GLN E 379 36.10 17.94 -11.85
CA GLN E 379 34.89 17.51 -11.16
C GLN E 379 34.95 17.84 -9.68
N LYS E 380 36.10 17.59 -9.04
CA LYS E 380 36.23 17.86 -7.62
C LYS E 380 36.09 19.34 -7.32
N ILE E 381 36.71 20.19 -8.12
CA ILE E 381 36.62 21.63 -7.86
C ILE E 381 35.20 22.12 -8.09
N LEU E 382 34.52 21.59 -9.11
CA LEU E 382 33.13 21.99 -9.34
C LEU E 382 32.23 21.55 -8.20
N GLN E 383 32.45 20.35 -7.67
CA GLN E 383 31.68 19.91 -6.51
C GLN E 383 31.98 20.80 -5.30
N ASP E 384 33.24 21.18 -5.12
CA ASP E 384 33.59 22.06 -4.01
C ASP E 384 32.87 23.39 -4.13
N TYR E 385 32.85 23.96 -5.33
CA TYR E 385 32.14 25.23 -5.52
C TYR E 385 30.65 25.04 -5.28
N LYS E 386 30.09 23.92 -5.71
CA LYS E 386 28.67 23.68 -5.46
C LYS E 386 28.38 23.63 -3.97
N SER E 387 29.25 22.96 -3.20
CA SER E 387 29.08 22.93 -1.75
C SER E 387 29.21 24.31 -1.15
N LEU E 388 30.20 25.07 -1.60
CA LEU E 388 30.45 26.40 -1.05
C LEU E 388 29.31 27.36 -1.36
N GLN E 389 28.57 27.11 -2.44
CA GLN E 389 27.49 28.03 -2.80
C GLN E 389 26.42 28.08 -1.73
N ASP E 390 26.16 26.97 -1.04
CA ASP E 390 25.23 27.01 0.09
C ASP E 390 25.72 27.97 1.17
N ILE E 391 27.01 27.88 1.51
CA ILE E 391 27.58 28.77 2.52
C ILE E 391 27.46 30.22 2.06
N ILE E 392 27.69 30.47 0.77
CA ILE E 392 27.56 31.83 0.26
C ILE E 392 26.13 32.31 0.40
N ALA E 393 25.17 31.46 0.08
CA ALA E 393 23.77 31.85 0.15
C ALA E 393 23.32 32.11 1.57
N ILE E 394 23.88 31.40 2.54
CA ILE E 394 23.45 31.51 3.93
C ILE E 394 24.33 32.51 4.68
N LEU E 395 25.55 32.07 5.03
CA LEU E 395 26.43 32.86 5.88
C LEU E 395 27.01 34.08 5.17
N GLY E 396 26.82 34.21 3.86
CA GLY E 396 27.34 35.36 3.15
C GLY E 396 28.76 35.15 2.66
N MET E 397 29.14 35.87 1.60
CA MET E 397 30.43 35.65 0.97
C MET E 397 31.59 35.87 1.93
N ASP E 398 31.41 36.69 2.97
CA ASP E 398 32.52 37.02 3.85
C ASP E 398 33.06 35.80 4.57
N GLU E 399 32.20 34.82 4.86
CA GLU E 399 32.58 33.72 5.73
C GLU E 399 33.67 32.84 5.16
N LEU E 400 33.96 32.95 3.87
CA LEU E 400 34.94 32.06 3.26
C LEU E 400 36.34 32.32 3.80
N SER E 401 37.16 31.26 3.76
CA SER E 401 38.59 31.38 4.02
C SER E 401 39.25 32.11 2.86
N GLU E 402 40.58 31.98 2.74
CA GLU E 402 41.28 32.42 1.55
C GLU E 402 41.65 31.27 0.64
N GLU E 403 41.67 30.05 1.16
CA GLU E 403 41.80 28.84 0.35
C GLU E 403 40.45 28.31 -0.09
N ASP E 404 39.39 29.11 0.06
CA ASP E 404 38.07 28.80 -0.46
C ASP E 404 37.55 29.85 -1.40
N LYS E 405 37.81 31.14 -1.14
CA LYS E 405 37.53 32.15 -2.15
C LYS E 405 38.31 31.87 -3.41
N LEU E 406 39.55 31.37 -3.25
CA LEU E 406 40.34 31.01 -4.43
C LEU E 406 39.67 29.89 -5.21
N THR E 407 39.15 28.87 -4.52
CA THR E 407 38.47 27.79 -5.22
C THR E 407 37.21 28.28 -5.88
N VAL E 408 36.49 29.20 -5.24
CA VAL E 408 35.30 29.77 -5.87
C VAL E 408 35.67 30.48 -7.16
N SER E 409 36.73 31.28 -7.12
CA SER E 409 37.16 31.97 -8.34
C SER E 409 37.58 30.97 -9.41
N ARG E 410 38.36 29.96 -9.05
CA ARG E 410 38.82 28.98 -10.02
C ARG E 410 37.65 28.21 -10.61
N ALA E 411 36.66 27.87 -9.80
CA ALA E 411 35.50 27.13 -10.29
C ALA E 411 34.66 27.99 -11.22
N ARG E 412 34.51 29.28 -10.91
CA ARG E 412 33.79 30.15 -11.83
C ARG E 412 34.54 30.27 -13.16
N LYS E 413 35.86 30.39 -13.11
CA LYS E 413 36.63 30.43 -14.35
C LYS E 413 36.47 29.14 -15.14
N ILE E 414 36.47 28.01 -14.45
CA ILE E 414 36.31 26.72 -15.14
C ILE E 414 34.93 26.62 -15.77
N GLN E 415 33.89 27.04 -15.04
CA GLN E 415 32.55 27.03 -15.62
C GLN E 415 32.50 27.88 -16.88
N ARG E 416 33.11 29.06 -16.85
CA ARG E 416 33.14 29.90 -18.04
C ARG E 416 33.88 29.22 -19.17
N PHE E 417 35.00 28.55 -18.86
CA PHE E 417 35.80 27.97 -19.92
C PHE E 417 35.14 26.74 -20.53
N LEU E 418 34.30 26.04 -19.77
CA LEU E 418 33.61 24.88 -20.32
C LEU E 418 32.60 25.28 -21.39
N SER E 419 32.12 26.51 -21.37
CA SER E 419 31.26 27.00 -22.44
C SER E 419 32.08 27.24 -23.70
N GLN E 420 31.42 27.13 -24.86
CA GLN E 420 32.10 27.18 -26.14
C GLN E 420 31.16 27.82 -27.14
N PRO E 421 31.69 28.43 -28.21
CA PRO E 421 30.82 28.90 -29.30
C PRO E 421 30.77 27.93 -30.45
N PHE E 422 29.58 27.57 -30.90
CA PHE E 422 29.42 26.59 -31.95
C PHE E 422 29.44 27.24 -33.33
N GLN E 423 29.93 26.50 -34.32
CA GLN E 423 29.91 26.97 -35.69
C GLN E 423 28.50 27.04 -36.26
N VAL E 424 27.58 26.24 -35.72
CA VAL E 424 26.21 26.22 -36.21
C VAL E 424 25.32 27.17 -35.40
N ALA E 425 25.93 28.04 -34.59
CA ALA E 425 25.17 28.99 -33.79
C ALA E 425 25.75 30.40 -33.90
N GLU E 426 26.35 30.73 -35.05
CA GLU E 426 26.91 32.05 -35.25
C GLU E 426 25.83 33.13 -35.39
N VAL E 427 24.57 32.73 -35.54
CA VAL E 427 23.46 33.66 -35.55
C VAL E 427 22.79 33.77 -34.19
N PHE E 428 23.41 33.21 -33.15
CA PHE E 428 22.91 33.32 -31.78
C PHE E 428 23.93 33.91 -30.81
N THR E 429 25.21 33.94 -31.16
CA THR E 429 26.24 34.36 -30.23
C THR E 429 27.13 35.48 -30.77
N GLY E 430 27.09 35.76 -32.06
CA GLY E 430 27.85 36.87 -32.60
C GLY E 430 29.33 36.57 -32.70
N HIS E 431 29.75 35.43 -32.20
CA HIS E 431 31.15 35.01 -32.27
C HIS E 431 31.31 34.05 -33.44
N LEU E 432 32.49 33.44 -33.55
CA LEU E 432 32.80 32.50 -34.62
C LEU E 432 33.10 31.15 -34.00
N GLY E 433 32.47 30.10 -34.52
CA GLY E 433 32.54 28.80 -33.88
C GLY E 433 33.96 28.27 -33.83
N LYS E 434 34.25 27.54 -32.75
CA LYS E 434 35.55 26.93 -32.52
C LYS E 434 35.39 25.43 -32.37
N LEU E 435 36.27 24.68 -33.01
CA LEU E 435 36.36 23.23 -32.83
C LEU E 435 37.67 22.97 -32.10
N VAL E 436 37.59 22.92 -30.78
CA VAL E 436 38.78 22.79 -29.93
C VAL E 436 39.28 21.35 -29.97
N PRO E 437 40.50 21.09 -30.41
CA PRO E 437 41.02 19.71 -30.31
C PRO E 437 41.05 19.23 -28.87
N LEU E 438 41.55 18.02 -28.64
CA LEU E 438 41.56 17.49 -27.28
C LEU E 438 42.74 18.04 -26.48
N LYS E 439 43.93 18.01 -27.05
CA LYS E 439 45.11 18.48 -26.32
C LYS E 439 44.92 19.91 -25.85
N GLU E 440 44.29 20.74 -26.67
CA GLU E 440 44.03 22.11 -26.27
C GLU E 440 43.14 22.16 -25.03
N THR E 441 42.09 21.35 -25.02
CA THR E 441 41.18 21.34 -23.86
C THR E 441 41.90 20.89 -22.61
N ILE E 442 42.65 19.79 -22.70
CA ILE E 442 43.33 19.27 -21.52
C ILE E 442 44.32 20.28 -21.00
N LYS E 443 45.10 20.90 -21.89
CA LYS E 443 46.07 21.89 -21.45
C LYS E 443 45.38 23.10 -20.83
N GLY E 444 44.30 23.57 -21.42
CA GLY E 444 43.60 24.72 -20.86
C GLY E 444 43.12 24.46 -19.45
N PHE E 445 42.49 23.30 -19.23
CA PHE E 445 41.98 23.03 -17.89
C PHE E 445 43.11 22.71 -16.91
N GLN E 446 44.20 22.08 -17.39
CA GLN E 446 45.36 21.87 -16.53
C GLN E 446 45.91 23.20 -16.06
N GLN E 447 46.06 24.16 -16.97
CA GLN E 447 46.58 25.47 -16.60
C GLN E 447 45.65 26.19 -15.64
N ILE E 448 44.34 26.15 -15.91
CA ILE E 448 43.41 26.84 -15.01
C ILE E 448 43.45 26.22 -13.62
N LEU E 449 43.49 24.89 -13.54
CA LEU E 449 43.55 24.24 -12.23
C LEU E 449 44.85 24.59 -11.51
N ALA E 450 45.97 24.58 -12.24
CA ALA E 450 47.26 24.87 -11.62
C ALA E 450 47.26 26.26 -10.98
N GLY E 451 46.42 27.16 -11.46
CA GLY E 451 46.38 28.52 -10.98
C GLY E 451 47.13 29.52 -11.85
N GLU E 452 47.57 29.11 -13.04
CA GLU E 452 48.39 29.98 -13.88
C GLU E 452 47.63 31.20 -14.37
N TYR E 453 46.30 31.23 -14.24
CA TYR E 453 45.49 32.29 -14.81
C TYR E 453 44.62 32.95 -13.73
N ASP E 454 45.07 32.91 -12.48
CA ASP E 454 44.27 33.45 -11.39
C ASP E 454 44.15 34.97 -11.45
N HIS E 455 45.01 35.63 -12.22
CA HIS E 455 45.01 37.09 -12.30
C HIS E 455 44.03 37.64 -13.33
N LEU E 456 43.48 36.79 -14.19
CA LEU E 456 42.58 37.24 -15.24
C LEU E 456 41.17 37.43 -14.70
N PRO E 457 40.32 38.15 -15.43
CA PRO E 457 38.91 38.24 -15.05
C PRO E 457 38.13 37.01 -15.51
N GLU E 458 37.06 36.71 -14.79
CA GLU E 458 36.26 35.53 -15.12
C GLU E 458 35.69 35.65 -16.53
N GLN E 459 35.16 36.82 -16.89
CA GLN E 459 34.51 36.98 -18.19
C GLN E 459 35.48 36.81 -19.35
N ALA E 460 36.78 36.82 -19.09
CA ALA E 460 37.75 36.55 -20.16
C ALA E 460 37.73 35.10 -20.60
N PHE E 461 37.06 34.22 -19.86
CA PHE E 461 36.96 32.82 -20.24
C PHE E 461 35.62 32.47 -20.88
N TYR E 462 34.64 33.35 -20.81
CA TYR E 462 33.31 33.05 -21.32
C TYR E 462 33.33 32.95 -22.83
N MET E 463 32.83 31.84 -23.35
CA MET E 463 32.54 31.67 -24.77
C MET E 463 33.78 31.93 -25.62
N VAL E 464 34.82 31.14 -25.38
CA VAL E 464 36.06 31.21 -26.14
C VAL E 464 36.50 29.81 -26.50
N GLY E 465 37.34 29.72 -27.52
CA GLY E 465 37.89 28.45 -27.95
C GLY E 465 38.98 27.98 -27.00
N PRO E 466 40.18 27.72 -27.51
CA PRO E 466 41.27 27.30 -26.63
C PRO E 466 41.59 28.32 -25.56
N ILE E 467 42.59 28.03 -24.73
CA ILE E 467 42.93 28.94 -23.63
C ILE E 467 43.55 30.22 -24.18
N GLU E 468 44.35 30.10 -25.24
CA GLU E 468 44.97 31.28 -25.82
C GLU E 468 43.94 32.32 -26.23
N GLU E 469 42.75 31.88 -26.65
CA GLU E 469 41.68 32.83 -26.91
C GLU E 469 41.26 33.53 -25.63
N ALA E 470 41.29 32.83 -24.50
CA ALA E 470 40.98 33.49 -23.23
C ALA E 470 42.03 34.55 -22.91
N VAL E 471 43.30 34.24 -23.16
CA VAL E 471 44.35 35.25 -22.95
C VAL E 471 44.10 36.46 -23.84
N ALA E 472 43.81 36.23 -25.11
CA ALA E 472 43.58 37.33 -26.04
C ALA E 472 42.36 38.15 -25.62
N LYS E 473 41.30 37.48 -25.17
CA LYS E 473 40.12 38.19 -24.71
C LYS E 473 40.45 39.06 -23.50
N ALA E 474 41.24 38.53 -22.57
CA ALA E 474 41.64 39.33 -21.41
C ALA E 474 42.41 40.56 -21.84
N ASP E 475 43.35 40.40 -22.77
CA ASP E 475 44.10 41.54 -23.27
C ASP E 475 43.19 42.55 -23.95
N LYS E 476 42.24 42.07 -24.76
CA LYS E 476 41.41 42.98 -25.54
C LYS E 476 40.41 43.72 -24.66
N LEU E 477 39.92 43.10 -23.60
CA LEU E 477 38.94 43.76 -22.75
C LEU E 477 39.57 44.58 -21.63
N ALA E 478 40.80 44.26 -21.23
CA ALA E 478 41.48 45.05 -20.21
C ALA E 478 42.19 46.26 -20.80
N GLU E 479 42.62 46.19 -22.05
CA GLU E 479 43.33 47.29 -22.68
C GLU E 479 42.40 48.13 -23.54
N THR F 13 -2.81 -52.30 -14.42
CA THR F 13 -3.24 -51.98 -15.77
C THR F 13 -2.06 -51.48 -16.60
N THR F 14 -2.32 -51.08 -17.84
CA THR F 14 -1.25 -50.62 -18.72
C THR F 14 -1.79 -49.53 -19.63
N GLY F 15 -1.23 -48.33 -19.50
CA GLY F 15 -1.54 -47.22 -20.37
C GLY F 15 -0.30 -46.77 -21.13
N ARG F 16 -0.50 -45.77 -21.98
CA ARG F 16 0.58 -45.25 -22.80
C ARG F 16 0.61 -43.73 -22.71
N ILE F 17 1.80 -43.18 -22.51
CA ILE F 17 1.95 -41.73 -22.50
C ILE F 17 1.43 -41.16 -23.80
N VAL F 18 0.78 -40.00 -23.71
CA VAL F 18 0.24 -39.34 -24.89
C VAL F 18 0.76 -37.91 -24.95
N ALA F 19 0.98 -37.28 -23.80
CA ALA F 19 1.51 -35.94 -23.73
C ALA F 19 2.53 -35.87 -22.60
N VAL F 20 3.53 -35.01 -22.76
CA VAL F 20 4.59 -34.86 -21.76
C VAL F 20 5.02 -33.41 -21.70
N ILE F 21 4.26 -32.58 -21.00
CA ILE F 21 4.50 -31.14 -20.96
C ILE F 21 5.12 -30.81 -19.62
N GLY F 22 6.37 -30.38 -19.62
CA GLY F 22 7.02 -30.08 -18.36
C GLY F 22 7.06 -31.31 -17.47
N ALA F 23 6.58 -31.16 -16.24
CA ALA F 23 6.52 -32.27 -15.29
C ALA F 23 5.14 -32.91 -15.25
N VAL F 24 4.26 -32.57 -16.20
CA VAL F 24 2.91 -33.08 -16.24
C VAL F 24 2.79 -34.01 -17.43
N VAL F 25 2.40 -35.25 -17.16
CA VAL F 25 2.35 -36.30 -18.18
C VAL F 25 0.92 -36.80 -18.29
N ASP F 26 0.45 -36.98 -19.52
CA ASP F 26 -0.88 -37.53 -19.77
C ASP F 26 -0.74 -38.98 -20.19
N VAL F 27 -1.53 -39.86 -19.58
CA VAL F 27 -1.43 -41.29 -19.80
C VAL F 27 -2.82 -41.81 -20.15
N GLN F 28 -2.91 -42.60 -21.22
CA GLN F 28 -4.18 -43.10 -21.70
C GLN F 28 -4.27 -44.59 -21.39
N PHE F 29 -5.26 -44.97 -20.60
CA PHE F 29 -5.53 -46.37 -20.28
C PHE F 29 -6.79 -46.79 -21.02
N ASP F 30 -6.64 -47.71 -21.97
CA ASP F 30 -7.82 -48.23 -22.65
C ASP F 30 -8.64 -49.14 -21.74
N GLU F 31 -7.96 -49.92 -20.90
CA GLU F 31 -8.65 -50.76 -19.93
C GLU F 31 -9.02 -49.94 -18.69
N GLY F 32 -8.94 -50.54 -17.51
CA GLY F 32 -9.33 -49.87 -16.29
C GLY F 32 -8.53 -48.61 -15.99
N LEU F 33 -9.23 -47.52 -15.68
CA LEU F 33 -8.60 -46.28 -15.29
C LEU F 33 -8.12 -46.35 -13.85
N PRO F 34 -6.98 -45.74 -13.52
CA PRO F 34 -6.56 -45.68 -12.13
C PRO F 34 -7.24 -44.54 -11.39
N PRO F 35 -7.56 -44.72 -10.11
CA PRO F 35 -8.16 -43.60 -9.35
C PRO F 35 -7.20 -42.43 -9.21
N ILE F 36 -7.60 -41.43 -8.45
CA ILE F 36 -6.80 -40.22 -8.28
C ILE F 36 -5.86 -40.42 -7.11
N LEU F 37 -4.69 -39.78 -7.19
CA LEU F 37 -3.60 -39.93 -6.24
C LEU F 37 -2.88 -41.26 -6.43
N ASN F 38 -3.50 -42.18 -7.17
CA ASN F 38 -2.88 -43.46 -7.43
C ASN F 38 -1.58 -43.26 -8.19
N ALA F 39 -0.57 -44.03 -7.83
CA ALA F 39 0.76 -43.90 -8.43
C ALA F 39 0.90 -44.84 -9.62
N LEU F 40 1.76 -44.45 -10.56
CA LEU F 40 2.01 -45.19 -11.78
C LEU F 40 3.52 -45.30 -11.95
N GLU F 41 3.98 -46.36 -12.61
CA GLU F 41 5.40 -46.56 -12.86
C GLU F 41 5.64 -46.49 -14.36
N VAL F 42 6.50 -45.58 -14.79
CA VAL F 42 6.87 -45.48 -16.20
C VAL F 42 7.85 -46.61 -16.50
N GLN F 43 7.44 -47.54 -17.35
CA GLN F 43 8.21 -48.75 -17.60
C GLN F 43 9.20 -48.48 -18.74
N GLY F 44 10.48 -48.52 -18.43
CA GLY F 44 11.51 -48.36 -19.45
C GLY F 44 12.52 -47.29 -19.11
N ARG F 45 12.67 -46.97 -17.84
CA ARG F 45 13.58 -45.94 -17.38
C ARG F 45 14.74 -46.56 -16.61
N GLU F 46 15.88 -45.86 -16.62
CA GLU F 46 17.04 -46.34 -15.88
C GLU F 46 16.74 -46.41 -14.39
N THR F 47 16.08 -45.40 -13.85
CA THR F 47 15.68 -45.34 -12.46
C THR F 47 14.17 -45.47 -12.36
N ARG F 48 13.64 -45.32 -11.14
CA ARG F 48 12.20 -45.40 -10.92
C ARG F 48 11.58 -44.02 -11.09
N LEU F 49 10.70 -43.89 -12.07
CA LEU F 49 9.92 -42.68 -12.28
C LEU F 49 8.48 -42.99 -11.89
N VAL F 50 7.98 -42.28 -10.88
CA VAL F 50 6.63 -42.47 -10.36
C VAL F 50 5.79 -41.28 -10.79
N LEU F 51 4.63 -41.56 -11.37
CA LEU F 51 3.69 -40.53 -11.79
C LEU F 51 2.47 -40.61 -10.87
N GLU F 52 2.25 -39.58 -10.08
CA GLU F 52 1.07 -39.53 -9.23
C GLU F 52 -0.10 -38.99 -10.04
N VAL F 53 -1.20 -39.73 -10.10
CA VAL F 53 -2.36 -39.28 -10.86
C VAL F 53 -2.96 -38.06 -10.18
N ALA F 54 -3.61 -37.21 -10.97
CA ALA F 54 -4.19 -35.98 -10.44
C ALA F 54 -5.56 -35.64 -11.01
N GLN F 55 -5.88 -36.07 -12.23
CA GLN F 55 -7.16 -35.75 -12.83
C GLN F 55 -7.55 -36.85 -13.79
N HIS F 56 -8.85 -36.92 -14.06
CA HIS F 56 -9.39 -37.73 -15.15
C HIS F 56 -9.93 -36.77 -16.20
N LEU F 57 -9.42 -36.88 -17.42
CA LEU F 57 -9.74 -35.93 -18.47
C LEU F 57 -10.86 -36.41 -19.39
N GLY F 58 -11.40 -37.59 -19.17
CA GLY F 58 -12.32 -38.18 -20.11
C GLY F 58 -11.58 -38.76 -21.30
N GLU F 59 -12.30 -39.53 -22.11
CA GLU F 59 -11.70 -40.27 -23.22
C GLU F 59 -10.66 -41.26 -22.70
N SER F 60 -10.75 -41.61 -21.41
CA SER F 60 -9.85 -42.57 -20.79
C SER F 60 -8.41 -42.05 -20.79
N THR F 61 -8.26 -40.82 -20.30
CA THR F 61 -6.96 -40.20 -20.13
C THR F 61 -6.86 -39.67 -18.71
N VAL F 62 -5.68 -39.74 -18.13
CA VAL F 62 -5.43 -39.21 -16.80
C VAL F 62 -4.20 -38.31 -16.86
N ARG F 63 -4.29 -37.15 -16.23
CA ARG F 63 -3.15 -36.26 -16.09
C ARG F 63 -2.42 -36.62 -14.80
N THR F 64 -1.10 -36.50 -14.82
CA THR F 64 -0.27 -36.99 -13.73
C THR F 64 0.90 -36.04 -13.52
N ILE F 65 1.42 -36.04 -12.32
CA ILE F 65 2.58 -35.24 -11.94
C ILE F 65 3.74 -36.19 -11.68
N ALA F 66 4.86 -35.95 -12.35
CA ALA F 66 6.01 -36.85 -12.28
C ALA F 66 6.88 -36.51 -11.09
N MET F 67 7.20 -37.52 -10.29
CA MET F 67 8.03 -37.35 -9.10
C MET F 67 9.52 -37.37 -9.41
N ASP F 68 9.92 -37.04 -10.63
CA ASP F 68 11.32 -37.06 -11.02
C ASP F 68 11.41 -36.47 -12.41
N GLY F 69 12.63 -36.27 -12.89
CA GLY F 69 12.84 -35.68 -14.20
C GLY F 69 12.15 -36.44 -15.31
N THR F 70 11.43 -35.74 -16.18
CA THR F 70 10.68 -36.36 -17.26
C THR F 70 11.44 -36.37 -18.58
N GLU F 71 12.66 -35.85 -18.64
CA GLU F 71 13.41 -35.91 -19.89
C GLU F 71 13.61 -37.36 -20.29
N GLY F 72 13.46 -37.62 -21.58
CA GLY F 72 13.59 -38.97 -22.09
C GLY F 72 12.29 -39.73 -22.20
N LEU F 73 11.16 -39.12 -21.84
CA LEU F 73 9.87 -39.76 -21.99
C LEU F 73 9.40 -39.63 -23.43
N VAL F 74 9.03 -40.75 -24.04
CA VAL F 74 8.62 -40.80 -25.44
C VAL F 74 7.12 -41.00 -25.49
N ARG F 75 6.45 -40.23 -26.34
CA ARG F 75 5.03 -40.45 -26.56
C ARG F 75 4.79 -41.89 -26.96
N GLY F 76 3.82 -42.53 -26.32
CA GLY F 76 3.57 -43.93 -26.54
C GLY F 76 4.29 -44.85 -25.58
N GLN F 77 5.20 -44.33 -24.76
CA GLN F 77 5.86 -45.14 -23.76
C GLN F 77 4.81 -45.78 -22.86
N LYS F 78 5.20 -46.86 -22.18
CA LYS F 78 4.27 -47.68 -21.42
C LYS F 78 4.33 -47.32 -19.94
N VAL F 79 3.16 -47.23 -19.31
CA VAL F 79 3.01 -46.88 -17.91
C VAL F 79 2.17 -47.96 -17.25
N LEU F 80 2.62 -48.44 -16.10
CA LEU F 80 1.99 -49.54 -15.40
C LEU F 80 1.37 -49.03 -14.10
N ASP F 81 0.09 -49.27 -13.92
CA ASP F 81 -0.57 -48.86 -12.69
C ASP F 81 -0.04 -49.68 -11.52
N SER F 82 0.02 -49.05 -10.35
CA SER F 82 0.55 -49.69 -9.15
C SER F 82 -0.52 -50.04 -8.14
N GLY F 83 -1.72 -49.48 -8.27
CA GLY F 83 -2.86 -49.90 -7.47
C GLY F 83 -3.03 -49.18 -6.16
N ALA F 84 -2.00 -48.49 -5.67
CA ALA F 84 -2.09 -47.76 -4.42
C ALA F 84 -1.25 -46.49 -4.52
N PRO F 85 -1.58 -45.46 -3.75
CA PRO F 85 -0.78 -44.23 -3.78
C PRO F 85 0.67 -44.49 -3.46
N ILE F 86 1.50 -43.45 -3.48
CA ILE F 86 2.90 -43.59 -3.11
C ILE F 86 2.96 -44.11 -1.69
N ARG F 87 3.39 -45.35 -1.52
CA ARG F 87 3.52 -45.96 -0.20
C ARG F 87 4.99 -45.92 0.21
N ILE F 88 5.26 -45.38 1.38
CA ILE F 88 6.63 -45.19 1.85
C ILE F 88 6.89 -46.14 3.02
N PRO F 89 8.15 -46.47 3.31
CA PRO F 89 8.44 -47.27 4.50
C PRO F 89 8.32 -46.43 5.76
N VAL F 90 7.56 -46.93 6.74
CA VAL F 90 7.46 -46.30 8.04
C VAL F 90 7.79 -47.34 9.10
N GLY F 91 8.25 -46.87 10.26
CA GLY F 91 8.63 -47.73 11.34
C GLY F 91 9.79 -47.16 12.12
N PRO F 92 10.28 -47.90 13.12
CA PRO F 92 11.48 -47.47 13.83
C PRO F 92 12.76 -47.72 13.07
N GLU F 93 12.69 -48.32 11.89
CA GLU F 93 13.84 -48.53 11.03
C GLU F 93 14.06 -47.39 10.05
N THR F 94 13.25 -46.34 10.11
CA THR F 94 13.46 -45.13 9.34
C THR F 94 14.09 -44.03 10.18
N LEU F 95 14.66 -44.37 11.32
CA LEU F 95 15.38 -43.43 12.17
C LEU F 95 16.86 -43.52 11.84
N GLY F 96 17.51 -42.37 11.67
CA GLY F 96 18.88 -42.33 11.26
C GLY F 96 19.09 -42.48 9.77
N ARG F 97 18.03 -42.66 9.00
CA ARG F 97 18.10 -42.79 7.56
C ARG F 97 17.77 -41.47 6.89
N ILE F 98 17.98 -41.42 5.58
CA ILE F 98 17.57 -40.31 4.75
C ILE F 98 16.72 -40.88 3.62
N MET F 99 15.55 -40.29 3.40
CA MET F 99 14.59 -40.75 2.42
C MET F 99 14.34 -39.64 1.41
N ASN F 100 13.66 -40.00 0.33
CA ASN F 100 13.22 -38.99 -0.64
C ASN F 100 11.70 -39.07 -0.77
N VAL F 101 11.15 -38.52 -1.85
CA VAL F 101 9.70 -38.43 -1.97
C VAL F 101 9.06 -39.79 -1.93
N ILE F 102 9.62 -40.76 -2.65
CA ILE F 102 8.99 -42.05 -2.85
C ILE F 102 9.51 -43.09 -1.86
N GLY F 103 10.19 -42.65 -0.81
CA GLY F 103 10.64 -43.55 0.24
C GLY F 103 11.95 -44.26 -0.05
N GLU F 104 12.64 -43.92 -1.11
CA GLU F 104 13.89 -44.58 -1.44
C GLU F 104 15.03 -44.00 -0.60
N PRO F 105 15.82 -44.83 0.08
CA PRO F 105 16.95 -44.28 0.83
C PRO F 105 17.92 -43.57 -0.11
N ILE F 106 18.48 -42.46 0.38
CA ILE F 106 19.44 -41.70 -0.41
C ILE F 106 20.71 -41.47 0.40
N ASP F 107 20.91 -42.26 1.45
CA ASP F 107 22.12 -42.20 2.24
C ASP F 107 23.12 -43.27 1.85
N GLU F 108 22.79 -44.13 0.88
CA GLU F 108 23.69 -45.17 0.41
C GLU F 108 24.09 -46.09 1.57
N ARG F 109 23.07 -46.63 2.24
CA ARG F 109 23.31 -47.49 3.40
C ARG F 109 22.44 -48.74 3.37
N GLY F 110 21.71 -49.00 2.28
CA GLY F 110 20.94 -50.21 2.15
C GLY F 110 19.44 -49.95 2.28
N PRO F 111 18.62 -50.85 1.75
CA PRO F 111 17.18 -50.60 1.76
C PRO F 111 16.63 -50.47 3.17
N ILE F 112 15.67 -49.56 3.32
CA ILE F 112 15.01 -49.35 4.61
C ILE F 112 14.13 -50.56 4.88
N LYS F 113 14.54 -51.40 5.83
CA LYS F 113 13.85 -52.65 6.12
C LYS F 113 12.76 -52.41 7.14
N THR F 114 11.52 -52.26 6.67
CA THR F 114 10.36 -52.13 7.52
C THR F 114 9.31 -53.14 7.07
N LYS F 115 8.44 -53.51 7.99
CA LYS F 115 7.37 -54.46 7.72
C LYS F 115 6.02 -53.78 7.59
N GLN F 116 6.00 -52.46 7.40
CA GLN F 116 4.75 -51.72 7.36
C GLN F 116 4.95 -50.47 6.52
N PHE F 117 4.15 -50.33 5.47
CA PHE F 117 4.21 -49.19 4.57
C PHE F 117 3.00 -48.30 4.81
N ALA F 118 3.17 -47.01 4.54
CA ALA F 118 2.11 -46.03 4.75
C ALA F 118 1.92 -45.22 3.48
N ALA F 119 0.67 -45.09 3.04
CA ALA F 119 0.36 -44.20 1.93
C ALA F 119 0.44 -42.76 2.39
N ILE F 120 1.07 -41.91 1.58
CA ILE F 120 1.35 -40.54 2.01
C ILE F 120 0.15 -39.63 1.92
N HIS F 121 -1.01 -40.14 1.50
CA HIS F 121 -2.17 -39.30 1.22
C HIS F 121 -3.32 -39.59 2.18
N ALA F 122 -3.01 -40.00 3.39
CA ALA F 122 -4.06 -40.25 4.37
C ALA F 122 -4.88 -38.98 4.60
N GLU F 123 -5.96 -39.13 5.36
CA GLU F 123 -6.86 -38.05 5.68
C GLU F 123 -6.53 -37.45 7.04
N ALA F 124 -7.03 -36.25 7.28
CA ALA F 124 -6.73 -35.55 8.51
C ALA F 124 -7.51 -36.16 9.68
N PRO F 125 -7.03 -35.96 10.91
CA PRO F 125 -7.79 -36.44 12.07
C PRO F 125 -9.17 -35.80 12.11
N GLU F 126 -10.15 -36.58 12.55
CA GLU F 126 -11.51 -36.08 12.69
C GLU F 126 -11.55 -35.05 13.80
N PHE F 127 -12.75 -34.65 14.19
CA PHE F 127 -12.92 -33.63 15.22
C PHE F 127 -12.93 -34.20 16.63
N VAL F 128 -13.29 -35.47 16.78
CA VAL F 128 -13.40 -36.09 18.10
C VAL F 128 -12.04 -36.60 18.55
N GLU F 129 -11.00 -36.29 17.80
CA GLU F 129 -9.65 -36.72 18.12
C GLU F 129 -8.75 -35.60 18.63
N MET F 130 -9.15 -34.34 18.46
CA MET F 130 -8.29 -33.24 18.85
C MET F 130 -8.08 -33.24 20.35
N SER F 131 -6.91 -32.73 20.76
CA SER F 131 -6.57 -32.57 22.17
C SER F 131 -6.47 -31.08 22.49
N VAL F 132 -7.04 -30.69 23.63
CA VAL F 132 -7.15 -29.29 24.00
C VAL F 132 -6.06 -28.85 24.96
N GLU F 133 -5.17 -29.75 25.36
CA GLU F 133 -4.12 -29.39 26.29
C GLU F 133 -3.24 -28.30 25.71
N GLN F 134 -2.76 -27.41 26.58
CA GLN F 134 -1.92 -26.28 26.16
C GLN F 134 -0.87 -26.05 27.22
N GLU F 135 0.32 -26.60 27.00
CA GLU F 135 1.46 -26.44 27.89
C GLU F 135 2.39 -25.38 27.26
N ILE F 136 3.52 -25.10 27.90
CA ILE F 136 4.50 -24.16 27.38
C ILE F 136 5.80 -24.90 27.14
N LEU F 137 6.40 -24.67 25.97
CA LEU F 137 7.66 -25.28 25.58
C LEU F 137 8.74 -24.21 25.70
N VAL F 138 9.73 -24.47 26.54
CA VAL F 138 10.78 -23.50 26.81
C VAL F 138 11.94 -23.76 25.86
N THR F 139 12.30 -22.75 25.08
CA THR F 139 13.31 -22.87 24.05
C THR F 139 14.63 -22.22 24.41
N GLY F 140 14.72 -21.51 25.53
CA GLY F 140 15.95 -20.86 25.90
C GLY F 140 16.28 -19.63 25.08
N ILE F 141 15.30 -19.07 24.37
CA ILE F 141 15.48 -17.86 23.57
C ILE F 141 14.62 -16.77 24.18
N LYS F 142 15.24 -15.63 24.47
CA LYS F 142 14.57 -14.59 25.23
C LYS F 142 13.34 -14.06 24.50
N VAL F 143 13.50 -13.66 23.25
CA VAL F 143 12.39 -13.06 22.51
C VAL F 143 11.27 -14.07 22.31
N VAL F 144 11.62 -15.31 21.97
CA VAL F 144 10.61 -16.33 21.74
C VAL F 144 9.90 -16.67 23.03
N ASP F 145 10.63 -16.78 24.14
CA ASP F 145 10.05 -17.22 25.39
C ASP F 145 9.22 -16.14 26.06
N LEU F 146 9.56 -14.87 25.88
CA LEU F 146 8.86 -13.82 26.61
C LEU F 146 7.58 -13.41 25.92
N LEU F 147 7.66 -13.06 24.64
CA LEU F 147 6.55 -12.44 23.93
C LEU F 147 5.69 -13.42 23.16
N ALA F 148 6.29 -14.46 22.59
CA ALA F 148 5.57 -15.44 21.78
C ALA F 148 5.89 -16.84 22.29
N PRO F 149 5.49 -17.17 23.51
CA PRO F 149 5.91 -18.45 24.09
C PRO F 149 5.38 -19.62 23.28
N TYR F 150 6.29 -20.47 22.82
CA TYR F 150 5.91 -21.66 22.10
C TYR F 150 5.19 -22.64 23.03
N ALA F 151 4.29 -23.43 22.46
CA ALA F 151 3.49 -24.38 23.21
C ALA F 151 3.84 -25.79 22.78
N LYS F 152 3.77 -26.71 23.74
CA LYS F 152 4.04 -28.12 23.44
C LYS F 152 2.86 -28.72 22.70
N GLY F 153 3.14 -29.43 21.62
CA GLY F 153 2.11 -30.07 20.83
C GLY F 153 1.46 -29.19 19.81
N GLY F 154 1.79 -27.90 19.76
CA GLY F 154 1.19 -26.98 18.82
C GLY F 154 2.05 -26.77 17.59
N LYS F 155 1.45 -26.12 16.60
CA LYS F 155 2.14 -25.76 15.38
C LYS F 155 2.78 -24.39 15.53
N ILE F 156 4.02 -24.28 15.08
CA ILE F 156 4.82 -23.06 15.20
C ILE F 156 5.27 -22.67 13.81
N GLY F 157 5.55 -21.40 13.62
CA GLY F 157 5.92 -20.93 12.30
C GLY F 157 6.85 -19.73 12.33
N LEU F 158 7.96 -19.82 11.62
CA LEU F 158 8.94 -18.75 11.55
C LEU F 158 8.83 -18.10 10.18
N PHE F 159 8.31 -16.89 10.13
CA PHE F 159 8.15 -16.15 8.90
C PHE F 159 9.32 -15.18 8.73
N GLY F 160 9.84 -15.12 7.52
CA GLY F 160 10.92 -14.19 7.25
C GLY F 160 11.44 -14.29 5.83
N GLY F 161 11.83 -13.17 5.25
CA GLY F 161 12.31 -13.16 3.90
C GLY F 161 13.59 -13.95 3.75
N ALA F 162 14.37 -13.67 2.72
CA ALA F 162 15.58 -14.41 2.46
C ALA F 162 16.72 -13.86 3.30
N GLY F 163 17.44 -14.75 3.97
CA GLY F 163 18.60 -14.36 4.74
C GLY F 163 18.31 -13.49 5.95
N VAL F 164 17.30 -13.83 6.73
CA VAL F 164 17.01 -13.12 7.96
C VAL F 164 17.26 -13.95 9.21
N GLY F 165 17.25 -15.27 9.11
CA GLY F 165 17.62 -16.10 10.24
C GLY F 165 16.71 -17.29 10.47
N LYS F 166 15.97 -17.71 9.44
CA LYS F 166 15.05 -18.83 9.61
C LYS F 166 15.79 -20.11 9.92
N THR F 167 16.80 -20.44 9.11
CA THR F 167 17.49 -21.70 9.29
C THR F 167 18.37 -21.69 10.52
N VAL F 168 19.02 -20.56 10.79
CA VAL F 168 19.81 -20.48 12.03
C VAL F 168 18.91 -20.66 13.24
N LEU F 169 17.75 -20.02 13.23
CA LEU F 169 16.81 -20.17 14.33
C LEU F 169 16.31 -21.60 14.46
N ILE F 170 16.00 -22.23 13.33
CA ILE F 170 15.46 -23.59 13.39
C ILE F 170 16.54 -24.56 13.83
N MET F 171 17.80 -24.31 13.49
CA MET F 171 18.88 -25.16 13.96
C MET F 171 19.13 -24.96 15.45
N GLU F 172 19.00 -23.72 15.93
CA GLU F 172 19.06 -23.48 17.37
C GLU F 172 17.95 -24.23 18.09
N LEU F 173 16.75 -24.21 17.52
CA LEU F 173 15.64 -24.92 18.14
C LEU F 173 15.85 -26.42 18.09
N ILE F 174 16.37 -26.94 16.98
CA ILE F 174 16.74 -28.34 16.91
C ILE F 174 17.65 -28.63 18.09
N ASN F 175 18.85 -28.04 18.07
CA ASN F 175 19.79 -28.19 19.17
C ASN F 175 19.07 -28.22 20.51
N ASN F 176 18.55 -27.08 20.96
CA ASN F 176 17.94 -27.00 22.28
C ASN F 176 16.84 -28.03 22.48
N VAL F 177 15.70 -27.85 21.80
CA VAL F 177 14.51 -28.63 22.11
C VAL F 177 14.76 -30.13 21.91
N ALA F 178 15.35 -30.51 20.77
CA ALA F 178 15.52 -31.90 20.45
C ALA F 178 16.76 -32.52 21.07
N LYS F 179 17.53 -31.78 21.87
CA LYS F 179 18.50 -32.42 22.75
C LYS F 179 17.85 -32.80 24.08
N ALA F 180 16.96 -31.96 24.59
CA ALA F 180 16.22 -32.24 25.82
C ALA F 180 14.92 -32.99 25.53
N HIS F 181 14.85 -33.73 24.44
CA HIS F 181 13.63 -34.42 24.02
C HIS F 181 13.90 -35.91 24.06
N GLY F 182 13.07 -36.64 24.81
CA GLY F 182 13.23 -38.08 24.90
C GLY F 182 12.53 -38.81 23.78
N GLY F 183 11.60 -38.15 23.12
CA GLY F 183 10.86 -38.74 22.04
C GLY F 183 11.63 -38.69 20.74
N TYR F 184 10.94 -39.07 19.67
CA TYR F 184 11.54 -39.08 18.34
C TYR F 184 11.50 -37.69 17.73
N SER F 185 12.04 -37.58 16.52
CA SER F 185 12.06 -36.31 15.81
C SER F 185 12.17 -36.61 14.32
N VAL F 186 11.66 -35.69 13.51
CA VAL F 186 11.61 -35.88 12.07
C VAL F 186 11.89 -34.54 11.41
N PHE F 187 12.92 -34.48 10.59
CA PHE F 187 13.25 -33.29 9.83
C PHE F 187 12.94 -33.53 8.37
N ALA F 188 12.00 -32.76 7.83
CA ALA F 188 11.65 -32.82 6.42
C ALA F 188 12.17 -31.55 5.78
N GLY F 189 13.22 -31.67 4.97
CA GLY F 189 13.75 -30.53 4.25
C GLY F 189 13.19 -30.46 2.86
N VAL F 190 12.21 -29.59 2.66
CA VAL F 190 11.52 -29.45 1.39
C VAL F 190 11.96 -28.13 0.75
N GLY F 191 12.62 -28.22 -0.40
CA GLY F 191 13.02 -27.04 -1.13
C GLY F 191 14.03 -26.16 -0.44
N GLU F 192 15.07 -26.72 0.15
CA GLU F 192 16.16 -25.95 0.75
C GLU F 192 17.48 -26.45 0.18
N ARG F 193 18.57 -25.78 0.56
CA ARG F 193 19.88 -26.11 0.00
C ARG F 193 20.26 -27.54 0.33
N THR F 194 20.90 -28.20 -0.64
CA THR F 194 21.37 -29.56 -0.41
C THR F 194 22.55 -29.60 0.54
N ARG F 195 23.44 -28.60 0.47
CA ARG F 195 24.55 -28.58 1.39
C ARG F 195 24.09 -28.32 2.82
N GLU F 196 22.96 -27.63 3.00
CA GLU F 196 22.40 -27.49 4.33
C GLU F 196 21.94 -28.84 4.87
N GLY F 197 21.32 -29.66 4.02
CA GLY F 197 20.95 -30.99 4.46
C GLY F 197 22.15 -31.85 4.79
N ASN F 198 23.22 -31.73 3.99
CA ASN F 198 24.45 -32.45 4.30
C ASN F 198 25.04 -32.00 5.64
N ASP F 199 25.07 -30.70 5.88
CA ASP F 199 25.59 -30.19 7.15
C ASP F 199 24.74 -30.68 8.32
N LEU F 200 23.43 -30.68 8.16
CA LEU F 200 22.56 -31.20 9.21
C LEU F 200 22.85 -32.67 9.47
N TYR F 201 22.97 -33.46 8.40
CA TYR F 201 23.26 -34.89 8.56
C TYR F 201 24.54 -35.10 9.35
N HIS F 202 25.60 -34.36 9.00
CA HIS F 202 26.87 -34.59 9.66
C HIS F 202 26.89 -34.00 11.07
N GLU F 203 26.18 -32.90 11.32
CA GLU F 203 26.06 -32.40 12.68
C GLU F 203 25.36 -33.41 13.57
N MET F 204 24.32 -34.06 13.04
CA MET F 204 23.65 -35.09 13.84
C MET F 204 24.53 -36.31 14.04
N ILE F 205 25.24 -36.76 13.01
CA ILE F 205 26.13 -37.90 13.19
C ILE F 205 27.16 -37.60 14.26
N GLU F 206 27.73 -36.39 14.23
CA GLU F 206 28.72 -36.02 15.24
C GLU F 206 28.08 -35.91 16.62
N SER F 207 26.90 -35.31 16.70
CA SER F 207 26.26 -35.02 17.98
C SER F 207 25.62 -36.24 18.61
N GLY F 208 25.75 -37.42 18.01
CA GLY F 208 25.20 -38.63 18.57
C GLY F 208 23.73 -38.84 18.31
N VAL F 209 23.04 -37.85 17.73
CA VAL F 209 21.62 -38.01 17.45
C VAL F 209 21.35 -39.04 16.36
N ILE F 210 22.39 -39.45 15.64
CA ILE F 210 22.29 -40.51 14.64
C ILE F 210 23.43 -41.49 14.87
N ASN F 211 23.10 -42.78 14.91
CA ASN F 211 24.08 -43.84 15.03
C ASN F 211 24.06 -44.64 13.74
N LEU F 212 25.14 -44.54 12.96
CA LEU F 212 25.26 -45.34 11.75
C LEU F 212 25.57 -46.79 12.05
N LYS F 213 25.87 -47.12 13.30
CA LYS F 213 26.35 -48.45 13.67
C LYS F 213 25.67 -48.92 14.94
N ASP F 214 24.39 -48.65 15.08
CA ASP F 214 23.62 -49.00 16.26
C ASP F 214 22.15 -48.86 15.91
N ALA F 215 21.29 -48.84 16.94
CA ALA F 215 19.87 -48.64 16.77
C ALA F 215 19.36 -47.67 17.83
N THR F 216 20.10 -46.60 18.04
CA THR F 216 19.75 -45.55 18.98
C THR F 216 19.66 -44.20 18.28
N SER F 217 19.17 -44.20 17.05
CA SER F 217 18.97 -42.97 16.29
C SER F 217 17.57 -42.43 16.57
N LYS F 218 17.48 -41.13 16.79
CA LYS F 218 16.23 -40.50 17.19
C LYS F 218 15.74 -39.46 16.20
N VAL F 219 16.31 -39.40 15.00
CA VAL F 219 15.89 -38.43 14.00
C VAL F 219 15.76 -39.13 12.65
N ALA F 220 14.60 -38.99 12.02
CA ALA F 220 14.38 -39.45 10.66
C ALA F 220 14.40 -38.24 9.73
N LEU F 221 15.20 -38.32 8.68
CA LEU F 221 15.38 -37.23 7.74
C LEU F 221 14.72 -37.56 6.42
N VAL F 222 13.94 -36.62 5.90
CA VAL F 222 13.38 -36.69 4.56
C VAL F 222 13.85 -35.45 3.82
N TYR F 223 14.07 -35.58 2.51
CA TYR F 223 14.72 -34.51 1.78
C TYR F 223 14.20 -34.45 0.35
N GLY F 224 13.62 -33.32 -0.01
CA GLY F 224 13.30 -33.00 -1.39
C GLY F 224 13.84 -31.63 -1.72
N GLN F 225 15.16 -31.50 -1.76
CA GLN F 225 15.81 -30.21 -1.80
C GLN F 225 15.50 -29.50 -3.13
N MET F 226 16.05 -28.30 -3.27
CA MET F 226 15.63 -27.41 -4.35
C MET F 226 15.99 -27.93 -5.73
N ASN F 227 16.98 -28.81 -5.84
CA ASN F 227 17.42 -29.26 -7.16
C ASN F 227 16.42 -30.17 -7.83
N GLU F 228 15.38 -30.62 -7.13
CA GLU F 228 14.45 -31.62 -7.65
C GLU F 228 13.27 -30.95 -8.34
N PRO F 229 12.61 -31.66 -9.25
CA PRO F 229 11.54 -31.04 -10.05
C PRO F 229 10.43 -30.49 -9.18
N PRO F 230 9.42 -29.86 -9.78
CA PRO F 230 8.29 -29.36 -8.98
C PRO F 230 7.39 -30.46 -8.46
N GLY F 231 7.44 -31.67 -9.04
CA GLY F 231 6.58 -32.73 -8.55
C GLY F 231 7.10 -33.41 -7.30
N ALA F 232 8.40 -33.34 -7.05
CA ALA F 232 8.98 -33.93 -5.86
C ALA F 232 8.94 -32.99 -4.67
N ARG F 233 9.12 -31.69 -4.90
CA ARG F 233 9.02 -30.74 -3.81
C ARG F 233 7.60 -30.64 -3.26
N ALA F 234 6.61 -30.81 -4.13
CA ALA F 234 5.22 -30.71 -3.68
C ALA F 234 4.85 -31.83 -2.74
N ARG F 235 5.30 -33.05 -3.01
CA ARG F 235 4.85 -34.24 -2.29
C ARG F 235 5.91 -34.81 -1.36
N VAL F 236 6.80 -33.99 -0.83
CA VAL F 236 7.79 -34.48 0.14
C VAL F 236 7.35 -34.08 1.54
N ALA F 237 6.67 -32.94 1.66
CA ALA F 237 6.07 -32.59 2.93
C ALA F 237 5.13 -33.70 3.39
N LEU F 238 4.41 -34.30 2.45
CA LEU F 238 3.52 -35.41 2.80
C LEU F 238 4.31 -36.62 3.28
N THR F 239 5.47 -36.88 2.70
CA THR F 239 6.30 -37.98 3.17
C THR F 239 6.77 -37.74 4.60
N GLY F 240 7.24 -36.53 4.90
CA GLY F 240 7.60 -36.22 6.27
C GLY F 240 6.42 -36.34 7.21
N LEU F 241 5.26 -35.86 6.78
CA LEU F 241 4.06 -35.97 7.59
C LEU F 241 3.73 -37.42 7.89
N THR F 242 3.87 -38.30 6.90
CA THR F 242 3.55 -39.70 7.13
C THR F 242 4.54 -40.33 8.10
N VAL F 243 5.82 -40.05 7.94
CA VAL F 243 6.81 -40.60 8.85
C VAL F 243 6.55 -40.13 10.27
N ALA F 244 6.10 -38.88 10.44
CA ALA F 244 5.78 -38.40 11.78
C ALA F 244 4.48 -39.01 12.30
N GLU F 245 3.48 -39.15 11.43
CA GLU F 245 2.20 -39.69 11.84
C GLU F 245 2.34 -41.10 12.38
N TYR F 246 3.17 -41.93 11.75
CA TYR F 246 3.37 -43.26 12.28
C TYR F 246 3.85 -43.19 13.72
N PHE F 247 4.90 -42.41 13.98
CA PHE F 247 5.42 -42.29 15.33
C PHE F 247 4.41 -41.69 16.28
N ARG F 248 3.43 -40.94 15.78
CA ARG F 248 2.38 -40.43 16.65
C ARG F 248 1.32 -41.50 16.89
N ASP F 249 0.55 -41.83 15.87
CA ASP F 249 -0.55 -42.78 16.01
C ASP F 249 -0.07 -44.13 16.51
N GLN F 250 0.63 -44.89 15.66
CA GLN F 250 1.08 -46.23 16.03
C GLN F 250 1.92 -46.23 17.30
N GLU F 251 3.16 -45.73 17.23
CA GLU F 251 4.03 -45.82 18.38
C GLU F 251 3.48 -45.06 19.58
N GLY F 252 2.52 -44.16 19.37
CA GLY F 252 1.91 -43.45 20.47
C GLY F 252 2.91 -42.65 21.29
N GLN F 253 3.77 -41.91 20.60
CA GLN F 253 4.85 -41.15 21.22
C GLN F 253 4.65 -39.66 20.95
N ASP F 254 5.62 -38.87 21.42
CA ASP F 254 5.61 -37.43 21.22
C ASP F 254 6.70 -37.09 20.22
N VAL F 255 6.33 -36.49 19.10
CA VAL F 255 7.23 -36.30 17.98
C VAL F 255 7.53 -34.82 17.80
N LEU F 256 8.70 -34.54 17.26
CA LEU F 256 9.09 -33.21 16.79
C LEU F 256 9.21 -33.28 15.27
N LEU F 257 8.49 -32.42 14.58
CA LEU F 257 8.47 -32.41 13.13
C LEU F 257 8.93 -31.03 12.67
N PHE F 258 10.21 -30.90 12.32
CA PHE F 258 10.73 -29.68 11.76
C PHE F 258 10.58 -29.72 10.25
N ILE F 259 10.07 -28.65 9.67
CA ILE F 259 9.97 -28.51 8.23
C ILE F 259 10.69 -27.23 7.84
N ASP F 260 11.26 -27.23 6.64
CA ASP F 260 12.12 -26.16 6.19
C ASP F 260 12.46 -26.39 4.73
N ASN F 261 11.84 -25.69 3.78
CA ASN F 261 10.95 -24.54 3.95
C ASN F 261 9.57 -24.89 3.42
N ILE F 262 8.52 -24.64 4.21
CA ILE F 262 7.19 -25.08 3.79
C ILE F 262 6.62 -24.24 2.64
N PHE F 263 7.09 -23.01 2.45
CA PHE F 263 6.64 -22.24 1.30
C PHE F 263 6.87 -23.01 0.01
N ARG F 264 7.99 -23.71 -0.07
CA ARG F 264 8.33 -24.46 -1.29
C ARG F 264 7.35 -25.57 -1.57
N PHE F 265 6.51 -25.94 -0.61
CA PHE F 265 5.44 -26.88 -0.90
C PHE F 265 4.33 -26.22 -1.71
N THR F 266 3.93 -25.00 -1.34
CA THR F 266 2.90 -24.32 -2.12
C THR F 266 3.48 -23.80 -3.43
N GLN F 267 4.68 -23.22 -3.38
CA GLN F 267 5.32 -22.76 -4.61
C GLN F 267 5.34 -23.84 -5.66
N ALA F 268 5.81 -25.04 -5.29
CA ALA F 268 5.87 -26.14 -6.24
C ALA F 268 4.51 -26.39 -6.87
N GLY F 269 3.45 -26.32 -6.06
CA GLY F 269 2.11 -26.50 -6.63
C GLY F 269 1.82 -25.51 -7.73
N SER F 270 2.12 -24.24 -7.49
CA SER F 270 1.86 -23.23 -8.51
C SER F 270 2.68 -23.47 -9.75
N GLU F 271 3.74 -24.27 -9.66
CA GLU F 271 4.51 -24.61 -10.86
C GLU F 271 3.79 -25.65 -11.71
N VAL F 272 3.08 -26.59 -11.07
CA VAL F 272 2.37 -27.60 -11.84
C VAL F 272 0.95 -27.17 -12.15
N SER F 273 0.34 -26.34 -11.29
CA SER F 273 -0.99 -25.85 -11.55
C SER F 273 -1.09 -25.24 -12.95
N ALA F 274 -0.13 -24.39 -13.29
CA ALA F 274 -0.13 -23.79 -14.62
C ALA F 274 -0.25 -24.85 -15.70
N LEU F 275 0.51 -25.93 -15.58
CA LEU F 275 0.52 -26.98 -16.58
C LEU F 275 -0.70 -27.89 -16.50
N LEU F 276 -1.42 -27.88 -15.38
CA LEU F 276 -2.63 -28.67 -15.24
C LEU F 276 -3.85 -27.98 -15.84
N GLY F 277 -3.65 -26.85 -16.52
CA GLY F 277 -4.75 -26.15 -17.14
C GLY F 277 -5.75 -25.59 -16.17
N ARG F 278 -5.27 -24.95 -15.11
CA ARG F 278 -6.13 -24.31 -14.12
C ARG F 278 -5.93 -22.81 -14.15
N ILE F 279 -7.02 -22.07 -14.00
CA ILE F 279 -6.96 -20.61 -14.06
C ILE F 279 -6.22 -20.10 -12.84
N PRO F 280 -5.17 -19.31 -12.99
CA PRO F 280 -4.46 -18.79 -11.83
C PRO F 280 -5.30 -17.80 -11.05
N SER F 281 -5.06 -17.74 -9.74
CA SER F 281 -5.81 -16.88 -8.85
C SER F 281 -5.06 -15.58 -8.61
N ALA F 282 -4.68 -15.33 -7.35
CA ALA F 282 -4.31 -13.99 -6.90
C ALA F 282 -3.07 -13.55 -7.67
N VAL F 283 -1.87 -14.03 -7.35
CA VAL F 283 -0.66 -13.61 -8.05
C VAL F 283 -0.06 -14.81 -8.75
N GLY F 284 -0.80 -15.36 -9.70
CA GLY F 284 -0.30 -16.52 -10.43
C GLY F 284 -0.31 -17.79 -9.63
N TYR F 285 -0.84 -17.73 -8.41
CA TYR F 285 -0.92 -18.90 -7.54
C TYR F 285 -2.06 -19.80 -8.00
N GLN F 286 -1.94 -21.08 -7.68
CA GLN F 286 -2.97 -22.01 -8.09
C GLN F 286 -4.30 -21.63 -7.42
N PRO F 287 -5.42 -21.91 -8.07
CA PRO F 287 -6.71 -21.59 -7.44
C PRO F 287 -6.95 -22.34 -6.16
N THR F 288 -6.26 -23.46 -5.93
CA THR F 288 -6.49 -24.33 -4.78
C THR F 288 -5.41 -24.17 -3.72
N LEU F 289 -4.92 -22.96 -3.51
CA LEU F 289 -3.81 -22.77 -2.58
C LEU F 289 -4.23 -23.11 -1.16
N ALA F 290 -5.34 -22.53 -0.69
CA ALA F 290 -5.72 -22.70 0.69
C ALA F 290 -6.20 -24.11 0.98
N THR F 291 -6.86 -24.76 0.02
CA THR F 291 -7.31 -26.13 0.26
C THR F 291 -6.13 -27.09 0.40
N ASP F 292 -5.15 -26.99 -0.50
CA ASP F 292 -3.97 -27.84 -0.41
C ASP F 292 -3.21 -27.56 0.88
N MET F 293 -3.03 -26.29 1.21
CA MET F 293 -2.35 -25.96 2.45
C MET F 293 -3.10 -26.53 3.65
N GLY F 294 -4.42 -26.45 3.63
CA GLY F 294 -5.20 -26.98 4.75
C GLY F 294 -5.10 -28.49 4.86
N THR F 295 -5.20 -29.19 3.74
CA THR F 295 -5.13 -30.66 3.82
C THR F 295 -3.75 -31.11 4.25
N MET F 296 -2.71 -30.35 3.92
CA MET F 296 -1.39 -30.69 4.43
C MET F 296 -1.27 -30.35 5.92
N GLN F 297 -1.75 -29.19 6.33
CA GLN F 297 -1.47 -28.69 7.66
C GLN F 297 -2.42 -29.21 8.74
N GLU F 298 -3.52 -29.85 8.36
CA GLU F 298 -4.39 -30.44 9.37
C GLU F 298 -4.04 -31.88 9.67
N ARG F 299 -2.99 -32.42 9.06
CA ARG F 299 -2.45 -33.72 9.44
C ARG F 299 -1.31 -33.60 10.43
N ILE F 300 -0.86 -32.38 10.72
CA ILE F 300 0.24 -32.15 11.65
C ILE F 300 -0.28 -31.81 13.04
N THR F 301 -1.53 -32.12 13.33
CA THR F 301 -2.12 -31.78 14.61
C THR F 301 -1.74 -32.80 15.67
N THR F 302 -1.86 -32.37 16.92
CA THR F 302 -1.69 -33.24 18.08
C THR F 302 -3.06 -33.76 18.49
N THR F 303 -3.31 -35.04 18.24
CA THR F 303 -4.60 -35.63 18.53
C THR F 303 -4.55 -36.29 19.91
N LYS F 304 -5.51 -37.15 20.22
CA LYS F 304 -5.51 -37.88 21.47
C LYS F 304 -4.61 -39.11 21.43
N LYS F 305 -4.19 -39.56 20.24
CA LYS F 305 -3.32 -40.71 20.12
C LYS F 305 -1.86 -40.37 20.33
N GLY F 306 -1.51 -39.09 20.41
CA GLY F 306 -0.12 -38.70 20.52
C GLY F 306 0.02 -37.21 20.36
N SER F 307 1.23 -36.78 20.02
CA SER F 307 1.53 -35.37 19.92
C SER F 307 2.57 -35.14 18.85
N ILE F 308 2.41 -34.04 18.12
CA ILE F 308 3.41 -33.57 17.17
C ILE F 308 3.63 -32.09 17.47
N THR F 309 4.88 -31.72 17.73
CA THR F 309 5.25 -30.34 17.99
C THR F 309 6.02 -29.84 16.77
N SER F 310 5.28 -29.42 15.76
CA SER F 310 5.88 -29.11 14.47
C SER F 310 6.32 -27.66 14.40
N VAL F 311 7.57 -27.45 14.03
CA VAL F 311 8.13 -26.13 13.76
C VAL F 311 8.34 -26.02 12.26
N GLN F 312 7.77 -24.98 11.66
CA GLN F 312 7.80 -24.82 10.22
C GLN F 312 8.43 -23.48 9.88
N ALA F 313 9.46 -23.51 9.04
CA ALA F 313 10.02 -22.29 8.50
C ALA F 313 9.26 -21.92 7.24
N ILE F 314 8.76 -20.69 7.19
CA ILE F 314 7.92 -20.23 6.09
C ILE F 314 8.60 -19.02 5.47
N TYR F 315 8.76 -19.04 4.14
CA TYR F 315 9.45 -18.00 3.41
C TYR F 315 8.44 -16.99 2.91
N VAL F 316 8.75 -15.71 3.10
CA VAL F 316 7.85 -14.62 2.74
C VAL F 316 8.38 -14.00 1.44
N PRO F 317 7.70 -14.20 0.31
CA PRO F 317 8.25 -13.68 -0.96
C PRO F 317 8.42 -12.17 -0.94
N ALA F 318 9.54 -11.72 -1.48
CA ALA F 318 9.87 -10.30 -1.55
C ALA F 318 9.55 -9.58 -0.25
N ASP F 319 9.70 -10.27 0.88
CA ASP F 319 9.43 -9.72 2.20
C ASP F 319 8.01 -9.18 2.31
N ASP F 320 7.08 -9.78 1.55
CA ASP F 320 5.70 -9.33 1.48
C ASP F 320 4.83 -10.27 2.32
N LEU F 321 4.40 -9.80 3.48
CA LEU F 321 3.51 -10.59 4.32
C LEU F 321 2.06 -10.54 3.85
N THR F 322 1.76 -9.68 2.88
CA THR F 322 0.45 -9.65 2.24
C THR F 322 0.33 -10.70 1.14
N ASP F 323 1.41 -11.43 0.87
CA ASP F 323 1.38 -12.45 -0.15
C ASP F 323 0.38 -13.53 0.22
N PRO F 324 -0.28 -14.16 -0.76
CA PRO F 324 -1.28 -15.18 -0.41
C PRO F 324 -0.72 -16.34 0.40
N ALA F 325 0.53 -16.76 0.16
CA ALA F 325 1.04 -17.95 0.81
C ALA F 325 1.25 -17.75 2.30
N PRO F 326 2.12 -16.83 2.76
CA PRO F 326 2.23 -16.60 4.20
C PRO F 326 0.93 -16.15 4.83
N ALA F 327 0.15 -15.33 4.13
CA ALA F 327 -1.10 -14.86 4.67
C ALA F 327 -2.06 -16.00 4.93
N THR F 328 -2.04 -17.03 4.08
CA THR F 328 -2.87 -18.20 4.32
C THR F 328 -2.29 -19.07 5.42
N THR F 329 -0.97 -19.19 5.48
CA THR F 329 -0.37 -20.02 6.52
C THR F 329 -0.63 -19.48 7.90
N PHE F 330 -0.78 -18.16 8.05
CA PHE F 330 -0.93 -17.58 9.38
C PHE F 330 -2.08 -18.20 10.14
N ALA F 331 -3.12 -18.65 9.45
CA ALA F 331 -4.32 -19.17 10.09
C ALA F 331 -4.19 -20.63 10.49
N HIS F 332 -3.00 -21.21 10.37
CA HIS F 332 -2.80 -22.64 10.64
C HIS F 332 -1.79 -22.85 11.75
N LEU F 333 -1.52 -21.83 12.55
CA LEU F 333 -0.38 -21.85 13.46
C LEU F 333 -0.84 -21.42 14.85
N ASP F 334 -0.22 -21.98 15.88
CA ASP F 334 -0.45 -21.51 17.23
C ASP F 334 0.44 -20.31 17.53
N ALA F 335 1.75 -20.47 17.38
CA ALA F 335 2.71 -19.41 17.62
C ALA F 335 3.39 -19.04 16.32
N THR F 336 3.57 -17.75 16.09
CA THR F 336 4.32 -17.23 14.96
C THR F 336 5.59 -16.56 15.48
N THR F 337 6.43 -16.15 14.55
CA THR F 337 7.71 -15.56 14.91
C THR F 337 8.27 -14.77 13.73
N VAL F 338 7.58 -13.70 13.36
CA VAL F 338 7.89 -12.98 12.14
C VAL F 338 9.28 -12.38 12.21
N LEU F 339 10.26 -13.10 11.65
CA LEU F 339 11.60 -12.56 11.50
C LEU F 339 11.58 -11.40 10.53
N SER F 340 12.33 -10.35 10.85
CA SER F 340 12.25 -9.10 10.11
C SER F 340 13.64 -8.70 9.61
N ARG F 341 13.70 -8.22 8.37
CA ARG F 341 14.98 -7.77 7.82
C ARG F 341 15.37 -6.41 8.37
N ALA F 342 14.41 -5.55 8.66
CA ALA F 342 14.72 -4.26 9.24
C ALA F 342 15.48 -4.43 10.55
N ILE F 343 14.97 -5.28 11.44
CA ILE F 343 15.64 -5.53 12.70
C ILE F 343 17.00 -6.19 12.47
N ALA F 344 17.05 -7.17 11.56
CA ALA F 344 18.32 -7.84 11.29
C ALA F 344 19.38 -6.88 10.77
N GLU F 345 18.98 -5.78 10.14
CA GLU F 345 19.96 -4.80 9.67
C GLU F 345 20.54 -3.98 10.81
N LEU F 346 19.79 -3.82 11.90
CA LEU F 346 20.30 -3.17 13.10
C LEU F 346 21.31 -4.02 13.85
N GLY F 347 21.50 -5.27 13.46
CA GLY F 347 22.39 -6.19 14.13
C GLY F 347 21.69 -7.10 15.11
N ILE F 348 20.45 -6.78 15.48
CA ILE F 348 19.70 -7.63 16.40
C ILE F 348 19.56 -9.03 15.81
N TYR F 349 19.76 -10.03 16.64
CA TYR F 349 19.73 -11.42 16.18
C TYR F 349 19.38 -12.34 17.35
N PRO F 350 18.31 -13.14 17.27
CA PRO F 350 17.39 -13.34 16.15
C PRO F 350 16.56 -12.11 15.87
N ALA F 351 16.27 -11.87 14.60
CA ALA F 351 15.59 -10.66 14.18
C ALA F 351 14.11 -10.69 14.45
N VAL F 352 13.65 -11.44 15.45
CA VAL F 352 12.23 -11.59 15.67
C VAL F 352 11.62 -10.21 15.86
N ASP F 353 10.53 -9.95 15.15
CA ASP F 353 9.82 -8.71 15.35
C ASP F 353 8.88 -8.90 16.55
N PRO F 354 9.13 -8.22 17.67
CA PRO F 354 8.35 -8.51 18.89
C PRO F 354 6.88 -8.20 18.77
N LEU F 355 6.49 -7.39 17.79
CA LEU F 355 5.10 -6.98 17.65
C LEU F 355 4.32 -7.81 16.64
N ASP F 356 4.97 -8.33 15.61
CA ASP F 356 4.29 -9.27 14.72
C ASP F 356 4.17 -10.66 15.33
N SER F 357 5.16 -11.08 16.11
CA SER F 357 5.10 -12.41 16.73
C SER F 357 3.94 -12.47 17.72
N THR F 358 3.25 -13.61 17.73
CA THR F 358 2.10 -13.82 18.59
C THR F 358 2.14 -15.25 19.12
N SER F 359 1.14 -15.62 19.89
CA SER F 359 1.03 -16.96 20.44
C SER F 359 -0.34 -17.13 21.06
N ARG F 360 -0.82 -18.38 21.06
CA ARG F 360 -2.13 -18.67 21.65
C ARG F 360 -2.06 -18.77 23.16
N ILE F 361 -0.91 -19.15 23.71
CA ILE F 361 -0.78 -19.38 25.13
C ILE F 361 -0.28 -18.15 25.88
N MET F 362 -0.29 -16.98 25.24
CA MET F 362 0.05 -15.74 25.93
C MET F 362 -1.19 -15.26 26.68
N ASP F 363 -1.54 -16.04 27.71
CA ASP F 363 -2.77 -15.90 28.46
C ASP F 363 -2.36 -15.91 29.92
N PRO F 364 -2.83 -14.96 30.74
CA PRO F 364 -2.40 -14.96 32.15
C PRO F 364 -2.75 -16.25 32.87
N ASN F 365 -3.62 -17.07 32.32
CA ASN F 365 -4.03 -18.33 32.94
C ASN F 365 -3.13 -19.48 32.53
N ILE F 366 -2.07 -19.23 31.77
CA ILE F 366 -1.21 -20.29 31.27
C ILE F 366 0.25 -19.97 31.57
N VAL F 367 0.63 -18.71 31.38
CA VAL F 367 2.02 -18.29 31.55
C VAL F 367 2.21 -17.69 32.94
N GLY F 368 1.16 -17.07 33.47
CA GLY F 368 1.22 -16.53 34.81
C GLY F 368 0.64 -15.14 34.89
N SER F 369 1.19 -14.31 35.77
CA SER F 369 0.79 -12.91 35.85
C SER F 369 2.02 -12.03 35.77
N GLU F 370 3.15 -12.51 36.25
CA GLU F 370 4.40 -11.79 36.06
C GLU F 370 4.89 -11.93 34.62
N HIS F 371 4.81 -13.14 34.07
CA HIS F 371 5.18 -13.33 32.67
C HIS F 371 4.28 -12.51 31.75
N TYR F 372 2.97 -12.60 31.96
CA TYR F 372 2.04 -11.87 31.11
C TYR F 372 2.22 -10.37 31.26
N ASP F 373 2.34 -9.89 32.50
CA ASP F 373 2.49 -8.46 32.72
C ASP F 373 3.77 -7.93 32.10
N VAL F 374 4.87 -8.69 32.24
CA VAL F 374 6.13 -8.25 31.67
C VAL F 374 6.06 -8.23 30.15
N ALA F 375 5.47 -9.27 29.55
CA ALA F 375 5.36 -9.30 28.11
C ALA F 375 4.56 -8.12 27.61
N ARG F 376 3.44 -7.82 28.27
CA ARG F 376 2.61 -6.70 27.83
C ARG F 376 3.30 -5.36 28.07
N GLY F 377 4.07 -5.23 29.14
CA GLY F 377 4.81 -3.99 29.34
C GLY F 377 5.87 -3.78 28.27
N VAL F 378 6.60 -4.84 27.93
CA VAL F 378 7.59 -4.74 26.86
C VAL F 378 6.92 -4.35 25.55
N GLN F 379 5.80 -5.01 25.23
CA GLN F 379 5.12 -4.69 23.98
C GLN F 379 4.61 -3.26 23.97
N LYS F 380 4.08 -2.79 25.11
CA LYS F 380 3.58 -1.42 25.16
C LYS F 380 4.69 -0.42 24.94
N ILE F 381 5.84 -0.64 25.57
CA ILE F 381 6.94 0.32 25.42
C ILE F 381 7.49 0.28 24.00
N LEU F 382 7.57 -0.90 23.40
CA LEU F 382 8.04 -0.99 22.03
C LEU F 382 7.07 -0.33 21.07
N GLN F 383 5.76 -0.44 21.33
CA GLN F 383 4.78 0.20 20.46
C GLN F 383 4.85 1.72 20.60
N ASP F 384 5.05 2.22 21.82
CA ASP F 384 5.24 3.65 21.99
C ASP F 384 6.47 4.14 21.23
N TYR F 385 7.57 3.39 21.30
CA TYR F 385 8.76 3.77 20.55
C TYR F 385 8.50 3.76 19.06
N LYS F 386 7.78 2.76 18.57
CA LYS F 386 7.43 2.73 17.14
C LYS F 386 6.60 3.94 16.76
N SER F 387 5.68 4.35 17.62
CA SER F 387 4.89 5.54 17.34
C SER F 387 5.77 6.78 17.24
N LEU F 388 6.76 6.89 18.12
CA LEU F 388 7.63 8.06 18.10
C LEU F 388 8.61 8.06 16.93
N GLN F 389 8.93 6.88 16.38
CA GLN F 389 10.05 6.79 15.45
C GLN F 389 9.94 7.77 14.29
N ASP F 390 8.75 7.97 13.75
CA ASP F 390 8.61 8.83 12.57
C ASP F 390 9.03 10.26 12.88
N ILE F 391 8.63 10.79 14.03
CA ILE F 391 9.05 12.13 14.42
C ILE F 391 10.53 12.13 14.77
N ILE F 392 10.99 11.11 15.50
CA ILE F 392 12.40 11.06 15.87
C ILE F 392 13.29 11.11 14.63
N ALA F 393 12.82 10.53 13.53
CA ALA F 393 13.66 10.41 12.34
C ALA F 393 13.88 11.75 11.65
N ILE F 394 12.92 12.67 11.74
CA ILE F 394 13.02 13.96 11.06
C ILE F 394 13.36 15.04 12.06
N LEU F 395 12.42 15.35 12.96
CA LEU F 395 12.62 16.45 13.91
C LEU F 395 13.79 16.21 14.84
N GLY F 396 14.25 14.97 14.96
CA GLY F 396 15.31 14.65 15.88
C GLY F 396 14.80 14.34 17.27
N MET F 397 15.62 13.62 18.02
CA MET F 397 15.27 13.21 19.37
C MET F 397 15.36 14.32 20.39
N ASP F 398 15.44 15.58 19.95
CA ASP F 398 15.47 16.70 20.88
C ASP F 398 14.10 17.32 21.10
N GLU F 399 13.21 17.21 20.12
CA GLU F 399 11.83 17.69 20.29
C GLU F 399 10.95 16.61 20.92
N LEU F 400 11.40 16.10 22.06
CA LEU F 400 10.68 15.09 22.81
C LEU F 400 10.59 15.49 24.27
N SER F 401 9.44 15.26 24.87
CA SER F 401 9.30 15.46 26.31
C SER F 401 10.20 14.47 27.05
N GLU F 402 10.32 14.67 28.36
CA GLU F 402 11.22 13.82 29.14
C GLU F 402 10.67 12.42 29.29
N GLU F 403 9.35 12.28 29.42
CA GLU F 403 8.77 10.94 29.43
C GLU F 403 9.03 10.23 28.12
N ASP F 404 8.99 10.96 27.00
CA ASP F 404 9.23 10.35 25.71
C ASP F 404 10.69 9.95 25.55
N LYS F 405 11.63 10.76 26.05
CA LYS F 405 13.03 10.37 26.01
C LYS F 405 13.28 9.14 26.86
N LEU F 406 12.62 9.07 28.03
CA LEU F 406 12.74 7.88 28.85
C LEU F 406 12.20 6.66 28.12
N THR F 407 11.06 6.82 27.44
CA THR F 407 10.50 5.72 26.65
C THR F 407 11.46 5.28 25.56
N VAL F 408 12.07 6.23 24.86
CA VAL F 408 13.00 5.88 23.79
C VAL F 408 14.18 5.11 24.34
N SER F 409 14.74 5.58 25.45
CA SER F 409 15.90 4.90 26.03
C SER F 409 15.54 3.51 26.50
N ARG F 410 14.42 3.36 27.20
CA ARG F 410 14.00 2.04 27.66
C ARG F 410 13.73 1.12 26.49
N ALA F 411 13.07 1.63 25.45
CA ALA F 411 12.74 0.80 24.31
C ALA F 411 13.98 0.33 23.58
N ARG F 412 14.98 1.20 23.45
CA ARG F 412 16.21 0.77 22.81
C ARG F 412 16.94 -0.26 23.66
N LYS F 413 16.96 -0.06 24.98
CA LYS F 413 17.57 -1.05 25.86
C LYS F 413 16.88 -2.40 25.72
N ILE F 414 15.55 -2.39 25.65
CA ILE F 414 14.79 -3.63 25.51
C ILE F 414 15.06 -4.26 24.15
N GLN F 415 15.07 -3.46 23.09
CA GLN F 415 15.34 -4.00 21.76
C GLN F 415 16.67 -4.72 21.73
N ARG F 416 17.72 -4.08 22.26
CA ARG F 416 19.02 -4.74 22.30
C ARG F 416 18.97 -5.98 23.17
N PHE F 417 18.28 -5.92 24.32
CA PHE F 417 18.31 -7.04 25.23
C PHE F 417 17.64 -8.28 24.64
N LEU F 418 16.65 -8.10 23.76
CA LEU F 418 16.01 -9.26 23.14
C LEU F 418 16.95 -10.02 22.23
N SER F 419 18.06 -9.42 21.82
CA SER F 419 19.06 -10.11 21.03
C SER F 419 19.83 -11.10 21.90
N GLN F 420 20.20 -12.22 21.30
CA GLN F 420 20.83 -13.30 22.04
C GLN F 420 21.89 -13.95 21.17
N PRO F 421 22.96 -14.49 21.76
CA PRO F 421 23.93 -15.23 20.98
C PRO F 421 23.66 -16.73 20.96
N PHE F 422 23.32 -17.27 19.80
CA PHE F 422 23.04 -18.69 19.68
C PHE F 422 24.34 -19.48 19.62
N GLN F 423 24.24 -20.76 19.97
CA GLN F 423 25.40 -21.64 19.87
C GLN F 423 25.68 -22.01 18.42
N VAL F 424 24.64 -22.17 17.61
CA VAL F 424 24.82 -22.50 16.20
C VAL F 424 25.51 -21.38 15.44
N ALA F 425 25.58 -20.18 16.02
CA ALA F 425 26.28 -19.05 15.43
C ALA F 425 27.65 -18.85 16.04
N GLU F 426 28.11 -19.78 16.89
CA GLU F 426 29.46 -19.67 17.43
C GLU F 426 30.48 -19.55 16.31
N VAL F 427 30.23 -20.22 15.19
CA VAL F 427 31.16 -20.14 14.06
C VAL F 427 31.09 -18.77 13.40
N PHE F 428 29.88 -18.21 13.28
CA PHE F 428 29.76 -16.91 12.60
C PHE F 428 30.55 -15.83 13.31
N THR F 429 30.31 -15.69 14.62
CA THR F 429 30.74 -14.50 15.34
C THR F 429 31.81 -14.77 16.40
N GLY F 430 32.06 -16.02 16.74
CA GLY F 430 33.03 -16.35 17.76
C GLY F 430 32.53 -16.18 19.18
N HIS F 431 31.34 -15.64 19.36
CA HIS F 431 30.75 -15.51 20.69
C HIS F 431 30.53 -16.90 21.27
N LEU F 432 29.92 -16.95 22.44
CA LEU F 432 29.58 -18.20 23.10
C LEU F 432 28.07 -18.31 23.18
N GLY F 433 27.53 -19.46 22.80
CA GLY F 433 26.10 -19.65 22.85
C GLY F 433 25.57 -19.52 24.27
N LYS F 434 24.35 -18.98 24.38
CA LYS F 434 23.72 -18.76 25.66
C LYS F 434 22.28 -19.27 25.64
N LEU F 435 21.91 -19.98 26.69
CA LEU F 435 20.53 -20.28 27.00
C LEU F 435 20.10 -19.45 28.20
N VAL F 436 18.86 -18.98 28.17
CA VAL F 436 18.37 -18.08 29.20
C VAL F 436 17.07 -18.64 29.78
N PRO F 437 17.13 -19.40 30.87
CA PRO F 437 15.90 -19.93 31.47
C PRO F 437 14.80 -18.88 31.59
N LEU F 438 13.55 -19.32 31.67
CA LEU F 438 12.43 -18.39 31.59
C LEU F 438 12.43 -17.40 32.74
N LYS F 439 12.74 -17.88 33.94
CA LYS F 439 12.73 -16.99 35.10
C LYS F 439 13.73 -15.86 34.94
N GLU F 440 14.92 -16.17 34.43
CA GLU F 440 15.93 -15.13 34.22
C GLU F 440 15.47 -14.11 33.20
N THR F 441 14.84 -14.56 32.12
CA THR F 441 14.31 -13.65 31.12
C THR F 441 13.29 -12.70 31.74
N ILE F 442 12.32 -13.26 32.48
CA ILE F 442 11.28 -12.42 33.06
C ILE F 442 11.88 -11.43 34.04
N LYS F 443 12.82 -11.89 34.87
CA LYS F 443 13.43 -11.00 35.85
C LYS F 443 14.19 -9.87 35.18
N GLY F 444 14.98 -10.20 34.16
CA GLY F 444 15.75 -9.17 33.47
C GLY F 444 14.86 -8.13 32.84
N PHE F 445 13.78 -8.55 32.20
CA PHE F 445 12.88 -7.57 31.59
C PHE F 445 12.12 -6.78 32.64
N GLN F 446 11.76 -7.40 33.77
CA GLN F 446 11.18 -6.65 34.87
C GLN F 446 12.12 -5.53 35.30
N GLN F 447 13.40 -5.86 35.47
CA GLN F 447 14.36 -4.87 35.94
C GLN F 447 14.52 -3.74 34.93
N ILE F 448 14.66 -4.08 33.65
CA ILE F 448 14.79 -3.04 32.64
C ILE F 448 13.56 -2.15 32.62
N LEU F 449 12.38 -2.75 32.75
CA LEU F 449 11.15 -1.98 32.69
C LEU F 449 11.01 -1.04 33.87
N ALA F 450 11.34 -1.51 35.08
CA ALA F 450 11.21 -0.68 36.27
C ALA F 450 12.14 0.52 36.22
N GLY F 451 13.19 0.47 35.42
CA GLY F 451 14.17 1.53 35.36
C GLY F 451 15.40 1.29 36.19
N GLU F 452 15.59 0.06 36.70
CA GLU F 452 16.74 -0.23 37.54
C GLU F 452 18.06 -0.02 36.82
N TYR F 453 18.06 0.00 35.50
CA TYR F 453 19.29 0.01 34.71
C TYR F 453 19.31 1.18 33.76
N ASP F 454 18.83 2.35 34.20
CA ASP F 454 18.86 3.54 33.38
C ASP F 454 20.23 4.22 33.35
N HIS F 455 21.14 3.82 34.22
CA HIS F 455 22.49 4.38 34.23
C HIS F 455 23.46 3.64 33.32
N LEU F 456 23.05 2.50 32.76
CA LEU F 456 23.91 1.74 31.88
C LEU F 456 23.82 2.26 30.46
N PRO F 457 24.82 1.95 29.63
CA PRO F 457 24.72 2.30 28.21
C PRO F 457 23.97 1.23 27.43
N GLU F 458 23.14 1.68 26.49
CA GLU F 458 22.27 0.75 25.78
C GLU F 458 23.06 -0.35 25.10
N GLN F 459 24.29 -0.08 24.69
CA GLN F 459 25.12 -1.10 24.06
C GLN F 459 25.71 -2.08 25.06
N ALA F 460 25.33 -1.97 26.33
CA ALA F 460 25.72 -2.97 27.32
C ALA F 460 24.82 -4.19 27.30
N PHE F 461 23.65 -4.10 26.64
CA PHE F 461 22.74 -5.21 26.53
C PHE F 461 22.89 -5.97 25.22
N TYR F 462 23.55 -5.39 24.22
CA TYR F 462 23.64 -5.99 22.91
C TYR F 462 24.29 -7.37 22.97
N MET F 463 23.48 -8.42 22.80
CA MET F 463 23.97 -9.79 22.70
C MET F 463 24.58 -10.25 24.02
N VAL F 464 23.73 -10.66 24.97
CA VAL F 464 24.16 -11.18 26.25
C VAL F 464 23.14 -12.20 26.72
N GLY F 465 23.55 -13.04 27.64
CA GLY F 465 22.65 -14.01 28.22
C GLY F 465 21.71 -13.34 29.21
N PRO F 466 21.74 -13.74 30.47
CA PRO F 466 20.93 -13.05 31.47
C PRO F 466 21.44 -11.63 31.69
N ILE F 467 20.65 -10.85 32.43
CA ILE F 467 20.95 -9.42 32.55
C ILE F 467 22.24 -9.17 33.31
N GLU F 468 22.55 -9.99 34.31
CA GLU F 468 23.80 -9.79 35.04
C GLU F 468 25.00 -9.79 34.09
N GLU F 469 24.91 -10.54 32.99
CA GLU F 469 25.94 -10.41 31.96
C GLU F 469 25.94 -9.03 31.34
N ALA F 470 24.77 -8.42 31.20
CA ALA F 470 24.72 -7.04 30.72
C ALA F 470 25.41 -6.09 31.68
N VAL F 471 25.21 -6.31 32.99
CA VAL F 471 25.88 -5.46 33.98
C VAL F 471 27.39 -5.64 33.92
N ALA F 472 27.84 -6.89 33.79
CA ALA F 472 29.27 -7.15 33.65
C ALA F 472 29.83 -6.48 32.39
N LYS F 473 29.09 -6.55 31.29
CA LYS F 473 29.51 -5.91 30.06
C LYS F 473 29.63 -4.40 30.26
N ALA F 474 28.66 -3.80 30.95
CA ALA F 474 28.73 -2.35 31.19
C ALA F 474 29.95 -2.00 32.03
N ASP F 475 30.24 -2.80 33.07
CA ASP F 475 31.42 -2.55 33.88
C ASP F 475 32.69 -2.63 33.04
N LYS F 476 32.78 -3.64 32.18
CA LYS F 476 33.94 -3.72 31.29
C LYS F 476 34.01 -2.52 30.36
N LEU F 477 32.86 -2.05 29.88
CA LEU F 477 32.85 -0.85 29.05
C LEU F 477 33.39 0.35 29.81
N ALA F 478 33.09 0.45 31.10
CA ALA F 478 33.62 1.54 31.90
C ALA F 478 35.15 1.55 31.91
N GLU F 479 35.78 0.42 31.61
CA GLU F 479 37.23 0.31 31.65
C GLU F 479 37.83 0.43 30.24
N ALA G 1 3.06 -0.49 2.48
CA ALA G 1 1.62 -0.13 2.40
C ALA G 1 1.13 -0.17 0.96
N THR G 2 -0.09 0.33 0.74
CA THR G 2 -0.65 0.41 -0.60
C THR G 2 -0.16 1.68 -1.28
N LEU G 3 -0.58 1.87 -2.54
CA LEU G 3 -0.09 3.00 -3.30
C LEU G 3 -0.59 4.33 -2.75
N LYS G 4 -1.83 4.37 -2.25
CA LYS G 4 -2.35 5.63 -1.73
C LYS G 4 -1.69 6.00 -0.41
N ASP G 5 -1.42 5.01 0.44
CA ASP G 5 -0.68 5.28 1.67
C ASP G 5 0.68 5.89 1.36
N ILE G 6 1.40 5.28 0.42
CA ILE G 6 2.72 5.78 0.07
C ILE G 6 2.63 7.17 -0.54
N THR G 7 1.63 7.41 -1.38
CA THR G 7 1.49 8.72 -2.01
C THR G 7 1.24 9.79 -0.97
N ARG G 8 0.33 9.54 -0.04
CA ARG G 8 0.05 10.53 1.00
C ARG G 8 1.26 10.78 1.87
N ARG G 9 1.97 9.71 2.26
CA ARG G 9 3.16 9.90 3.08
C ARG G 9 4.21 10.71 2.34
N LEU G 10 4.42 10.42 1.06
CA LEU G 10 5.41 11.14 0.28
C LEU G 10 5.06 12.61 0.17
N LYS G 11 3.80 12.93 -0.09
CA LYS G 11 3.40 14.32 -0.16
C LYS G 11 3.63 15.03 1.18
N SER G 12 3.28 14.37 2.29
CA SER G 12 3.46 15.01 3.59
C SER G 12 4.93 15.30 3.84
N ILE G 13 5.81 14.34 3.55
CA ILE G 13 7.23 14.57 3.81
C ILE G 13 7.77 15.67 2.90
N LYS G 14 7.29 15.76 1.67
CA LYS G 14 7.73 16.84 0.80
C LYS G 14 7.35 18.20 1.36
N ASN G 15 6.11 18.31 1.86
CA ASN G 15 5.71 19.56 2.49
C ASN G 15 6.58 19.88 3.70
N ILE G 16 6.88 18.87 4.51
CA ILE G 16 7.71 19.09 5.69
C ILE G 16 9.09 19.58 5.29
N GLN G 17 9.66 19.00 4.24
CA GLN G 17 10.98 19.45 3.79
C GLN G 17 10.93 20.90 3.33
N LYS G 18 9.90 21.25 2.56
CA LYS G 18 9.79 22.65 2.12
C LYS G 18 9.76 23.59 3.32
N ILE G 19 8.95 23.25 4.32
CA ILE G 19 8.81 24.12 5.48
C ILE G 19 10.14 24.23 6.24
N THR G 20 10.85 23.12 6.40
CA THR G 20 12.11 23.18 7.13
C THR G 20 13.16 23.96 6.37
N LYS G 21 13.18 23.90 5.04
CA LYS G 21 14.10 24.76 4.30
C LYS G 21 13.79 26.23 4.52
N SER G 22 12.50 26.59 4.44
CA SER G 22 12.14 27.98 4.65
C SER G 22 12.54 28.44 6.05
N MET G 23 12.31 27.58 7.05
CA MET G 23 12.67 27.92 8.42
C MET G 23 14.18 28.04 8.59
N LYS G 24 14.96 27.21 7.89
CA LYS G 24 16.40 27.40 7.90
C LYS G 24 16.79 28.77 7.37
N MET G 25 16.18 29.19 6.25
CA MET G 25 16.54 30.49 5.69
C MET G 25 16.19 31.63 6.65
N VAL G 26 15.00 31.56 7.24
CA VAL G 26 14.59 32.60 8.19
C VAL G 26 15.54 32.63 9.38
N ALA G 27 15.87 31.45 9.92
CA ALA G 27 16.76 31.39 11.07
C ALA G 27 18.13 31.93 10.73
N ALA G 28 18.61 31.67 9.51
CA ALA G 28 19.91 32.19 9.10
C ALA G 28 19.91 33.70 9.03
N ALA G 29 18.85 34.29 8.47
CA ALA G 29 18.76 35.75 8.44
C ALA G 29 18.76 36.33 9.84
N LYS G 30 17.94 35.76 10.72
CA LYS G 30 17.86 36.27 12.09
C LYS G 30 19.18 36.08 12.82
N TYR G 31 19.89 34.99 12.54
CA TYR G 31 21.21 34.78 13.12
C TYR G 31 22.19 35.84 12.66
N ALA G 32 22.20 36.17 11.38
CA ALA G 32 23.10 37.21 10.91
C ALA G 32 22.82 38.51 11.65
N ARG G 33 21.55 38.88 11.74
CA ARG G 33 21.19 40.11 12.43
C ARG G 33 21.61 40.05 13.90
N ALA G 34 21.40 38.92 14.56
CA ALA G 34 21.67 38.83 15.99
C ALA G 34 23.18 38.86 16.27
N GLU G 35 23.98 38.25 15.41
CA GLU G 35 25.44 38.34 15.55
C GLU G 35 25.92 39.78 15.37
N ARG G 36 25.40 40.44 14.34
CA ARG G 36 25.73 41.85 14.11
C ARG G 36 25.43 42.67 15.35
N GLU G 37 24.25 42.45 15.96
CA GLU G 37 23.91 43.17 17.18
C GLU G 37 24.72 42.69 18.38
N LEU G 38 25.22 41.46 18.35
CA LEU G 38 25.90 40.90 19.52
C LEU G 38 27.26 41.51 19.73
N LYS G 39 27.98 41.84 18.65
CA LYS G 39 29.29 42.48 18.83
C LYS G 39 29.26 43.65 19.82
N PRO G 40 28.55 44.76 19.56
CA PRO G 40 28.54 45.85 20.55
C PRO G 40 28.06 45.41 21.92
N ALA G 41 27.03 44.56 21.98
CA ALA G 41 26.57 44.06 23.26
C ALA G 41 27.62 43.21 23.93
N ARG G 42 28.41 42.47 23.14
CA ARG G 42 29.52 41.71 23.71
C ARG G 42 30.48 42.63 24.45
N VAL G 43 30.93 43.69 23.78
CA VAL G 43 31.88 44.59 24.44
C VAL G 43 31.23 45.25 25.66
N TYR G 44 29.97 45.67 25.52
CA TYR G 44 29.29 46.35 26.62
C TYR G 44 29.19 45.46 27.85
N GLY G 45 28.73 44.22 27.66
CA GLY G 45 28.59 43.31 28.79
C GLY G 45 29.91 42.93 29.40
N VAL G 46 30.95 42.72 28.57
CA VAL G 46 32.25 42.41 29.13
C VAL G 46 32.76 43.57 29.96
N GLY G 47 32.58 44.80 29.48
CA GLY G 47 32.96 45.96 30.28
C GLY G 47 32.21 46.01 31.60
N SER G 48 30.91 45.73 31.57
CA SER G 48 30.12 45.76 32.80
C SER G 48 30.60 44.69 33.78
N LEU G 49 31.05 43.54 33.29
CA LEU G 49 31.62 42.53 34.17
C LEU G 49 33.01 42.91 34.68
N ALA G 50 33.72 43.74 33.93
CA ALA G 50 35.09 44.15 34.25
C ALA G 50 35.41 44.19 35.74
N LEU G 51 34.59 44.89 36.53
CA LEU G 51 34.96 45.13 37.93
C LEU G 51 35.19 43.82 38.67
N TYR G 52 34.24 42.89 38.60
CA TYR G 52 34.28 41.73 39.49
C TYR G 52 35.48 40.85 39.19
N GLU G 53 36.00 40.89 37.97
CA GLU G 53 37.23 40.17 37.65
C GLU G 53 38.48 41.03 37.82
N LYS G 54 38.32 42.34 37.99
CA LYS G 54 39.47 43.19 38.27
C LYS G 54 39.75 43.25 39.77
N ALA G 55 38.70 43.38 40.58
CA ALA G 55 38.81 43.35 42.03
C ALA G 55 38.12 42.07 42.49
N ASP G 56 38.89 41.00 42.60
CA ASP G 56 38.33 39.67 42.83
C ASP G 56 37.48 39.66 44.10
N ILE G 57 36.26 39.14 43.97
CA ILE G 57 35.30 39.08 45.06
C ILE G 57 34.98 37.61 45.32
N LYS G 58 35.21 37.16 46.55
CA LYS G 58 34.85 35.82 46.97
C LYS G 58 33.53 35.89 47.73
N THR G 59 32.56 35.10 47.30
CA THR G 59 31.24 35.15 47.91
C THR G 59 31.34 34.74 49.38
N PRO G 60 30.49 35.28 50.24
CA PRO G 60 30.54 34.90 51.65
C PRO G 60 30.18 33.44 51.84
N GLU G 61 30.82 32.81 52.83
CA GLU G 61 30.65 31.39 53.11
C GLU G 61 29.74 31.14 54.30
N ASP G 62 29.00 32.16 54.75
CA ASP G 62 28.11 32.04 55.90
C ASP G 62 26.67 32.34 55.53
N LYS G 63 26.33 32.40 54.25
CA LYS G 63 24.99 32.76 53.80
C LYS G 63 24.36 31.59 53.07
N LYS G 64 23.02 31.56 53.08
CA LYS G 64 22.26 30.46 52.52
C LYS G 64 21.38 30.85 51.34
N LYS G 65 21.12 32.14 51.14
CA LYS G 65 20.17 32.58 50.13
C LYS G 65 20.86 32.71 48.79
N HIS G 66 20.35 31.99 47.79
CA HIS G 66 20.93 31.97 46.46
C HIS G 66 19.84 32.14 45.42
N LEU G 67 20.23 32.65 44.26
CA LEU G 67 19.35 32.81 43.12
C LEU G 67 19.97 32.14 41.91
N ILE G 68 19.15 31.41 41.15
CA ILE G 68 19.55 30.83 39.88
C ILE G 68 18.66 31.44 38.80
N ILE G 69 19.28 32.09 37.83
CA ILE G 69 18.57 32.62 36.67
C ILE G 69 19.01 31.83 35.46
N GLY G 70 18.07 31.47 34.61
CA GLY G 70 18.38 30.67 33.44
C GLY G 70 17.82 31.27 32.18
N VAL G 71 18.69 31.79 31.33
CA VAL G 71 18.26 32.47 30.12
C VAL G 71 18.11 31.46 29.00
N SER G 72 16.96 31.48 28.34
CA SER G 72 16.75 30.66 27.16
C SER G 72 15.76 31.35 26.22
N SER G 73 14.57 30.77 26.04
CA SER G 73 13.59 31.35 25.14
C SER G 73 12.29 30.57 25.18
N ASP G 74 11.32 30.99 24.35
CA ASP G 74 10.06 30.29 24.18
C ASP G 74 10.07 29.36 22.98
N ARG G 75 10.79 29.72 21.93
CA ARG G 75 10.82 28.92 20.72
C ARG G 75 11.45 27.56 20.98
N GLY G 76 10.93 26.54 20.30
CA GLY G 76 11.53 25.23 20.28
C GLY G 76 12.38 25.03 19.05
N LEU G 77 12.55 23.76 18.67
CA LEU G 77 13.24 23.39 17.45
C LEU G 77 14.67 23.91 17.41
N CYS G 78 15.27 24.15 18.57
CA CYS G 78 16.62 24.71 18.65
C CYS G 78 17.63 23.72 19.21
N GLY G 79 17.31 22.43 19.20
CA GLY G 79 18.28 21.46 19.66
C GLY G 79 18.47 21.50 21.16
N ALA G 80 19.68 21.21 21.60
CA ALA G 80 19.99 21.09 23.02
C ALA G 80 20.44 22.43 23.60
N ILE G 81 19.52 23.38 23.57
CA ILE G 81 19.76 24.69 24.18
C ILE G 81 19.04 24.69 25.53
N HIS G 82 17.71 24.67 25.48
CA HIS G 82 16.93 24.64 26.70
C HIS G 82 17.32 23.44 27.56
N SER G 83 17.62 22.32 26.92
CA SER G 83 17.99 21.12 27.66
C SER G 83 19.27 21.34 28.45
N SER G 84 20.31 21.85 27.79
CA SER G 84 21.56 22.08 28.49
C SER G 84 21.38 23.08 29.62
N VAL G 85 20.65 24.16 29.35
CA VAL G 85 20.48 25.20 30.37
C VAL G 85 19.78 24.62 31.59
N ALA G 86 18.67 23.91 31.38
CA ALA G 86 17.93 23.37 32.53
C ALA G 86 18.72 22.29 33.24
N LYS G 87 19.48 21.48 32.50
CA LYS G 87 20.29 20.45 33.11
C LYS G 87 21.30 21.07 34.07
N GLN G 88 22.04 22.07 33.60
CA GLN G 88 23.01 22.70 34.49
C GLN G 88 22.33 23.44 35.64
N MET G 89 21.14 24.00 35.38
CA MET G 89 20.43 24.69 36.45
C MET G 89 20.08 23.74 37.57
N LYS G 90 19.55 22.56 37.24
CA LYS G 90 19.21 21.60 38.28
C LYS G 90 20.46 21.02 38.93
N SER G 91 21.54 20.87 38.18
CA SER G 91 22.81 20.49 38.79
C SER G 91 23.21 21.47 39.88
N GLU G 92 23.20 22.76 39.55
CA GLU G 92 23.58 23.77 40.53
C GLU G 92 22.62 23.80 41.71
N ALA G 93 21.32 23.68 41.44
CA ALA G 93 20.35 23.72 42.53
C ALA G 93 20.55 22.54 43.48
N ALA G 94 20.78 21.35 42.93
CA ALA G 94 21.04 20.20 43.77
C ALA G 94 22.31 20.39 44.59
N ASN G 95 23.38 20.90 43.96
CA ASN G 95 24.62 21.12 44.71
C ASN G 95 24.40 22.09 45.86
N LEU G 96 23.70 23.19 45.59
CA LEU G 96 23.46 24.19 46.62
C LEU G 96 22.64 23.62 47.76
N ALA G 97 21.51 22.98 47.44
CA ALA G 97 20.65 22.44 48.49
C ALA G 97 21.31 21.30 49.25
N ALA G 98 22.27 20.60 48.63
CA ALA G 98 23.04 19.59 49.35
C ALA G 98 24.04 20.25 50.30
N ALA G 99 24.69 21.32 49.84
CA ALA G 99 25.56 22.08 50.73
C ALA G 99 24.79 22.88 51.77
N GLY G 100 23.47 22.95 51.65
CA GLY G 100 22.65 23.64 52.62
C GLY G 100 22.42 25.09 52.26
N LYS G 101 21.49 25.34 51.35
CA LYS G 101 21.15 26.69 50.90
C LYS G 101 19.65 26.79 50.69
N GLU G 102 19.21 28.02 50.42
CA GLU G 102 17.80 28.31 50.13
C GLU G 102 17.76 28.89 48.73
N VAL G 103 17.62 28.01 47.74
CA VAL G 103 17.73 28.39 46.33
C VAL G 103 16.37 28.75 45.79
N LYS G 104 16.34 29.73 44.89
CA LYS G 104 15.18 30.04 44.08
C LYS G 104 15.59 29.92 42.60
N ILE G 105 14.64 30.18 41.72
CA ILE G 105 14.89 30.06 40.29
C ILE G 105 14.05 31.10 39.56
N ILE G 106 14.67 31.75 38.57
CA ILE G 106 13.99 32.65 37.65
C ILE G 106 14.20 32.12 36.24
N GLY G 107 13.10 31.90 35.53
CA GLY G 107 13.18 31.34 34.20
C GLY G 107 12.79 32.32 33.12
N VAL G 108 13.76 32.76 32.33
CA VAL G 108 13.53 33.70 31.23
C VAL G 108 13.25 32.84 30.01
N GLY G 109 11.97 32.58 29.76
CA GLY G 109 11.55 31.74 28.65
C GLY G 109 10.78 30.54 29.12
N ASP G 110 9.71 30.18 28.40
CA ASP G 110 8.86 29.08 28.83
C ASP G 110 9.65 27.78 28.95
N LYS G 111 10.44 27.45 27.94
CA LYS G 111 11.00 26.10 27.86
C LYS G 111 11.76 25.72 29.12
N ILE G 112 12.47 26.67 29.73
CA ILE G 112 13.12 26.38 31.01
C ILE G 112 12.07 26.04 32.07
N ARG G 113 11.03 26.87 32.17
CA ARG G 113 9.96 26.61 33.11
C ARG G 113 9.40 25.19 32.91
N SER G 114 9.09 24.84 31.66
CA SER G 114 8.52 23.54 31.37
C SER G 114 9.47 22.42 31.77
N ILE G 115 10.74 22.54 31.38
CA ILE G 115 11.70 21.48 31.73
C ILE G 115 11.81 21.34 33.24
N LEU G 116 11.60 22.42 33.98
CA LEU G 116 11.78 22.41 35.42
C LEU G 116 10.46 22.51 36.19
N HIS G 117 9.32 22.28 35.53
CA HIS G 117 8.06 22.34 36.25
C HIS G 117 7.70 21.03 36.93
N ARG G 118 8.43 19.94 36.63
CA ARG G 118 8.21 18.70 37.36
C ARG G 118 8.97 18.70 38.68
N THR G 119 10.26 18.98 38.62
CA THR G 119 11.09 19.17 39.82
C THR G 119 11.55 20.62 39.87
N HIS G 120 11.65 21.16 41.08
CA HIS G 120 11.89 22.59 41.30
C HIS G 120 10.67 23.43 40.93
N SER G 121 9.47 22.84 41.03
CA SER G 121 8.26 23.57 40.66
C SER G 121 7.88 24.63 41.68
N ASP G 122 8.41 24.55 42.90
CA ASP G 122 8.06 25.47 43.96
C ASP G 122 9.10 26.54 44.21
N GLN G 123 10.28 26.43 43.60
CA GLN G 123 11.34 27.41 43.75
C GLN G 123 11.24 28.55 42.75
N PHE G 124 10.30 28.51 41.82
CA PHE G 124 10.11 29.61 40.88
C PHE G 124 9.75 30.90 41.60
N LEU G 125 10.74 31.77 41.78
CA LEU G 125 10.46 33.12 42.25
C LEU G 125 9.53 33.84 41.29
N VAL G 126 9.86 33.78 39.99
CA VAL G 126 9.03 34.35 38.94
C VAL G 126 9.64 33.95 37.61
N THR G 127 8.81 33.76 36.59
CA THR G 127 9.28 33.36 35.28
C THR G 127 8.72 34.29 34.21
N PHE G 128 9.52 34.55 33.20
CA PHE G 128 9.18 35.45 32.11
C PHE G 128 9.01 34.66 30.82
N LYS G 129 8.00 35.01 30.04
CA LYS G 129 7.80 34.40 28.74
C LYS G 129 7.79 35.49 27.68
N GLU G 130 7.33 35.18 26.48
CA GLU G 130 7.34 36.11 25.35
C GLU G 130 8.76 36.42 24.89
N VAL G 131 9.72 35.57 25.26
CA VAL G 131 11.10 35.71 24.81
C VAL G 131 11.22 35.07 23.43
N GLY G 132 12.09 35.63 22.60
CA GLY G 132 12.44 35.05 21.32
C GLY G 132 11.62 35.52 20.15
N ARG G 133 10.45 36.12 20.38
CA ARG G 133 9.66 36.62 19.26
C ARG G 133 10.38 37.76 18.55
N ARG G 134 10.97 38.67 19.30
CA ARG G 134 11.77 39.75 18.75
C ARG G 134 13.09 39.83 19.49
N PRO G 135 14.13 40.37 18.87
CA PRO G 135 15.45 40.36 19.49
C PRO G 135 15.41 41.07 20.84
N PRO G 136 16.09 40.53 21.85
CA PRO G 136 16.05 41.17 23.16
C PRO G 136 16.79 42.49 23.17
N THR G 137 16.29 43.41 23.98
CA THR G 137 16.82 44.77 24.09
C THR G 137 17.30 45.01 25.51
N PHE G 138 17.69 46.25 25.80
CA PHE G 138 17.96 46.61 27.18
C PHE G 138 16.68 46.79 27.96
N GLY G 139 15.57 47.07 27.29
CA GLY G 139 14.30 47.15 27.98
C GLY G 139 13.95 45.84 28.66
N ASP G 140 14.17 44.72 27.98
CA ASP G 140 13.85 43.42 28.56
C ASP G 140 14.72 43.14 29.77
N ALA G 141 16.02 43.42 29.69
CA ALA G 141 16.89 43.18 30.82
C ALA G 141 16.52 44.07 31.99
N SER G 142 16.19 45.33 31.71
CA SER G 142 15.76 46.23 32.77
C SER G 142 14.49 45.72 33.43
N VAL G 143 13.54 45.22 32.63
CA VAL G 143 12.30 44.68 33.20
C VAL G 143 12.59 43.47 34.08
N ILE G 144 13.44 42.56 33.60
CA ILE G 144 13.75 41.37 34.39
C ILE G 144 14.41 41.75 35.69
N ALA G 145 15.39 42.66 35.64
CA ALA G 145 16.08 43.08 36.86
C ALA G 145 15.12 43.79 37.80
N LEU G 146 14.22 44.60 37.25
CA LEU G 146 13.28 45.34 38.07
C LEU G 146 12.32 44.41 38.78
N GLU G 147 11.78 43.42 38.06
CA GLU G 147 10.88 42.46 38.68
C GLU G 147 11.61 41.48 39.58
N LEU G 148 12.93 41.38 39.46
CA LEU G 148 13.71 40.59 40.42
C LEU G 148 13.92 41.38 41.70
N LEU G 149 14.34 42.64 41.60
CA LEU G 149 14.56 43.46 42.78
C LEU G 149 13.26 43.71 43.53
N ASN G 150 12.18 44.01 42.81
CA ASN G 150 10.90 44.29 43.45
C ASN G 150 10.41 43.09 44.23
N SER G 151 10.45 41.90 43.61
CA SER G 151 10.09 40.69 44.34
C SER G 151 11.06 40.51 45.49
N GLY G 152 10.64 40.89 46.69
CA GLY G 152 11.55 41.04 47.80
C GLY G 152 12.20 39.76 48.29
N TYR G 153 12.83 39.01 47.38
CA TYR G 153 13.70 37.91 47.77
C TYR G 153 15.14 38.41 47.78
N GLU G 154 15.45 39.22 48.79
CA GLU G 154 16.81 39.70 48.94
C GLU G 154 17.74 38.50 49.00
N PHE G 155 18.43 38.22 47.91
CA PHE G 155 19.32 37.07 47.85
C PHE G 155 20.70 37.44 48.38
N ASP G 156 21.45 36.41 48.77
CA ASP G 156 22.80 36.59 49.24
C ASP G 156 23.84 36.18 48.21
N GLU G 157 23.44 35.45 47.16
CA GLU G 157 24.34 35.13 46.08
C GLU G 157 23.50 34.84 44.84
N GLY G 158 24.13 34.91 43.67
CA GLY G 158 23.42 34.67 42.44
C GLY G 158 24.27 33.98 41.40
N SER G 159 23.59 33.33 40.47
CA SER G 159 24.21 32.75 39.29
C SER G 159 23.25 32.87 38.12
N ILE G 160 23.82 33.06 36.93
CA ILE G 160 23.05 33.13 35.70
C ILE G 160 23.65 32.11 34.74
N ILE G 161 22.78 31.33 34.10
CA ILE G 161 23.20 30.28 33.17
C ILE G 161 22.63 30.64 31.81
N PHE G 162 23.51 30.78 30.82
CA PHE G 162 23.14 31.07 29.46
C PHE G 162 24.08 30.31 28.54
N ASN G 163 23.76 30.30 27.25
CA ASN G 163 24.53 29.57 26.25
C ASN G 163 25.43 30.57 25.53
N ARG G 164 26.65 30.72 26.02
CA ARG G 164 27.60 31.61 25.35
C ARG G 164 27.81 31.14 23.92
N PHE G 165 27.76 32.09 23.00
CA PHE G 165 27.85 31.80 21.57
C PHE G 165 29.31 31.78 21.16
N ARG G 166 29.84 30.58 20.88
CA ARG G 166 31.23 30.45 20.44
C ARG G 166 31.32 30.66 18.92
N SER G 167 30.92 29.67 18.15
CA SER G 167 30.95 29.74 16.70
C SER G 167 29.59 29.37 16.15
N VAL G 168 29.41 29.58 14.85
CA VAL G 168 28.12 29.38 14.19
C VAL G 168 27.62 27.98 14.46
N ILE G 169 28.52 27.04 14.72
CA ILE G 169 28.15 25.66 14.94
C ILE G 169 28.21 25.24 16.41
N SER G 170 28.89 26.00 17.27
CA SER G 170 29.13 25.58 18.64
C SER G 170 28.82 26.70 19.61
N TYR G 171 28.42 26.30 20.82
CA TYR G 171 28.11 27.23 21.90
C TYR G 171 28.45 26.54 23.20
N LYS G 172 28.65 27.34 24.25
CA LYS G 172 28.98 26.82 25.56
C LYS G 172 28.00 27.36 26.59
N THR G 173 27.75 26.56 27.62
CA THR G 173 26.90 26.96 28.73
C THR G 173 27.76 27.54 29.83
N GLU G 174 27.45 28.75 30.26
CA GLU G 174 28.25 29.48 31.25
C GLU G 174 27.48 29.63 32.55
N GLU G 175 28.22 29.93 33.61
CA GLU G 175 27.65 30.36 34.88
C GLU G 175 28.41 31.60 35.32
N LYS G 176 27.70 32.73 35.40
CA LYS G 176 28.33 33.99 35.77
C LYS G 176 27.84 34.40 37.15
N PRO G 177 28.71 34.50 38.15
CA PRO G 177 28.23 34.85 39.49
C PRO G 177 27.67 36.26 39.56
N ILE G 178 26.59 36.40 40.33
CA ILE G 178 25.98 37.69 40.62
C ILE G 178 26.03 37.90 42.13
N PHE G 179 26.61 39.02 42.55
CA PHE G 179 26.78 39.32 43.96
C PHE G 179 25.81 40.41 44.41
N SER G 180 25.52 40.40 45.70
CA SER G 180 24.72 41.44 46.33
C SER G 180 25.65 42.39 47.10
N LEU G 181 25.14 43.60 47.37
CA LEU G 181 25.97 44.60 48.03
C LEU G 181 26.47 44.12 49.38
N ASP G 182 25.77 43.18 50.02
CA ASP G 182 26.27 42.63 51.28
C ASP G 182 27.63 42.00 51.10
N THR G 183 27.92 41.49 49.90
CA THR G 183 29.23 40.92 49.60
C THR G 183 30.22 41.96 49.10
N ILE G 184 29.74 42.95 48.35
CA ILE G 184 30.65 43.94 47.80
C ILE G 184 31.19 44.84 48.91
N SER G 185 30.33 45.24 49.84
CA SER G 185 30.78 46.08 50.95
C SER G 185 31.80 45.35 51.81
N SER G 186 31.54 44.09 52.13
CA SER G 186 32.38 43.31 53.03
C SER G 186 33.55 42.65 52.32
N ALA G 187 34.17 43.35 51.37
CA ALA G 187 35.32 42.83 50.63
C ALA G 187 36.51 43.75 50.85
N GLU G 188 37.64 43.17 51.27
CA GLU G 188 38.84 43.97 51.47
C GLU G 188 39.21 44.72 50.19
N SER G 189 39.04 44.08 49.04
CA SER G 189 39.39 44.72 47.78
C SER G 189 38.61 46.02 47.60
N MET G 190 37.35 46.04 47.99
CA MET G 190 36.52 47.24 47.83
C MET G 190 36.93 48.37 48.76
N SER G 191 37.82 48.11 49.71
CA SER G 191 38.28 49.19 50.58
C SER G 191 38.96 50.29 49.79
N ILE G 192 39.63 49.94 48.69
CA ILE G 192 40.39 50.92 47.93
C ILE G 192 39.46 51.90 47.20
N TYR G 193 38.37 51.39 46.61
CA TYR G 193 37.54 52.23 45.77
C TYR G 193 37.00 53.42 46.54
N ASP G 194 37.08 54.60 45.92
CA ASP G 194 36.85 55.86 46.60
C ASP G 194 35.44 56.36 46.40
N ASP G 195 34.94 57.10 47.38
CA ASP G 195 33.56 57.59 47.41
C ASP G 195 32.59 56.42 47.23
N ILE G 196 32.65 55.49 48.17
CA ILE G 196 31.89 54.25 48.08
C ILE G 196 31.04 54.08 49.33
N ASP G 197 30.02 54.90 49.48
CA ASP G 197 29.01 54.67 50.51
C ASP G 197 28.23 53.42 50.13
N ALA G 198 27.15 53.15 50.85
CA ALA G 198 26.32 51.98 50.59
C ALA G 198 25.05 52.32 49.83
N ASP G 199 24.98 53.50 49.21
CA ASP G 199 23.85 53.86 48.36
C ASP G 199 24.25 53.96 46.90
N VAL G 200 25.35 54.62 46.59
CA VAL G 200 25.87 54.58 45.22
C VAL G 200 26.22 53.16 44.85
N LEU G 201 26.75 52.40 45.80
CA LEU G 201 27.09 51.01 45.56
C LEU G 201 25.84 50.18 45.29
N ARG G 202 24.74 50.49 45.97
CA ARG G 202 23.50 49.76 45.73
C ARG G 202 22.95 50.04 44.33
N ASN G 203 22.97 51.31 43.91
CA ASN G 203 22.54 51.63 42.55
C ASN G 203 23.44 50.95 41.53
N TYR G 204 24.74 50.93 41.80
CA TYR G 204 25.66 50.25 40.91
C TYR G 204 25.36 48.77 40.82
N GLN G 205 25.02 48.14 41.94
CA GLN G 205 24.68 46.72 41.92
C GLN G 205 23.43 46.47 41.09
N GLU G 206 22.41 47.32 41.25
CA GLU G 206 21.20 47.17 40.44
C GLU G 206 21.53 47.29 38.96
N TYR G 207 22.34 48.29 38.60
CA TYR G 207 22.68 48.48 37.19
C TYR G 207 23.49 47.32 36.66
N SER G 208 24.44 46.81 37.45
CA SER G 208 25.21 45.67 36.98
C SER G 208 24.35 44.43 36.82
N LEU G 209 23.34 44.28 37.67
CA LEU G 209 22.39 43.17 37.49
C LEU G 209 21.68 43.30 36.15
N ALA G 210 21.17 44.49 35.84
CA ALA G 210 20.55 44.67 34.53
C ALA G 210 21.54 44.39 33.41
N ASN G 211 22.79 44.82 33.59
CA ASN G 211 23.80 44.64 32.56
C ASN G 211 24.05 43.16 32.29
N ILE G 212 24.21 42.37 33.34
CA ILE G 212 24.50 40.96 33.14
C ILE G 212 23.30 40.26 32.53
N ILE G 213 22.09 40.64 32.92
CA ILE G 213 20.92 40.03 32.30
C ILE G 213 20.90 40.34 30.80
N TYR G 214 21.19 41.58 30.43
CA TYR G 214 21.20 41.95 29.02
C TYR G 214 22.27 41.19 28.25
N TYR G 215 23.47 41.08 28.83
CA TYR G 215 24.54 40.35 28.17
C TYR G 215 24.14 38.90 27.93
N SER G 216 23.56 38.26 28.95
CA SER G 216 23.13 36.89 28.80
C SER G 216 22.05 36.77 27.74
N LEU G 217 21.12 37.72 27.69
CA LEU G 217 20.07 37.67 26.69
C LEU G 217 20.65 37.72 25.28
N LYS G 218 21.59 38.62 25.03
CA LYS G 218 22.14 38.73 23.68
C LYS G 218 22.91 37.46 23.30
N GLU G 219 23.76 36.96 24.21
CA GLU G 219 24.48 35.74 23.91
C GLU G 219 23.51 34.59 23.66
N SER G 220 22.48 34.47 24.50
CA SER G 220 21.55 33.36 24.37
C SER G 220 20.78 33.43 23.07
N THR G 221 20.31 34.61 22.67
CA THR G 221 19.55 34.68 21.43
C THR G 221 20.45 34.38 20.24
N THR G 222 21.70 34.85 20.25
CA THR G 222 22.59 34.51 19.14
C THR G 222 22.76 33.00 19.04
N SER G 223 23.06 32.34 20.16
CA SER G 223 23.29 30.91 20.12
C SER G 223 22.01 30.16 19.76
N GLU G 224 20.86 30.63 20.24
CA GLU G 224 19.60 29.97 19.92
C GLU G 224 19.31 30.03 18.44
N GLN G 225 19.49 31.19 17.81
CA GLN G 225 19.25 31.29 16.38
C GLN G 225 20.22 30.41 15.60
N SER G 226 21.49 30.38 16.01
CA SER G 226 22.43 29.50 15.34
C SER G 226 22.00 28.04 15.46
N ALA G 227 21.57 27.64 16.66
CA ALA G 227 21.16 26.26 16.86
C ALA G 227 19.91 25.93 16.07
N ARG G 228 18.97 26.87 15.95
CA ARG G 228 17.79 26.63 15.14
C ARG G 228 18.15 26.46 13.68
N MET G 229 19.08 27.27 13.18
CA MET G 229 19.55 27.10 11.81
C MET G 229 20.14 25.72 11.61
N THR G 230 21.01 25.28 12.52
CA THR G 230 21.62 23.96 12.38
C THR G 230 20.57 22.86 12.46
N ALA G 231 19.63 22.96 13.39
CA ALA G 231 18.61 21.94 13.54
C ALA G 231 17.73 21.85 12.31
N MET G 232 17.36 23.00 11.74
CA MET G 232 16.54 22.97 10.54
C MET G 232 17.31 22.38 9.37
N ASP G 233 18.60 22.67 9.27
CA ASP G 233 19.39 22.06 8.21
C ASP G 233 19.39 20.55 8.33
N ASN G 234 19.63 20.03 9.54
CA ASN G 234 19.64 18.58 9.73
C ASN G 234 18.26 17.99 9.46
N ALA G 235 17.19 18.66 9.89
CA ALA G 235 15.85 18.14 9.66
C ALA G 235 15.53 18.08 8.17
N SER G 236 15.92 19.10 7.42
CA SER G 236 15.71 19.08 5.98
C SER G 236 16.52 17.98 5.32
N LYS G 237 17.75 17.75 5.79
CA LYS G 237 18.55 16.66 5.23
C LYS G 237 17.90 15.31 5.48
N ASN G 238 17.40 15.09 6.70
CA ASN G 238 16.73 13.83 7.02
C ASN G 238 15.46 13.66 6.19
N ALA G 239 14.69 14.75 6.03
CA ALA G 239 13.51 14.67 5.17
C ALA G 239 13.89 14.35 3.74
N SER G 240 15.03 14.85 3.25
CA SER G 240 15.44 14.52 1.90
C SER G 240 15.81 13.04 1.77
N GLU G 241 16.53 12.49 2.75
CA GLU G 241 16.83 11.06 2.69
C GLU G 241 15.54 10.24 2.70
N MET G 242 14.61 10.59 3.59
CA MET G 242 13.36 9.87 3.67
C MET G 242 12.57 10.00 2.37
N ILE G 243 12.61 11.18 1.75
CA ILE G 243 11.91 11.38 0.48
C ILE G 243 12.52 10.50 -0.60
N ASP G 244 13.84 10.37 -0.63
CA ASP G 244 14.46 9.50 -1.61
C ASP G 244 14.00 8.06 -1.43
N LYS G 245 14.04 7.56 -0.19
CA LYS G 245 13.62 6.19 0.05
C LYS G 245 12.16 5.99 -0.34
N LEU G 246 11.29 6.92 0.05
CA LEU G 246 9.88 6.77 -0.26
C LEU G 246 9.61 6.90 -1.75
N THR G 247 10.39 7.71 -2.47
CA THR G 247 10.21 7.78 -3.92
C THR G 247 10.57 6.47 -4.58
N LEU G 248 11.65 5.84 -4.12
CA LEU G 248 11.99 4.51 -4.64
C LEU G 248 10.86 3.53 -4.38
N THR G 249 10.33 3.53 -3.15
CA THR G 249 9.23 2.63 -2.82
C THR G 249 8.00 2.93 -3.67
N PHE G 250 7.72 4.21 -3.90
CA PHE G 250 6.55 4.58 -4.69
C PHE G 250 6.68 4.11 -6.12
N ASN G 251 7.87 4.23 -6.71
CA ASN G 251 8.06 3.74 -8.06
C ASN G 251 7.86 2.23 -8.13
N ARG G 252 8.43 1.50 -7.18
CA ARG G 252 8.23 0.06 -7.15
C ARG G 252 6.74 -0.27 -7.07
N THR G 253 6.02 0.39 -6.17
CA THR G 253 4.62 0.09 -5.96
C THR G 253 3.78 0.45 -7.18
N ARG G 254 4.10 1.57 -7.84
CA ARG G 254 3.36 1.97 -9.03
C ARG G 254 3.53 0.94 -10.13
N GLN G 255 4.77 0.50 -10.36
CA GLN G 255 4.99 -0.53 -11.38
C GLN G 255 4.27 -1.82 -11.02
N ALA G 256 4.31 -2.21 -9.75
CA ALA G 256 3.66 -3.44 -9.33
C ALA G 256 2.16 -3.36 -9.55
N VAL G 257 1.56 -2.21 -9.27
CA VAL G 257 0.13 -2.04 -9.46
C VAL G 257 -0.23 -2.12 -10.94
N ILE G 258 0.57 -1.48 -11.80
CA ILE G 258 0.32 -1.58 -13.24
C ILE G 258 0.36 -3.04 -13.68
N THR G 259 1.41 -3.76 -13.28
CA THR G 259 1.53 -5.16 -13.67
C THR G 259 0.37 -5.99 -13.14
N LYS G 260 -0.05 -5.76 -11.90
CA LYS G 260 -1.12 -6.55 -11.31
C LYS G 260 -2.42 -6.35 -12.07
N GLU G 261 -2.79 -5.09 -12.33
CA GLU G 261 -4.03 -4.83 -13.05
C GLU G 261 -3.96 -5.44 -14.45
N LEU G 262 -2.81 -5.32 -15.10
CA LEU G 262 -2.69 -5.86 -16.45
C LEU G 262 -2.80 -7.37 -16.46
N ILE G 263 -2.22 -8.04 -15.47
CA ILE G 263 -2.31 -9.50 -15.41
C ILE G 263 -3.74 -9.91 -15.13
N GLU G 264 -4.47 -9.16 -14.31
CA GLU G 264 -5.87 -9.45 -14.09
C GLU G 264 -6.64 -9.38 -15.41
N ILE G 265 -6.41 -8.33 -16.17
CA ILE G 265 -7.10 -8.18 -17.46
C ILE G 265 -6.75 -9.34 -18.39
N ILE G 266 -5.46 -9.70 -18.45
CA ILE G 266 -5.03 -10.78 -19.34
C ILE G 266 -5.67 -12.10 -18.93
N SER G 267 -5.70 -12.40 -17.64
CA SER G 267 -6.29 -13.64 -17.16
C SER G 267 -7.78 -13.69 -17.49
N GLY G 268 -8.48 -12.58 -17.26
CA GLY G 268 -9.89 -12.55 -17.63
C GLY G 268 -10.11 -12.75 -19.10
N ALA G 269 -9.26 -12.14 -19.94
CA ALA G 269 -9.43 -12.26 -21.38
C ALA G 269 -9.17 -13.70 -21.84
N ALA G 270 -8.15 -14.35 -21.28
CA ALA G 270 -7.81 -15.70 -21.70
C ALA G 270 -8.68 -16.76 -21.05
N ALA G 271 -9.45 -16.42 -20.03
CA ALA G 271 -10.28 -17.37 -19.32
C ALA G 271 -11.70 -17.44 -19.87
N LEU G 272 -12.01 -16.71 -20.93
CA LEU G 272 -13.32 -16.82 -21.55
C LEU G 272 -13.44 -18.17 -22.24
N GLN H 15 48.62 54.70 31.30
CA GLN H 15 47.70 55.61 30.63
C GLN H 15 46.29 55.02 30.60
N MET H 16 45.30 55.85 30.32
CA MET H 16 43.92 55.44 30.44
C MET H 16 43.58 54.32 29.47
N SER H 17 42.62 53.48 29.86
CA SER H 17 42.10 52.44 28.98
C SER H 17 40.59 52.65 28.83
N PHE H 18 40.20 53.78 28.25
CA PHE H 18 38.80 54.18 28.24
C PHE H 18 37.94 53.18 27.48
N THR H 19 36.67 53.05 27.91
CA THR H 19 35.73 52.15 27.24
C THR H 19 34.33 52.74 27.46
N PHE H 20 33.82 53.41 26.43
CA PHE H 20 32.52 54.06 26.48
C PHE H 20 31.60 53.36 25.49
N ALA H 21 30.65 52.60 26.01
CA ALA H 21 29.84 51.69 25.19
C ALA H 21 28.39 51.76 25.62
N SER H 22 27.52 52.19 24.72
CA SER H 22 26.10 52.05 24.91
C SER H 22 25.71 50.59 24.71
N PRO H 23 24.52 50.18 25.17
CA PRO H 23 24.10 48.80 24.89
C PRO H 23 24.04 48.49 23.41
N THR H 24 23.66 49.46 22.58
CA THR H 24 23.49 49.25 21.16
C THR H 24 24.78 49.50 20.39
N GLN H 25 25.44 50.63 20.63
CA GLN H 25 26.64 51.00 19.91
C GLN H 25 27.77 51.31 20.87
N VAL H 26 29.00 51.11 20.41
CA VAL H 26 30.20 51.26 21.21
C VAL H 26 31.06 52.35 20.59
N PHE H 27 31.47 53.32 21.42
CA PHE H 27 32.23 54.48 20.95
C PHE H 27 33.73 54.22 21.06
N PHE H 28 34.26 54.25 22.27
CA PHE H 28 35.66 53.95 22.54
C PHE H 28 35.75 52.56 23.15
N ASN H 29 36.65 51.74 22.62
CA ASN H 29 36.96 50.43 23.18
C ASN H 29 38.44 50.40 23.50
N SER H 30 38.76 50.18 24.78
CA SER H 30 40.15 50.10 25.22
C SER H 30 40.98 51.22 24.62
N ALA H 31 40.37 52.39 24.44
CA ALA H 31 41.09 53.55 23.92
C ALA H 31 42.07 54.05 24.96
N ASN H 32 42.86 55.06 24.59
CA ASN H 32 43.80 55.72 25.49
C ASN H 32 43.56 57.22 25.33
N VAL H 33 42.67 57.77 26.15
CA VAL H 33 42.30 59.18 26.07
C VAL H 33 43.10 59.96 27.11
N ARG H 34 42.77 61.24 27.27
CA ARG H 34 43.47 62.12 28.18
C ARG H 34 42.61 62.44 29.41
N GLN H 35 41.55 63.23 29.23
CA GLN H 35 40.63 63.57 30.30
C GLN H 35 39.23 63.12 29.91
N VAL H 36 38.42 62.80 30.91
CA VAL H 36 37.01 62.47 30.70
C VAL H 36 36.20 63.18 31.76
N ASP H 37 35.42 64.17 31.37
CA ASP H 37 34.54 64.88 32.28
C ASP H 37 33.17 64.21 32.23
N VAL H 38 32.75 63.63 33.35
CA VAL H 38 31.53 62.83 33.40
C VAL H 38 30.62 63.34 34.51
N PRO H 39 29.30 63.33 34.32
CA PRO H 39 28.39 63.75 35.38
C PRO H 39 27.81 62.58 36.14
N THR H 40 28.08 62.47 37.43
CA THR H 40 27.61 61.36 38.25
C THR H 40 26.58 61.85 39.26
N GLN H 41 26.00 60.90 39.98
CA GLN H 41 24.97 61.24 40.97
C GLN H 41 25.53 62.15 42.04
N THR H 42 26.75 61.88 42.49
CA THR H 42 27.40 62.68 43.53
C THR H 42 28.20 63.83 42.91
N GLY H 43 27.53 64.63 42.09
CA GLY H 43 28.19 65.78 41.48
C GLY H 43 29.17 65.37 40.42
N ALA H 44 29.13 66.04 39.26
CA ALA H 44 30.03 65.71 38.17
C ALA H 44 31.48 65.77 38.63
N PHE H 45 32.36 65.26 37.80
CA PHE H 45 33.80 65.35 38.07
C PHE H 45 34.55 64.93 36.81
N GLY H 46 35.86 64.78 36.94
CA GLY H 46 36.70 64.46 35.80
C GLY H 46 37.73 63.41 36.16
N ILE H 47 38.03 62.57 35.18
CA ILE H 47 38.98 61.47 35.33
C ILE H 47 40.18 61.78 34.47
N LEU H 48 41.37 61.62 35.05
CA LEU H 48 42.63 61.78 34.33
C LEU H 48 43.42 60.48 34.39
N ALA H 49 44.72 60.54 34.11
CA ALA H 49 45.48 59.32 33.89
C ALA H 49 45.44 58.39 35.08
N ALA H 50 45.63 58.91 36.29
CA ALA H 50 45.76 58.09 37.49
C ALA H 50 44.76 58.53 38.56
N HIS H 51 43.51 58.70 38.15
CA HIS H 51 42.47 59.05 39.10
C HIS H 51 42.31 57.95 40.14
N VAL H 52 41.89 58.34 41.33
CA VAL H 52 41.69 57.36 42.40
C VAL H 52 40.56 56.41 42.00
N PRO H 53 40.66 55.12 42.29
CA PRO H 53 39.58 54.21 41.89
C PRO H 53 38.24 54.64 42.47
N THR H 54 37.20 54.58 41.64
CA THR H 54 35.86 54.89 42.07
C THR H 54 34.89 54.00 41.31
N LEU H 55 33.63 54.02 41.72
CA LEU H 55 32.57 53.42 40.92
C LEU H 55 31.30 54.22 41.22
N GLN H 56 30.98 55.13 40.32
CA GLN H 56 29.84 56.02 40.44
C GLN H 56 28.76 55.60 39.45
N VAL H 57 27.58 56.17 39.64
CA VAL H 57 26.42 55.90 38.80
C VAL H 57 26.05 57.20 38.10
N LEU H 58 26.05 57.19 36.78
CA LEU H 58 25.87 58.42 36.02
C LEU H 58 24.50 59.03 36.29
N ARG H 59 24.34 60.25 35.84
CA ARG H 59 23.13 61.04 35.97
C ARG H 59 22.87 61.70 34.63
N PRO H 60 21.64 62.08 34.33
CA PRO H 60 21.34 62.61 33.00
C PRO H 60 22.15 63.86 32.70
N GLY H 61 23.30 63.69 32.07
CA GLY H 61 24.20 64.78 31.78
C GLY H 61 24.90 64.52 30.48
N LEU H 62 26.11 65.04 30.33
CA LEU H 62 26.88 64.81 29.12
C LEU H 62 28.34 64.54 29.49
N VAL H 63 28.98 63.73 28.66
CA VAL H 63 30.36 63.30 28.83
C VAL H 63 31.20 64.03 27.79
N VAL H 64 32.30 64.63 28.24
CA VAL H 64 33.25 65.31 27.37
C VAL H 64 34.54 64.51 27.39
N VAL H 65 34.94 64.01 26.23
CA VAL H 65 36.16 63.21 26.11
C VAL H 65 37.18 64.04 25.34
N HIS H 66 38.30 64.32 25.98
CA HIS H 66 39.43 64.98 25.32
C HIS H 66 40.35 63.90 24.79
N ALA H 67 40.44 63.78 23.47
CA ALA H 67 41.30 62.78 22.86
C ALA H 67 42.72 62.93 23.37
N GLU H 68 43.58 61.99 22.96
CA GLU H 68 44.97 62.02 23.42
C GLU H 68 45.61 63.39 23.21
N ASP H 69 45.05 64.22 22.33
CA ASP H 69 45.51 65.59 22.15
C ASP H 69 44.50 66.55 22.78
N GLY H 70 44.28 67.70 22.14
CA GLY H 70 43.31 68.67 22.60
C GLY H 70 41.94 68.57 21.97
N THR H 71 41.65 67.48 21.28
CA THR H 71 40.36 67.33 20.60
C THR H 71 39.32 66.82 21.58
N THR H 72 38.13 67.44 21.55
CA THR H 72 37.07 67.17 22.51
C THR H 72 35.81 66.74 21.79
N SER H 73 35.10 65.76 22.37
CA SER H 73 33.84 65.26 21.84
C SER H 73 32.83 65.12 22.96
N LYS H 74 31.58 65.49 22.66
CA LYS H 74 30.51 65.51 23.66
C LYS H 74 29.44 64.49 23.30
N TYR H 75 29.12 63.62 24.26
CA TYR H 75 28.02 62.67 24.11
C TYR H 75 27.07 62.84 25.29
N PHE H 76 25.78 62.95 25.01
CA PHE H 76 24.80 63.09 26.08
C PHE H 76 24.42 61.71 26.61
N VAL H 77 24.61 61.50 27.92
CA VAL H 77 24.33 60.22 28.56
C VAL H 77 23.12 60.39 29.47
N SER H 78 22.21 59.42 29.41
CA SER H 78 20.97 59.45 30.19
C SER H 78 21.10 58.75 31.53
N SER H 79 22.02 57.81 31.65
CA SER H 79 22.22 57.04 32.89
C SER H 79 23.26 55.98 32.58
N GLY H 80 23.78 55.37 33.63
CA GLY H 80 24.81 54.37 33.43
C GLY H 80 25.66 54.21 34.68
N SER H 81 26.91 53.83 34.46
CA SER H 81 27.84 53.64 35.55
C SER H 81 29.26 53.85 35.04
N VAL H 82 30.07 54.51 35.86
CA VAL H 82 31.47 54.77 35.53
C VAL H 82 32.32 54.11 36.59
N THR H 83 33.20 53.20 36.16
CA THR H 83 34.12 52.50 37.05
C THR H 83 35.54 52.90 36.69
N VAL H 84 36.26 53.45 37.65
CA VAL H 84 37.67 53.79 37.51
C VAL H 84 38.45 52.79 38.35
N ASN H 85 39.24 51.96 37.70
CA ASN H 85 39.93 50.86 38.34
C ASN H 85 41.35 51.27 38.73
N ALA H 86 42.04 50.36 39.42
CA ALA H 86 43.37 50.66 39.91
C ALA H 86 44.35 50.92 38.78
N ASP H 87 44.28 50.13 37.71
CA ASP H 87 45.23 50.23 36.61
C ASP H 87 44.75 51.19 35.52
N SER H 88 44.22 52.34 35.95
CA SER H 88 43.91 53.43 35.05
C SER H 88 43.07 52.96 33.86
N SER H 89 42.09 52.12 34.13
CA SER H 89 41.12 51.68 33.13
C SER H 89 39.75 52.20 33.53
N VAL H 90 39.13 52.97 32.65
CA VAL H 90 37.82 53.57 32.89
C VAL H 90 36.80 52.86 32.02
N GLN H 91 35.75 52.34 32.66
CA GLN H 91 34.63 51.73 31.96
C GLN H 91 33.42 52.60 32.21
N LEU H 92 32.96 53.30 31.18
CA LEU H 92 31.88 54.27 31.28
C LEU H 92 30.72 53.74 30.45
N LEU H 93 29.86 52.92 31.05
CA LEU H 93 28.77 52.27 30.34
C LEU H 93 27.51 53.09 30.52
N ALA H 94 27.03 53.68 29.43
CA ALA H 94 25.80 54.44 29.45
C ALA H 94 24.63 53.54 29.10
N GLU H 95 23.42 54.09 29.25
CA GLU H 95 22.21 53.39 28.85
C GLU H 95 21.60 53.95 27.58
N GLU H 96 21.96 55.17 27.19
CA GLU H 96 21.51 55.77 25.95
C GLU H 96 22.39 56.98 25.65
N ALA H 97 23.60 56.72 25.15
CA ALA H 97 24.56 57.78 24.87
C ALA H 97 24.43 58.20 23.42
N VAL H 98 23.98 59.43 23.19
CA VAL H 98 23.77 59.95 21.85
C VAL H 98 24.58 61.23 21.70
N THR H 99 25.34 61.33 20.61
CA THR H 99 26.06 62.56 20.34
C THR H 99 25.10 63.73 20.27
N LEU H 100 25.60 64.92 20.62
CA LEU H 100 24.72 66.08 20.73
C LEU H 100 24.03 66.39 19.41
N ASP H 101 24.71 66.16 18.28
CA ASP H 101 24.15 66.55 16.99
C ASP H 101 22.85 65.83 16.68
N MET H 102 22.56 64.73 17.36
CA MET H 102 21.35 63.94 17.11
C MET H 102 20.14 64.46 17.89
N LEU H 103 20.30 65.50 18.70
CA LEU H 103 19.26 65.94 19.61
C LEU H 103 18.49 67.12 19.03
N ASP H 104 17.35 67.43 19.65
CA ASP H 104 16.52 68.56 19.31
C ASP H 104 16.41 69.50 20.50
N LEU H 105 16.27 70.80 20.21
CA LEU H 105 16.25 71.82 21.27
C LEU H 105 14.84 72.05 21.80
N GLY H 106 13.99 72.71 20.99
CA GLY H 106 12.67 73.09 21.47
C GLY H 106 11.86 71.93 21.98
N ALA H 107 12.07 70.74 21.40
CA ALA H 107 11.38 69.55 21.89
C ALA H 107 11.66 69.32 23.36
N ALA H 108 12.90 69.58 23.78
CA ALA H 108 13.24 69.45 25.18
C ALA H 108 12.42 70.41 26.04
N LYS H 109 12.26 71.66 25.59
CA LYS H 109 11.46 72.61 26.34
C LYS H 109 10.01 72.17 26.42
N ALA H 110 9.45 71.67 25.31
CA ALA H 110 8.07 71.21 25.33
C ALA H 110 7.90 70.06 26.32
N ASN H 111 8.81 69.09 26.28
CA ASN H 111 8.73 67.98 27.22
C ASN H 111 8.87 68.45 28.66
N LEU H 112 9.80 69.38 28.91
CA LEU H 112 10.00 69.91 30.25
C LEU H 112 8.73 70.58 30.76
N GLU H 113 8.09 71.40 29.92
CA GLU H 113 6.90 72.10 30.35
C GLU H 113 5.74 71.14 30.57
N LYS H 114 5.58 70.14 29.70
CA LYS H 114 4.50 69.17 29.90
C LYS H 114 4.72 68.36 31.18
N ALA H 115 5.97 67.99 31.45
CA ALA H 115 6.26 67.27 32.67
C ALA H 115 5.95 68.13 33.90
N GLN H 116 6.35 69.41 33.86
CA GLN H 116 6.01 70.30 34.96
C GLN H 116 4.50 70.40 35.13
N SER H 117 3.78 70.48 34.02
CA SER H 117 2.32 70.56 34.09
C SER H 117 1.73 69.34 34.77
N GLU H 118 2.21 68.15 34.41
CA GLU H 118 1.74 66.94 35.07
C GLU H 118 2.22 66.84 36.51
N LEU H 119 3.28 67.55 36.87
CA LEU H 119 3.81 67.48 38.23
C LEU H 119 2.71 67.72 39.26
N LEU H 120 1.94 68.79 39.10
CA LEU H 120 0.91 69.11 40.08
C LEU H 120 -0.09 67.97 40.22
N GLY H 121 -0.34 67.22 39.15
CA GLY H 121 -1.20 66.06 39.23
C GLY H 121 -0.51 64.87 39.86
N ALA H 122 0.00 65.07 41.08
CA ALA H 122 0.77 64.04 41.78
C ALA H 122 -0.21 63.13 42.52
N ALA H 123 -0.54 62.01 41.87
CA ALA H 123 -1.44 61.05 42.50
C ALA H 123 -0.90 60.57 43.84
N ASP H 124 0.42 60.50 43.97
CA ASP H 124 1.07 60.08 45.21
C ASP H 124 2.51 60.56 45.15
N GLU H 125 3.27 60.27 46.22
CA GLU H 125 4.66 60.72 46.28
C GLU H 125 5.49 60.11 45.16
N ALA H 126 5.42 58.78 45.00
CA ALA H 126 6.26 58.11 44.02
C ALA H 126 5.95 58.60 42.61
N THR H 127 4.68 58.86 42.33
CA THR H 127 4.32 59.42 41.03
C THR H 127 5.01 60.77 40.81
N ARG H 128 5.02 61.61 41.84
CA ARG H 128 5.71 62.89 41.71
C ARG H 128 7.20 62.69 41.50
N ALA H 129 7.79 61.72 42.20
CA ALA H 129 9.21 61.42 42.00
C ALA H 129 9.48 61.07 40.56
N GLU H 130 8.62 60.21 39.98
CA GLU H 130 8.76 59.84 38.58
C GLU H 130 8.66 61.08 37.68
N ILE H 131 7.62 61.87 37.91
CA ILE H 131 7.37 63.03 37.04
C ILE H 131 8.56 63.98 37.08
N GLN H 132 9.03 64.32 38.26
CA GLN H 132 10.08 65.32 38.31
C GLN H 132 11.47 64.73 38.19
N ILE H 133 11.59 63.41 38.10
CA ILE H 133 12.74 62.83 37.40
C ILE H 133 12.67 63.16 35.92
N ARG H 134 11.48 63.10 35.34
CA ARG H 134 11.35 63.51 33.93
C ARG H 134 11.72 64.98 33.77
N ILE H 135 11.23 65.83 34.67
CA ILE H 135 11.69 67.23 34.70
C ILE H 135 13.20 67.32 34.86
N GLU H 136 13.80 66.51 35.73
CA GLU H 136 15.26 66.57 35.87
C GLU H 136 15.95 66.29 34.55
N ALA H 137 15.54 65.21 33.88
CA ALA H 137 16.18 64.83 32.62
C ALA H 137 15.98 65.90 31.55
N ASN H 138 14.77 66.44 31.45
CA ASN H 138 14.51 67.46 30.44
C ASN H 138 15.29 68.73 30.73
N GLU H 139 15.42 69.09 32.00
CA GLU H 139 16.24 70.24 32.37
C GLU H 139 17.68 70.02 31.96
N ALA H 140 18.20 68.82 32.20
CA ALA H 140 19.56 68.51 31.78
C ALA H 140 19.69 68.63 30.27
N LEU H 141 18.69 68.14 29.54
CA LEU H 141 18.74 68.21 28.07
C LEU H 141 18.78 69.65 27.59
N VAL H 142 17.88 70.50 28.10
CA VAL H 142 17.84 71.89 27.66
C VAL H 142 19.12 72.59 28.03
N LYS H 143 19.63 72.35 29.25
CA LYS H 143 20.88 72.98 29.66
C LYS H 143 22.03 72.57 28.75
N ALA H 144 22.09 71.30 28.39
CA ALA H 144 23.13 70.85 27.46
C ALA H 144 22.98 71.55 26.11
N LEU H 145 21.75 71.65 25.62
CA LEU H 145 21.51 72.33 24.35
C LEU H 145 21.36 73.84 24.51
N GLU H 146 21.45 74.36 25.73
CA GLU H 146 21.43 75.80 25.95
C GLU H 146 22.76 76.26 26.55
N VAL I 1 21.55 60.23 49.31
CA VAL I 1 20.29 59.50 49.00
C VAL I 1 19.36 60.38 48.17
N ALA I 2 19.31 60.11 46.86
CA ALA I 2 18.46 60.88 45.97
C ALA I 2 17.02 60.90 46.47
N TYR I 3 16.23 61.85 45.99
CA TYR I 3 14.83 61.92 46.39
C TYR I 3 14.08 60.65 45.99
N TRP I 4 14.31 60.15 44.77
CA TRP I 4 13.54 59.00 44.31
C TRP I 4 13.86 57.76 45.13
N ARG I 5 15.06 57.69 45.71
CA ARG I 5 15.35 56.56 46.58
C ARG I 5 14.63 56.69 47.92
N GLN I 6 14.36 57.92 48.36
CA GLN I 6 13.51 58.14 49.52
C GLN I 6 12.08 57.67 49.27
N ALA I 7 11.71 57.50 48.00
CA ALA I 7 10.39 56.98 47.64
C ALA I 7 10.41 55.47 47.49
N GLY I 8 11.52 54.80 47.78
CA GLY I 8 11.60 53.37 47.67
C GLY I 8 11.82 52.83 46.28
N LEU I 9 12.19 53.69 45.33
CA LEU I 9 12.44 53.25 43.97
C LEU I 9 13.82 52.61 43.86
N SER I 10 14.16 52.18 42.65
CA SER I 10 15.43 51.55 42.35
C SER I 10 16.04 52.22 41.14
N TYR I 11 17.36 52.23 41.07
CA TYR I 11 18.03 52.96 40.00
C TYR I 11 17.63 52.46 38.62
N ILE I 12 17.12 51.23 38.50
CA ILE I 12 16.67 50.75 37.20
C ILE I 12 15.50 51.57 36.71
N ARG I 13 14.54 51.86 37.59
CA ARG I 13 13.43 52.72 37.19
C ARG I 13 13.89 54.13 36.86
N TYR I 14 14.85 54.65 37.63
CA TYR I 14 15.41 55.95 37.32
C TYR I 14 16.02 55.97 35.93
N SER I 15 16.78 54.94 35.59
CA SER I 15 17.38 54.85 34.27
C SER I 15 16.32 54.71 33.19
N GLN I 16 15.25 53.97 33.46
CA GLN I 16 14.15 53.87 32.51
C GLN I 16 13.55 55.25 32.23
N ILE I 17 13.26 56.00 33.28
CA ILE I 17 12.64 57.31 33.10
C ILE I 17 13.57 58.24 32.34
N CYS I 18 14.85 58.25 32.72
CA CYS I 18 15.81 59.11 32.02
C CYS I 18 15.97 58.70 30.57
N ALA I 19 15.95 57.39 30.29
CA ALA I 19 16.03 56.93 28.91
C ALA I 19 14.84 57.41 28.11
N LYS I 20 13.63 57.34 28.70
CA LYS I 20 12.47 57.87 28.00
C LYS I 20 12.62 59.36 27.76
N ALA I 21 13.12 60.09 28.76
CA ALA I 21 13.23 61.55 28.64
C ALA I 21 14.28 61.95 27.62
N VAL I 22 15.27 61.10 27.37
CA VAL I 22 16.31 61.44 26.40
C VAL I 22 15.98 60.91 25.01
N ARG I 23 15.27 59.80 24.91
CA ARG I 23 14.94 59.20 23.62
C ARG I 23 13.73 59.84 22.97
N ASP I 24 12.96 60.63 23.70
CA ASP I 24 11.82 61.35 23.14
C ASP I 24 12.21 62.69 22.55
N ALA I 25 13.45 63.12 22.71
CA ALA I 25 13.92 64.43 22.27
C ALA I 25 14.98 64.30 21.19
N LEU I 26 14.77 63.36 20.26
CA LEU I 26 15.67 63.18 19.13
C LEU I 26 15.04 63.75 17.86
N LYS I 27 15.90 64.04 16.90
CA LYS I 27 15.42 64.46 15.58
C LYS I 27 14.35 63.48 15.09
N THR I 28 13.35 64.02 14.40
CA THR I 28 12.17 63.22 14.07
C THR I 28 12.55 61.93 13.34
N GLU I 29 13.53 62.01 12.43
CA GLU I 29 13.94 60.80 11.71
C GLU I 29 14.53 59.76 12.65
N PHE I 30 15.32 60.21 13.63
CA PHE I 30 16.01 59.28 14.52
C PHE I 30 15.04 58.50 15.40
N LYS I 31 13.82 58.97 15.59
CA LYS I 31 12.90 58.31 16.52
C LYS I 31 12.50 56.93 16.02
N ALA I 32 12.38 56.77 14.70
CA ALA I 32 12.02 55.47 14.15
C ALA I 32 13.08 54.42 14.49
N ASN I 33 14.36 54.78 14.34
CA ASN I 33 15.42 53.85 14.71
C ASN I 33 15.50 53.69 16.21
N ALA I 34 15.24 54.76 16.97
CA ALA I 34 15.32 54.69 18.42
C ALA I 34 14.22 53.81 19.00
N MET I 35 13.09 53.67 18.32
CA MET I 35 12.06 52.75 18.79
C MET I 35 12.61 51.33 18.86
N LYS I 36 13.31 50.90 17.84
CA LYS I 36 14.07 49.67 17.91
C LYS I 36 15.11 49.77 19.04
N THR I 37 15.70 48.62 19.37
CA THR I 37 16.78 48.58 20.36
C THR I 37 16.36 49.28 21.65
N SER I 38 15.07 49.15 21.99
CA SER I 38 14.50 49.79 23.16
C SER I 38 13.07 49.31 23.31
N GLY I 39 12.53 49.48 24.51
CA GLY I 39 11.16 49.09 24.77
C GLY I 39 11.04 47.59 24.96
N SER I 40 10.65 47.17 26.15
CA SER I 40 10.56 45.76 26.45
C SER I 40 9.37 45.12 25.75
N THR I 41 9.46 43.80 25.58
CA THR I 41 8.34 43.00 25.11
C THR I 41 8.09 41.81 26.02
N ILE I 42 8.73 41.76 27.18
CA ILE I 42 8.67 40.60 28.06
C ILE I 42 7.39 40.66 28.88
N LYS I 43 6.88 39.48 29.24
CA LYS I 43 5.73 39.34 30.11
C LYS I 43 6.17 38.62 31.38
N ILE I 44 5.39 38.81 32.44
CA ILE I 44 5.63 38.17 33.73
C ILE I 44 4.43 37.31 34.07
N VAL I 45 4.67 36.07 34.48
CA VAL I 45 3.61 35.15 34.87
C VAL I 45 3.63 35.02 36.39
N LYS I 46 2.52 35.39 37.01
CA LYS I 46 2.41 35.29 38.46
C LYS I 46 2.59 33.84 38.90
N VAL I 47 3.42 33.64 39.92
CA VAL I 47 3.68 32.30 40.43
C VAL I 47 3.13 32.18 41.84
N VAL J 8 5.64 13.11 -9.67
CA VAL J 8 4.84 13.11 -8.45
C VAL J 8 5.09 14.41 -7.69
N ARG J 9 4.01 15.06 -7.27
CA ARG J 9 4.05 16.40 -6.69
C ARG J 9 3.61 16.35 -5.23
N SER J 10 3.56 17.54 -4.63
CA SER J 10 2.99 17.74 -3.31
C SER J 10 2.01 18.91 -3.36
N SER J 11 1.04 18.87 -2.46
CA SER J 11 -0.04 19.86 -2.44
C SER J 11 -0.22 20.37 -1.02
N ALA J 12 -0.91 21.50 -0.91
CA ALA J 12 -1.16 22.11 0.38
C ALA J 12 -2.09 21.23 1.20
N GLY J 13 -1.95 21.34 2.52
CA GLY J 13 -2.79 20.55 3.42
C GLY J 13 -2.62 19.07 3.23
N ALA J 14 -1.39 18.62 3.04
CA ALA J 14 -1.10 17.20 2.89
C ALA J 14 -0.61 16.55 4.17
N VAL J 15 -0.01 17.32 5.07
CA VAL J 15 0.49 16.74 6.31
C VAL J 15 -0.65 16.14 7.11
N ARG J 16 -1.81 16.79 7.11
CA ARG J 16 -2.98 16.30 7.81
C ARG J 16 -3.83 15.38 6.95
N ASP J 17 -3.50 15.22 5.67
CA ASP J 17 -4.20 14.24 4.85
C ASP J 17 -3.62 12.85 5.05
N ALA J 18 -2.30 12.75 5.23
CA ALA J 18 -1.69 11.47 5.55
C ALA J 18 -2.22 10.92 6.86
N GLY J 19 -2.35 11.77 7.87
CA GLY J 19 -2.78 11.32 9.18
C GLY J 19 -1.74 10.52 9.91
N GLY J 20 -0.47 10.69 9.60
CA GLY J 20 0.58 9.96 10.27
C GLY J 20 0.76 10.45 11.68
N ALA J 21 2.01 10.66 12.10
CA ALA J 21 2.25 11.23 13.42
C ALA J 21 2.21 12.75 13.38
N PHE J 22 2.79 13.34 12.33
CA PHE J 22 2.75 14.79 12.22
C PHE J 22 1.32 15.31 12.11
N GLY J 23 0.43 14.54 11.49
CA GLY J 23 -0.94 14.99 11.38
C GLY J 23 -1.63 15.10 12.73
N LYS J 24 -1.50 14.07 13.57
CA LYS J 24 -2.08 14.13 14.90
C LYS J 24 -1.39 15.17 15.76
N ARG J 25 -0.07 15.27 15.65
CA ARG J 25 0.66 16.28 16.40
C ARG J 25 0.16 17.68 16.06
N GLU J 26 -0.01 17.97 14.77
CA GLU J 26 -0.51 19.27 14.37
C GLU J 26 -1.94 19.50 14.85
N GLN J 27 -2.79 18.48 14.73
CA GLN J 27 -4.16 18.61 15.20
C GLN J 27 -4.19 18.99 16.68
N ALA J 28 -3.39 18.31 17.49
CA ALA J 28 -3.37 18.61 18.91
C ALA J 28 -2.77 19.98 19.20
N GLU J 29 -1.68 20.33 18.52
CA GLU J 29 -1.09 21.65 18.70
C GLU J 29 -2.10 22.74 18.41
N GLU J 30 -2.98 22.51 17.44
CA GLU J 30 -4.02 23.49 17.14
C GLU J 30 -5.11 23.48 18.22
N GLU J 31 -5.55 22.29 18.61
CA GLU J 31 -6.71 22.19 19.49
C GLU J 31 -6.40 22.73 20.87
N ARG J 32 -5.22 22.46 21.40
CA ARG J 32 -4.88 22.99 22.73
C ARG J 32 -4.86 24.52 22.71
N TYR J 33 -4.23 25.10 21.69
CA TYR J 33 -4.14 26.55 21.62
C TYR J 33 -5.53 27.17 21.54
N PHE J 34 -6.40 26.62 20.69
CA PHE J 34 -7.70 27.24 20.55
C PHE J 34 -8.63 26.93 21.70
N ARG J 35 -8.41 25.84 22.43
CA ARG J 35 -9.13 25.65 23.68
C ARG J 35 -8.75 26.74 24.67
N ALA J 36 -7.45 27.03 24.79
CA ALA J 36 -7.02 28.09 25.69
C ALA J 36 -7.64 29.43 25.30
N ARG J 37 -7.58 29.77 24.01
CA ARG J 37 -8.12 31.05 23.59
C ARG J 37 -9.64 31.11 23.75
N ALA J 38 -10.34 29.98 23.55
CA ALA J 38 -11.77 29.95 23.81
C ALA J 38 -12.06 30.19 25.28
N LYS J 39 -11.25 29.62 26.16
CA LYS J 39 -11.44 29.87 27.60
C LYS J 39 -11.27 31.34 27.92
N GLU J 40 -10.21 31.97 27.38
CA GLU J 40 -9.99 33.39 27.63
C GLU J 40 -11.14 34.23 27.11
N GLN J 41 -11.61 33.93 25.90
CA GLN J 41 -12.70 34.71 25.32
C GLN J 41 -14.00 34.50 26.08
N LEU J 42 -14.23 33.30 26.59
CA LEU J 42 -15.43 33.07 27.38
C LEU J 42 -15.38 33.85 28.69
N ALA J 43 -14.21 33.89 29.32
CA ALA J 43 -14.06 34.70 30.53
C ALA J 43 -14.36 36.17 30.23
N ALA J 44 -13.81 36.69 29.14
CA ALA J 44 -14.07 38.08 28.77
C ALA J 44 -15.55 38.29 28.48
N LEU J 45 -16.20 37.31 27.85
CA LEU J 45 -17.62 37.44 27.55
C LEU J 45 -18.45 37.49 28.83
N LYS J 46 -18.11 36.66 29.82
CA LYS J 46 -18.80 36.71 31.10
C LYS J 46 -18.60 38.07 31.77
N LYS J 47 -17.36 38.58 31.75
CA LYS J 47 -17.09 39.87 32.35
C LYS J 47 -17.90 40.97 31.68
N HIS J 48 -17.96 40.95 30.34
CA HIS J 48 -18.75 41.94 29.63
C HIS J 48 -20.23 41.81 29.96
N HIS J 49 -20.73 40.58 30.07
CA HIS J 49 -22.11 40.36 30.46
C HIS J 49 -22.41 41.06 31.78
N GLU J 50 -21.59 40.77 32.80
CA GLU J 50 -21.83 41.35 34.11
C GLU J 50 -21.72 42.87 34.07
N ASN J 51 -20.70 43.39 33.38
CA ASN J 51 -20.48 44.83 33.35
C ASN J 51 -21.53 45.56 32.53
N GLU J 52 -22.26 44.86 31.67
CA GLU J 52 -23.31 45.49 30.87
C GLU J 52 -24.71 45.17 31.37
N ILE J 53 -24.85 44.36 32.43
CA ILE J 53 -26.18 44.09 32.96
C ILE J 53 -26.88 45.40 33.32
N SER J 54 -26.16 46.31 33.98
CA SER J 54 -26.74 47.58 34.41
C SER J 54 -26.98 48.49 33.20
N PHE K 1 -32.92 -16.93 -40.93
CA PHE K 1 -32.17 -18.13 -41.40
C PHE K 1 -33.15 -19.27 -41.68
N ALA K 2 -32.63 -20.37 -42.22
CA ALA K 2 -33.46 -21.53 -42.53
C ALA K 2 -33.77 -22.29 -41.25
N LYS K 3 -35.06 -22.40 -40.92
CA LYS K 3 -35.45 -23.04 -39.68
C LYS K 3 -35.11 -24.53 -39.72
N LEU K 4 -33.88 -24.86 -39.32
CA LEU K 4 -33.45 -26.25 -39.33
C LEU K 4 -34.30 -27.08 -38.38
N VAL K 5 -34.53 -28.33 -38.76
CA VAL K 5 -35.26 -29.28 -37.93
C VAL K 5 -34.26 -29.90 -36.96
N ARG K 6 -34.56 -29.80 -35.66
CA ARG K 6 -33.61 -30.24 -34.66
C ARG K 6 -33.56 -31.77 -34.60
N PRO K 7 -32.40 -32.34 -34.30
CA PRO K 7 -32.31 -33.78 -34.13
C PRO K 7 -32.94 -34.21 -32.82
N PRO K 8 -33.17 -35.51 -32.63
CA PRO K 8 -33.78 -35.95 -31.37
C PRO K 8 -32.82 -35.80 -30.20
N VAL K 9 -31.65 -36.42 -30.31
CA VAL K 9 -30.61 -36.31 -29.31
C VAL K 9 -29.63 -35.23 -29.76
N GLN K 10 -29.37 -34.26 -28.88
CA GLN K 10 -28.50 -33.15 -29.19
C GLN K 10 -27.05 -33.56 -28.92
N ILE K 11 -26.26 -33.66 -29.97
CA ILE K 11 -24.82 -33.87 -29.84
C ILE K 11 -24.16 -32.51 -29.88
N TYR K 12 -23.12 -32.33 -29.08
CA TYR K 12 -22.49 -31.03 -28.91
C TYR K 12 -21.01 -31.11 -29.25
N GLY K 13 -20.46 -29.98 -29.68
CA GLY K 13 -19.10 -29.89 -30.14
C GLY K 13 -19.05 -29.64 -31.64
N ILE K 14 -17.84 -29.70 -32.18
CA ILE K 14 -17.67 -29.53 -33.61
C ILE K 14 -18.40 -30.62 -34.38
N GLU K 15 -18.19 -31.88 -33.96
CA GLU K 15 -18.90 -32.98 -34.58
C GLU K 15 -20.41 -32.80 -34.41
N GLY K 16 -20.83 -32.29 -33.27
CA GLY K 16 -22.24 -32.08 -33.06
C GLY K 16 -22.83 -31.09 -34.04
N ARG K 17 -22.13 -29.98 -34.27
CA ARG K 17 -22.66 -28.97 -35.19
C ARG K 17 -22.68 -29.49 -36.62
N TYR K 18 -21.60 -30.15 -37.07
CA TYR K 18 -21.62 -30.70 -38.42
C TYR K 18 -22.71 -31.75 -38.57
N ALA K 19 -22.86 -32.63 -37.58
CA ALA K 19 -23.86 -33.68 -37.67
C ALA K 19 -25.26 -33.12 -37.62
N THR K 20 -25.50 -32.08 -36.82
CA THR K 20 -26.82 -31.47 -36.79
C THR K 20 -27.14 -30.79 -38.10
N ALA K 21 -26.14 -30.16 -38.72
CA ALA K 21 -26.35 -29.59 -40.05
C ALA K 21 -26.72 -30.69 -41.04
N LEU K 22 -25.99 -31.80 -41.02
CA LEU K 22 -26.29 -32.90 -41.94
C LEU K 22 -27.68 -33.47 -41.68
N TYR K 23 -28.04 -33.64 -40.42
CA TYR K 23 -29.34 -34.20 -40.09
C TYR K 23 -30.46 -33.28 -40.52
N SER K 24 -30.29 -31.97 -40.31
CA SER K 24 -31.32 -31.03 -40.76
C SER K 24 -31.42 -31.04 -42.28
N ALA K 25 -30.29 -31.10 -42.97
CA ALA K 25 -30.33 -31.13 -44.43
C ALA K 25 -31.03 -32.37 -44.93
N ALA K 26 -30.74 -33.52 -44.33
CA ALA K 26 -31.32 -34.77 -44.80
C ALA K 26 -32.79 -34.87 -44.45
N SER K 27 -33.18 -34.41 -43.26
CA SER K 27 -34.56 -34.58 -42.80
C SER K 27 -35.54 -33.92 -43.76
N LYS K 28 -35.23 -32.70 -44.21
CA LYS K 28 -35.94 -32.13 -45.33
C LYS K 28 -35.38 -32.73 -46.61
N GLN K 29 -36.27 -33.02 -47.57
CA GLN K 29 -35.98 -33.85 -48.73
C GLN K 29 -36.14 -35.32 -48.37
N ASN K 30 -35.91 -35.67 -47.11
CA ASN K 30 -36.04 -37.04 -46.65
C ASN K 30 -35.00 -37.93 -47.32
N LYS K 31 -33.83 -38.09 -46.68
CA LYS K 31 -32.82 -39.02 -47.18
C LYS K 31 -31.99 -39.58 -46.04
N LEU K 32 -32.58 -39.70 -44.85
CA LEU K 32 -31.81 -40.03 -43.66
C LEU K 32 -31.19 -41.43 -43.76
N GLU K 33 -31.95 -42.41 -44.25
CA GLU K 33 -31.43 -43.77 -44.32
C GLU K 33 -30.31 -43.87 -45.35
N GLN K 34 -30.54 -43.32 -46.54
CA GLN K 34 -29.52 -43.38 -47.58
C GLN K 34 -28.27 -42.62 -47.15
N VAL K 35 -28.45 -41.44 -46.55
CA VAL K 35 -27.29 -40.66 -46.14
C VAL K 35 -26.53 -41.36 -45.03
N GLU K 36 -27.24 -42.04 -44.12
CA GLU K 36 -26.55 -42.81 -43.10
C GLU K 36 -25.76 -43.96 -43.71
N LYS K 37 -26.33 -44.64 -44.70
CA LYS K 37 -25.58 -45.70 -45.37
C LYS K 37 -24.33 -45.15 -46.04
N GLU K 38 -24.46 -44.01 -46.71
CA GLU K 38 -23.30 -43.39 -47.34
C GLU K 38 -22.26 -42.96 -46.31
N LEU K 39 -22.72 -42.50 -45.15
CA LEU K 39 -21.80 -42.14 -44.09
C LEU K 39 -21.02 -43.35 -43.60
N LEU K 40 -21.71 -44.48 -43.42
CA LEU K 40 -21.02 -45.70 -43.04
C LEU K 40 -20.01 -46.10 -44.13
N ARG K 41 -20.38 -45.91 -45.39
CA ARG K 41 -19.46 -46.22 -46.49
C ARG K 41 -18.20 -45.38 -46.38
N VAL K 42 -18.35 -44.05 -46.27
CA VAL K 42 -17.19 -43.19 -46.15
C VAL K 42 -16.42 -43.49 -44.88
N GLY K 43 -17.07 -44.10 -43.89
CA GLY K 43 -16.35 -44.52 -42.70
C GLY K 43 -15.19 -45.42 -43.02
N GLN K 44 -15.38 -46.35 -43.97
CA GLN K 44 -14.30 -47.21 -44.43
C GLN K 44 -13.48 -46.58 -45.55
N ILE K 45 -14.13 -45.83 -46.45
CA ILE K 45 -13.42 -45.31 -47.61
C ILE K 45 -12.22 -44.47 -47.17
N LEU K 46 -12.44 -43.53 -46.27
CA LEU K 46 -11.34 -42.68 -45.80
C LEU K 46 -10.38 -43.45 -44.93
N LYS K 47 -10.85 -44.51 -44.26
CA LYS K 47 -9.99 -45.27 -43.36
C LYS K 47 -8.89 -46.02 -44.10
N GLU K 48 -8.95 -46.09 -45.42
CA GLU K 48 -7.92 -46.80 -46.18
C GLU K 48 -6.54 -46.24 -45.83
N PRO K 49 -5.55 -47.08 -45.56
CA PRO K 49 -4.26 -46.56 -45.07
C PRO K 49 -3.66 -45.50 -45.99
N LYS K 50 -3.76 -45.69 -47.31
CA LYS K 50 -3.24 -44.70 -48.23
C LYS K 50 -4.01 -43.38 -48.09
N MET K 51 -5.33 -43.44 -48.14
CA MET K 51 -6.13 -42.22 -48.03
C MET K 51 -5.92 -41.56 -46.67
N ALA K 52 -5.91 -42.35 -45.60
CA ALA K 52 -5.70 -41.79 -44.27
C ALA K 52 -4.35 -41.10 -44.18
N ALA K 53 -3.30 -41.73 -44.72
CA ALA K 53 -1.98 -41.12 -44.69
C ALA K 53 -1.93 -39.87 -45.54
N SER K 54 -2.74 -39.80 -46.60
CA SER K 54 -2.76 -38.64 -47.48
C SER K 54 -3.70 -37.54 -47.00
N LEU K 55 -4.53 -37.80 -45.99
CA LEU K 55 -5.46 -36.81 -45.48
C LEU K 55 -5.11 -36.31 -44.09
N LEU K 56 -4.22 -36.99 -43.37
CA LEU K 56 -3.75 -36.53 -42.08
C LEU K 56 -2.46 -35.74 -42.17
N ASN K 57 -1.97 -35.47 -43.37
CA ASN K 57 -0.78 -34.66 -43.56
C ASN K 57 -1.22 -33.24 -43.87
N PRO K 58 -1.02 -32.27 -42.98
CA PRO K 58 -1.48 -30.90 -43.23
C PRO K 58 -0.64 -30.12 -44.23
N TYR K 59 0.30 -30.76 -44.92
CA TYR K 59 1.15 -30.08 -45.88
C TYR K 59 0.73 -30.33 -47.32
N VAL K 60 -0.20 -31.26 -47.54
CA VAL K 60 -0.93 -31.31 -48.80
C VAL K 60 -2.00 -30.24 -48.76
N LYS K 61 -2.03 -29.39 -49.78
CA LYS K 61 -2.90 -28.23 -49.73
C LYS K 61 -4.36 -28.66 -49.65
N ARG K 62 -5.19 -27.81 -49.01
CA ARG K 62 -6.61 -28.11 -48.97
C ARG K 62 -7.19 -28.29 -50.36
N SER K 63 -6.61 -27.62 -51.37
CA SER K 63 -7.07 -27.80 -52.74
C SER K 63 -6.92 -29.24 -53.17
N VAL K 64 -5.75 -29.83 -52.94
CA VAL K 64 -5.52 -31.22 -53.34
C VAL K 64 -6.44 -32.15 -52.58
N LYS K 65 -6.63 -31.90 -51.29
CA LYS K 65 -7.52 -32.75 -50.49
C LYS K 65 -8.94 -32.69 -51.02
N VAL K 66 -9.44 -31.49 -51.32
CA VAL K 66 -10.80 -31.36 -51.83
C VAL K 66 -10.91 -32.04 -53.20
N LYS K 67 -9.90 -31.90 -54.04
CA LYS K 67 -9.96 -32.54 -55.35
C LYS K 67 -9.98 -34.06 -55.23
N SER K 68 -9.12 -34.61 -54.37
CA SER K 68 -9.10 -36.06 -54.17
C SER K 68 -10.43 -36.55 -53.61
N LEU K 69 -11.01 -35.81 -52.67
CA LEU K 69 -12.28 -36.22 -52.10
C LEU K 69 -13.42 -36.11 -53.12
N SER K 70 -13.38 -35.10 -53.99
CA SER K 70 -14.36 -35.03 -55.06
C SER K 70 -14.24 -36.22 -55.98
N ASP K 71 -13.00 -36.60 -56.32
CA ASP K 71 -12.80 -37.77 -57.17
C ASP K 71 -13.33 -39.03 -56.49
N MET K 72 -13.06 -39.19 -55.19
CA MET K 72 -13.55 -40.38 -54.49
C MET K 72 -15.08 -40.39 -54.44
N THR K 73 -15.70 -39.25 -54.16
CA THR K 73 -17.16 -39.20 -54.08
C THR K 73 -17.79 -39.50 -55.43
N ALA K 74 -17.25 -38.93 -56.51
CA ALA K 74 -17.76 -39.23 -57.84
C ALA K 74 -17.56 -40.70 -58.17
N LYS K 75 -16.41 -41.27 -57.79
CA LYS K 75 -16.13 -42.68 -58.04
C LYS K 75 -17.03 -43.60 -57.24
N GLU K 76 -17.78 -43.09 -56.26
CA GLU K 76 -18.64 -43.90 -55.42
C GLU K 76 -20.12 -43.58 -55.56
N LYS K 77 -20.48 -42.58 -56.35
CA LYS K 77 -21.87 -42.25 -56.57
C LYS K 77 -22.62 -42.05 -55.26
N PHE K 78 -22.41 -40.91 -54.61
CA PHE K 78 -23.11 -40.55 -53.39
C PHE K 78 -24.23 -39.57 -53.67
N SER K 79 -25.07 -39.39 -52.66
CA SER K 79 -26.04 -38.31 -52.67
C SER K 79 -25.30 -36.98 -52.67
N PRO K 80 -25.87 -35.93 -53.27
CA PRO K 80 -25.22 -34.62 -53.17
C PRO K 80 -25.02 -34.17 -51.73
N LEU K 81 -25.88 -34.62 -50.81
CA LEU K 81 -25.74 -34.24 -49.41
C LEU K 81 -24.43 -34.72 -48.83
N THR K 82 -24.12 -36.01 -49.01
CA THR K 82 -22.88 -36.53 -48.44
C THR K 82 -21.66 -35.95 -49.14
N SER K 83 -21.74 -35.77 -50.46
CA SER K 83 -20.62 -35.17 -51.17
C SER K 83 -20.35 -33.75 -50.68
N ASN K 84 -21.41 -32.96 -50.48
CA ASN K 84 -21.25 -31.61 -49.98
C ASN K 84 -20.74 -31.62 -48.55
N LEU K 85 -21.19 -32.56 -47.73
CA LEU K 85 -20.69 -32.65 -46.36
C LEU K 85 -19.20 -32.95 -46.35
N ILE K 86 -18.75 -33.89 -47.18
CA ILE K 86 -17.32 -34.20 -47.22
C ILE K 86 -16.54 -33.00 -47.73
N ASN K 87 -17.06 -32.32 -48.75
CA ASN K 87 -16.40 -31.13 -49.25
C ASN K 87 -16.27 -30.08 -48.14
N LEU K 88 -17.34 -29.89 -47.38
CA LEU K 88 -17.35 -28.89 -46.33
C LEU K 88 -16.38 -29.23 -45.21
N LEU K 89 -16.34 -30.50 -44.81
CA LEU K 89 -15.36 -30.92 -43.81
C LEU K 89 -13.95 -30.75 -44.33
N ALA K 90 -13.73 -30.94 -45.63
CA ALA K 90 -12.39 -30.81 -46.18
C ALA K 90 -11.96 -29.34 -46.25
N GLU K 91 -12.86 -28.46 -46.68
CA GLU K 91 -12.52 -27.04 -46.76
C GLU K 91 -12.17 -26.49 -45.39
N ASN K 92 -12.99 -26.79 -44.38
CA ASN K 92 -12.75 -26.30 -43.03
C ASN K 92 -11.60 -27.02 -42.35
N GLY K 93 -11.03 -28.04 -42.98
CA GLY K 93 -9.92 -28.76 -42.37
C GLY K 93 -10.33 -29.68 -41.26
N ARG K 94 -11.61 -30.05 -41.20
CA ARG K 94 -12.15 -30.88 -40.13
C ARG K 94 -12.13 -32.35 -40.47
N LEU K 95 -11.15 -32.81 -41.25
CA LEU K 95 -11.09 -34.22 -41.60
C LEU K 95 -10.60 -35.07 -40.44
N THR K 96 -9.70 -34.54 -39.60
CA THR K 96 -9.16 -35.33 -38.52
C THR K 96 -10.24 -35.75 -37.52
N ASN K 97 -11.39 -35.09 -37.54
CA ASN K 97 -12.52 -35.46 -36.70
C ASN K 97 -13.72 -35.85 -37.53
N THR K 98 -13.47 -36.39 -38.73
CA THR K 98 -14.56 -36.93 -39.54
C THR K 98 -15.25 -38.11 -38.86
N PRO K 99 -14.56 -39.14 -38.39
CA PRO K 99 -15.28 -40.26 -37.74
C PRO K 99 -16.18 -39.82 -36.61
N ALA K 100 -15.73 -38.86 -35.80
CA ALA K 100 -16.58 -38.34 -34.74
C ALA K 100 -17.89 -37.82 -35.29
N VAL K 101 -17.90 -37.33 -36.53
CA VAL K 101 -19.16 -36.94 -37.15
C VAL K 101 -20.00 -38.16 -37.48
N ILE K 102 -19.40 -39.14 -38.18
CA ILE K 102 -20.13 -40.35 -38.51
C ILE K 102 -20.63 -41.03 -37.25
N SER K 103 -19.81 -41.06 -36.21
CA SER K 103 -20.28 -41.56 -34.93
C SER K 103 -21.46 -40.74 -34.44
N ALA K 104 -21.32 -39.42 -34.42
CA ALA K 104 -22.39 -38.57 -33.91
C ALA K 104 -23.70 -38.85 -34.65
N PHE K 105 -23.66 -38.80 -35.98
CA PHE K 105 -24.86 -39.05 -36.75
C PHE K 105 -25.46 -40.41 -36.39
N SER K 106 -24.61 -41.41 -36.18
CA SER K 106 -25.13 -42.71 -35.75
C SER K 106 -25.91 -42.56 -34.46
N THR K 107 -25.29 -41.96 -33.45
CA THR K 107 -26.02 -41.68 -32.21
C THR K 107 -27.27 -40.87 -32.49
N MET K 108 -27.21 -39.99 -33.49
CA MET K 108 -28.33 -39.13 -33.81
C MET K 108 -29.38 -39.87 -34.64
N MET K 109 -28.96 -40.89 -35.39
CA MET K 109 -29.91 -41.64 -36.20
C MET K 109 -30.57 -42.76 -35.40
N SER K 110 -29.81 -43.40 -34.51
CA SER K 110 -30.39 -44.47 -33.71
C SER K 110 -31.58 -43.97 -32.92
N VAL K 111 -31.46 -42.80 -32.30
CA VAL K 111 -32.58 -42.24 -31.56
C VAL K 111 -33.72 -41.87 -32.51
N HIS K 112 -33.39 -41.50 -33.75
CA HIS K 112 -34.46 -41.15 -34.69
C HIS K 112 -35.37 -42.34 -34.94
N ARG K 113 -34.80 -43.52 -35.14
CA ARG K 113 -35.57 -44.73 -35.34
C ARG K 113 -36.03 -45.35 -34.02
N GLY K 114 -35.92 -44.64 -32.91
CA GLY K 114 -36.39 -45.13 -31.64
C GLY K 114 -35.52 -46.21 -31.05
N GLU K 115 -34.57 -45.83 -30.21
CA GLU K 115 -33.73 -46.80 -29.50
C GLU K 115 -33.26 -46.17 -28.20
N VAL K 116 -33.28 -46.95 -27.14
CA VAL K 116 -32.85 -46.52 -25.82
C VAL K 116 -31.75 -47.46 -25.34
N PRO K 117 -30.48 -47.06 -25.46
CA PRO K 117 -29.41 -47.98 -25.08
C PRO K 117 -29.55 -48.41 -23.63
N CYS K 118 -29.29 -49.68 -23.38
CA CYS K 118 -29.45 -50.27 -22.06
C CYS K 118 -28.20 -51.01 -21.67
N THR K 119 -27.99 -51.13 -20.36
CA THR K 119 -26.84 -51.83 -19.82
C THR K 119 -27.28 -52.67 -18.64
N VAL K 120 -26.79 -53.91 -18.57
CA VAL K 120 -27.03 -54.78 -17.44
C VAL K 120 -25.69 -55.31 -16.95
N THR K 121 -25.46 -55.23 -15.64
CA THR K 121 -24.21 -55.65 -15.03
C THR K 121 -24.51 -56.61 -13.89
N THR K 122 -23.80 -57.73 -13.90
CA THR K 122 -23.98 -58.79 -12.91
C THR K 122 -22.62 -59.39 -12.58
N ALA K 123 -22.58 -60.08 -11.45
CA ALA K 123 -21.34 -60.74 -11.05
C ALA K 123 -20.94 -61.82 -12.05
N SER K 124 -21.91 -62.60 -12.53
CA SER K 124 -21.66 -63.69 -13.45
C SER K 124 -22.67 -63.63 -14.59
N ALA K 125 -22.42 -64.41 -15.63
CA ALA K 125 -23.29 -64.42 -16.81
C ALA K 125 -24.70 -64.84 -16.44
N LEU K 126 -25.57 -64.90 -17.44
CA LEU K 126 -26.99 -65.18 -17.24
C LEU K 126 -27.44 -66.33 -18.15
N ASP K 127 -28.45 -67.05 -17.69
CA ASP K 127 -29.09 -68.07 -18.50
C ASP K 127 -30.14 -67.42 -19.40
N GLU K 128 -30.25 -67.93 -20.63
CA GLU K 128 -31.00 -67.20 -21.65
C GLU K 128 -32.44 -66.97 -21.26
N ALA K 129 -33.02 -67.84 -20.44
CA ALA K 129 -34.39 -67.61 -19.98
C ALA K 129 -34.48 -66.32 -19.18
N THR K 130 -33.58 -66.16 -18.20
CA THR K 130 -33.59 -64.94 -17.39
C THR K 130 -33.33 -63.71 -18.25
N LEU K 131 -32.43 -63.82 -19.22
CA LEU K 131 -32.22 -62.72 -20.15
C LEU K 131 -33.50 -62.41 -20.92
N THR K 132 -34.29 -63.43 -21.24
CA THR K 132 -35.55 -63.20 -21.94
C THR K 132 -36.54 -62.44 -21.07
N GLU K 133 -36.67 -62.83 -19.80
CA GLU K 133 -37.57 -62.06 -18.94
C GLU K 133 -37.05 -60.66 -18.70
N LEU K 134 -35.72 -60.48 -18.66
CA LEU K 134 -35.17 -59.13 -18.60
C LEU K 134 -35.58 -58.34 -19.83
N LYS K 135 -35.43 -58.92 -21.02
CA LYS K 135 -35.90 -58.26 -22.23
C LYS K 135 -37.34 -57.83 -22.08
N THR K 136 -38.18 -58.74 -21.60
CA THR K 136 -39.61 -58.43 -21.50
C THR K 136 -39.87 -57.27 -20.55
N VAL K 137 -39.32 -57.33 -19.35
CA VAL K 137 -39.60 -56.29 -18.35
C VAL K 137 -39.02 -54.96 -18.80
N LEU K 138 -37.80 -54.96 -19.35
CA LEU K 138 -37.20 -53.72 -19.83
C LEU K 138 -38.02 -53.11 -20.94
N LYS K 139 -38.47 -53.93 -21.90
CA LYS K 139 -39.40 -53.42 -22.90
C LYS K 139 -40.66 -52.88 -22.24
N SER K 140 -41.02 -53.42 -21.08
CA SER K 140 -42.10 -52.83 -20.30
C SER K 140 -41.73 -51.42 -19.84
N PHE K 141 -40.47 -51.21 -19.47
CA PHE K 141 -40.03 -49.89 -19.02
C PHE K 141 -40.19 -48.86 -20.14
N LEU K 142 -39.84 -49.23 -21.37
CA LEU K 142 -39.79 -48.28 -22.48
C LEU K 142 -41.20 -47.77 -22.80
N SER K 143 -41.30 -47.04 -23.90
CA SER K 143 -42.59 -46.55 -24.39
C SER K 143 -43.02 -47.37 -25.61
N LYS K 144 -43.78 -46.76 -26.51
CA LYS K 144 -44.35 -47.46 -27.65
C LYS K 144 -43.47 -47.24 -28.88
N GLY K 145 -43.08 -48.35 -29.51
CA GLY K 145 -42.19 -48.30 -30.67
C GLY K 145 -40.73 -48.11 -30.35
N GLN K 146 -40.39 -47.89 -29.08
CA GLN K 146 -39.00 -47.65 -28.68
C GLN K 146 -38.31 -49.00 -28.54
N VAL K 147 -37.68 -49.44 -29.62
CA VAL K 147 -36.87 -50.66 -29.60
C VAL K 147 -35.88 -50.54 -28.46
N LEU K 148 -35.36 -51.67 -27.99
CA LEU K 148 -34.34 -51.68 -26.95
C LEU K 148 -33.01 -52.15 -27.53
N LYS K 149 -31.92 -51.69 -26.91
CA LYS K 149 -30.56 -52.04 -27.33
C LYS K 149 -29.82 -52.52 -26.09
N LEU K 150 -29.97 -53.80 -25.77
CA LEU K 150 -29.43 -54.35 -24.53
C LEU K 150 -27.93 -54.58 -24.65
N GLU K 151 -27.24 -54.36 -23.54
CA GLU K 151 -25.84 -54.71 -23.40
C GLU K 151 -25.65 -55.36 -22.04
N VAL K 152 -25.06 -56.55 -22.02
CA VAL K 152 -24.91 -57.31 -20.78
C VAL K 152 -23.44 -57.48 -20.45
N LYS K 153 -22.84 -56.47 -19.84
CA LYS K 153 -21.50 -56.60 -19.31
C LYS K 153 -21.53 -57.45 -18.05
N ILE K 154 -20.37 -57.95 -17.66
CA ILE K 154 -20.22 -58.76 -16.45
C ILE K 154 -19.17 -58.09 -15.58
N ASP K 155 -19.60 -57.61 -14.41
CA ASP K 155 -18.70 -56.97 -13.46
C ASP K 155 -18.59 -57.83 -12.22
N PRO K 156 -17.46 -58.52 -11.98
CA PRO K 156 -17.32 -59.27 -10.74
C PRO K 156 -16.98 -58.40 -9.55
N SER K 157 -16.64 -57.12 -9.75
CA SER K 157 -16.35 -56.24 -8.63
C SER K 157 -17.55 -56.19 -7.67
N ILE K 158 -18.75 -56.09 -8.21
CA ILE K 158 -19.94 -56.24 -7.38
C ILE K 158 -20.05 -57.70 -6.94
N MET K 159 -20.67 -57.91 -5.79
CA MET K 159 -20.72 -59.23 -5.18
C MET K 159 -21.97 -60.01 -5.56
N GLY K 160 -22.84 -59.45 -6.39
CA GLY K 160 -24.04 -60.16 -6.81
C GLY K 160 -25.09 -59.20 -7.30
N GLY K 161 -26.33 -59.67 -7.29
CA GLY K 161 -27.44 -58.83 -7.66
C GLY K 161 -27.40 -58.41 -9.11
N MET K 162 -27.92 -57.22 -9.38
CA MET K 162 -28.03 -56.72 -10.75
C MET K 162 -27.91 -55.20 -10.73
N ILE K 163 -27.47 -54.65 -11.87
CA ILE K 163 -27.47 -53.20 -12.08
C ILE K 163 -27.98 -52.96 -13.49
N VAL K 164 -28.97 -52.08 -13.63
CA VAL K 164 -29.64 -51.88 -14.90
C VAL K 164 -29.70 -50.39 -15.21
N ARG K 165 -29.28 -50.03 -16.42
CA ARG K 165 -29.39 -48.68 -16.97
C ARG K 165 -30.31 -48.72 -18.18
N ILE K 166 -31.35 -47.87 -18.17
CA ILE K 166 -32.21 -47.67 -19.33
C ILE K 166 -32.16 -46.17 -19.62
N GLY K 167 -31.39 -45.78 -20.62
CA GLY K 167 -31.21 -44.35 -20.84
C GLY K 167 -30.55 -43.74 -19.62
N GLU K 168 -31.21 -42.76 -19.02
CA GLU K 168 -30.73 -42.15 -17.78
C GLU K 168 -31.36 -42.76 -16.54
N LYS K 169 -32.35 -43.63 -16.69
CA LYS K 169 -32.93 -44.32 -15.55
C LYS K 169 -32.00 -45.43 -15.08
N TYR K 170 -31.93 -45.61 -13.77
CA TYR K 170 -30.91 -46.46 -13.17
C TYR K 170 -31.51 -47.18 -11.97
N VAL K 171 -31.37 -48.50 -11.93
CA VAL K 171 -31.82 -49.29 -10.80
C VAL K 171 -30.71 -50.24 -10.40
N ASP K 172 -30.32 -50.19 -9.13
CA ASP K 172 -29.12 -50.85 -8.61
C ASP K 172 -29.54 -51.81 -7.51
N MET K 173 -29.81 -53.05 -7.88
CA MET K 173 -30.09 -54.12 -6.92
C MET K 173 -28.87 -55.01 -6.76
N SER K 174 -27.71 -54.41 -6.56
CA SER K 174 -26.46 -55.16 -6.43
C SER K 174 -26.14 -55.37 -4.95
N ALA K 175 -25.62 -56.56 -4.63
CA ALA K 175 -25.29 -56.86 -3.25
C ALA K 175 -24.30 -55.86 -2.67
N LYS K 176 -23.42 -55.31 -3.51
CA LYS K 176 -22.39 -54.40 -3.00
C LYS K 176 -23.00 -53.16 -2.38
N THR K 177 -23.99 -52.55 -3.05
CA THR K 177 -24.59 -51.34 -2.50
C THR K 177 -25.39 -51.63 -1.24
N LYS K 178 -26.03 -52.80 -1.16
CA LYS K 178 -26.74 -53.16 0.07
C LYS K 178 -25.77 -53.37 1.22
N ILE K 179 -24.63 -54.00 0.95
CA ILE K 179 -23.59 -54.16 1.97
C ILE K 179 -23.12 -52.79 2.44
N GLN K 180 -22.85 -51.89 1.49
CA GLN K 180 -22.40 -50.55 1.85
C GLN K 180 -23.44 -49.83 2.70
N LYS K 181 -24.70 -49.89 2.28
CA LYS K 181 -25.75 -49.20 3.00
C LYS K 181 -25.89 -49.73 4.43
N LEU K 182 -25.94 -51.05 4.58
CA LEU K 182 -26.09 -51.61 5.92
C LEU K 182 -24.88 -51.30 6.79
N SER K 183 -23.68 -51.40 6.22
CA SER K 183 -22.48 -51.09 7.00
C SER K 183 -22.50 -49.64 7.47
N ARG K 184 -22.83 -48.72 6.58
CA ARG K 184 -22.91 -47.31 6.98
C ARG K 184 -24.00 -47.10 8.02
N ALA K 185 -25.09 -47.85 7.93
CA ALA K 185 -26.13 -47.77 8.95
C ALA K 185 -25.57 -48.17 10.31
N MET K 186 -24.76 -49.24 10.35
CA MET K 186 -24.13 -49.64 11.60
C MET K 186 -23.33 -48.49 12.21
N ARG K 187 -22.46 -47.89 11.41
CA ARG K 187 -21.47 -46.96 11.96
C ARG K 187 -22.13 -45.68 12.49
N GLU K 188 -23.37 -45.41 12.12
CA GLU K 188 -24.07 -44.23 12.60
C GLU K 188 -24.90 -44.56 13.84
N TYR L 74 1.69 73.46 71.50
CA TYR L 74 1.65 72.02 71.28
C TYR L 74 0.83 71.32 72.38
N GLY L 75 0.46 72.07 73.41
CA GLY L 75 -0.20 71.49 74.55
C GLY L 75 -1.54 70.85 74.23
N ALA L 76 -2.13 71.20 73.10
CA ALA L 76 -3.43 70.67 72.71
C ALA L 76 -3.33 69.37 71.91
N SER L 77 -2.14 68.85 71.69
CA SER L 77 -1.93 67.60 70.97
C SER L 77 -0.92 66.73 71.71
N VAL L 78 -1.10 66.62 73.03
CA VAL L 78 -0.17 65.89 73.89
C VAL L 78 -0.80 64.67 74.53
N GLY L 79 -2.13 64.56 74.54
CA GLY L 79 -2.76 63.35 75.05
C GLY L 79 -2.69 62.17 74.10
N GLU L 80 -2.28 62.41 72.85
CA GLU L 80 -2.18 61.32 71.88
C GLU L 80 -1.01 60.40 72.21
N PHE L 81 0.10 60.96 72.68
CA PHE L 81 1.21 60.11 73.10
C PHE L 81 0.83 59.26 74.30
N ALA L 82 0.11 59.84 75.26
CA ALA L 82 -0.37 59.05 76.39
C ALA L 82 -1.35 57.97 75.92
N ASP L 83 -2.18 58.29 74.93
CA ASP L 83 -3.04 57.28 74.33
C ASP L 83 -2.20 56.12 73.79
N LYS L 84 -1.22 56.43 72.96
CA LYS L 84 -0.39 55.36 72.40
C LYS L 84 0.34 54.59 73.49
N LEU L 85 0.60 55.23 74.63
CA LEU L 85 1.30 54.55 75.72
C LEU L 85 0.39 53.60 76.49
N ASN L 86 -0.88 53.97 76.68
CA ASN L 86 -1.79 53.22 77.55
C ASN L 86 -2.76 52.33 76.76
N GLU L 87 -3.42 52.88 75.75
CA GLU L 87 -4.37 52.10 74.97
C GLU L 87 -3.70 50.90 74.34
N GLN L 88 -2.52 51.08 73.73
CA GLN L 88 -1.82 49.94 73.15
C GLN L 88 -1.29 48.98 74.21
N LYS L 89 -0.88 49.52 75.36
CA LYS L 89 -0.45 48.66 76.46
C LYS L 89 -1.56 47.71 76.87
N ILE L 90 -2.78 48.21 77.00
CA ILE L 90 -3.90 47.33 77.33
C ILE L 90 -4.30 46.51 76.10
N ALA L 91 -4.05 47.03 74.90
CA ALA L 91 -4.45 46.32 73.68
C ALA L 91 -3.67 45.03 73.53
N GLN L 92 -2.37 45.05 73.77
CA GLN L 92 -1.60 43.82 73.61
C GLN L 92 -2.03 42.79 74.64
N LEU L 93 -2.27 43.21 75.87
CA LEU L 93 -2.76 42.30 76.91
C LEU L 93 -4.10 41.68 76.52
N GLU L 94 -5.04 42.51 76.06
CA GLU L 94 -6.37 42.02 75.76
C GLU L 94 -6.40 41.15 74.53
N GLU L 95 -5.57 41.42 73.53
CA GLU L 95 -5.47 40.50 72.39
C GLU L 95 -4.84 39.19 72.83
N VAL L 96 -3.87 39.24 73.73
CA VAL L 96 -3.32 38.01 74.29
C VAL L 96 -4.42 37.21 74.97
N LYS L 97 -5.28 37.87 75.74
CA LYS L 97 -6.36 37.18 76.42
C LYS L 97 -7.36 36.59 75.43
N GLN L 98 -7.75 37.38 74.43
CA GLN L 98 -8.74 36.92 73.45
C GLN L 98 -8.18 35.77 72.62
N ALA L 99 -6.86 35.73 72.41
CA ALA L 99 -6.25 34.59 71.75
C ALA L 99 -6.13 33.39 72.70
N SER L 100 -5.83 33.64 73.97
CA SER L 100 -5.61 32.54 74.91
C SER L 100 -6.90 31.78 75.18
N ILE L 101 -8.02 32.49 75.25
CA ILE L 101 -9.30 31.80 75.47
C ILE L 101 -9.57 30.84 74.33
N LYS L 102 -9.36 31.29 73.10
CA LYS L 102 -9.56 30.40 71.95
C LYS L 102 -8.51 29.31 71.89
N GLN L 103 -7.30 29.57 72.40
CA GLN L 103 -6.29 28.52 72.45
C GLN L 103 -6.69 27.40 73.38
N ILE L 104 -7.21 27.76 74.56
CA ILE L 104 -7.70 26.73 75.49
C ILE L 104 -8.92 26.04 74.90
N GLN L 105 -9.77 26.78 74.19
CA GLN L 105 -10.86 26.14 73.46
C GLN L 105 -10.34 25.10 72.48
N ASP L 106 -9.30 25.44 71.74
CA ASP L 106 -8.75 24.52 70.76
C ASP L 106 -8.19 23.28 71.43
N ALA L 107 -7.50 23.46 72.56
CA ALA L 107 -6.99 22.30 73.30
C ALA L 107 -8.14 21.41 73.78
N ILE L 108 -9.21 22.03 74.30
CA ILE L 108 -10.37 21.28 74.77
C ILE L 108 -10.97 20.49 73.62
N ASP L 109 -11.15 21.14 72.47
CA ASP L 109 -11.75 20.46 71.33
C ASP L 109 -10.87 19.32 70.83
N MET L 110 -9.56 19.55 70.77
CA MET L 110 -8.64 18.50 70.35
C MET L 110 -8.79 17.28 71.26
N GLU L 111 -8.76 17.50 72.58
CA GLU L 111 -8.85 16.37 73.50
C GLU L 111 -10.21 15.68 73.41
N LYS L 112 -11.30 16.45 73.36
CA LYS L 112 -12.62 15.84 73.33
C LYS L 112 -12.81 15.01 72.06
N SER L 113 -12.38 15.53 70.92
CA SER L 113 -12.49 14.76 69.68
C SER L 113 -11.54 13.56 69.69
N GLN L 114 -10.36 13.70 70.29
CA GLN L 114 -9.46 12.57 70.41
C GLN L 114 -10.12 11.43 71.18
N GLN L 115 -10.78 11.76 72.29
CA GLN L 115 -11.46 10.74 73.07
C GLN L 115 -12.62 10.14 72.28
N ALA L 116 -13.48 11.00 71.71
CA ALA L 116 -14.61 10.51 70.95
C ALA L 116 -14.18 9.62 69.81
N LEU L 117 -12.95 9.81 69.31
CA LEU L 117 -12.46 8.99 68.22
C LEU L 117 -11.88 7.68 68.72
N VAL L 118 -10.95 7.75 69.68
CA VAL L 118 -10.35 6.54 70.22
C VAL L 118 -11.39 5.65 70.91
N GLN L 119 -12.60 6.16 71.11
CA GLN L 119 -13.68 5.29 71.56
C GLN L 119 -13.88 4.10 70.62
N LYS L 120 -13.77 4.32 69.31
CA LYS L 120 -14.18 3.35 68.30
C LYS L 120 -13.00 2.59 67.69
N ARG L 121 -11.92 2.42 68.45
CA ARG L 121 -10.73 1.71 67.96
C ARG L 121 -11.03 0.24 67.68
N HIS L 122 -12.26 -0.20 68.00
CA HIS L 122 -12.66 -1.60 67.88
C HIS L 122 -12.79 -2.08 66.43
N TYR L 123 -12.78 -1.19 65.45
CA TYR L 123 -12.92 -1.65 64.06
C TYR L 123 -11.76 -2.54 63.63
N LEU L 124 -10.55 -2.27 64.12
CA LEU L 124 -9.44 -3.15 63.75
C LEU L 124 -9.69 -4.58 64.20
N PHE L 125 -10.16 -4.74 65.44
CA PHE L 125 -10.47 -6.07 65.94
C PHE L 125 -11.66 -6.67 65.22
N ASP L 126 -12.67 -5.86 64.90
CA ASP L 126 -13.81 -6.36 64.14
C ASP L 126 -13.38 -6.87 62.77
N VAL L 127 -12.50 -6.11 62.11
CA VAL L 127 -11.87 -6.56 60.88
C VAL L 127 -11.31 -7.94 61.15
N GLN L 128 -10.28 -8.00 61.99
CA GLN L 128 -9.61 -9.27 62.26
C GLN L 128 -10.61 -10.40 62.46
N ARG L 129 -11.69 -10.14 63.20
CA ARG L 129 -12.70 -11.14 63.44
C ARG L 129 -13.29 -11.64 62.13
N ASN L 130 -13.86 -10.73 61.33
CA ASN L 130 -14.54 -11.16 60.12
C ASN L 130 -13.55 -11.71 59.10
N ASN L 131 -12.33 -11.20 59.09
CA ASN L 131 -11.30 -11.72 58.20
C ASN L 131 -10.97 -13.17 58.53
N ILE L 132 -10.82 -13.48 59.83
CA ILE L 132 -10.53 -14.86 60.19
C ILE L 132 -11.73 -15.75 59.91
N ALA L 133 -12.94 -15.24 60.10
CA ALA L 133 -14.12 -16.00 59.71
C ALA L 133 -14.10 -16.30 58.21
N MET L 134 -13.70 -15.32 57.40
CA MET L 134 -13.58 -15.52 55.97
C MET L 134 -12.54 -16.59 55.65
N ALA L 135 -11.40 -16.55 56.35
CA ALA L 135 -10.37 -17.56 56.13
C ALA L 135 -10.91 -18.95 56.44
N LEU L 136 -11.63 -19.10 57.55
CA LEU L 136 -12.21 -20.39 57.89
C LEU L 136 -13.20 -20.83 56.82
N GLU L 137 -14.05 -19.91 56.34
CA GLU L 137 -15.03 -20.25 55.34
C GLU L 137 -14.37 -20.71 54.04
N VAL L 138 -13.30 -20.01 53.61
CA VAL L 138 -12.64 -20.39 52.37
C VAL L 138 -11.98 -21.74 52.53
N THR L 139 -11.40 -22.02 53.70
CA THR L 139 -10.84 -23.35 53.93
C THR L 139 -11.92 -24.42 53.81
N TYR L 140 -13.08 -24.18 54.43
CA TYR L 140 -14.18 -25.12 54.36
C TYR L 140 -14.62 -25.37 52.92
N ARG L 141 -14.76 -24.27 52.16
CA ARG L 141 -15.17 -24.38 50.76
C ARG L 141 -14.16 -25.20 49.96
N GLU L 142 -12.88 -24.93 50.16
CA GLU L 142 -11.86 -25.68 49.44
C GLU L 142 -11.90 -27.16 49.81
N ARG L 143 -12.13 -27.47 51.08
CA ARG L 143 -12.21 -28.88 51.48
C ARG L 143 -13.35 -29.57 50.74
N LEU L 144 -14.54 -28.96 50.77
CA LEU L 144 -15.70 -29.58 50.13
C LEU L 144 -15.46 -29.75 48.63
N HIS L 145 -14.93 -28.72 47.98
CA HIS L 145 -14.72 -28.81 46.54
C HIS L 145 -13.63 -29.82 46.19
N ARG L 146 -12.60 -29.94 47.02
CA ARG L 146 -11.56 -30.93 46.76
C ARG L 146 -12.12 -32.35 46.84
N VAL L 147 -12.92 -32.64 47.87
CA VAL L 147 -13.48 -33.98 47.97
C VAL L 147 -14.39 -34.25 46.77
N TYR L 148 -15.24 -33.27 46.41
CA TYR L 148 -16.13 -33.47 45.27
C TYR L 148 -15.34 -33.71 43.99
N ARG L 149 -14.28 -32.92 43.77
CA ARG L 149 -13.49 -33.06 42.56
C ARG L 149 -12.82 -34.42 42.49
N GLU L 150 -12.30 -34.91 43.62
CA GLU L 150 -11.64 -36.22 43.60
C GLU L 150 -12.64 -37.33 43.28
N VAL L 151 -13.81 -37.31 43.93
CA VAL L 151 -14.78 -38.37 43.67
C VAL L 151 -15.22 -38.31 42.21
N LYS L 152 -15.49 -37.11 41.69
CA LYS L 152 -15.89 -36.98 40.30
C LYS L 152 -14.79 -37.47 39.37
N ASN L 153 -13.53 -37.21 39.73
CA ASN L 153 -12.43 -37.65 38.89
C ASN L 153 -12.38 -39.17 38.79
N ARG L 154 -12.53 -39.86 39.92
CA ARG L 154 -12.52 -41.32 39.89
C ARG L 154 -13.72 -41.85 39.09
N LEU L 155 -14.91 -41.28 39.32
CA LEU L 155 -16.08 -41.72 38.58
C LEU L 155 -15.89 -41.51 37.09
N ASP L 156 -15.35 -40.36 36.70
CA ASP L 156 -15.12 -40.08 35.29
C ASP L 156 -14.08 -41.02 34.70
N TYR L 157 -13.04 -41.35 35.47
CA TYR L 157 -12.07 -42.33 35.00
C TYR L 157 -12.76 -43.64 34.65
N HIS L 158 -13.56 -44.16 35.57
CA HIS L 158 -14.25 -45.42 35.32
C HIS L 158 -15.14 -45.30 34.09
N ILE L 159 -15.98 -44.26 34.05
CA ILE L 159 -16.97 -44.14 32.99
C ILE L 159 -16.28 -44.00 31.64
N SER L 160 -15.24 -43.18 31.56
CA SER L 160 -14.57 -42.93 30.29
C SER L 160 -13.82 -44.16 29.80
N VAL L 161 -13.18 -44.91 30.70
CA VAL L 161 -12.53 -46.14 30.27
C VAL L 161 -13.57 -47.12 29.74
N GLN L 162 -14.70 -47.24 30.45
CA GLN L 162 -15.72 -48.19 30.00
C GLN L 162 -16.29 -47.78 28.65
N ASN L 163 -16.53 -46.48 28.44
CA ASN L 163 -17.04 -46.03 27.15
C ASN L 163 -16.02 -46.23 26.04
N MET L 164 -14.74 -46.02 26.35
CA MET L 164 -13.70 -46.31 25.37
C MET L 164 -13.77 -47.76 24.92
N MET L 165 -13.80 -48.69 25.88
CA MET L 165 -13.91 -50.10 25.53
C MET L 165 -15.20 -50.37 24.77
N ARG L 166 -16.28 -49.70 25.16
CA ARG L 166 -17.56 -49.84 24.48
C ARG L 166 -17.43 -49.55 22.99
N GLN L 167 -16.87 -48.39 22.66
CA GLN L 167 -16.77 -47.99 21.26
C GLN L 167 -15.75 -48.85 20.51
N LYS L 168 -14.64 -49.21 21.16
CA LYS L 168 -13.66 -50.04 20.48
C LYS L 168 -14.25 -51.40 20.12
N GLU L 169 -14.96 -52.02 21.07
CA GLU L 169 -15.62 -53.29 20.78
C GLU L 169 -16.70 -53.13 19.72
N GLN L 170 -17.42 -52.00 19.74
CA GLN L 170 -18.42 -51.76 18.71
C GLN L 170 -17.79 -51.75 17.31
N GLU L 171 -16.70 -51.02 17.15
CA GLU L 171 -16.04 -50.97 15.86
C GLU L 171 -15.52 -52.34 15.45
N HIS L 172 -14.98 -53.09 16.41
CA HIS L 172 -14.52 -54.43 16.10
C HIS L 172 -15.67 -55.32 15.64
N MET L 173 -16.82 -55.22 16.32
CA MET L 173 -18.00 -55.97 15.89
C MET L 173 -18.33 -55.64 14.45
N ILE L 174 -18.41 -54.35 14.13
CA ILE L 174 -18.80 -53.94 12.78
C ILE L 174 -17.83 -54.51 11.77
N ASN L 175 -16.53 -54.34 12.01
CA ASN L 175 -15.54 -54.78 11.03
C ASN L 175 -15.62 -56.29 10.81
N TRP L 176 -15.70 -57.05 11.91
CA TRP L 176 -15.76 -58.50 11.78
C TRP L 176 -17.00 -58.93 11.03
N VAL L 177 -18.15 -58.31 11.34
CA VAL L 177 -19.39 -58.70 10.70
C VAL L 177 -19.33 -58.46 9.21
N GLU L 178 -18.86 -57.29 8.79
CA GLU L 178 -18.79 -57.01 7.36
C GLU L 178 -17.78 -57.91 6.66
N LYS L 179 -16.65 -58.18 7.33
CA LYS L 179 -15.67 -59.09 6.76
C LYS L 179 -16.27 -60.47 6.55
N ARG L 180 -17.14 -60.91 7.45
CA ARG L 180 -17.77 -62.21 7.29
C ARG L 180 -18.84 -62.19 6.20
N VAL L 181 -19.60 -61.10 6.11
CA VAL L 181 -20.69 -61.06 5.14
C VAL L 181 -20.16 -60.95 3.72
N VAL L 182 -19.07 -60.21 3.51
CA VAL L 182 -18.53 -60.10 2.16
C VAL L 182 -18.07 -61.46 1.65
N GLN L 183 -17.71 -62.37 2.57
CA GLN L 183 -17.33 -63.72 2.19
C GLN L 183 -18.53 -64.65 2.07
N SER L 184 -19.53 -64.48 2.92
CA SER L 184 -20.75 -65.28 2.81
C SER L 184 -21.46 -65.02 1.49
N ILE L 185 -21.55 -63.76 1.09
CA ILE L 185 -22.27 -63.39 -0.12
C ILE L 185 -21.63 -63.99 -1.36
N SER L 186 -20.38 -64.44 -1.27
CA SER L 186 -19.71 -65.06 -2.40
C SER L 186 -20.31 -66.41 -2.76
N ALA L 187 -21.29 -66.90 -2.01
CA ALA L 187 -21.95 -68.15 -2.33
C ALA L 187 -22.80 -67.95 -3.59
N GLN L 188 -23.70 -68.88 -3.86
CA GLN L 188 -24.51 -68.87 -5.09
C GLN L 188 -25.98 -69.06 -4.72
N GLN L 189 -26.61 -67.99 -4.24
CA GLN L 189 -28.06 -67.92 -4.11
C GLN L 189 -28.72 -67.46 -5.39
N GLU L 190 -28.04 -67.66 -6.53
CA GLU L 190 -28.31 -66.91 -7.75
C GLU L 190 -29.79 -66.92 -8.13
N LYS L 191 -30.31 -68.07 -8.56
CA LYS L 191 -31.66 -68.11 -9.12
C LYS L 191 -32.65 -67.33 -8.26
N GLU L 192 -32.59 -67.53 -6.95
CA GLU L 192 -33.56 -66.88 -6.06
C GLU L 192 -33.43 -65.37 -6.10
N THR L 193 -32.21 -64.86 -5.89
CA THR L 193 -32.02 -63.42 -5.84
C THR L 193 -32.30 -62.78 -7.20
N ILE L 194 -31.91 -63.42 -8.29
CA ILE L 194 -32.17 -62.87 -9.61
C ILE L 194 -33.67 -62.85 -9.89
N ALA L 195 -34.38 -63.91 -9.53
CA ALA L 195 -35.82 -63.92 -9.73
C ALA L 195 -36.46 -62.79 -8.93
N LYS L 196 -36.01 -62.58 -7.69
CA LYS L 196 -36.50 -61.46 -6.92
C LYS L 196 -36.17 -60.13 -7.59
N CYS L 197 -35.00 -60.05 -8.23
CA CYS L 197 -34.61 -58.81 -8.90
C CYS L 197 -35.54 -58.51 -10.07
N ILE L 198 -35.85 -59.52 -10.88
CA ILE L 198 -36.81 -59.27 -11.97
C ILE L 198 -38.19 -59.00 -11.42
N ALA L 199 -38.55 -59.60 -10.27
CA ALA L 199 -39.82 -59.24 -9.64
C ALA L 199 -39.85 -57.76 -9.27
N ASP L 200 -38.75 -57.27 -8.70
CA ASP L 200 -38.66 -55.85 -8.36
C ASP L 200 -38.72 -55.00 -9.62
N LEU L 201 -38.09 -55.46 -10.71
CA LEU L 201 -38.19 -54.74 -11.97
C LEU L 201 -39.64 -54.64 -12.43
N LYS L 202 -40.38 -55.74 -12.31
CA LYS L 202 -41.80 -55.72 -12.65
C LYS L 202 -42.54 -54.70 -11.79
N LEU L 203 -42.26 -54.70 -10.49
CA LEU L 203 -42.93 -53.75 -9.59
C LEU L 203 -42.63 -52.32 -9.98
N LEU L 204 -41.36 -52.02 -10.27
CA LEU L 204 -40.99 -50.66 -10.64
C LEU L 204 -41.63 -50.26 -11.96
N SER L 205 -41.64 -51.17 -12.94
CA SER L 205 -42.21 -50.85 -14.24
C SER L 205 -43.70 -50.55 -14.12
N LYS L 206 -44.46 -51.44 -13.49
CA LYS L 206 -45.89 -51.22 -13.36
C LYS L 206 -46.20 -50.03 -12.47
N LYS L 207 -45.29 -49.66 -11.58
CA LYS L 207 -45.48 -48.55 -10.66
C LYS L 207 -44.95 -47.23 -11.21
N ALA L 208 -44.38 -47.22 -12.42
CA ALA L 208 -43.78 -46.02 -12.97
C ALA L 208 -44.80 -45.18 -13.72
N GLN L 209 -45.45 -45.75 -14.73
CA GLN L 209 -46.37 -45.00 -15.57
C GLN L 209 -47.64 -44.63 -14.79
N LYS M 4 -25.22 -19.31 58.35
CA LYS M 4 -23.78 -19.43 58.40
C LYS M 4 -23.10 -18.06 58.37
N LEU M 5 -23.22 -17.38 57.23
CA LEU M 5 -22.51 -16.14 56.98
C LEU M 5 -23.45 -14.95 57.14
N ALA M 6 -23.02 -13.97 57.93
CA ALA M 6 -23.73 -12.71 58.10
C ALA M 6 -22.75 -11.67 58.63
N LEU M 7 -21.75 -11.32 57.82
CA LEU M 7 -20.60 -10.58 58.31
C LEU M 7 -20.98 -9.15 58.69
N LYS M 8 -20.50 -8.72 59.85
CA LYS M 8 -20.73 -7.35 60.31
C LYS M 8 -20.14 -6.36 59.31
N THR M 9 -20.90 -5.29 59.04
CA THR M 9 -20.46 -4.28 58.10
C THR M 9 -19.33 -3.45 58.68
N ILE M 10 -18.46 -2.96 57.80
CA ILE M 10 -17.30 -2.17 58.17
C ILE M 10 -17.33 -0.85 57.44
N ASP M 11 -17.10 0.23 58.16
CA ASP M 11 -16.74 1.51 57.56
C ASP M 11 -15.24 1.59 57.46
N TRP M 12 -14.76 2.21 56.38
CA TRP M 12 -13.34 2.26 56.07
C TRP M 12 -12.73 3.62 56.32
N VAL M 13 -13.42 4.71 55.96
CA VAL M 13 -12.92 6.03 56.30
C VAL M 13 -12.78 6.15 57.81
N ALA M 14 -13.61 5.44 58.56
CA ALA M 14 -13.44 5.38 60.01
C ALA M 14 -12.26 4.48 60.38
N PHE M 15 -12.13 3.34 59.70
CA PHE M 15 -11.00 2.45 59.97
C PHE M 15 -9.67 3.16 59.74
N GLY M 16 -9.63 4.09 58.79
CA GLY M 16 -8.43 4.85 58.53
C GLY M 16 -8.15 5.96 59.51
N GLU M 17 -9.03 6.18 60.48
CA GLU M 17 -8.85 7.22 61.48
C GLU M 17 -8.20 6.71 62.76
N ILE M 18 -7.88 5.42 62.86
CA ILE M 18 -7.38 4.86 64.10
C ILE M 18 -6.22 3.92 63.83
N ILE M 19 -5.15 4.44 63.23
CA ILE M 19 -3.94 3.65 63.04
C ILE M 19 -2.73 4.58 63.19
N PRO M 20 -1.86 4.36 64.18
CA PRO M 20 -0.68 5.22 64.30
C PRO M 20 0.28 5.01 63.14
N ARG M 21 1.06 6.06 62.86
CA ARG M 21 1.96 6.03 61.72
C ARG M 21 2.89 4.82 61.77
N ASN M 22 3.24 4.37 62.98
CA ASN M 22 4.07 3.18 63.15
C ASN M 22 3.32 1.90 62.81
N GLN M 23 2.00 1.96 62.64
CA GLN M 23 1.20 0.76 62.46
C GLN M 23 0.49 0.67 61.12
N LYS M 24 0.53 1.71 60.29
CA LYS M 24 -0.14 1.64 59.00
C LYS M 24 0.40 0.52 58.12
N ALA M 25 1.65 0.10 58.36
CA ALA M 25 2.25 -0.95 57.55
C ALA M 25 1.57 -2.30 57.74
N VAL M 26 0.82 -2.47 58.83
CA VAL M 26 0.09 -3.72 59.06
C VAL M 26 -1.39 -3.48 58.77
N ALA M 27 -1.85 -2.24 58.96
CA ALA M 27 -3.23 -1.92 58.62
C ALA M 27 -3.48 -2.11 57.12
N ASN M 28 -2.56 -1.63 56.29
CA ASN M 28 -2.73 -1.78 54.86
C ASN M 28 -2.69 -3.24 54.45
N SER M 29 -1.80 -4.03 55.07
CA SER M 29 -1.73 -5.45 54.75
C SER M 29 -3.01 -6.18 55.16
N LEU M 30 -3.56 -5.82 56.32
CA LEU M 30 -4.84 -6.40 56.74
C LEU M 30 -5.94 -6.04 55.75
N LYS M 31 -5.96 -4.79 55.29
CA LYS M 31 -6.93 -4.39 54.26
C LYS M 31 -6.78 -5.26 53.02
N SER M 32 -5.54 -5.41 52.53
CA SER M 32 -5.32 -6.17 51.31
C SER M 32 -5.72 -7.63 51.48
N TRP M 33 -5.38 -8.22 52.62
CA TRP M 33 -5.63 -9.64 52.83
C TRP M 33 -7.12 -9.89 53.03
N ASN M 34 -7.83 -8.96 53.67
CA ASN M 34 -9.29 -8.97 53.64
C ASN M 34 -9.81 -8.90 52.21
N GLU M 35 -9.21 -8.04 51.39
CA GLU M 35 -9.66 -7.92 50.00
C GLU M 35 -9.55 -9.26 49.28
N THR M 36 -8.39 -9.91 49.40
CA THR M 36 -8.19 -11.19 48.71
C THR M 36 -9.16 -12.24 49.23
N LEU M 37 -9.36 -12.28 50.55
CA LEU M 37 -10.32 -13.24 51.10
C LEU M 37 -11.73 -12.97 50.58
N THR M 38 -12.13 -11.70 50.49
CA THR M 38 -13.46 -11.38 50.00
C THR M 38 -13.61 -11.81 48.55
N SER M 39 -12.59 -11.55 47.73
CA SER M 39 -12.65 -11.94 46.33
C SER M 39 -12.74 -13.46 46.20
N ARG M 40 -11.97 -14.19 47.00
CA ARG M 40 -12.05 -15.65 46.94
C ARG M 40 -13.43 -16.13 47.36
N LEU M 41 -13.99 -15.56 48.44
CA LEU M 41 -15.30 -16.00 48.90
C LEU M 41 -16.36 -15.74 47.82
N ALA M 42 -16.30 -14.58 47.18
CA ALA M 42 -17.22 -14.32 46.08
C ALA M 42 -17.01 -15.32 44.95
N THR M 43 -15.75 -15.64 44.64
CA THR M 43 -15.46 -16.60 43.58
C THR M 43 -16.01 -17.97 43.93
N LEU M 44 -15.84 -18.40 45.18
CA LEU M 44 -16.32 -19.72 45.58
C LEU M 44 -17.84 -19.73 45.67
N PRO M 45 -18.49 -20.81 45.25
CA PRO M 45 -19.95 -20.80 45.12
C PRO M 45 -20.65 -20.88 46.48
N GLU M 46 -21.95 -20.57 46.44
CA GLU M 46 -22.77 -20.67 47.64
C GLU M 46 -22.89 -22.11 48.11
N LYS M 47 -22.93 -23.06 47.19
CA LYS M 47 -23.06 -24.47 47.49
C LYS M 47 -22.20 -25.27 46.51
N PRO M 48 -21.70 -26.43 46.92
CA PRO M 48 -21.11 -27.35 45.94
C PRO M 48 -22.18 -27.89 45.01
N PRO M 49 -21.90 -28.04 43.73
CA PRO M 49 -22.95 -28.46 42.79
C PRO M 49 -23.49 -29.83 43.13
N ALA M 50 -24.78 -30.01 42.92
CA ALA M 50 -25.42 -31.29 43.19
C ALA M 50 -24.77 -32.40 42.36
N ILE M 51 -25.22 -33.63 42.60
CA ILE M 51 -24.72 -34.79 41.90
C ILE M 51 -25.91 -35.62 41.41
N ASP M 52 -25.68 -36.36 40.32
CA ASP M 52 -26.69 -37.23 39.74
C ASP M 52 -26.19 -38.67 39.82
N TRP M 53 -26.09 -39.18 41.06
CA TRP M 53 -25.49 -40.50 41.27
C TRP M 53 -26.20 -41.58 40.47
N ALA M 54 -27.50 -41.42 40.24
CA ALA M 54 -28.25 -42.44 39.50
C ALA M 54 -27.63 -42.65 38.12
N TYR M 55 -27.41 -41.57 37.39
CA TYR M 55 -26.86 -41.68 36.04
C TYR M 55 -25.45 -42.24 36.06
N TYR M 56 -24.59 -41.71 36.94
CA TYR M 56 -23.22 -42.19 37.00
C TYR M 56 -23.16 -43.68 37.32
N LYS M 57 -24.08 -44.16 38.16
CA LYS M 57 -24.17 -45.59 38.43
C LYS M 57 -24.84 -46.36 37.30
N ALA M 58 -25.59 -45.67 36.43
CA ALA M 58 -26.34 -46.31 35.35
C ALA M 58 -25.54 -46.38 34.06
N ASN M 59 -24.26 -45.98 34.07
CA ASN M 59 -23.41 -46.08 32.90
C ASN M 59 -22.07 -46.72 33.25
N VAL M 60 -22.05 -47.56 34.28
CA VAL M 60 -20.83 -48.20 34.75
C VAL M 60 -21.11 -49.68 34.96
N ALA M 61 -20.23 -50.53 34.44
CA ALA M 61 -20.45 -51.97 34.50
C ALA M 61 -20.50 -52.45 35.96
N LYS M 62 -19.51 -52.05 36.75
CA LYS M 62 -19.49 -52.38 38.18
C LYS M 62 -20.29 -51.32 38.92
N ALA M 63 -21.61 -51.45 38.84
CA ALA M 63 -22.49 -50.59 39.61
C ALA M 63 -22.27 -50.74 41.11
N GLY M 64 -21.81 -51.92 41.54
CA GLY M 64 -21.56 -52.12 42.96
C GLY M 64 -20.44 -51.25 43.49
N LEU M 65 -19.35 -51.12 42.73
CA LEU M 65 -18.22 -50.31 43.20
C LEU M 65 -18.63 -48.85 43.35
N VAL M 66 -19.35 -48.32 42.35
CA VAL M 66 -19.80 -46.93 42.44
C VAL M 66 -20.84 -46.76 43.54
N ASP M 67 -21.67 -47.78 43.77
CA ASP M 67 -22.60 -47.73 44.90
C ASP M 67 -21.83 -47.65 46.21
N ASP M 68 -20.75 -48.42 46.33
CA ASP M 68 -19.92 -48.35 47.53
C ASP M 68 -19.28 -46.97 47.67
N PHE M 69 -18.80 -46.40 46.57
CA PHE M 69 -18.32 -45.02 46.59
C PHE M 69 -19.39 -44.07 47.12
N GLU M 70 -20.61 -44.21 46.60
CA GLU M 70 -21.70 -43.35 47.03
C GLU M 70 -21.98 -43.51 48.51
N LYS M 71 -21.99 -44.73 49.01
CA LYS M 71 -22.31 -44.95 50.42
C LYS M 71 -21.19 -44.43 51.32
N LYS M 72 -19.93 -44.66 50.94
CA LYS M 72 -18.82 -44.09 51.71
C LYS M 72 -18.87 -42.57 51.70
N PHE M 73 -19.27 -41.97 50.58
CA PHE M 73 -19.51 -40.53 50.54
C PHE M 73 -20.60 -40.14 51.52
N ASN M 74 -21.68 -40.92 51.57
CA ASN M 74 -22.78 -40.59 52.48
C ASN M 74 -22.34 -40.65 53.93
N ALA M 75 -21.55 -41.65 54.29
CA ALA M 75 -21.12 -41.80 55.68
C ALA M 75 -20.07 -40.77 56.05
N LEU M 76 -19.08 -40.57 55.17
CA LEU M 76 -17.92 -39.76 55.48
C LEU M 76 -18.19 -38.29 55.16
N LYS M 77 -17.92 -37.41 56.14
CA LYS M 77 -18.03 -35.97 56.00
C LYS M 77 -16.63 -35.37 55.98
N VAL M 78 -16.53 -34.07 56.23
CA VAL M 78 -15.25 -33.37 56.19
C VAL M 78 -15.02 -32.61 57.50
N PRO M 79 -13.78 -32.36 57.89
CA PRO M 79 -13.51 -31.60 59.12
C PRO M 79 -13.56 -30.10 58.89
N ILE M 80 -13.47 -29.36 59.99
CA ILE M 80 -13.57 -27.91 59.97
C ILE M 80 -12.52 -27.32 60.90
N PRO M 81 -11.98 -26.14 60.55
CA PRO M 81 -11.01 -25.49 61.43
C PRO M 81 -11.69 -24.78 62.61
N GLU M 82 -10.85 -24.34 63.54
CA GLU M 82 -11.33 -23.75 64.80
C GLU M 82 -10.79 -22.35 65.02
N ASP M 83 -10.69 -21.92 66.28
CA ASP M 83 -10.37 -20.55 66.63
C ASP M 83 -9.00 -20.40 67.29
N LYS M 84 -8.15 -21.43 67.24
CA LYS M 84 -6.82 -21.31 67.84
C LYS M 84 -6.02 -20.19 67.18
N TYR M 85 -6.08 -20.13 65.85
CA TYR M 85 -5.45 -19.03 65.13
C TYR M 85 -6.09 -17.69 65.48
N THR M 86 -7.33 -17.71 65.96
CA THR M 86 -8.04 -16.51 66.36
C THR M 86 -7.68 -16.04 67.77
N ALA M 87 -6.58 -16.54 68.35
CA ALA M 87 -6.19 -16.14 69.69
C ALA M 87 -6.17 -14.62 69.86
N GLN M 88 -6.13 -13.87 68.77
CA GLN M 88 -6.19 -12.41 68.83
C GLN M 88 -7.37 -11.93 69.68
N VAL M 89 -8.28 -12.84 70.04
CA VAL M 89 -9.28 -12.57 71.06
C VAL M 89 -8.67 -11.69 72.14
N ASP M 90 -7.56 -12.17 72.73
CA ASP M 90 -7.00 -11.48 73.90
C ASP M 90 -6.82 -9.99 73.64
N ALA M 91 -6.41 -9.63 72.42
CA ALA M 91 -6.10 -8.23 72.13
C ALA M 91 -7.23 -7.31 72.55
N GLU M 92 -8.48 -7.70 72.28
CA GLU M 92 -9.60 -6.82 72.57
C GLU M 92 -9.58 -6.39 74.03
N GLU M 93 -9.37 -7.36 74.94
CA GLU M 93 -9.38 -7.04 76.36
C GLU M 93 -8.34 -5.97 76.68
N LYS M 94 -7.14 -6.10 76.10
CA LYS M 94 -6.11 -5.10 76.35
C LYS M 94 -6.60 -3.72 75.96
N GLU M 95 -7.26 -3.60 74.81
CA GLU M 95 -7.78 -2.31 74.39
C GLU M 95 -8.75 -1.76 75.44
N ASP M 96 -9.57 -2.63 76.03
CA ASP M 96 -10.52 -2.16 77.03
C ASP M 96 -9.85 -1.38 78.14
N VAL M 97 -8.53 -1.51 78.29
CA VAL M 97 -7.80 -0.74 79.28
C VAL M 97 -7.41 0.64 78.74
N LYS M 98 -6.84 0.71 77.53
CA LYS M 98 -6.37 1.98 77.02
C LYS M 98 -7.54 2.91 76.74
N SER M 99 -8.36 2.58 75.75
CA SER M 99 -9.40 3.49 75.29
C SER M 99 -10.46 3.75 76.34
N CYS M 100 -10.52 2.96 77.41
CA CYS M 100 -11.57 3.12 78.42
C CYS M 100 -11.06 3.23 79.85
N ALA M 101 -9.84 2.80 80.16
CA ALA M 101 -9.31 2.87 81.52
C ALA M 101 -8.10 3.78 81.64
N GLU M 102 -7.08 3.58 80.80
CA GLU M 102 -5.87 4.40 80.88
C GLU M 102 -5.99 5.66 80.03
N PHE M 103 -6.18 5.49 78.72
CA PHE M 103 -6.29 6.64 77.83
C PHE M 103 -7.52 7.47 78.14
N LEU M 104 -8.66 6.81 78.39
CA LEU M 104 -9.88 7.55 78.70
C LEU M 104 -9.74 8.34 80.00
N THR M 105 -9.25 7.69 81.06
CA THR M 105 -9.15 8.35 82.34
C THR M 105 -8.14 9.49 82.31
N GLN M 106 -6.95 9.24 81.75
CA GLN M 106 -5.94 10.28 81.66
C GLN M 106 -6.43 11.44 80.81
N SER M 107 -7.10 11.14 79.69
CA SER M 107 -7.64 12.19 78.84
C SER M 107 -8.68 13.01 79.59
N LYS M 108 -9.53 12.35 80.37
CA LYS M 108 -10.55 13.08 81.12
C LYS M 108 -9.92 13.97 82.18
N THR M 109 -8.88 13.47 82.85
CA THR M 109 -8.18 14.30 83.83
C THR M 109 -7.54 15.52 83.17
N ARG M 110 -6.89 15.32 82.02
CA ARG M 110 -6.34 16.45 81.28
C ARG M 110 -7.43 17.42 80.87
N ILE M 111 -8.57 16.89 80.42
CA ILE M 111 -9.71 17.73 80.07
C ILE M 111 -10.10 18.59 81.26
N GLN M 112 -10.26 17.96 82.42
CA GLN M 112 -10.67 18.67 83.62
C GLN M 112 -9.71 19.80 83.94
N GLU M 113 -8.41 19.50 83.91
CA GLU M 113 -7.42 20.55 84.14
C GLU M 113 -7.60 21.67 83.13
N TYR M 114 -7.89 21.33 81.88
CA TYR M 114 -8.03 22.33 80.84
C TYR M 114 -9.23 23.24 81.09
N GLU M 115 -10.37 22.69 81.53
CA GLU M 115 -11.45 23.58 81.91
C GLU M 115 -11.03 24.46 83.08
N LYS M 116 -10.53 23.85 84.16
CA LYS M 116 -10.11 24.64 85.31
C LYS M 116 -9.33 25.86 84.84
N GLU M 117 -8.33 25.64 83.99
CA GLU M 117 -7.58 26.74 83.41
C GLU M 117 -8.50 27.70 82.65
N LEU M 118 -9.45 27.16 81.89
CA LEU M 118 -10.28 27.99 81.02
C LEU M 118 -11.08 29.00 81.84
N GLU M 119 -11.83 28.53 82.85
CA GLU M 119 -12.59 29.49 83.64
C GLU M 119 -11.67 30.38 84.45
N LYS M 120 -10.57 29.85 85.00
CA LYS M 120 -9.67 30.72 85.76
C LYS M 120 -9.20 31.88 84.90
N MET M 121 -8.96 31.62 83.62
CA MET M 121 -8.50 32.67 82.71
C MET M 121 -9.64 33.58 82.28
N ARG M 122 -10.86 33.05 82.14
CA ARG M 122 -11.98 33.86 81.65
C ARG M 122 -12.50 34.81 82.72
N ASN M 123 -12.38 34.45 84.00
CA ASN M 123 -12.95 35.24 85.09
C ASN M 123 -11.85 36.10 85.72
N ILE M 124 -11.66 37.29 85.15
CA ILE M 124 -10.69 38.25 85.69
C ILE M 124 -11.19 39.65 85.42
N ILE M 125 -10.74 40.59 86.26
CA ILE M 125 -11.25 41.96 86.30
C ILE M 125 -10.82 42.71 85.04
N PRO M 126 -11.57 43.73 84.59
CA PRO M 126 -11.08 44.55 83.47
C PRO M 126 -9.73 45.17 83.77
N PHE M 127 -8.90 45.27 82.74
CA PHE M 127 -7.54 45.76 82.91
C PHE M 127 -7.51 47.20 83.40
N ASP M 128 -8.57 47.97 83.13
CA ASP M 128 -8.55 49.39 83.46
C ASP M 128 -8.40 49.63 84.96
N GLN M 129 -8.73 48.63 85.80
CA GLN M 129 -8.50 48.73 87.24
C GLN M 129 -7.35 47.85 87.70
N MET M 130 -6.91 46.88 86.88
CA MET M 130 -5.92 45.90 87.31
C MET M 130 -4.61 46.57 87.70
N THR M 131 -3.66 45.77 88.17
CA THR M 131 -2.39 46.28 88.67
C THR M 131 -1.28 45.31 88.28
N ILE M 132 -0.05 45.80 88.33
CA ILE M 132 1.10 44.95 88.04
C ILE M 132 1.03 43.67 88.86
N GLU M 133 0.53 43.77 90.09
CA GLU M 133 0.38 42.58 90.92
C GLU M 133 -0.60 41.59 90.30
N ASP M 134 -1.69 42.09 89.71
CA ASP M 134 -2.67 41.20 89.09
C ASP M 134 -2.02 40.37 88.00
N LEU M 135 -1.25 41.00 87.13
CA LEU M 135 -0.55 40.26 86.09
C LEU M 135 0.55 39.39 86.68
N ASN M 136 1.08 39.77 87.85
CA ASN M 136 2.05 38.92 88.52
C ASN M 136 1.43 37.59 88.93
N GLU M 137 0.21 37.61 89.47
CA GLU M 137 -0.41 36.36 89.89
C GLU M 137 -0.95 35.59 88.68
N VAL M 138 -1.84 36.22 87.90
CA VAL M 138 -2.49 35.48 86.83
C VAL M 138 -1.46 34.97 85.83
N PHE M 139 -0.51 35.81 85.45
CA PHE M 139 0.51 35.48 84.45
C PHE M 139 1.89 35.54 85.10
N PRO M 140 2.44 34.43 85.60
CA PRO M 140 3.78 34.48 86.17
C PRO M 140 4.86 34.78 85.15
N GLU M 141 4.51 34.89 83.86
CA GLU M 141 5.50 35.22 82.84
C GLU M 141 5.93 36.68 82.89
N THR M 142 5.13 37.54 83.52
CA THR M 142 5.46 38.95 83.68
C THR M 142 6.34 39.21 84.90
N LYS M 143 6.60 38.20 85.72
CA LYS M 143 7.43 38.37 86.90
C LYS M 143 8.89 38.56 86.48
N LEU M 144 9.44 39.73 86.78
CA LEU M 144 10.83 40.03 86.45
C LEU M 144 11.72 39.38 87.51
N ASP M 145 12.13 38.14 87.22
CA ASP M 145 12.93 37.36 88.16
C ASP M 145 14.09 38.14 88.73
N LYS M 146 13.99 38.50 90.01
CA LYS M 146 15.10 39.12 90.71
C LYS M 146 16.24 38.14 90.97
N LYS M 147 16.02 36.84 90.78
CA LYS M 147 17.07 35.85 90.98
C LYS M 147 18.16 35.94 89.92
N LYS M 148 17.95 36.73 88.86
CA LYS M 148 19.01 37.02 87.90
C LYS M 148 19.18 38.50 87.61
N TYR M 149 18.17 39.33 87.81
CA TYR M 149 18.22 40.77 87.49
C TYR M 149 17.76 41.56 88.71
N PRO M 150 18.63 41.76 89.69
CA PRO M 150 18.24 42.52 90.89
C PRO M 150 18.03 44.00 90.61
N TYR M 151 19.04 44.65 90.06
CA TYR M 151 19.01 46.09 89.90
C TYR M 151 18.06 46.49 88.77
N TRP M 152 17.41 47.63 88.95
CA TRP M 152 16.50 48.22 87.97
C TRP M 152 17.18 48.20 86.60
N PRO M 153 16.44 47.99 85.50
CA PRO M 153 15.00 47.75 85.38
C PRO M 153 14.64 46.27 85.42
N HIS M 154 15.53 45.45 85.97
CA HIS M 154 15.29 44.02 86.05
C HIS M 154 15.20 43.42 84.65
N ARG M 155 14.23 43.86 83.86
CA ARG M 155 14.21 43.47 82.46
C ARG M 155 15.52 43.91 81.80
N PRO M 156 16.15 43.07 80.99
CA PRO M 156 17.50 43.42 80.50
C PRO M 156 17.49 44.73 79.73
N ILE M 157 18.53 45.53 79.97
CA ILE M 157 18.67 46.81 79.28
C ILE M 157 18.74 46.60 77.77
N GLU M 158 19.27 45.47 77.33
CA GLU M 158 19.38 45.17 75.91
C GLU M 158 18.08 44.57 75.39
N THR M 159 16.96 45.22 75.71
CA THR M 159 15.65 44.77 75.26
C THR M 159 14.60 45.83 75.56
N ASP N 5 -40.17 -58.33 4.14
CA ASP N 5 -39.07 -58.15 5.08
C ASP N 5 -38.27 -59.45 5.27
N PRO N 6 -38.92 -60.61 5.14
CA PRO N 6 -38.16 -61.87 5.15
C PRO N 6 -37.47 -62.15 3.82
N VAL N 7 -37.25 -61.12 3.01
CA VAL N 7 -36.79 -61.32 1.63
C VAL N 7 -35.39 -60.76 1.43
N GLN N 8 -35.08 -59.65 2.12
CA GLN N 8 -33.80 -58.98 1.94
C GLN N 8 -32.71 -59.92 2.45
N LYS N 9 -32.27 -60.80 1.56
CA LYS N 9 -31.32 -61.84 1.95
C LYS N 9 -30.06 -61.25 2.58
N LEU N 10 -29.62 -60.08 2.13
CA LEU N 10 -28.49 -59.43 2.77
C LEU N 10 -28.85 -58.97 4.17
N PHE N 11 -30.10 -58.51 4.36
CA PHE N 11 -30.55 -58.09 5.68
C PHE N 11 -30.45 -59.22 6.68
N VAL N 12 -31.04 -60.37 6.36
CA VAL N 12 -31.00 -61.51 7.26
C VAL N 12 -29.60 -62.08 7.34
N ASP N 13 -28.80 -61.95 6.28
CA ASP N 13 -27.43 -62.41 6.32
C ASP N 13 -26.62 -61.63 7.34
N LYS N 14 -26.77 -60.30 7.34
CA LYS N 14 -26.10 -59.48 8.34
C LYS N 14 -26.60 -59.81 9.74
N ILE N 15 -27.91 -60.02 9.89
CA ILE N 15 -28.43 -60.39 11.21
C ILE N 15 -27.85 -61.73 11.65
N ARG N 16 -27.66 -62.67 10.71
CA ARG N 16 -27.13 -63.98 11.07
C ARG N 16 -25.67 -63.89 11.51
N GLU N 17 -24.86 -63.14 10.75
CA GLU N 17 -23.47 -62.97 11.16
C GLU N 17 -23.40 -62.23 12.49
N TYR N 18 -24.33 -61.31 12.72
CA TYR N 18 -24.54 -60.77 14.05
C TYR N 18 -24.77 -61.83 15.11
N ARG N 19 -25.71 -62.74 14.88
CA ARG N 19 -26.01 -63.71 15.93
C ARG N 19 -24.78 -64.55 16.22
N THR N 20 -24.08 -64.95 15.16
CA THR N 20 -22.85 -65.73 15.35
C THR N 20 -21.83 -64.94 16.15
N LYS N 21 -21.66 -63.65 15.84
CA LYS N 21 -20.72 -62.84 16.62
C LYS N 21 -21.16 -62.78 18.08
N ARG N 22 -22.47 -62.67 18.32
CA ARG N 22 -22.97 -62.69 19.69
C ARG N 22 -22.55 -63.96 20.42
N GLN N 23 -22.82 -65.12 19.82
CA GLN N 23 -22.52 -66.35 20.54
C GLN N 23 -21.01 -66.54 20.72
N THR N 24 -20.20 -66.14 19.74
CA THR N 24 -18.78 -66.46 19.78
C THR N 24 -17.98 -65.47 20.63
N SER N 25 -18.61 -64.46 21.21
CA SER N 25 -17.88 -63.40 21.91
C SER N 25 -17.46 -63.81 23.33
N GLY N 26 -17.13 -65.08 23.54
CA GLY N 26 -16.55 -65.47 24.82
C GLY N 26 -15.28 -64.69 25.11
N GLY N 27 -14.40 -64.58 24.12
CA GLY N 27 -13.32 -63.64 24.14
C GLY N 27 -13.25 -62.95 22.80
N PRO N 28 -12.75 -61.70 22.74
CA PRO N 28 -12.81 -60.94 21.48
C PRO N 28 -12.24 -61.75 20.32
N VAL N 29 -13.13 -62.26 19.47
CA VAL N 29 -12.70 -63.20 18.43
C VAL N 29 -11.94 -62.46 17.35
N ASP N 30 -10.92 -63.12 16.81
CA ASP N 30 -10.07 -62.52 15.77
C ASP N 30 -9.43 -61.23 16.27
N ALA N 31 -9.14 -61.16 17.57
CA ALA N 31 -8.61 -59.94 18.16
C ALA N 31 -7.24 -59.59 17.58
N GLY N 32 -6.32 -60.54 17.59
CA GLY N 32 -4.97 -60.29 17.16
C GLY N 32 -4.22 -59.38 18.13
N PRO N 33 -2.90 -59.33 18.00
CA PRO N 33 -2.11 -58.53 18.95
C PRO N 33 -2.45 -57.05 18.92
N GLU N 34 -2.97 -56.54 17.81
CA GLU N 34 -3.37 -55.13 17.75
C GLU N 34 -4.41 -54.82 18.81
N TYR N 35 -5.34 -55.75 19.05
CA TYR N 35 -6.37 -55.55 20.08
C TYR N 35 -5.74 -55.20 21.41
N GLN N 36 -4.88 -56.10 21.92
CA GLN N 36 -4.27 -55.89 23.22
C GLN N 36 -3.36 -54.67 23.22
N GLN N 37 -2.56 -54.49 22.16
CA GLN N 37 -1.64 -53.37 22.11
C GLN N 37 -2.38 -52.04 22.22
N ASP N 38 -3.43 -51.88 21.40
CA ASP N 38 -4.25 -50.68 21.50
C ASP N 38 -4.83 -50.53 22.89
N LEU N 39 -5.67 -51.49 23.30
CA LEU N 39 -6.27 -51.45 24.63
C LEU N 39 -5.28 -50.91 25.66
N ASP N 40 -4.07 -51.48 25.67
CA ASP N 40 -3.04 -51.00 26.60
C ASP N 40 -2.71 -49.54 26.34
N ARG N 41 -2.54 -49.17 25.07
CA ARG N 41 -2.09 -47.81 24.75
C ARG N 41 -3.06 -46.77 25.28
N GLU N 42 -4.33 -46.89 24.94
CA GLU N 42 -5.28 -45.88 25.42
C GLU N 42 -5.62 -46.05 26.90
N LEU N 43 -5.54 -47.25 27.46
CA LEU N 43 -5.67 -47.36 28.91
C LEU N 43 -4.59 -46.56 29.61
N PHE N 44 -3.34 -46.69 29.15
CA PHE N 44 -2.25 -45.94 29.76
C PHE N 44 -2.43 -44.44 29.55
N LYS N 45 -2.85 -44.04 28.35
CA LYS N 45 -3.09 -42.62 28.11
C LYS N 45 -4.15 -42.06 29.05
N LEU N 46 -5.27 -42.79 29.21
CA LEU N 46 -6.32 -42.33 30.10
C LEU N 46 -5.85 -42.29 31.55
N LYS N 47 -5.11 -43.31 31.97
CA LYS N 47 -4.57 -43.33 33.33
C LYS N 47 -3.68 -42.12 33.56
N GLN N 48 -2.80 -41.82 32.60
CA GLN N 48 -1.91 -40.68 32.75
C GLN N 48 -2.71 -39.39 32.83
N MET N 49 -3.68 -39.22 31.95
CA MET N 49 -4.44 -37.97 31.92
C MET N 49 -5.22 -37.78 33.23
N TYR N 50 -5.83 -38.84 33.73
CA TYR N 50 -6.67 -38.73 34.92
C TYR N 50 -5.82 -38.54 36.17
N GLY N 51 -5.20 -39.61 36.65
CA GLY N 51 -4.37 -39.51 37.84
C GLY N 51 -3.76 -40.86 38.18
N LYS N 52 -2.94 -40.84 39.23
CA LYS N 52 -2.28 -42.03 39.74
C LYS N 52 -2.79 -42.43 41.12
N ALA N 53 -3.84 -41.81 41.62
CA ALA N 53 -4.31 -42.08 42.97
C ALA N 53 -4.65 -43.56 43.14
N ASP N 54 -5.06 -43.92 44.35
CA ASP N 54 -5.39 -45.29 44.67
C ASP N 54 -6.64 -45.71 43.90
N MET N 55 -6.46 -46.13 42.64
CA MET N 55 -7.59 -46.39 41.76
C MET N 55 -8.37 -47.60 42.22
N ASN N 56 -8.99 -47.50 43.39
CA ASN N 56 -9.82 -48.57 43.93
C ASN N 56 -10.85 -48.02 44.90
N THR N 57 -10.38 -47.42 46.00
CA THR N 57 -11.24 -46.82 47.01
C THR N 57 -10.97 -45.32 47.07
N PHE N 58 -11.61 -44.65 48.04
CA PHE N 58 -11.41 -43.21 48.21
C PHE N 58 -10.09 -42.92 48.91
N PRO N 59 -9.12 -42.31 48.24
CA PRO N 59 -7.94 -41.80 48.96
C PRO N 59 -8.35 -40.71 49.94
N ASN N 60 -7.63 -40.66 51.06
CA ASN N 60 -7.91 -39.69 52.10
C ASN N 60 -7.08 -38.42 51.90
N PHE N 61 -7.58 -37.31 52.45
CA PHE N 61 -7.00 -36.00 52.22
C PHE N 61 -6.07 -35.58 53.35
N THR N 62 -6.58 -35.50 54.58
CA THR N 62 -5.83 -35.00 55.72
C THR N 62 -5.29 -33.61 55.43
N PHE N 63 -6.19 -32.64 55.47
CA PHE N 63 -5.88 -31.26 55.11
C PHE N 63 -5.01 -30.65 56.20
N GLU N 64 -4.91 -29.32 56.19
CA GLU N 64 -4.21 -28.58 57.23
C GLU N 64 -4.98 -27.31 57.52
N ASP N 65 -5.25 -27.06 58.80
CA ASP N 65 -6.00 -25.88 59.19
C ASP N 65 -5.21 -24.62 58.86
N PRO N 66 -5.90 -23.48 58.70
CA PRO N 66 -5.30 -22.20 58.29
C PRO N 66 -3.87 -21.99 58.77
PG ATP O . -15.62 19.58 -16.33
O1G ATP O . -16.02 18.79 -15.12
O2G ATP O . -16.66 19.76 -17.40
O3G ATP O . -14.25 19.23 -16.86
PB ATP O . -14.19 21.88 -16.50
O1B ATP O . -12.91 21.24 -16.08
O2B ATP O . -14.56 21.97 -17.95
O3B ATP O . -15.38 21.07 -15.80
PA ATP O . -15.46 24.34 -16.12
O1A ATP O . -16.74 23.55 -16.10
O2A ATP O . -15.16 25.22 -17.30
O3A ATP O . -14.25 23.33 -15.84
O5' ATP O . -15.40 25.23 -14.80
C5' ATP O . -15.98 24.79 -13.58
C4' ATP O . -16.58 26.00 -12.90
O4' ATP O . -15.56 26.96 -12.63
C3' ATP O . -17.60 26.65 -13.82
O3' ATP O . -18.85 26.77 -13.17
C2' ATP O . -17.01 28.00 -14.15
O2' ATP O . -18.02 29.01 -14.17
C1' ATP O . -15.96 28.25 -13.08
N9 ATP O . -14.81 28.99 -13.62
C8 ATP O . -13.92 28.52 -14.50
N7 ATP O . -12.99 29.47 -14.79
C5 ATP O . -13.28 30.56 -14.07
C6 ATP O . -12.71 31.91 -13.92
N6 ATP O . -11.60 32.29 -14.58
N1 ATP O . -13.32 32.74 -13.06
C2 ATP O . -14.43 32.40 -12.38
N3 ATP O . -15.00 31.19 -12.50
C4 ATP O . -14.49 30.24 -13.31
H5'1 ATP O . -15.22 24.34 -12.94
H5'2 ATP O . -16.76 24.05 -13.77
H4' ATP O . -17.08 25.69 -11.96
H3' ATP O . -17.68 26.05 -14.74
HO3' ATP O . -19.52 27.06 -13.80
H2' ATP O . -16.52 27.93 -15.13
HO2' ATP O . -18.66 28.80 -14.86
H1' ATP O . -16.42 28.81 -12.26
H8 ATP O . -13.94 27.53 -14.93
HN61 ATP O . -11.15 31.64 -15.21
HN62 ATP O . -11.23 33.21 -14.46
H2 ATP O . -14.88 33.12 -11.72
MG MG P . -16.04 20.90 -19.15
PG ATP Q . 27.93 -3.34 -15.90
O1G ATP Q . 26.88 -3.50 -14.84
O2G ATP Q . 28.34 -4.63 -16.57
O3G ATP Q . 27.69 -2.20 -16.86
PB ATP Q . 29.84 -3.74 -13.90
O1B ATP Q . 28.80 -3.84 -12.82
O2B ATP Q . 30.45 -4.98 -14.48
O3B ATP Q . 29.21 -2.85 -15.08
PA ATP Q . 32.49 -3.06 -14.04
O1A ATP Q . 33.27 -4.06 -13.23
O2A ATP Q . 32.29 -3.31 -15.50
O3A ATP Q . 31.05 -2.86 -13.37
O5' ATP Q . 33.20 -1.65 -13.85
C5' ATP Q . 32.64 -0.46 -14.38
C4' ATP Q . 33.65 0.66 -14.19
O4' ATP Q . 34.04 0.73 -12.82
C3' ATP Q . 34.92 0.38 -14.98
O3' ATP Q . 34.97 1.21 -16.15
C2' ATP Q . 36.06 0.70 -14.05
O2' ATP Q . 36.80 1.83 -14.52
C1' ATP Q . 35.44 1.01 -12.71
N9 ATP Q . 36.06 0.15 -11.67
C8 ATP Q . 35.67 -1.10 -11.37
N7 ATP Q . 36.44 -1.61 -10.39
C5 ATP Q . 37.36 -0.69 -10.06
C6 ATP Q . 38.47 -0.59 -9.11
N6 ATP Q . 38.77 -1.63 -8.29
N1 ATP Q . 39.18 0.55 -9.08
C2 ATP Q . 38.90 1.58 -9.89
N3 ATP Q . 37.90 1.55 -10.78
C4 ATP Q . 37.10 0.47 -10.91
H5'1 ATP Q . 31.72 -0.22 -13.85
H5'2 ATP Q . 32.41 -0.59 -15.44
H4' ATP Q . 33.21 1.60 -14.52
H3' ATP Q . 34.95 -0.68 -15.27
HO3' ATP Q . 35.70 0.92 -16.72
H2' ATP Q . 36.72 -0.18 -13.97
HO2' ATP Q . 37.29 1.59 -15.32
H1' ATP Q . 35.60 2.07 -12.47
H8 ATP Q . 34.85 -1.62 -11.84
HN61 ATP Q . 38.22 -2.47 -8.32
HN62 ATP Q . 39.53 -1.54 -7.63
H2 ATP Q . 39.50 2.47 -9.82
MG MG R . 29.65 -6.27 -16.03
PG ATP S . -7.17 -15.11 14.60
O1G ATP S . -5.72 -15.41 14.31
O2G ATP S . -8.04 -16.31 14.85
O3G ATP S . -7.77 -14.07 13.69
PB ATP S . -8.30 -13.32 16.33
O1B ATP S . -8.04 -12.12 15.45
O2B ATP S . -9.61 -14.04 16.23
O3B ATP S . -7.15 -14.37 16.03
PA ATP S . -8.43 -13.83 19.07
O1A ATP S . -9.73 -13.37 19.67
O2A ATP S . -8.28 -15.25 18.63
O3A ATP S . -8.05 -12.86 17.85
O5' ATP S . -7.31 -13.49 20.16
C5' ATP S . -5.93 -13.50 19.85
C4' ATP S . -5.16 -13.25 21.13
O4' ATP S . -5.52 -11.97 21.66
C3' ATP S . -5.49 -14.27 22.20
O3' ATP S . -4.38 -15.16 22.41
C2' ATP S . -5.78 -13.49 23.45
O2' ATP S . -4.88 -13.85 24.50
C1' ATP S . -5.60 -12.03 23.08
N9 ATP S . -6.74 -11.21 23.56
C8 ATP S . -7.85 -10.94 22.85
N7 ATP S . -8.70 -10.17 23.56
C5 ATP S . -8.13 -9.93 24.75
C6 ATP S . -8.49 -9.18 25.97
N6 ATP S . -9.67 -8.53 26.06
N1 ATP S . -7.61 -9.19 26.99
C2 ATP S . -6.44 -9.84 26.91
N3 ATP S . -6.06 -10.53 25.83
C4 ATP S . -6.84 -10.61 24.74
H5'1 ATP S . -5.71 -12.73 19.12
H5'2 ATP S . -5.65 -14.48 19.43
H4' ATP S . -4.08 -13.28 20.92
H3' ATP S . -6.39 -14.84 21.91
HO3' ATP S . -4.66 -15.89 22.97
H2' ATP S . -6.82 -13.66 23.76
HO2' ATP S . -5.08 -14.74 24.81
H1' ATP S . -4.67 -11.65 23.53
H8 ATP S . -8.05 -11.30 21.85
HN61 ATP S . -10.31 -8.54 25.28
HN62 ATP S . -9.89 -8.02 26.91
H2 ATP S . -5.77 -9.79 27.77
MG MG T . -10.08 -16.07 15.58
PB ADP U . -23.93 6.14 4.08
O1B ADP U . -23.83 7.62 3.91
O2B ADP U . -25.10 5.48 3.41
O3B ADP U . -22.62 5.42 3.86
PA ADP U . -25.23 6.82 6.47
O1A ADP U . -25.38 8.16 5.83
O2A ADP U . -26.44 5.97 6.74
O3A ADP U . -24.17 5.95 5.64
O5' ADP U . -24.44 7.02 7.84
C5' ADP U . -25.13 6.89 9.07
C4' ADP U . -24.15 7.13 10.21
O4' ADP U . -23.44 8.34 9.95
C3' ADP U . -24.88 7.27 11.52
O3' ADP U . -24.59 6.17 12.37
C2' ADP U . -24.39 8.56 12.12
O2' ADP U . -23.56 8.30 13.25
C1' ADP U . -23.57 9.25 11.04
N9 ADP U . -24.29 10.45 10.56
C8 ADP U . -24.74 10.62 9.31
N7 ADP U . -25.35 11.83 9.19
C5 ADP U . -25.27 12.46 10.36
C6 ADP U . -25.70 13.75 10.90
N6 ADP U . -26.35 14.65 10.13
N1 ADP U . -25.42 14.01 12.20
C2 ADP U . -24.77 13.14 12.98
N3 ADP U . -24.36 11.93 12.54
C4 ADP U . -24.57 11.54 11.27
H5'1 ADP U . -25.55 5.89 9.16
H5'2 ADP U . -25.93 7.62 9.12
H4' ADP U . -23.45 6.29 10.27
H3' ADP U . -25.96 7.35 11.33
HO3' ADP U . -25.17 6.20 13.15
H2' ADP U . -25.24 9.19 12.41
HO2' ADP U . -24.09 7.97 13.98
H1' ADP U . -22.59 9.52 11.45
H8 ADP U . -24.66 9.90 8.52
HN61 ADP U . -26.55 14.44 9.17
HN62 ADP U . -26.64 15.54 10.52
H2 ADP U . -24.58 13.40 14.01
MG MG V . -26.72 4.26 2.64
PB ADP W . 15.11 22.54 -28.67
O1B ADP W . 15.86 22.61 -27.37
O2B ADP W . 13.62 22.73 -28.54
O3B ADP W . 15.51 21.40 -29.56
PA ADP W . 17.16 24.09 -29.74
O1A ADP W . 17.90 23.05 -28.93
O2A ADP W . 17.39 24.18 -31.22
O3A ADP W . 15.59 23.85 -29.49
O5' ADP W . 17.48 25.54 -29.14
C5' ADP W . 16.81 26.09 -28.02
C4' ADP W . 17.44 27.44 -27.68
O4' ADP W . 18.74 27.26 -27.09
C3' ADP W . 17.63 28.32 -28.90
O3' ADP W . 16.68 29.40 -28.90
C2' ADP W . 19.04 28.88 -28.78
O2' ADP W . 19.00 30.31 -28.74
C1' ADP W . 19.60 28.32 -27.49
N9 ADP W . 20.99 27.84 -27.69
C8 ADP W . 21.38 26.56 -27.62
N7 ADP W . 22.71 26.45 -27.86
C5 ADP W . 23.18 27.68 -28.09
C6 ADP W . 24.49 28.30 -28.40
N6 ADP W . 25.61 27.54 -28.52
N1 ADP W . 24.54 29.64 -28.57
C2 ADP W . 23.45 30.41 -28.45
N3 ADP W . 22.23 29.92 -28.16
C4 ADP W . 22.04 28.60 -27.97
H5'1 ADP W . 16.90 25.41 -27.18
H5'2 ADP W . 15.75 26.23 -28.25
H4' ADP W . 16.78 27.96 -26.97
H3' ADP W . 17.55 27.74 -29.82
HO3' ADP W . 16.72 29.85 -29.76
H2' ADP W . 19.64 28.53 -29.62
HO2' ADP W . 18.76 30.65 -29.61
H1' ADP W . 19.59 29.12 -26.73
H8 ADP W . 20.73 25.72 -27.40
HN61 ADP W . 25.56 26.54 -28.40
HN62 ADP W . 26.50 27.98 -28.74
H2 ADP W . 23.55 31.48 -28.58
PB ADP X . 17.35 -18.18 5.48
O1B ADP X . 16.54 -17.12 6.16
O2B ADP X . 17.31 -19.53 6.14
O3B ADP X . 17.22 -18.20 3.98
PA ADP X . 19.62 -18.00 7.07
O1A ADP X . 18.63 -17.86 8.20
O2A ADP X . 20.40 -19.28 6.91
O3A ADP X . 18.86 -17.70 5.71
O5' ADP X . 20.65 -16.79 7.15
C5' ADP X . 21.92 -16.99 7.74
C4' ADP X . 22.67 -15.69 7.80
O4' ADP X . 22.02 -14.79 8.70
C3' ADP X . 24.08 -15.90 8.31
O3' ADP X . 25.04 -15.66 7.28
C2' ADP X . 24.27 -14.93 9.45
O2' ADP X . 25.18 -13.90 9.07
C1' ADP X . 22.91 -14.33 9.71
N9 ADP X . 22.39 -14.77 11.02
C8 ADP X . 21.23 -15.42 11.20
N7 ADP X . 21.03 -15.69 12.52
C5 ADP X . 22.08 -15.21 13.20
C6 ADP X . 22.50 -15.16 14.60
N6 ADP X . 21.72 -15.70 15.58
N1 ADP X . 23.66 -14.56 14.89
C2 ADP X . 24.44 -14.02 13.94
N3 ADP X . 24.12 -14.03 12.64
C4 ADP X . 22.97 -14.60 12.21
H5'1 ADP X . 22.49 -17.72 7.16
H5'2 ADP X . 21.79 -17.40 8.76
H4' ADP X . 22.72 -15.25 6.80
H3' ADP X . 24.18 -16.94 8.69
HO3' ADP X . 25.92 -15.92 7.58
H2' ADP X . 24.62 -15.47 10.33
HO2' ADP X . 26.08 -14.27 9.05
H1' ADP X . 22.97 -13.23 9.68
H8 ADP X . 20.55 -15.69 10.41
HN61 ADP X . 20.85 -16.15 15.34
HN62 ADP X . 22.03 -15.66 16.54
H2 ADP X . 25.37 -13.55 14.23
MG MG Y . 17.50 -21.45 5.11
#